data_6U0P
#
_entry.id   6U0P
#
_cell.length_a   91.569
_cell.length_b   187.409
_cell.length_c   241.279
_cell.angle_alpha   90.000
_cell.angle_beta   90.000
_cell.angle_gamma   90.000
#
_symmetry.space_group_name_H-M   'P 21 21 21'
#
loop_
_entity.id
_entity.type
_entity.pdbx_description
1 polymer '2,4-dichlorophenol 6-monooxygenase'
2 non-polymer 'FLAVIN-ADENINE DINUCLEOTIDE'
3 non-polymer 'TRIETHYLENE GLYCOL'
4 non-polymer 'PENTAETHYLENE GLYCOL'
5 non-polymer 'CHLORIDE ION'
6 non-polymer GLYCEROL
7 water water
#
_entity_poly.entity_id   1
_entity_poly.type   'polypeptide(L)'
_entity_poly.pdbx_seq_one_letter_code
;GSHMTGSEGTAPDIRVPVLIVGGGPAGLTAALALSRYGVPHLLVNRHHGTAHTPRAHLLNQRTGEIFRDLGIADRVEAHA
TPGHLMANHVFMSTFAGPEVARIGAYGNGPDRIGEYRAASPSGLCNLPQHLLEPLLVEAVQEACVGQLRFGHEFVSLEQD
EHGVTSRITDRRTGRDYTVRSDYLIGADGARSRVLAQLGIALDGATGIARAVTTWFEADLSRYSAHRPALLYMGAVPGSP
PADGRVFVSLRPWTEWLHLTFPPPTADVDVEDHEAVRAGIRESIGDPTVDVTIKNVSAWEVNSAVAPRYASGRVFCVGDA
VHQNPPTNGLGLNSAVADSFNLCWKLKLALEGLAGPGLLDTYHDERQPVGRQIVDRAFRSMVDLIGIPQALGFTEGQSPE
EQWRLLDTLHEDTEEARQRRAALAAATAAIHGQANAHGVELGYRYRTGALVPDGTPEPADERDPELYYRATTWPGARLPH
AWLENGRHRCSTLDVTGRGRFTLLTGPGGEPWRDAARDAALDTGVEVAVLPIGAGGGPRDPYGTWAELREVEESGAVLVR
PDGHVAWRARDHGHAKELPEVMARVLHQPDPAARRTGGPGA
;
_entity_poly.pdbx_strand_id   A,B,C,D,E,F
#
loop_
_chem_comp.id
_chem_comp.type
_chem_comp.name
_chem_comp.formula
1PE non-polymer 'PENTAETHYLENE GLYCOL' 'C10 H22 O6'
CL non-polymer 'CHLORIDE ION' 'Cl -1'
FAD non-polymer 'FLAVIN-ADENINE DINUCLEOTIDE' 'C27 H33 N9 O15 P2'
GOL non-polymer GLYCEROL 'C3 H8 O3'
PGE non-polymer 'TRIETHYLENE GLYCOL' 'C6 H14 O4'
#
# COMPACT_ATOMS: atom_id res chain seq x y z
N GLY A 9 48.21 49.25 -3.69
CA GLY A 9 46.86 48.64 -3.51
C GLY A 9 46.48 47.78 -4.70
N THR A 10 46.12 46.51 -4.47
CA THR A 10 45.75 45.56 -5.56
C THR A 10 44.24 45.31 -5.51
N ALA A 11 43.66 44.82 -6.60
CA ALA A 11 42.22 44.47 -6.66
C ALA A 11 42.00 43.15 -5.91
N PRO A 12 40.81 42.93 -5.30
CA PRO A 12 40.52 41.64 -4.70
C PRO A 12 40.03 40.62 -5.75
N ASP A 13 40.30 39.34 -5.53
CA ASP A 13 39.90 38.25 -6.46
C ASP A 13 38.38 38.22 -6.60
N ILE A 14 37.63 38.40 -5.50
CA ILE A 14 36.13 38.33 -5.51
C ILE A 14 35.57 39.54 -4.76
N ARG A 15 34.51 40.17 -5.29
CA ARG A 15 33.78 41.28 -4.67
C ARG A 15 32.33 40.81 -4.45
N VAL A 16 31.85 40.79 -3.21
CA VAL A 16 30.49 40.29 -2.89
C VAL A 16 29.87 41.11 -1.75
N PRO A 17 28.55 41.40 -1.78
CA PRO A 17 27.89 42.10 -0.69
C PRO A 17 28.21 41.47 0.67
N VAL A 18 28.04 40.16 0.82
CA VAL A 18 28.22 39.51 2.15
C VAL A 18 29.04 38.25 1.98
N LEU A 19 29.98 38.06 2.89
CA LEU A 19 30.73 36.80 2.99
C LEU A 19 30.28 36.12 4.27
N ILE A 20 29.93 34.85 4.19
CA ILE A 20 29.57 34.02 5.38
C ILE A 20 30.73 33.06 5.58
N VAL A 21 31.31 33.06 6.76
CA VAL A 21 32.34 32.09 7.14
C VAL A 21 31.69 31.03 8.03
N GLY A 22 31.53 29.82 7.52
CA GLY A 22 31.00 28.70 8.31
C GLY A 22 29.69 28.26 7.73
N GLY A 23 29.52 26.96 7.49
CA GLY A 23 28.31 26.39 6.88
C GLY A 23 27.68 25.31 7.75
N GLY A 24 27.62 25.51 9.06
CA GLY A 24 26.75 24.76 9.97
C GLY A 24 25.38 25.42 9.93
N PRO A 25 24.48 25.12 10.88
CA PRO A 25 23.14 25.71 10.86
C PRO A 25 23.10 27.25 10.85
N ALA A 26 23.98 27.91 11.60
CA ALA A 26 23.93 29.38 11.63
C ALA A 26 24.28 29.93 10.24
N GLY A 27 25.39 29.51 9.64
CA GLY A 27 25.78 30.07 8.31
C GLY A 27 24.81 29.71 7.22
N LEU A 28 24.30 28.48 7.23
CA LEU A 28 23.37 28.04 6.16
C LEU A 28 22.04 28.77 6.30
N THR A 29 21.60 29.03 7.54
CA THR A 29 20.38 29.84 7.80
C THR A 29 20.57 31.24 7.22
N ALA A 30 21.72 31.84 7.46
CA ALA A 30 22.03 33.18 6.89
C ALA A 30 22.01 33.12 5.36
N ALA A 31 22.68 32.15 4.75
CA ALA A 31 22.64 31.99 3.27
C ALA A 31 21.20 31.84 2.78
N LEU A 32 20.38 31.03 3.47
CA LEU A 32 18.96 30.89 3.00
C LEU A 32 18.19 32.21 3.15
N ALA A 33 18.31 32.92 4.26
CA ALA A 33 17.60 34.21 4.46
C ALA A 33 18.01 35.24 3.39
N LEU A 34 19.32 35.44 3.22
CA LEU A 34 19.87 36.31 2.14
C LEU A 34 19.39 35.80 0.79
N SER A 35 19.34 34.48 0.57
CA SER A 35 18.81 33.97 -0.72
C SER A 35 17.37 34.44 -0.89
N ARG A 36 16.52 34.26 0.14
CA ARG A 36 15.08 34.68 0.01
C ARG A 36 14.97 36.19 -0.25
N TYR A 37 15.88 36.99 0.29
CA TYR A 37 15.82 38.47 0.20
C TYR A 37 16.54 38.97 -1.04
N GLY A 38 17.12 38.04 -1.81
CA GLY A 38 17.74 38.33 -3.12
C GLY A 38 19.04 39.07 -2.95
N VAL A 39 19.81 38.79 -1.90
CA VAL A 39 21.13 39.44 -1.63
C VAL A 39 22.24 38.46 -2.00
N PRO A 40 23.01 38.76 -3.08
CA PRO A 40 24.15 37.93 -3.45
C PRO A 40 25.11 37.77 -2.27
N HIS A 41 25.72 36.60 -2.15
CA HIS A 41 26.65 36.30 -1.04
C HIS A 41 27.52 35.14 -1.45
N LEU A 42 28.51 34.87 -0.64
CA LEU A 42 29.40 33.73 -0.81
C LEU A 42 29.50 33.19 0.58
N LEU A 43 29.41 31.87 0.71
CA LEU A 43 29.68 31.17 1.99
C LEU A 43 30.87 30.29 1.75
N VAL A 44 31.76 30.24 2.74
CA VAL A 44 32.89 29.29 2.68
C VAL A 44 32.80 28.44 3.91
N ASN A 45 33.08 27.17 3.76
CA ASN A 45 33.00 26.22 4.88
C ASN A 45 34.23 25.35 4.78
N ARG A 46 34.95 25.15 5.88
CA ARG A 46 36.31 24.57 5.77
C ARG A 46 36.20 23.07 5.49
N HIS A 47 35.21 22.37 6.06
CA HIS A 47 35.06 20.91 5.87
C HIS A 47 34.51 20.66 4.48
N HIS A 48 34.83 19.52 3.90
CA HIS A 48 34.42 19.20 2.50
C HIS A 48 32.95 18.80 2.47
N GLY A 49 32.42 18.24 3.55
CA GLY A 49 31.00 17.85 3.62
C GLY A 49 30.23 18.60 4.70
N THR A 50 28.93 18.37 4.78
CA THR A 50 28.05 18.80 5.90
C THR A 50 28.33 17.92 7.11
N ALA A 51 27.70 18.22 8.26
CA ALA A 51 27.86 17.37 9.46
C ALA A 51 27.77 15.89 9.08
N HIS A 52 28.64 15.08 9.64
CA HIS A 52 28.57 13.62 9.40
C HIS A 52 28.00 12.86 10.60
N THR A 53 27.73 13.51 11.75
CA THR A 53 27.11 12.87 12.93
C THR A 53 25.89 13.70 13.36
N PRO A 54 24.99 13.14 14.20
CA PRO A 54 23.77 13.87 14.58
C PRO A 54 23.95 15.22 15.27
N ARG A 55 24.85 15.32 16.26
CA ARG A 55 25.05 16.59 17.04
C ARG A 55 23.67 17.04 17.55
N ALA A 56 23.29 18.28 17.31
CA ALA A 56 22.04 18.90 17.82
C ALA A 56 20.85 18.48 16.96
N HIS A 57 19.71 18.26 17.60
CA HIS A 57 18.55 17.54 17.00
C HIS A 57 17.21 18.19 17.40
N LEU A 58 17.07 18.77 18.59
CA LEU A 58 15.74 19.31 19.02
C LEU A 58 15.41 20.61 18.35
N LEU A 59 14.34 20.65 17.56
CA LEU A 59 13.92 21.90 16.91
C LEU A 59 12.66 22.44 17.60
N ASN A 60 12.73 23.65 18.14
CA ASN A 60 11.63 24.17 18.99
C ASN A 60 10.64 24.91 18.12
N GLN A 61 9.60 25.46 18.76
CA GLN A 61 8.53 26.07 17.97
C GLN A 61 9.06 27.32 17.24
N ARG A 62 10.01 28.03 17.82
CA ARG A 62 10.41 29.32 17.20
C ARG A 62 11.17 29.00 15.89
N THR A 63 12.05 28.01 15.93
CA THR A 63 12.78 27.51 14.73
C THR A 63 11.76 27.06 13.69
N GLY A 64 10.70 26.34 14.10
CA GLY A 64 9.59 25.98 13.19
C GLY A 64 9.03 27.18 12.48
N GLU A 65 8.80 28.29 13.20
CA GLU A 65 8.20 29.51 12.61
C GLU A 65 9.22 30.14 11.65
N ILE A 66 10.49 30.13 12.01
CA ILE A 66 11.51 30.75 11.10
C ILE A 66 11.61 29.87 9.82
N PHE A 67 11.49 28.57 9.94
CA PHE A 67 11.57 27.67 8.74
C PHE A 67 10.33 27.84 7.89
N ARG A 68 9.16 28.15 8.50
CA ARG A 68 7.94 28.55 7.74
C ARG A 68 8.22 29.84 6.97
N ASP A 69 8.80 30.86 7.60
CA ASP A 69 9.14 32.13 6.89
C ASP A 69 10.10 31.82 5.73
N LEU A 70 11.10 30.97 5.92
CA LEU A 70 12.16 30.70 4.92
C LEU A 70 11.69 29.63 3.90
N GLY A 71 10.47 29.12 4.04
CA GLY A 71 9.84 28.22 3.05
C GLY A 71 10.44 26.82 3.06
N ILE A 72 11.00 26.32 4.18
CA ILE A 72 11.49 24.91 4.24
C ILE A 72 10.81 24.08 5.34
N ALA A 73 9.77 24.57 6.04
CA ALA A 73 9.19 23.82 7.19
C ALA A 73 8.63 22.46 6.74
N ASP A 74 7.99 22.36 5.58
CA ASP A 74 7.39 21.10 5.07
C ASP A 74 8.49 20.06 4.79
N ARG A 75 9.57 20.44 4.13
CA ARG A 75 10.71 19.51 3.91
C ARG A 75 11.25 19.03 5.26
N VAL A 76 11.43 19.93 6.22
CA VAL A 76 11.98 19.55 7.57
C VAL A 76 11.05 18.53 8.26
N GLU A 77 9.75 18.85 8.26
CA GLU A 77 8.65 18.07 8.89
C GLU A 77 8.61 16.66 8.27
N ALA A 78 8.77 16.52 6.93
CA ALA A 78 8.76 15.19 6.24
C ALA A 78 9.83 14.27 6.82
N HIS A 79 10.88 14.79 7.41
CA HIS A 79 12.03 13.99 7.90
C HIS A 79 12.03 13.85 9.43
N ALA A 80 11.40 14.75 10.17
CA ALA A 80 11.67 14.94 11.62
C ALA A 80 10.80 13.96 12.41
N THR A 81 11.25 13.52 13.57
CA THR A 81 10.38 12.84 14.54
C THR A 81 9.31 13.83 15.00
N PRO A 82 8.02 13.46 14.92
CA PRO A 82 6.97 14.35 15.44
C PRO A 82 6.96 14.47 16.98
N GLY A 83 6.46 15.62 17.46
CA GLY A 83 6.38 15.98 18.89
C GLY A 83 5.69 14.95 19.76
N HIS A 84 4.69 14.18 19.28
CA HIS A 84 3.95 13.23 20.16
C HIS A 84 4.84 12.04 20.49
N LEU A 85 5.88 11.77 19.70
CA LEU A 85 6.83 10.68 20.03
C LEU A 85 7.94 11.18 20.98
N MET A 86 7.89 12.44 21.42
CA MET A 86 8.87 13.01 22.37
C MET A 86 8.10 13.37 23.66
N ALA A 87 7.16 12.51 24.08
CA ALA A 87 6.03 12.93 24.95
C ALA A 87 6.48 13.03 26.41
N ASN A 88 7.53 12.31 26.77
CA ASN A 88 8.03 12.18 28.14
C ASN A 88 9.50 12.53 28.19
N HIS A 89 9.92 12.85 29.41
CA HIS A 89 11.33 12.83 29.85
C HIS A 89 11.42 11.75 30.93
N VAL A 90 12.27 10.74 30.73
CA VAL A 90 12.34 9.54 31.60
C VAL A 90 13.64 9.47 32.38
N PHE A 91 13.53 9.11 33.66
CA PHE A 91 14.64 8.77 34.56
C PHE A 91 14.48 7.32 34.93
N MET A 92 15.57 6.56 34.89
CA MET A 92 15.46 5.11 35.12
C MET A 92 16.76 4.56 35.70
N SER A 93 16.76 3.27 35.96
CA SER A 93 17.95 2.47 36.32
C SER A 93 18.64 2.09 34.98
N THR A 94 18.64 0.83 34.60
CA THR A 94 18.87 0.40 33.20
C THR A 94 17.60 0.62 32.36
N PHE A 95 17.79 0.63 31.05
CA PHE A 95 16.70 0.69 30.06
C PHE A 95 15.76 -0.48 30.30
N ALA A 96 16.27 -1.67 30.60
CA ALA A 96 15.43 -2.88 30.80
C ALA A 96 14.96 -3.03 32.25
N GLY A 97 15.41 -2.20 33.18
CA GLY A 97 15.06 -2.37 34.59
C GLY A 97 14.02 -1.37 35.08
N PRO A 98 13.90 -1.24 36.40
CA PRO A 98 12.92 -0.34 37.01
C PRO A 98 13.17 1.12 36.64
N GLU A 99 12.04 1.80 36.43
CA GLU A 99 11.96 3.25 36.18
C GLU A 99 12.02 3.96 37.52
N VAL A 100 12.44 5.21 37.47
CA VAL A 100 12.64 6.06 38.66
C VAL A 100 11.64 7.20 38.62
N ALA A 101 11.51 7.94 37.52
CA ALA A 101 10.59 9.11 37.46
C ALA A 101 10.28 9.47 36.03
N ARG A 102 9.25 10.28 35.87
CA ARG A 102 8.79 10.64 34.52
C ARG A 102 8.01 11.95 34.60
N ILE A 103 8.25 12.81 33.64
CA ILE A 103 7.42 14.02 33.46
C ILE A 103 7.03 14.12 31.99
N GLY A 104 5.94 14.83 31.72
CA GLY A 104 5.62 15.21 30.33
C GLY A 104 6.73 16.13 29.80
N ALA A 105 6.91 16.14 28.48
CA ALA A 105 8.00 16.88 27.82
C ALA A 105 7.48 17.53 26.56
N TYR A 106 8.12 18.63 26.21
CA TYR A 106 7.90 19.44 25.00
C TYR A 106 6.41 19.71 24.85
N GLY A 107 5.78 19.97 25.98
CA GLY A 107 4.37 20.39 25.97
C GLY A 107 3.40 19.27 25.65
N ASN A 108 3.79 18.00 25.83
CA ASN A 108 2.86 16.87 25.59
C ASN A 108 1.97 16.61 26.81
N GLY A 109 2.36 17.00 28.02
CA GLY A 109 1.56 16.72 29.23
C GLY A 109 0.27 17.52 29.21
N PRO A 110 -0.86 16.97 29.71
CA PRO A 110 -2.12 17.72 29.75
C PRO A 110 -2.08 19.15 30.34
N ASP A 111 -1.24 19.38 31.34
CA ASP A 111 -1.13 20.73 31.95
C ASP A 111 -0.41 21.74 31.03
N ARG A 112 0.26 21.34 29.93
CA ARG A 112 1.04 22.31 29.09
C ARG A 112 0.52 22.31 27.65
N ILE A 113 -0.21 21.28 27.24
CA ILE A 113 -0.50 21.02 25.82
C ILE A 113 -1.28 22.19 25.25
N GLY A 114 -2.20 22.75 26.03
CA GLY A 114 -3.04 23.84 25.52
C GLY A 114 -2.22 25.09 25.28
N GLU A 115 -1.35 25.46 26.23
CA GLU A 115 -0.47 26.64 26.09
C GLU A 115 0.46 26.40 24.87
N TYR A 116 0.95 25.16 24.67
CA TYR A 116 1.88 24.93 23.52
C TYR A 116 1.17 25.13 22.18
N ARG A 117 -0.06 24.62 22.05
CA ARG A 117 -0.80 24.71 20.78
C ARG A 117 -1.26 26.14 20.53
N ALA A 118 -1.62 26.88 21.59
CA ALA A 118 -2.01 28.31 21.47
C ALA A 118 -0.82 29.18 21.01
N ALA A 119 0.40 28.80 21.31
CA ALA A 119 1.54 29.73 21.30
C ALA A 119 2.15 29.90 19.91
N SER A 120 1.98 28.94 19.00
CA SER A 120 2.75 28.88 17.73
C SER A 120 1.95 28.12 16.68
N PRO A 121 2.05 28.47 15.39
CA PRO A 121 1.56 27.57 14.36
C PRO A 121 2.39 26.28 14.23
N SER A 122 3.55 26.21 14.88
CA SER A 122 4.52 25.11 14.72
C SER A 122 4.56 24.24 15.99
N GLY A 123 4.83 22.94 15.84
CA GLY A 123 5.22 22.02 16.91
C GLY A 123 6.73 22.04 17.11
N LEU A 124 7.17 21.31 18.09
CA LEU A 124 8.56 20.88 18.25
C LEU A 124 8.76 19.60 17.44
N CYS A 125 10.00 19.33 17.01
CA CYS A 125 10.29 18.09 16.26
C CYS A 125 11.78 17.77 16.43
N ASN A 126 12.19 16.59 16.04
CA ASN A 126 13.60 16.16 16.23
C ASN A 126 14.17 15.88 14.85
N LEU A 127 15.15 16.67 14.42
CA LEU A 127 15.85 16.34 13.16
C LEU A 127 17.34 16.58 13.34
N PRO A 128 18.20 15.54 13.34
CA PRO A 128 19.62 15.76 13.56
C PRO A 128 20.33 16.46 12.40
N GLN A 129 21.48 17.05 12.73
CA GLN A 129 22.18 18.04 11.86
C GLN A 129 22.61 17.38 10.56
N HIS A 130 23.05 16.12 10.61
CA HIS A 130 23.50 15.39 9.40
C HIS A 130 22.33 15.28 8.39
N LEU A 131 21.06 15.48 8.81
CA LEU A 131 19.90 15.53 7.88
C LEU A 131 19.45 16.97 7.66
N LEU A 132 19.53 17.83 8.67
CA LEU A 132 19.05 19.21 8.48
C LEU A 132 19.97 19.98 7.52
N GLU A 133 21.29 19.83 7.66
CA GLU A 133 22.23 20.69 6.88
C GLU A 133 22.07 20.44 5.39
N PRO A 134 21.95 19.20 4.90
CA PRO A 134 21.70 18.97 3.48
C PRO A 134 20.42 19.59 2.98
N LEU A 135 19.36 19.69 3.81
CA LEU A 135 18.12 20.38 3.36
C LEU A 135 18.41 21.85 3.16
N LEU A 136 19.18 22.46 4.06
CA LEU A 136 19.46 23.91 3.94
C LEU A 136 20.35 24.13 2.69
N VAL A 137 21.29 23.22 2.44
CA VAL A 137 22.22 23.36 1.28
C VAL A 137 21.36 23.30 0.03
N GLU A 138 20.43 22.35 -0.01
CA GLU A 138 19.61 22.14 -1.22
C GLU A 138 18.78 23.39 -1.48
N ALA A 139 18.18 24.01 -0.44
CA ALA A 139 17.31 25.18 -0.65
C ALA A 139 18.14 26.36 -1.18
N VAL A 140 19.38 26.49 -0.67
CA VAL A 140 20.34 27.55 -1.12
C VAL A 140 20.74 27.28 -2.58
N GLN A 141 21.04 26.03 -2.92
CA GLN A 141 21.44 25.66 -4.32
C GLN A 141 20.28 25.99 -5.26
N GLU A 142 19.04 25.68 -4.89
CA GLU A 142 17.85 25.90 -5.73
C GLU A 142 17.65 27.40 -5.96
N ALA A 143 17.85 28.26 -4.96
CA ALA A 143 17.55 29.70 -5.12
C ALA A 143 18.57 30.34 -6.08
N CYS A 144 19.81 29.85 -6.06
CA CYS A 144 20.93 30.26 -6.94
C CYS A 144 21.13 31.79 -6.81
N VAL A 145 21.14 32.35 -5.60
CA VAL A 145 21.34 33.82 -5.37
C VAL A 145 22.74 34.02 -4.81
N GLY A 146 23.14 33.13 -3.93
CA GLY A 146 24.50 33.07 -3.39
C GLY A 146 25.22 31.80 -3.79
N GLN A 147 26.49 31.67 -3.42
CA GLN A 147 27.32 30.53 -3.86
C GLN A 147 27.94 29.90 -2.61
N LEU A 148 27.92 28.58 -2.54
CA LEU A 148 28.54 27.81 -1.44
C LEU A 148 29.86 27.26 -1.95
N ARG A 149 30.87 27.28 -1.09
CA ARG A 149 32.18 26.65 -1.35
C ARG A 149 32.60 25.86 -0.13
N PHE A 150 32.42 24.55 -0.17
CA PHE A 150 32.93 23.64 0.89
C PHE A 150 34.37 23.32 0.53
N GLY A 151 35.18 22.92 1.51
CA GLY A 151 36.64 22.77 1.40
C GLY A 151 37.39 24.11 1.27
N HIS A 152 36.77 25.24 1.58
CA HIS A 152 37.40 26.59 1.57
C HIS A 152 37.52 27.14 3.00
N GLU A 153 38.73 27.56 3.40
CA GLU A 153 39.05 27.92 4.80
C GLU A 153 39.31 29.43 4.89
N PHE A 154 38.57 30.09 5.78
CA PHE A 154 38.85 31.49 6.19
C PHE A 154 40.16 31.54 6.98
N VAL A 155 41.11 32.41 6.57
CA VAL A 155 42.42 32.57 7.25
C VAL A 155 42.40 33.85 8.08
N SER A 156 41.98 34.99 7.53
CA SER A 156 42.14 36.26 8.28
C SER A 156 41.39 37.36 7.59
N LEU A 157 41.17 38.44 8.33
CA LEU A 157 40.47 39.61 7.79
C LEU A 157 41.15 40.88 8.26
N GLU A 158 40.94 41.95 7.52
CA GLU A 158 41.14 43.34 7.92
C GLU A 158 39.84 44.02 7.53
N GLN A 159 39.44 45.05 8.25
CA GLN A 159 38.32 45.88 7.74
C GLN A 159 38.69 47.34 7.89
N ASP A 160 37.91 48.16 7.22
CA ASP A 160 38.00 49.62 7.23
C ASP A 160 36.58 50.17 7.22
N GLU A 161 36.53 51.48 7.08
CA GLU A 161 35.34 52.32 6.89
C GLU A 161 34.38 51.72 5.86
N HIS A 162 34.85 51.11 4.76
CA HIS A 162 33.96 50.85 3.59
C HIS A 162 33.70 49.36 3.35
N GLY A 163 34.31 48.45 4.10
CA GLY A 163 34.21 47.02 3.77
C GLY A 163 35.19 46.18 4.54
N VAL A 164 35.26 44.90 4.15
CA VAL A 164 36.01 43.82 4.83
C VAL A 164 36.81 43.08 3.78
N THR A 165 38.08 42.81 4.06
CA THR A 165 38.96 42.09 3.14
C THR A 165 39.38 40.84 3.86
N SER A 166 39.02 39.68 3.30
CA SER A 166 39.29 38.36 3.90
C SER A 166 40.21 37.57 2.97
N ARG A 167 41.11 36.83 3.58
CA ARG A 167 41.98 35.87 2.89
C ARG A 167 41.43 34.47 3.14
N ILE A 168 41.27 33.72 2.04
CA ILE A 168 40.67 32.36 1.97
C ILE A 168 41.67 31.38 1.33
N THR A 169 41.71 30.15 1.83
CA THR A 169 42.51 29.03 1.30
C THR A 169 41.60 27.94 0.74
N ASP A 170 41.79 27.57 -0.53
CA ASP A 170 41.25 26.30 -1.10
C ASP A 170 42.06 25.12 -0.56
N ARG A 171 41.50 24.29 0.31
CA ARG A 171 42.29 23.22 0.96
C ARG A 171 42.73 22.14 -0.05
N ARG A 172 41.97 21.85 -1.11
CA ARG A 172 42.36 20.80 -2.10
C ARG A 172 43.62 21.25 -2.86
N THR A 173 43.59 22.47 -3.43
CA THR A 173 44.68 23.05 -4.26
C THR A 173 45.78 23.73 -3.41
N GLY A 174 45.50 24.17 -2.18
CA GLY A 174 46.43 25.02 -1.39
C GLY A 174 46.54 26.44 -1.91
N ARG A 175 45.78 26.81 -2.91
CA ARG A 175 45.84 28.18 -3.49
C ARG A 175 45.09 29.15 -2.55
N ASP A 176 45.50 30.43 -2.53
CA ASP A 176 44.92 31.50 -1.69
C ASP A 176 44.24 32.55 -2.56
N TYR A 177 43.21 33.18 -2.03
CA TYR A 177 42.52 34.30 -2.73
C TYR A 177 41.91 35.24 -1.71
N THR A 178 41.36 36.34 -2.17
CA THR A 178 40.95 37.42 -1.27
C THR A 178 39.55 37.79 -1.64
N VAL A 179 38.74 38.02 -0.63
CA VAL A 179 37.35 38.45 -0.92
C VAL A 179 37.16 39.82 -0.30
N ARG A 180 36.55 40.71 -1.07
CA ARG A 180 36.08 42.01 -0.55
C ARG A 180 34.55 41.97 -0.40
N SER A 181 34.05 42.24 0.80
CA SER A 181 32.59 42.34 1.09
C SER A 181 32.25 43.62 1.87
N ASP A 182 31.01 44.09 1.70
CA ASP A 182 30.41 45.14 2.55
C ASP A 182 30.36 44.63 3.99
N TYR A 183 29.90 43.41 4.20
CA TYR A 183 29.79 42.87 5.58
C TYR A 183 30.30 41.44 5.60
N LEU A 184 30.70 40.97 6.78
CA LEU A 184 31.09 39.57 7.01
C LEU A 184 30.25 38.95 8.13
N ILE A 185 29.75 37.71 7.95
CA ILE A 185 29.08 36.96 9.06
C ILE A 185 30.03 35.88 9.54
N GLY A 186 30.44 35.96 10.81
CA GLY A 186 31.16 34.89 11.52
C GLY A 186 30.20 33.79 12.00
N ALA A 187 30.11 32.69 11.25
CA ALA A 187 29.25 31.53 11.55
C ALA A 187 30.12 30.29 11.66
N ASP A 188 31.31 30.44 12.24
CA ASP A 188 32.38 29.40 12.12
C ASP A 188 32.47 28.52 13.36
N GLY A 189 31.50 28.57 14.27
CA GLY A 189 31.45 27.56 15.35
C GLY A 189 32.29 27.94 16.54
N ALA A 190 32.32 27.05 17.54
CA ALA A 190 33.16 27.14 18.74
C ALA A 190 34.60 27.42 18.30
N ARG A 191 35.32 28.32 18.96
CA ARG A 191 36.70 28.74 18.59
C ARG A 191 36.63 29.56 17.30
N SER A 192 35.59 30.35 17.15
CA SER A 192 35.51 31.24 15.98
C SER A 192 36.89 31.85 15.75
N ARG A 193 37.56 31.46 14.69
CA ARG A 193 38.70 32.26 14.20
C ARG A 193 38.21 33.67 13.87
N VAL A 194 37.00 33.86 13.34
CA VAL A 194 36.53 35.24 13.01
C VAL A 194 36.45 36.08 14.30
N LEU A 195 35.91 35.52 15.39
CA LEU A 195 35.74 36.25 16.68
C LEU A 195 37.13 36.60 17.27
N ALA A 196 38.13 35.73 17.23
CA ALA A 196 39.50 36.04 17.68
C ALA A 196 40.08 37.23 16.90
N GLN A 197 39.94 37.25 15.57
CA GLN A 197 40.45 38.34 14.70
C GLN A 197 39.84 39.69 15.10
N LEU A 198 38.60 39.70 15.58
CA LEU A 198 37.94 40.95 16.05
C LEU A 198 38.50 41.43 17.40
N GLY A 199 39.19 40.56 18.14
CA GLY A 199 39.76 40.83 19.48
C GLY A 199 38.72 40.62 20.58
N ILE A 200 37.69 39.81 20.34
CA ILE A 200 36.61 39.57 21.35
C ILE A 200 36.91 38.21 21.96
N ALA A 201 37.07 38.15 23.27
CA ALA A 201 37.27 36.91 24.04
C ALA A 201 35.94 36.54 24.73
N LEU A 202 35.60 35.25 24.79
CA LEU A 202 34.39 34.74 25.48
C LEU A 202 34.55 34.95 27.00
N ASP A 203 33.45 35.04 27.76
CA ASP A 203 33.41 34.92 29.24
C ASP A 203 32.74 33.60 29.64
N GLY A 204 33.39 32.81 30.50
CA GLY A 204 32.86 31.56 31.08
C GLY A 204 33.90 30.45 31.05
N ALA A 205 33.82 29.49 31.97
CA ALA A 205 34.78 28.38 32.12
C ALA A 205 34.85 27.58 30.82
N THR A 206 35.99 26.88 30.61
CA THR A 206 36.32 26.08 29.40
C THR A 206 36.42 24.59 29.81
N GLY A 207 36.21 23.68 28.85
CA GLY A 207 36.22 22.22 29.06
C GLY A 207 35.72 21.89 30.46
N ILE A 208 34.54 22.42 30.80
CA ILE A 208 33.86 22.17 32.11
C ILE A 208 33.46 20.68 32.19
N ALA A 209 33.61 19.92 31.09
CA ALA A 209 33.48 18.44 31.09
C ALA A 209 33.75 17.88 29.68
N ARG A 210 33.80 16.55 29.61
CA ARG A 210 33.80 15.75 28.37
C ARG A 210 32.50 14.95 28.29
N ALA A 211 31.90 14.94 27.10
CA ALA A 211 30.81 14.05 26.68
C ALA A 211 31.37 13.07 25.65
N VAL A 212 31.22 11.78 25.89
CA VAL A 212 31.34 10.77 24.80
C VAL A 212 29.95 10.48 24.20
N THR A 213 29.75 10.74 22.89
CA THR A 213 28.48 10.51 22.18
C THR A 213 28.66 9.37 21.21
N THR A 214 27.96 8.26 21.45
CA THR A 214 27.91 7.09 20.55
C THR A 214 26.57 7.06 19.80
N TRP A 215 26.66 7.03 18.48
CA TRP A 215 25.54 6.93 17.53
C TRP A 215 25.47 5.45 17.21
N PHE A 216 24.39 4.80 17.61
CA PHE A 216 24.27 3.33 17.49
C PHE A 216 22.88 2.93 17.05
N GLU A 217 22.77 1.73 16.47
CA GLU A 217 21.47 1.09 16.16
C GLU A 217 21.26 -0.08 17.12
N ALA A 218 20.04 -0.18 17.64
CA ALA A 218 19.58 -1.32 18.44
C ALA A 218 18.06 -1.25 18.53
N ASP A 219 17.36 -2.37 18.47
CA ASP A 219 15.88 -2.32 18.61
C ASP A 219 15.57 -2.32 20.10
N LEU A 220 15.25 -1.15 20.65
CA LEU A 220 14.88 -1.03 22.08
C LEU A 220 13.38 -0.71 22.18
N SER A 221 12.57 -1.01 21.17
CA SER A 221 11.14 -0.61 21.19
C SER A 221 10.42 -1.25 22.39
N ARG A 222 10.82 -2.43 22.79
CA ARG A 222 10.29 -3.10 23.98
C ARG A 222 10.42 -2.26 25.26
N TYR A 223 11.44 -1.41 25.36
CA TYR A 223 11.79 -0.65 26.58
C TYR A 223 11.37 0.82 26.41
N SER A 224 10.86 1.20 25.25
CA SER A 224 10.62 2.63 24.97
C SER A 224 9.23 2.95 24.42
N ALA A 225 8.61 2.10 23.59
CA ALA A 225 7.36 2.48 22.88
C ALA A 225 6.24 2.80 23.89
N HIS A 226 6.26 2.22 25.10
CA HIS A 226 5.18 2.40 26.10
C HIS A 226 5.37 3.71 26.88
N ARG A 227 6.51 4.37 26.68
CA ARG A 227 6.86 5.63 27.37
C ARG A 227 7.73 6.48 26.46
N PRO A 228 7.15 6.90 25.32
CA PRO A 228 7.89 7.61 24.29
C PRO A 228 8.52 8.88 24.85
N ALA A 229 9.80 9.07 24.53
CA ALA A 229 10.66 10.13 25.08
C ALA A 229 11.72 10.44 24.04
N LEU A 230 12.16 11.67 24.01
CA LEU A 230 13.42 12.01 23.35
C LEU A 230 14.55 11.52 24.27
N LEU A 231 14.45 11.75 25.57
CA LEU A 231 15.55 11.48 26.53
C LEU A 231 15.10 10.45 27.55
N TYR A 232 15.90 9.42 27.71
CA TYR A 232 15.84 8.40 28.78
C TYR A 232 17.17 8.49 29.51
N MET A 233 17.14 8.97 30.76
CA MET A 233 18.35 9.14 31.60
C MET A 233 18.46 8.03 32.65
N GLY A 234 19.51 7.23 32.51
CA GLY A 234 19.72 5.99 33.26
C GLY A 234 20.92 6.07 34.20
N ALA A 235 20.95 5.15 35.13
CA ALA A 235 21.99 4.99 36.17
C ALA A 235 22.07 3.50 36.42
N VAL A 236 23.19 2.89 36.08
CA VAL A 236 23.43 1.45 36.35
C VAL A 236 23.70 1.33 37.84
N PRO A 237 22.89 0.50 38.56
CA PRO A 237 23.12 0.23 39.97
C PRO A 237 24.59 -0.17 40.21
N GLY A 238 25.20 0.48 41.20
CA GLY A 238 26.60 0.29 41.60
C GLY A 238 27.48 1.43 41.09
N SER A 239 26.90 2.47 40.49
CA SER A 239 27.63 3.60 39.84
C SER A 239 27.45 4.86 40.67
N PRO A 240 28.45 5.76 40.71
CA PRO A 240 28.27 7.04 41.37
C PRO A 240 27.21 7.88 40.66
N PRO A 241 26.53 8.79 41.38
CA PRO A 241 25.52 9.64 40.79
C PRO A 241 26.01 10.43 39.55
N ALA A 242 27.31 10.73 39.45
CA ALA A 242 27.83 11.55 38.33
C ALA A 242 27.96 10.68 37.06
N ASP A 243 27.83 9.35 37.17
CA ASP A 243 27.99 8.38 36.04
C ASP A 243 26.65 8.11 35.32
N GLY A 244 25.90 9.16 34.97
CA GLY A 244 24.60 9.06 34.26
C GLY A 244 24.74 8.65 32.79
N ARG A 245 23.86 7.76 32.32
CA ARG A 245 23.79 7.28 30.92
C ARG A 245 22.58 7.97 30.25
N VAL A 246 22.80 8.79 29.23
CA VAL A 246 21.67 9.46 28.52
C VAL A 246 21.45 8.78 27.17
N PHE A 247 20.29 8.19 26.96
CA PHE A 247 19.86 7.71 25.63
C PHE A 247 19.03 8.80 24.95
N VAL A 248 19.30 9.04 23.68
CA VAL A 248 18.54 10.02 22.87
C VAL A 248 17.91 9.23 21.75
N SER A 249 16.60 9.32 21.60
CA SER A 249 15.84 8.69 20.49
C SER A 249 16.03 9.55 19.24
N LEU A 250 16.58 8.97 18.16
CA LEU A 250 16.79 9.70 16.89
C LEU A 250 15.83 9.16 15.84
N ARG A 251 15.63 7.83 15.79
CA ARG A 251 14.60 7.20 14.93
C ARG A 251 13.93 6.13 15.79
N PRO A 252 12.78 6.47 16.39
CA PRO A 252 12.03 5.55 17.24
C PRO A 252 11.74 4.21 16.56
N TRP A 253 12.07 3.08 17.18
CA TRP A 253 12.88 2.97 18.40
C TRP A 253 14.19 2.20 18.11
N THR A 254 14.80 2.42 16.95
CA THR A 254 15.96 1.61 16.47
C THR A 254 17.24 2.43 16.42
N GLU A 255 17.16 3.74 16.30
CA GLU A 255 18.39 4.56 16.16
C GLU A 255 18.50 5.54 17.33
N TRP A 256 19.71 5.64 17.89
CA TRP A 256 19.97 6.21 19.24
C TRP A 256 21.29 6.97 19.31
N LEU A 257 21.37 7.91 20.23
CA LEU A 257 22.65 8.35 20.80
C LEU A 257 22.73 7.83 22.22
N HIS A 258 23.95 7.60 22.67
CA HIS A 258 24.28 7.29 24.08
C HIS A 258 25.37 8.27 24.52
N LEU A 259 25.10 9.05 25.56
CA LEU A 259 26.01 10.08 26.11
C LEU A 259 26.46 9.61 27.49
N THR A 260 27.76 9.66 27.74
CA THR A 260 28.39 9.58 29.08
C THR A 260 29.28 10.82 29.29
N PHE A 261 29.61 11.07 30.54
CA PHE A 261 30.37 12.25 30.99
C PHE A 261 31.50 11.74 31.88
N PRO A 262 32.55 11.13 31.30
CA PRO A 262 33.62 10.55 32.10
C PRO A 262 34.29 11.60 32.98
N PRO A 263 34.86 11.15 34.11
CA PRO A 263 35.65 12.02 35.00
C PRO A 263 36.66 12.85 34.22
N PRO A 264 37.09 14.05 34.69
CA PRO A 264 38.09 14.82 33.96
C PRO A 264 39.46 14.10 33.94
N THR A 265 39.49 12.87 34.45
CA THR A 265 40.67 12.08 34.92
C THR A 265 40.98 10.92 33.96
N ALA A 266 39.95 10.25 33.45
CA ALA A 266 40.01 8.87 32.88
C ALA A 266 40.37 8.90 31.39
N ASP A 267 40.67 7.72 30.85
CA ASP A 267 41.10 7.47 29.44
C ASP A 267 39.86 7.20 28.60
N VAL A 268 39.51 8.13 27.70
CA VAL A 268 38.45 7.94 26.66
C VAL A 268 39.16 7.58 25.35
N ASP A 269 39.11 6.31 24.98
CA ASP A 269 39.56 5.82 23.66
C ASP A 269 38.33 5.73 22.75
N VAL A 270 38.12 6.81 21.99
CA VAL A 270 37.00 6.98 20.99
C VAL A 270 37.05 5.85 19.96
N GLU A 271 38.24 5.27 19.72
CA GLU A 271 38.49 4.20 18.70
C GLU A 271 38.18 2.80 19.27
N ASP A 272 37.99 2.66 20.58
CA ASP A 272 37.77 1.36 21.28
C ASP A 272 36.26 1.04 21.35
N HIS A 273 35.70 0.64 20.20
CA HIS A 273 34.30 0.23 19.98
C HIS A 273 33.93 -0.97 20.87
N GLU A 274 34.90 -1.79 21.26
CA GLU A 274 34.70 -2.93 22.21
C GLU A 274 34.23 -2.45 23.59
N ALA A 275 34.96 -1.50 24.17
CA ALA A 275 34.68 -0.91 25.50
C ALA A 275 33.34 -0.17 25.44
N VAL A 276 33.10 0.53 24.33
CA VAL A 276 31.91 1.43 24.21
C VAL A 276 30.66 0.56 24.09
N ARG A 277 30.72 -0.46 23.23
CA ARG A 277 29.65 -1.46 23.06
C ARG A 277 29.32 -2.09 24.42
N ALA A 278 30.32 -2.47 25.21
CA ALA A 278 30.14 -3.13 26.53
C ALA A 278 29.40 -2.17 27.47
N GLY A 279 29.81 -0.90 27.49
CA GLY A 279 29.19 0.17 28.30
C GLY A 279 27.72 0.35 27.94
N ILE A 280 27.43 0.46 26.65
CA ILE A 280 26.03 0.57 26.14
C ILE A 280 25.21 -0.65 26.51
N ARG A 281 25.75 -1.86 26.37
CA ARG A 281 24.98 -3.08 26.73
C ARG A 281 24.71 -3.08 28.22
N GLU A 282 25.65 -2.57 29.03
CA GLU A 282 25.46 -2.42 30.49
C GLU A 282 24.33 -1.42 30.76
N SER A 283 24.35 -0.25 30.12
CA SER A 283 23.30 0.77 30.29
C SER A 283 21.94 0.19 29.88
N ILE A 284 21.90 -0.65 28.84
CA ILE A 284 20.62 -1.26 28.37
C ILE A 284 20.18 -2.27 29.44
N GLY A 285 21.13 -3.05 30.00
CA GLY A 285 20.86 -4.06 31.03
C GLY A 285 20.10 -5.28 30.50
N ASP A 286 20.21 -5.56 29.21
CA ASP A 286 19.70 -6.80 28.58
C ASP A 286 20.78 -7.29 27.63
N PRO A 287 21.58 -8.31 28.03
CA PRO A 287 22.69 -8.76 27.20
C PRO A 287 22.25 -9.37 25.85
N THR A 288 20.94 -9.44 25.55
CA THR A 288 20.44 -10.08 24.29
C THR A 288 20.08 -9.03 23.23
N VAL A 289 20.33 -7.75 23.48
CA VAL A 289 20.13 -6.68 22.47
C VAL A 289 21.44 -6.53 21.66
N ASP A 290 21.32 -6.58 20.34
CA ASP A 290 22.38 -6.27 19.34
C ASP A 290 22.62 -4.78 19.29
N VAL A 291 23.85 -4.34 19.53
CA VAL A 291 24.27 -2.93 19.39
C VAL A 291 25.25 -2.82 18.21
N THR A 292 24.89 -2.04 17.21
CA THR A 292 25.74 -1.68 16.05
C THR A 292 26.18 -0.22 16.18
N ILE A 293 27.47 0.01 16.47
CA ILE A 293 28.09 1.37 16.55
C ILE A 293 28.23 1.98 15.15
N LYS A 294 27.93 3.26 15.04
CA LYS A 294 27.97 4.02 13.76
C LYS A 294 29.05 5.09 13.88
N ASN A 295 29.26 5.59 15.09
CA ASN A 295 30.26 6.65 15.34
C ASN A 295 30.45 6.78 16.84
N VAL A 296 31.66 7.02 17.29
CA VAL A 296 31.97 7.42 18.68
C VAL A 296 32.74 8.72 18.64
N SER A 297 32.22 9.76 19.32
CA SER A 297 32.76 11.14 19.24
C SER A 297 32.91 11.71 20.63
N ALA A 298 34.10 12.22 20.95
CA ALA A 298 34.37 12.97 22.20
C ALA A 298 34.17 14.44 21.87
N TRP A 299 33.70 15.19 22.84
CA TRP A 299 33.27 16.59 22.67
C TRP A 299 33.61 17.32 23.97
N GLU A 300 34.15 18.54 23.89
CA GLU A 300 34.52 19.27 25.12
C GLU A 300 33.37 20.23 25.42
N VAL A 301 32.68 20.00 26.53
CA VAL A 301 31.55 20.88 26.94
C VAL A 301 32.13 22.12 27.63
N ASN A 302 31.78 23.31 27.16
CA ASN A 302 32.03 24.59 27.88
C ASN A 302 30.69 25.24 28.19
N SER A 303 30.75 26.37 28.89
CA SER A 303 29.60 27.32 28.90
C SER A 303 30.15 28.75 28.89
N ALA A 304 29.91 29.44 27.79
CA ALA A 304 30.53 30.74 27.50
C ALA A 304 29.62 31.53 26.59
N VAL A 305 29.73 32.82 26.75
CA VAL A 305 28.99 33.80 25.93
C VAL A 305 29.94 34.96 25.69
N ALA A 306 29.90 35.49 24.48
CA ALA A 306 30.72 36.62 24.05
C ALA A 306 30.12 37.89 24.63
N PRO A 307 30.95 38.78 25.23
CA PRO A 307 30.44 40.05 25.73
C PRO A 307 29.99 40.95 24.59
N ARG A 308 30.57 40.79 23.38
CA ARG A 308 30.20 41.57 22.17
C ARG A 308 30.00 40.58 21.02
N TYR A 309 28.99 40.79 20.19
CA TYR A 309 28.61 39.87 19.08
C TYR A 309 29.17 40.39 17.75
N ALA A 310 29.54 41.68 17.67
CA ALA A 310 29.92 42.39 16.43
C ALA A 310 31.05 43.41 16.68
N SER A 311 31.74 43.76 15.60
CA SER A 311 32.81 44.79 15.59
C SER A 311 32.94 45.35 14.19
N GLY A 312 32.56 46.62 14.04
CA GLY A 312 32.45 47.29 12.73
C GLY A 312 31.48 46.60 11.78
N ARG A 313 32.00 45.97 10.73
CA ARG A 313 31.21 45.38 9.60
C ARG A 313 31.19 43.85 9.72
N VAL A 314 31.66 43.30 10.83
CA VAL A 314 31.73 41.85 11.12
C VAL A 314 30.80 41.54 12.29
N PHE A 315 29.94 40.53 12.11
CA PHE A 315 28.85 40.11 13.04
C PHE A 315 28.91 38.60 13.24
N CYS A 316 29.03 38.14 14.47
CA CYS A 316 29.20 36.69 14.69
C CYS A 316 27.86 36.14 15.23
N VAL A 317 27.55 34.90 14.81
CA VAL A 317 26.28 34.17 15.07
C VAL A 317 26.57 32.81 15.65
N GLY A 318 25.58 32.25 16.35
CA GLY A 318 25.59 30.83 16.70
C GLY A 318 26.68 30.48 17.68
N ASP A 319 27.28 29.31 17.48
CA ASP A 319 28.30 28.76 18.41
C ASP A 319 29.57 29.62 18.47
N ALA A 320 29.81 30.48 17.49
CA ALA A 320 30.90 31.50 17.58
C ALA A 320 30.76 32.35 18.86
N VAL A 321 29.52 32.70 19.25
CA VAL A 321 29.28 33.70 20.32
C VAL A 321 28.67 33.06 21.57
N HIS A 322 28.18 31.83 21.54
CA HIS A 322 27.61 31.18 22.75
C HIS A 322 27.82 29.68 22.66
N GLN A 323 28.36 29.09 23.72
CA GLN A 323 28.56 27.63 23.83
C GLN A 323 27.96 27.19 25.15
N ASN A 324 27.31 26.03 25.17
CA ASN A 324 26.68 25.50 26.41
C ASN A 324 26.51 23.98 26.29
N PRO A 325 26.24 23.28 27.40
CA PRO A 325 25.94 21.85 27.34
C PRO A 325 24.67 21.62 26.51
N PRO A 326 24.45 20.37 26.07
CA PRO A 326 23.30 20.08 25.20
C PRO A 326 21.92 20.21 25.90
N THR A 327 21.85 20.11 27.25
CA THR A 327 20.61 20.30 28.09
C THR A 327 19.86 21.56 27.63
N ASN A 328 18.55 21.42 27.34
CA ASN A 328 17.62 22.45 26.78
C ASN A 328 17.65 22.51 25.22
N GLY A 329 18.73 22.08 24.56
CA GLY A 329 18.82 22.07 23.09
C GLY A 329 18.61 23.46 22.54
N LEU A 330 19.12 24.43 23.27
CA LEU A 330 18.91 25.85 22.91
C LEU A 330 19.93 26.29 21.85
N GLY A 331 21.11 25.65 21.77
CA GLY A 331 22.24 26.01 20.88
C GLY A 331 21.83 26.12 19.41
N LEU A 332 21.35 25.04 18.81
CA LEU A 332 20.92 25.07 17.39
C LEU A 332 19.80 26.09 17.15
N ASN A 333 18.77 26.07 17.99
CA ASN A 333 17.62 27.01 17.90
C ASN A 333 18.09 28.46 17.95
N SER A 334 18.94 28.79 18.93
CA SER A 334 19.50 30.16 19.09
C SER A 334 20.39 30.55 17.88
N ALA A 335 21.06 29.59 17.22
CA ALA A 335 21.91 29.87 16.03
C ALA A 335 21.01 30.32 14.89
N VAL A 336 19.92 29.58 14.71
CA VAL A 336 18.96 29.90 13.63
C VAL A 336 18.38 31.29 13.89
N ALA A 337 17.98 31.60 15.13
CA ALA A 337 17.31 32.89 15.47
C ALA A 337 18.30 34.10 15.41
N ASP A 338 19.57 33.85 15.69
CA ASP A 338 20.69 34.84 15.52
C ASP A 338 20.77 35.28 14.05
N SER A 339 20.84 34.32 13.12
CA SER A 339 21.02 34.69 11.68
C SER A 339 19.75 35.38 11.20
N PHE A 340 18.61 34.92 11.69
CA PHE A 340 17.31 35.45 11.19
C PHE A 340 17.12 36.90 11.71
N ASN A 341 17.68 37.20 12.85
CA ASN A 341 17.66 38.57 13.44
C ASN A 341 18.47 39.52 12.54
N LEU A 342 19.67 39.08 12.14
CA LEU A 342 20.69 39.87 11.39
C LEU A 342 20.33 40.11 9.92
N CYS A 343 19.90 39.10 9.19
CA CYS A 343 19.97 39.16 7.71
C CYS A 343 18.98 40.21 7.16
N TRP A 344 17.78 40.39 7.71
CA TRP A 344 16.89 41.43 7.15
C TRP A 344 17.49 42.84 7.38
N LYS A 345 18.30 42.97 8.42
CA LYS A 345 18.95 44.28 8.79
C LYS A 345 20.03 44.59 7.75
N LEU A 346 20.92 43.62 7.45
CA LEU A 346 21.90 43.71 6.33
C LEU A 346 21.22 44.02 5.01
N LYS A 347 20.07 43.44 4.72
CA LYS A 347 19.38 43.73 3.45
C LYS A 347 19.08 45.24 3.37
N LEU A 348 18.57 45.82 4.46
CA LEU A 348 18.25 47.27 4.51
C LEU A 348 19.55 48.09 4.44
N ALA A 349 20.64 47.69 5.12
CA ALA A 349 21.92 48.46 5.12
C ALA A 349 22.51 48.48 3.71
N LEU A 350 22.66 47.30 3.09
CA LEU A 350 23.17 47.15 1.70
C LEU A 350 22.32 47.97 0.73
N GLU A 351 21.00 48.14 0.97
CA GLU A 351 20.19 48.97 0.04
C GLU A 351 20.34 50.47 0.37
N GLY A 352 21.24 50.86 1.28
CA GLY A 352 21.36 52.25 1.79
C GLY A 352 20.08 52.76 2.45
N LEU A 353 19.18 51.90 2.94
CA LEU A 353 17.91 52.34 3.61
C LEU A 353 18.09 52.36 5.11
N ALA A 354 19.20 51.81 5.60
CA ALA A 354 19.61 51.91 7.02
C ALA A 354 21.13 51.91 7.04
N GLY A 355 21.69 52.02 8.23
CA GLY A 355 23.15 52.04 8.39
C GLY A 355 23.54 51.32 9.66
N PRO A 356 24.74 51.64 10.19
CA PRO A 356 25.28 50.98 11.38
C PRO A 356 24.35 51.05 12.59
N GLY A 357 23.50 52.07 12.68
CA GLY A 357 22.49 52.18 13.76
C GLY A 357 21.65 50.90 13.86
N LEU A 358 21.02 50.51 12.74
CA LEU A 358 20.20 49.28 12.66
C LEU A 358 21.06 48.05 12.92
N LEU A 359 22.28 47.98 12.34
CA LEU A 359 23.17 46.77 12.46
C LEU A 359 23.62 46.61 13.91
N ASP A 360 23.72 47.70 14.66
CA ASP A 360 24.08 47.62 16.10
C ASP A 360 23.00 46.90 16.91
N THR A 361 21.75 46.92 16.46
CA THR A 361 20.64 46.25 17.18
C THR A 361 20.81 44.71 17.16
N TYR A 362 21.63 44.16 16.24
CA TYR A 362 21.88 42.70 16.25
C TYR A 362 22.46 42.31 17.62
N HIS A 363 23.59 42.90 18.00
CA HIS A 363 24.21 42.62 19.32
C HIS A 363 23.23 42.98 20.47
N ASP A 364 22.53 44.11 20.37
CA ASP A 364 21.63 44.60 21.45
C ASP A 364 20.49 43.60 21.72
N GLU A 365 19.81 43.13 20.67
CA GLU A 365 18.70 42.14 20.78
C GLU A 365 19.23 40.76 21.11
N ARG A 366 20.24 40.27 20.37
CA ARG A 366 20.66 38.83 20.45
C ARG A 366 21.63 38.54 21.58
N GLN A 367 22.49 39.45 22.03
CA GLN A 367 23.47 39.06 23.12
C GLN A 367 22.81 38.73 24.47
N PRO A 368 21.79 39.47 24.96
CA PRO A 368 21.10 39.04 26.19
C PRO A 368 20.48 37.63 26.04
N VAL A 369 19.98 37.32 24.84
CA VAL A 369 19.44 35.94 24.59
C VAL A 369 20.57 34.95 24.78
N GLY A 370 21.77 35.23 24.24
CA GLY A 370 22.93 34.34 24.47
C GLY A 370 23.24 34.13 25.94
N ARG A 371 23.26 35.22 26.71
CA ARG A 371 23.45 35.14 28.18
C ARG A 371 22.37 34.22 28.79
N GLN A 372 21.10 34.43 28.43
CA GLN A 372 19.97 33.64 29.00
C GLN A 372 20.16 32.13 28.71
N ILE A 373 20.41 31.76 27.46
CA ILE A 373 20.44 30.30 27.10
C ILE A 373 21.63 29.63 27.79
N VAL A 374 22.76 30.31 27.89
CA VAL A 374 23.95 29.67 28.52
C VAL A 374 23.69 29.45 30.00
N ASP A 375 23.13 30.46 30.66
CA ASP A 375 22.72 30.30 32.08
C ASP A 375 21.71 29.14 32.24
N ARG A 376 20.63 29.12 31.46
CA ARG A 376 19.55 28.06 31.59
C ARG A 376 20.14 26.68 31.30
N ALA A 377 20.88 26.52 30.21
CA ALA A 377 21.47 25.22 29.82
C ALA A 377 22.42 24.74 30.91
N PHE A 378 23.14 25.66 31.58
CA PHE A 378 24.11 25.23 32.63
C PHE A 378 23.36 24.73 33.86
N ARG A 379 22.34 25.43 34.33
CA ARG A 379 21.55 25.01 35.54
C ARG A 379 20.87 23.66 35.28
N SER A 380 20.36 23.43 34.07
CA SER A 380 19.70 22.15 33.69
C SER A 380 20.71 21.01 33.77
N MET A 381 21.93 21.22 33.26
CA MET A 381 23.00 20.18 33.36
C MET A 381 23.17 19.78 34.85
N VAL A 382 23.33 20.74 35.73
CA VAL A 382 23.58 20.49 37.17
C VAL A 382 22.33 19.84 37.79
N ASP A 383 21.11 20.21 37.37
CA ASP A 383 19.84 19.61 37.89
C ASP A 383 19.85 18.08 37.75
N LEU A 384 20.53 17.53 36.73
CA LEU A 384 20.41 16.08 36.41
C LEU A 384 20.88 15.22 37.58
N ILE A 385 21.92 15.63 38.30
CA ILE A 385 22.52 14.78 39.36
C ILE A 385 21.58 14.73 40.57
N GLY A 386 20.64 15.66 40.71
CA GLY A 386 19.69 15.70 41.84
C GLY A 386 18.85 14.43 41.94
N ILE A 387 18.52 13.82 40.79
CA ILE A 387 17.67 12.60 40.79
C ILE A 387 18.40 11.45 41.48
N PRO A 388 19.57 10.98 41.01
CA PRO A 388 20.23 9.86 41.68
C PRO A 388 20.62 10.15 43.15
N GLN A 389 20.96 11.41 43.46
CA GLN A 389 21.21 11.89 44.84
C GLN A 389 19.94 11.71 45.70
N ALA A 390 18.79 12.16 45.22
CA ALA A 390 17.51 12.03 45.98
C ALA A 390 17.23 10.57 46.32
N LEU A 391 17.67 9.60 45.51
CA LEU A 391 17.44 8.15 45.80
C LEU A 391 18.37 7.65 46.90
N GLY A 392 19.41 8.40 47.26
CA GLY A 392 20.40 7.96 48.25
C GLY A 392 21.62 7.37 47.58
N PHE A 393 21.75 7.55 46.27
CA PHE A 393 22.92 7.01 45.54
C PHE A 393 24.13 7.89 45.91
N THR A 394 25.30 7.27 46.03
CA THR A 394 26.60 7.93 46.35
C THR A 394 27.74 7.09 45.79
N GLU A 395 28.95 7.65 45.77
CA GLU A 395 30.19 6.87 45.51
C GLU A 395 30.22 5.70 46.48
N GLY A 396 30.93 4.63 46.11
CA GLY A 396 31.31 3.55 47.01
C GLY A 396 30.19 2.60 47.37
N GLN A 397 29.14 2.46 46.53
CA GLN A 397 28.00 1.54 46.84
C GLN A 397 28.02 0.36 45.86
N SER A 398 27.79 -0.84 46.36
CA SER A 398 27.63 -2.05 45.51
C SER A 398 26.40 -1.92 44.63
N PRO A 399 26.29 -2.71 43.54
CA PRO A 399 25.03 -2.77 42.81
C PRO A 399 23.87 -3.14 43.75
N GLU A 400 24.05 -4.19 44.54
CA GLU A 400 23.03 -4.66 45.51
C GLU A 400 22.58 -3.53 46.45
N GLU A 401 23.49 -2.69 46.95
CA GLU A 401 23.07 -1.56 47.83
C GLU A 401 22.09 -0.65 47.09
N GLN A 402 22.42 -0.29 45.85
CA GLN A 402 21.64 0.70 45.06
C GLN A 402 20.29 0.06 44.66
N TRP A 403 20.27 -1.22 44.26
CA TRP A 403 19.00 -1.97 44.00
C TRP A 403 18.11 -1.93 45.25
N ARG A 404 18.70 -2.02 46.45
CA ARG A 404 17.96 -1.99 47.73
C ARG A 404 17.37 -0.62 47.94
N LEU A 405 18.12 0.42 47.60
CA LEU A 405 17.63 1.81 47.76
C LEU A 405 16.44 2.02 46.80
N LEU A 406 16.47 1.47 45.59
CA LEU A 406 15.35 1.60 44.62
C LEU A 406 14.11 0.82 45.11
N ASP A 407 14.31 -0.40 45.61
CA ASP A 407 13.27 -1.34 46.13
C ASP A 407 12.56 -0.77 47.36
N THR A 408 13.29 -0.19 48.31
CA THR A 408 12.78 0.34 49.60
C THR A 408 12.33 1.80 49.47
N LEU A 409 12.39 2.37 48.27
CA LEU A 409 11.88 3.75 48.03
C LEU A 409 10.35 3.80 48.27
N HIS A 410 9.61 2.72 48.01
CA HIS A 410 8.11 2.67 48.10
C HIS A 410 7.66 2.03 49.43
N GLU A 411 8.54 1.94 50.43
CA GLU A 411 8.17 1.41 51.76
C GLU A 411 7.50 2.52 52.59
N ASP A 412 6.60 2.07 53.46
CA ASP A 412 5.89 2.83 54.50
C ASP A 412 6.86 3.07 55.67
N THR A 413 7.76 4.04 55.52
CA THR A 413 8.72 4.44 56.59
C THR A 413 9.06 5.91 56.42
N GLU A 414 9.64 6.50 57.45
CA GLU A 414 10.04 7.92 57.46
C GLU A 414 11.07 8.15 56.36
N GLU A 415 12.11 7.29 56.29
CA GLU A 415 13.28 7.41 55.36
C GLU A 415 12.78 7.45 53.91
N ALA A 416 12.00 6.46 53.50
CA ALA A 416 11.38 6.31 52.16
C ALA A 416 10.48 7.52 51.83
N ARG A 417 9.60 7.96 52.75
CA ARG A 417 8.74 9.17 52.58
C ARG A 417 9.61 10.41 52.29
N GLN A 418 10.72 10.61 53.01
CA GLN A 418 11.68 11.74 52.73
C GLN A 418 12.39 11.57 51.37
N ARG A 419 12.85 10.37 51.01
CA ARG A 419 13.60 10.19 49.73
C ARG A 419 12.60 10.55 48.63
N ARG A 420 11.39 10.02 48.78
CA ARG A 420 10.22 10.21 47.88
C ARG A 420 10.03 11.70 47.61
N ALA A 421 10.25 12.54 48.64
CA ALA A 421 10.03 13.99 48.57
C ALA A 421 11.21 14.69 47.90
N ALA A 422 12.46 14.32 48.23
CA ALA A 422 13.65 14.85 47.52
C ALA A 422 13.55 14.49 46.02
N LEU A 423 13.06 13.29 45.69
CA LEU A 423 12.94 12.82 44.28
C LEU A 423 11.93 13.74 43.57
N ALA A 424 10.77 13.98 44.20
CA ALA A 424 9.70 14.84 43.64
C ALA A 424 10.26 16.25 43.41
N ALA A 425 11.10 16.78 44.30
CA ALA A 425 11.64 18.14 44.12
C ALA A 425 12.68 18.16 43.00
N ALA A 426 13.58 17.17 42.96
CA ALA A 426 14.61 17.02 41.88
C ALA A 426 13.91 16.81 40.52
N THR A 427 12.90 15.95 40.46
CA THR A 427 12.03 15.72 39.26
C THR A 427 11.42 17.04 38.78
N ALA A 428 10.84 17.85 39.67
CA ALA A 428 10.09 19.06 39.24
C ALA A 428 11.04 20.10 38.64
N ALA A 429 12.29 20.19 39.10
CA ALA A 429 13.29 21.09 38.49
C ALA A 429 13.54 20.71 37.00
N ILE A 430 13.26 19.47 36.58
CA ILE A 430 13.56 19.00 35.20
C ILE A 430 12.62 19.65 34.19
N HIS A 431 11.52 20.24 34.67
CA HIS A 431 10.64 21.09 33.83
C HIS A 431 11.45 22.26 33.26
N GLY A 432 12.51 22.67 33.94
CA GLY A 432 13.42 23.73 33.48
C GLY A 432 14.11 23.40 32.15
N GLN A 433 14.17 22.12 31.74
CA GLN A 433 14.73 21.74 30.41
C GLN A 433 13.67 21.08 29.51
N ALA A 434 12.67 20.39 30.08
CA ALA A 434 11.67 19.63 29.31
C ALA A 434 10.48 20.51 28.88
N ASN A 435 10.11 21.54 29.63
CA ASN A 435 8.92 22.38 29.33
C ASN A 435 9.24 23.88 29.52
N ALA A 436 10.40 24.35 29.04
CA ALA A 436 10.85 25.75 29.26
C ALA A 436 10.26 26.68 28.22
N HIS A 437 8.95 26.81 28.21
CA HIS A 437 8.24 27.48 27.09
C HIS A 437 8.63 28.95 27.04
N GLY A 438 8.92 29.52 28.21
CA GLY A 438 9.17 30.96 28.35
C GLY A 438 10.54 31.31 27.80
N VAL A 439 11.52 30.48 28.08
CA VAL A 439 12.88 30.56 27.49
C VAL A 439 12.80 30.34 25.98
N GLU A 440 12.08 29.33 25.52
CA GLU A 440 12.08 28.93 24.07
C GLU A 440 11.38 29.98 23.22
N LEU A 441 10.25 30.50 23.69
CA LEU A 441 9.36 31.35 22.85
C LEU A 441 9.13 32.74 23.46
N GLY A 442 9.43 32.94 24.75
CA GLY A 442 8.95 34.13 25.49
C GLY A 442 9.98 35.24 25.62
N TYR A 443 11.12 35.17 24.93
CA TYR A 443 12.20 36.17 25.11
C TYR A 443 11.69 37.42 24.41
N ARG A 444 12.06 38.58 24.96
CA ARG A 444 11.57 39.89 24.46
C ARG A 444 12.80 40.78 24.32
N TYR A 445 12.89 41.53 23.22
CA TYR A 445 14.01 42.46 22.97
C TYR A 445 13.64 43.77 23.69
N ARG A 446 14.47 44.23 24.58
CA ARG A 446 14.17 45.42 25.42
C ARG A 446 14.80 46.66 24.80
N THR A 447 15.89 46.52 24.04
CA THR A 447 16.46 47.62 23.23
C THR A 447 16.90 47.10 21.86
N GLY A 448 16.61 47.86 20.81
CA GLY A 448 17.09 47.60 19.46
C GLY A 448 16.15 48.20 18.48
N ALA A 449 15.73 47.43 17.48
CA ALA A 449 14.94 47.95 16.36
C ALA A 449 13.47 47.95 16.75
N LEU A 450 13.12 48.84 17.68
CA LEU A 450 11.76 48.93 18.27
C LEU A 450 11.62 50.31 18.93
N VAL A 451 10.39 50.81 19.01
CA VAL A 451 10.04 52.09 19.69
C VAL A 451 9.11 51.72 20.84
N PRO A 452 9.54 51.82 22.12
CA PRO A 452 8.65 51.60 23.26
C PRO A 452 7.32 52.36 23.09
N ASP A 453 6.22 51.87 23.67
CA ASP A 453 4.90 52.54 23.52
C ASP A 453 4.54 53.33 24.79
N GLY A 454 5.30 53.16 25.88
CA GLY A 454 5.06 53.82 27.18
C GLY A 454 4.41 52.87 28.17
N THR A 455 3.84 51.75 27.71
CA THR A 455 3.13 50.78 28.60
C THR A 455 4.19 49.97 29.35
N PRO A 456 3.91 49.47 30.57
CA PRO A 456 4.87 48.64 31.27
C PRO A 456 4.80 47.21 30.68
N GLU A 457 5.90 46.48 30.76
CA GLU A 457 6.02 45.11 30.20
C GLU A 457 5.02 44.21 30.93
N PRO A 458 4.17 43.42 30.23
CA PRO A 458 3.38 42.38 30.86
C PRO A 458 4.21 41.48 31.78
N ALA A 459 3.69 41.16 32.96
CA ALA A 459 4.39 40.31 33.95
C ALA A 459 3.37 39.71 34.93
N ASP A 460 3.67 38.58 35.54
CA ASP A 460 2.72 37.89 36.43
C ASP A 460 3.55 37.05 37.38
N GLU A 461 2.90 36.25 38.22
CA GLU A 461 3.60 35.49 39.29
C GLU A 461 4.13 34.15 38.76
N ARG A 462 3.78 33.73 37.54
CA ARG A 462 4.28 32.44 37.04
C ARG A 462 5.78 32.56 36.75
N ASP A 463 6.54 31.50 36.99
CA ASP A 463 7.98 31.45 36.62
C ASP A 463 8.12 31.77 35.13
N PRO A 464 8.78 32.88 34.72
CA PRO A 464 8.84 33.25 33.31
C PRO A 464 9.72 32.36 32.41
N GLU A 465 10.52 31.46 32.97
CA GLU A 465 11.28 30.45 32.21
C GLU A 465 10.31 29.35 31.71
N LEU A 466 9.39 28.94 32.56
CA LEU A 466 8.48 27.80 32.28
C LEU A 466 7.35 28.28 31.40
N TYR A 467 6.84 29.49 31.64
CA TYR A 467 5.56 29.93 31.05
C TYR A 467 5.77 31.05 30.06
N TYR A 468 5.18 30.88 28.88
CA TYR A 468 5.08 31.89 27.80
C TYR A 468 3.80 32.68 28.00
N ARG A 469 3.87 33.96 27.68
CA ARG A 469 2.76 34.92 27.83
C ARG A 469 2.77 35.80 26.56
N ALA A 470 1.82 35.56 25.67
CA ALA A 470 1.77 36.22 24.37
C ALA A 470 1.53 37.71 24.60
N THR A 471 2.22 38.58 23.85
CA THR A 471 2.02 40.05 23.99
C THR A 471 2.43 40.71 22.68
N THR A 472 1.87 41.87 22.37
CA THR A 472 2.32 42.76 21.28
C THR A 472 3.21 43.86 21.85
N TRP A 473 3.68 43.73 23.08
CA TRP A 473 4.60 44.73 23.70
C TRP A 473 5.81 44.87 22.78
N PRO A 474 6.21 46.08 22.32
CA PRO A 474 7.31 46.17 21.35
C PRO A 474 8.56 45.42 21.86
N GLY A 475 9.14 44.64 20.95
CA GLY A 475 10.30 43.77 21.26
C GLY A 475 9.90 42.31 21.27
N ALA A 476 8.63 42.01 21.52
CA ALA A 476 8.20 40.61 21.78
C ALA A 476 7.97 39.91 20.43
N ARG A 477 7.95 38.60 20.39
CA ARG A 477 7.53 37.94 19.13
C ARG A 477 6.02 38.14 18.93
N LEU A 478 5.58 38.49 17.72
CA LEU A 478 4.16 38.66 17.35
C LEU A 478 3.36 37.46 17.81
N PRO A 479 2.26 37.66 18.56
CA PRO A 479 1.44 36.52 18.97
C PRO A 479 0.88 35.75 17.78
N HIS A 480 0.90 34.43 17.90
CA HIS A 480 0.19 33.52 16.97
C HIS A 480 -1.32 33.55 17.18
N ALA A 481 -2.08 33.75 16.12
CA ALA A 481 -3.52 33.41 16.07
C ALA A 481 -3.83 32.81 14.70
N TRP A 482 -4.80 31.91 14.62
CA TRP A 482 -5.27 31.40 13.32
C TRP A 482 -6.20 32.40 12.68
N LEU A 483 -5.87 32.75 11.46
CA LEU A 483 -6.63 33.61 10.56
C LEU A 483 -7.14 32.73 9.44
N GLU A 484 -7.95 33.34 8.60
CA GLU A 484 -8.45 32.67 7.39
C GLU A 484 -8.43 33.70 6.28
N ASN A 485 -7.62 33.49 5.25
CA ASN A 485 -7.64 34.36 4.04
C ASN A 485 -8.45 33.71 2.90
N GLY A 486 -9.70 34.15 2.70
CA GLY A 486 -10.68 33.37 1.91
C GLY A 486 -10.89 32.05 2.63
N ARG A 487 -10.59 30.90 2.02
CA ARG A 487 -10.63 29.60 2.73
C ARG A 487 -9.23 29.09 3.09
N HIS A 488 -8.21 29.94 3.04
CA HIS A 488 -6.81 29.52 3.32
C HIS A 488 -6.54 29.81 4.78
N ARG A 489 -6.31 28.76 5.55
CA ARG A 489 -5.91 28.83 6.97
C ARG A 489 -4.46 29.32 7.05
N CYS A 490 -4.17 30.33 7.88
CA CYS A 490 -2.81 30.88 8.01
C CYS A 490 -2.65 31.61 9.35
N SER A 491 -1.48 31.56 9.92
CA SER A 491 -1.17 32.26 11.18
C SER A 491 -1.00 33.75 10.95
N THR A 492 -1.20 34.57 12.01
CA THR A 492 -0.64 35.93 12.08
C THR A 492 0.83 35.91 11.62
N LEU A 493 1.60 34.88 11.96
CA LEU A 493 3.05 34.86 11.62
C LEU A 493 3.31 34.51 10.15
N ASP A 494 2.33 33.92 9.45
CA ASP A 494 2.43 33.56 8.01
C ASP A 494 2.10 34.75 7.10
N VAL A 495 1.27 35.70 7.55
CA VAL A 495 0.90 36.87 6.72
C VAL A 495 1.80 38.07 7.10
N THR A 496 2.74 37.91 8.02
CA THR A 496 3.78 38.94 8.30
C THR A 496 5.15 38.36 7.95
N GLY A 497 6.22 39.08 8.26
CA GLY A 497 7.58 38.64 7.94
C GLY A 497 7.86 38.60 6.44
N ARG A 498 8.59 37.59 5.96
CA ARG A 498 8.90 37.44 4.51
C ARG A 498 9.53 38.74 3.97
N GLY A 499 10.56 39.24 4.65
CA GLY A 499 11.46 40.30 4.17
C GLY A 499 10.84 41.68 4.14
N ARG A 500 9.68 41.90 4.77
CA ARG A 500 8.98 43.22 4.68
C ARG A 500 8.34 43.56 6.05
N PHE A 501 8.07 44.84 6.29
CA PHE A 501 7.34 45.35 7.48
C PHE A 501 5.85 45.33 7.16
N THR A 502 5.05 45.00 8.17
CA THR A 502 3.59 44.86 8.00
C THR A 502 2.92 45.61 9.14
N LEU A 503 1.84 46.32 8.84
CA LEU A 503 1.06 47.04 9.87
C LEU A 503 -0.31 46.36 9.94
N LEU A 504 -0.53 45.61 11.00
CA LEU A 504 -1.81 44.90 11.27
C LEU A 504 -2.81 45.92 11.90
N THR A 505 -3.98 46.03 11.31
CA THR A 505 -5.02 47.00 11.70
C THR A 505 -6.35 46.27 11.70
N GLY A 506 -7.42 47.02 11.97
CA GLY A 506 -8.78 46.51 12.19
C GLY A 506 -9.81 47.55 11.78
N PRO A 507 -11.11 47.29 12.04
CA PRO A 507 -12.16 48.25 11.71
C PRO A 507 -11.83 49.65 12.28
N GLY A 508 -11.95 50.70 11.46
CA GLY A 508 -11.65 52.11 11.81
C GLY A 508 -10.18 52.46 11.64
N GLY A 509 -9.40 51.58 11.00
CA GLY A 509 -7.95 51.73 10.80
C GLY A 509 -7.58 52.41 9.49
N GLU A 510 -8.54 52.84 8.67
CA GLU A 510 -8.32 53.51 7.35
C GLU A 510 -7.32 54.66 7.49
N PRO A 511 -7.35 55.48 8.57
CA PRO A 511 -6.27 56.43 8.85
C PRO A 511 -4.84 55.90 8.65
N TRP A 512 -4.61 54.61 8.82
CA TRP A 512 -3.23 54.04 8.78
C TRP A 512 -2.71 53.99 7.33
N ARG A 513 -3.56 54.02 6.33
CA ARG A 513 -3.10 53.94 4.91
C ARG A 513 -2.22 55.15 4.62
N ASP A 514 -2.72 56.37 4.88
CA ASP A 514 -2.01 57.64 4.59
C ASP A 514 -0.72 57.63 5.39
N ALA A 515 -0.74 57.21 6.65
CA ALA A 515 0.43 57.21 7.55
C ALA A 515 1.54 56.26 7.06
N ALA A 516 1.17 55.07 6.56
CA ALA A 516 2.13 54.07 6.04
C ALA A 516 2.71 54.59 4.73
N ARG A 517 1.84 55.09 3.86
CA ARG A 517 2.22 55.72 2.57
C ARG A 517 3.22 56.85 2.83
N ASP A 518 2.96 57.74 3.80
CA ASP A 518 3.89 58.85 4.13
C ASP A 518 5.19 58.23 4.66
N ALA A 519 5.09 57.23 5.53
CA ALA A 519 6.27 56.60 6.16
C ALA A 519 7.15 55.99 5.04
N ALA A 520 6.54 55.31 4.08
CA ALA A 520 7.24 54.68 2.94
C ALA A 520 8.02 55.74 2.17
N LEU A 521 7.34 56.86 1.87
CA LEU A 521 7.88 58.04 1.15
C LEU A 521 9.10 58.60 1.87
N ASP A 522 9.08 58.70 3.21
CA ASP A 522 10.11 59.40 4.01
C ASP A 522 11.33 58.51 4.28
N THR A 523 11.13 57.19 4.46
CA THR A 523 12.20 56.24 4.84
C THR A 523 12.68 55.44 3.62
N GLY A 524 11.87 55.40 2.55
CA GLY A 524 12.07 54.52 1.39
C GLY A 524 11.73 53.06 1.68
N VAL A 525 11.20 52.75 2.87
CA VAL A 525 10.84 51.36 3.30
C VAL A 525 9.32 51.18 3.25
N GLU A 526 8.86 50.25 2.40
CA GLU A 526 7.46 49.78 2.31
C GLU A 526 6.98 49.37 3.71
N VAL A 527 5.79 49.84 4.06
CA VAL A 527 5.02 49.31 5.21
C VAL A 527 3.69 48.81 4.64
N ALA A 528 3.57 47.50 4.49
CA ALA A 528 2.32 46.86 4.01
C ALA A 528 1.30 46.99 5.15
N VAL A 529 0.15 47.58 4.86
CA VAL A 529 -0.99 47.65 5.81
C VAL A 529 -1.84 46.42 5.57
N LEU A 530 -2.12 45.65 6.61
CA LEU A 530 -2.97 44.45 6.48
C LEU A 530 -4.12 44.55 7.47
N PRO A 531 -5.34 44.91 7.02
CA PRO A 531 -6.49 44.93 7.91
C PRO A 531 -7.05 43.52 8.14
N ILE A 532 -7.30 43.21 9.41
CA ILE A 532 -7.90 41.94 9.89
C ILE A 532 -9.31 42.21 10.42
N GLY A 533 -10.30 41.48 9.94
CA GLY A 533 -11.71 41.66 10.32
C GLY A 533 -12.30 42.90 9.65
N ALA A 534 -11.71 43.35 8.53
CA ALA A 534 -12.05 44.62 7.83
C ALA A 534 -11.37 44.70 6.46
N GLY A 535 -11.92 45.54 5.57
CA GLY A 535 -11.34 45.87 4.25
C GLY A 535 -11.26 44.68 3.28
N GLY A 536 -12.01 43.59 3.54
CA GLY A 536 -11.97 42.36 2.70
C GLY A 536 -10.71 41.53 2.95
N GLY A 537 -9.95 41.85 3.99
CA GLY A 537 -8.68 41.18 4.33
C GLY A 537 -8.91 39.86 5.08
N PRO A 538 -7.85 39.25 5.65
CA PRO A 538 -8.04 38.02 6.38
C PRO A 538 -9.06 38.17 7.52
N ARG A 539 -9.77 37.09 7.85
CA ARG A 539 -10.68 37.05 9.01
C ARG A 539 -9.99 36.39 10.20
N ASP A 540 -10.52 36.66 11.38
CA ASP A 540 -10.09 36.18 12.71
C ASP A 540 -11.20 35.26 13.23
N PRO A 541 -11.34 33.99 12.76
CA PRO A 541 -12.60 33.26 12.90
C PRO A 541 -13.05 33.00 14.34
N TYR A 542 -12.10 32.88 15.26
CA TYR A 542 -12.37 32.52 16.67
C TYR A 542 -12.42 33.82 17.47
N GLY A 543 -11.90 34.93 16.94
CA GLY A 543 -11.77 36.18 17.70
C GLY A 543 -10.52 36.19 18.55
N THR A 544 -9.65 35.18 18.43
CA THR A 544 -8.37 35.09 19.18
C THR A 544 -7.48 36.31 18.90
N TRP A 545 -7.30 36.70 17.65
CA TRP A 545 -6.41 37.87 17.35
C TRP A 545 -6.91 39.09 18.13
N ALA A 546 -8.21 39.40 18.03
CA ALA A 546 -8.85 40.54 18.75
C ALA A 546 -8.51 40.46 20.24
N GLU A 547 -8.45 39.27 20.83
CA GLU A 547 -8.09 39.12 22.27
C GLU A 547 -6.58 39.30 22.48
N LEU A 548 -5.72 38.97 21.51
CA LEU A 548 -4.25 38.94 21.77
C LEU A 548 -3.62 40.29 21.43
N ARG A 549 -4.22 41.08 20.55
CA ARG A 549 -3.44 42.20 19.93
C ARG A 549 -3.16 43.32 20.94
N GLU A 550 -3.89 43.41 22.08
CA GLU A 550 -3.68 44.40 23.18
C GLU A 550 -3.67 45.83 22.62
N VAL A 551 -4.54 46.10 21.64
CA VAL A 551 -4.80 47.45 21.07
C VAL A 551 -6.26 47.37 20.69
N GLU A 552 -6.90 48.49 20.35
CA GLU A 552 -8.34 48.55 20.02
C GLU A 552 -8.48 48.27 18.52
N GLU A 553 -9.71 48.05 18.07
CA GLU A 553 -10.00 47.72 16.66
C GLU A 553 -9.21 48.67 15.76
N SER A 554 -9.06 49.94 16.17
CA SER A 554 -8.61 51.02 15.25
C SER A 554 -7.11 51.28 15.45
N GLY A 555 -6.45 50.55 16.35
CA GLY A 555 -5.01 50.72 16.63
C GLY A 555 -4.18 49.91 15.62
N ALA A 556 -2.92 49.70 15.92
CA ALA A 556 -2.05 49.07 14.93
C ALA A 556 -0.95 48.31 15.66
N VAL A 557 -0.47 47.23 15.02
CA VAL A 557 0.74 46.49 15.45
C VAL A 557 1.69 46.43 14.23
N LEU A 558 2.88 46.98 14.41
CA LEU A 558 3.93 47.09 13.36
C LEU A 558 4.89 45.90 13.52
N VAL A 559 4.94 45.03 12.52
CA VAL A 559 5.72 43.76 12.65
C VAL A 559 6.92 43.86 11.70
N ARG A 560 8.08 43.53 12.24
CA ARG A 560 9.38 43.45 11.52
C ARG A 560 9.45 42.23 10.60
N PRO A 561 10.43 42.22 9.67
CA PRO A 561 10.66 41.08 8.79
C PRO A 561 10.86 39.75 9.53
N ASP A 562 11.37 39.80 10.78
CA ASP A 562 11.66 38.62 11.60
C ASP A 562 10.47 38.28 12.53
N GLY A 563 9.32 38.92 12.37
CA GLY A 563 8.10 38.57 13.12
C GLY A 563 8.10 39.09 14.56
N HIS A 564 9.10 39.85 15.00
CA HIS A 564 9.04 40.57 16.31
C HIS A 564 8.29 41.89 16.15
N VAL A 565 7.69 42.42 17.23
CA VAL A 565 6.86 43.66 17.13
C VAL A 565 7.80 44.86 17.24
N ALA A 566 7.76 45.76 16.27
CA ALA A 566 8.61 46.98 16.34
C ALA A 566 7.91 48.06 17.18
N TRP A 567 6.59 48.17 17.02
CA TRP A 567 5.79 49.22 17.69
C TRP A 567 4.33 48.80 17.71
N ARG A 568 3.54 49.41 18.59
CA ARG A 568 2.06 49.30 18.49
C ARG A 568 1.41 50.59 18.98
N ALA A 569 0.16 50.81 18.58
CA ALA A 569 -0.62 52.02 18.95
C ALA A 569 -2.03 51.58 19.30
N ARG A 570 -2.60 52.20 20.33
CA ARG A 570 -3.88 51.81 20.96
C ARG A 570 -5.01 52.01 19.95
N ASP A 571 -4.92 53.09 19.16
CA ASP A 571 -6.06 53.60 18.37
C ASP A 571 -5.51 54.42 17.20
N HIS A 572 -6.40 54.81 16.29
CA HIS A 572 -6.08 55.51 15.03
C HIS A 572 -5.53 56.92 15.28
N GLY A 573 -5.72 57.48 16.47
CA GLY A 573 -5.20 58.83 16.82
C GLY A 573 -3.68 58.89 16.72
N HIS A 574 -2.99 57.75 16.83
CA HIS A 574 -1.51 57.70 16.76
C HIS A 574 -1.00 57.51 15.33
N ALA A 575 -1.88 57.45 14.32
CA ALA A 575 -1.47 57.22 12.91
C ALA A 575 -0.35 58.20 12.51
N LYS A 576 -0.54 59.49 12.81
CA LYS A 576 0.42 60.57 12.44
C LYS A 576 1.82 60.22 12.96
N GLU A 577 1.95 59.45 14.05
CA GLU A 577 3.28 59.09 14.63
C GLU A 577 4.10 58.12 13.73
N LEU A 578 3.51 57.48 12.72
CA LEU A 578 4.15 56.29 12.07
C LEU A 578 5.45 56.67 11.35
N PRO A 579 5.48 57.74 10.50
CA PRO A 579 6.72 58.12 9.79
C PRO A 579 7.94 58.30 10.69
N GLU A 580 7.79 59.07 11.76
CA GLU A 580 8.84 59.25 12.80
C GLU A 580 9.20 57.88 13.40
N VAL A 581 8.20 57.01 13.65
CA VAL A 581 8.47 55.70 14.32
C VAL A 581 9.36 54.83 13.41
N MET A 582 8.95 54.67 12.15
CA MET A 582 9.71 53.89 11.12
C MET A 582 11.13 54.45 11.09
N ALA A 583 11.30 55.78 10.99
CA ALA A 583 12.63 56.45 10.92
C ALA A 583 13.47 56.00 12.12
N ARG A 584 12.87 55.91 13.32
CA ARG A 584 13.57 55.48 14.57
C ARG A 584 13.81 53.96 14.62
N VAL A 585 12.86 53.14 14.18
CA VAL A 585 13.10 51.66 14.10
C VAL A 585 14.33 51.40 13.21
N LEU A 586 14.36 52.00 12.03
CA LEU A 586 15.48 51.83 11.07
C LEU A 586 16.75 52.57 11.52
N HIS A 587 16.72 53.33 12.64
CA HIS A 587 17.83 54.22 13.10
C HIS A 587 18.39 55.05 11.93
N GLN A 588 17.54 55.60 11.06
CA GLN A 588 17.94 56.48 9.92
C GLN A 588 18.42 57.83 10.48
N PRO A 589 19.59 58.35 10.08
CA PRO A 589 20.12 59.57 10.69
C PRO A 589 19.25 60.79 10.33
N ALA B 11 -48.30 -21.99 34.16
CA ALA B 11 -46.90 -22.32 33.76
C ALA B 11 -46.47 -21.46 32.57
N PRO B 12 -45.37 -20.68 32.68
CA PRO B 12 -44.92 -19.83 31.56
C PRO B 12 -44.20 -20.66 30.49
N ASP B 13 -44.27 -20.22 29.22
CA ASP B 13 -43.48 -20.78 28.10
C ASP B 13 -41.96 -20.72 28.39
N ILE B 14 -41.44 -19.56 28.81
CA ILE B 14 -39.99 -19.27 29.01
C ILE B 14 -39.75 -18.75 30.42
N ARG B 15 -38.81 -19.33 31.17
CA ARG B 15 -38.30 -18.82 32.46
C ARG B 15 -36.86 -18.31 32.22
N VAL B 16 -36.58 -17.05 32.59
CA VAL B 16 -35.29 -16.38 32.31
C VAL B 16 -35.02 -15.32 33.37
N PRO B 17 -33.76 -15.15 33.88
CA PRO B 17 -33.49 -14.18 34.92
C PRO B 17 -34.02 -12.78 34.59
N VAL B 18 -33.71 -12.28 33.38
CA VAL B 18 -34.02 -10.90 32.95
C VAL B 18 -34.57 -10.97 31.54
N LEU B 19 -35.69 -10.29 31.35
CA LEU B 19 -36.22 -9.96 30.01
C LEU B 19 -35.90 -8.50 29.80
N ILE B 20 -35.26 -8.24 28.69
CA ILE B 20 -35.05 -6.88 28.16
C ILE B 20 -36.07 -6.67 27.06
N VAL B 21 -36.77 -5.55 27.13
CA VAL B 21 -37.75 -5.18 26.08
C VAL B 21 -37.18 -4.00 25.33
N GLY B 22 -36.78 -4.20 24.07
CA GLY B 22 -36.20 -3.14 23.25
C GLY B 22 -34.72 -3.39 22.95
N GLY B 23 -34.36 -3.26 21.68
CA GLY B 23 -33.04 -3.61 21.13
C GLY B 23 -32.38 -2.41 20.46
N GLY B 24 -32.63 -1.21 20.98
CA GLY B 24 -31.82 -0.02 20.60
C GLY B 24 -30.55 0.00 21.45
N PRO B 25 -29.81 1.13 21.44
CA PRO B 25 -28.59 1.29 22.23
C PRO B 25 -28.75 0.93 23.70
N ALA B 26 -29.84 1.40 24.33
CA ALA B 26 -30.05 1.13 25.76
C ALA B 26 -30.17 -0.39 25.97
N GLY B 27 -31.04 -1.05 25.24
CA GLY B 27 -31.30 -2.49 25.49
C GLY B 27 -30.11 -3.35 25.08
N LEU B 28 -29.45 -2.98 23.99
CA LEU B 28 -28.26 -3.77 23.51
C LEU B 28 -27.12 -3.58 24.50
N THR B 29 -26.97 -2.39 25.09
CA THR B 29 -25.94 -2.18 26.13
C THR B 29 -26.21 -3.09 27.32
N ALA B 30 -27.46 -3.19 27.73
CA ALA B 30 -27.87 -4.05 28.86
C ALA B 30 -27.58 -5.52 28.54
N ALA B 31 -27.93 -6.01 27.36
CA ALA B 31 -27.62 -7.41 26.96
C ALA B 31 -26.09 -7.62 26.95
N LEU B 32 -25.28 -6.64 26.49
CA LEU B 32 -23.78 -6.80 26.48
C LEU B 32 -23.27 -6.86 27.91
N ALA B 33 -23.71 -5.95 28.79
CA ALA B 33 -23.26 -5.92 30.18
C ALA B 33 -23.64 -7.25 30.86
N LEU B 34 -24.91 -7.66 30.79
CA LEU B 34 -25.41 -8.96 31.33
C LEU B 34 -24.60 -10.13 30.73
N SER B 35 -24.25 -10.09 29.44
CA SER B 35 -23.39 -11.14 28.79
C SER B 35 -22.04 -11.21 29.50
N ARG B 36 -21.35 -10.08 29.64
CA ARG B 36 -20.03 -9.98 30.31
C ARG B 36 -20.20 -10.48 31.73
N TYR B 37 -21.31 -10.24 32.38
CA TYR B 37 -21.48 -10.68 33.78
C TYR B 37 -22.00 -12.13 33.87
N GLY B 38 -22.17 -12.84 32.76
CA GLY B 38 -22.58 -14.28 32.78
C GLY B 38 -24.06 -14.48 33.16
N VAL B 39 -24.89 -13.44 33.04
CA VAL B 39 -26.33 -13.50 33.47
C VAL B 39 -27.17 -13.89 32.27
N PRO B 40 -27.77 -15.11 32.21
CA PRO B 40 -28.67 -15.45 31.12
C PRO B 40 -29.81 -14.43 31.02
N HIS B 41 -30.23 -14.14 29.81
CA HIS B 41 -31.27 -13.12 29.56
C HIS B 41 -31.85 -13.33 28.18
N LEU B 42 -32.99 -12.66 27.95
CA LEU B 42 -33.75 -12.67 26.68
C LEU B 42 -34.11 -11.24 26.34
N LEU B 43 -33.84 -10.85 25.12
CA LEU B 43 -34.12 -9.50 24.64
C LEU B 43 -35.08 -9.64 23.47
N VAL B 44 -36.16 -8.86 23.47
CA VAL B 44 -37.11 -8.87 22.33
C VAL B 44 -37.10 -7.47 21.79
N ASN B 45 -37.10 -7.37 20.48
CA ASN B 45 -37.14 -6.09 19.75
C ASN B 45 -38.18 -6.23 18.63
N ARG B 46 -39.11 -5.30 18.57
CA ARG B 46 -40.30 -5.42 17.69
C ARG B 46 -39.83 -5.36 16.24
N HIS B 47 -38.88 -4.49 15.88
CA HIS B 47 -38.35 -4.37 14.50
C HIS B 47 -37.49 -5.58 14.15
N HIS B 48 -37.58 -5.98 12.88
CA HIS B 48 -36.86 -7.16 12.32
C HIS B 48 -35.37 -6.83 12.18
N GLY B 49 -35.04 -5.56 11.97
CA GLY B 49 -33.63 -5.10 11.82
C GLY B 49 -33.20 -4.10 12.91
N THR B 50 -31.90 -3.85 13.00
CA THR B 50 -31.29 -2.72 13.75
C THR B 50 -31.67 -1.43 13.03
N ALA B 51 -31.24 -0.29 13.56
CA ALA B 51 -31.55 1.06 13.06
C ALA B 51 -31.18 1.14 11.58
N HIS B 52 -32.02 1.73 10.73
CA HIS B 52 -31.69 1.80 9.30
C HIS B 52 -31.22 3.20 8.90
N THR B 53 -31.23 4.18 9.81
CA THR B 53 -30.69 5.55 9.52
C THR B 53 -29.79 5.97 10.68
N PRO B 54 -28.89 6.98 10.49
CA PRO B 54 -27.93 7.40 11.51
C PRO B 54 -28.46 7.71 12.92
N ARG B 55 -29.52 8.53 13.01
CA ARG B 55 -30.11 8.95 14.29
C ARG B 55 -28.98 9.56 15.15
N ALA B 56 -28.78 9.13 16.40
CA ALA B 56 -27.74 9.66 17.33
C ALA B 56 -26.35 9.14 16.92
N HIS B 57 -25.32 9.97 17.10
CA HIS B 57 -23.97 9.74 16.50
C HIS B 57 -22.84 10.17 17.43
N LEU B 58 -23.05 11.17 18.29
CA LEU B 58 -21.92 11.70 19.08
C LEU B 58 -21.70 10.81 20.29
N LEU B 59 -20.51 10.22 20.41
CA LEU B 59 -20.15 9.37 21.57
C LEU B 59 -19.18 10.17 22.43
N ASN B 60 -19.54 10.42 23.67
CA ASN B 60 -18.70 11.28 24.56
C ASN B 60 -17.68 10.42 25.29
N GLN B 61 -16.87 11.02 26.13
CA GLN B 61 -15.76 10.27 26.76
C GLN B 61 -16.31 9.22 27.72
N ARG B 62 -17.42 9.51 28.40
CA ARG B 62 -17.93 8.54 29.40
C ARG B 62 -18.41 7.27 28.68
N THR B 63 -19.09 7.40 27.56
CA THR B 63 -19.52 6.24 26.75
C THR B 63 -18.27 5.46 26.29
N GLY B 64 -17.23 6.17 25.87
CA GLY B 64 -15.94 5.56 25.51
C GLY B 64 -15.44 4.72 26.65
N GLU B 65 -15.54 5.21 27.91
CA GLU B 65 -15.01 4.45 29.06
C GLU B 65 -15.84 3.19 29.23
N ILE B 66 -17.15 3.30 29.06
CA ILE B 66 -18.07 2.15 29.32
C ILE B 66 -17.78 1.06 28.27
N PHE B 67 -17.58 1.49 27.03
CA PHE B 67 -17.24 0.60 25.89
C PHE B 67 -15.87 -0.06 26.09
N ARG B 68 -14.93 0.62 26.78
CA ARG B 68 -13.65 -0.01 27.21
C ARG B 68 -13.98 -1.06 28.25
N ASP B 69 -14.85 -0.78 29.24
CA ASP B 69 -15.22 -1.80 30.26
C ASP B 69 -15.85 -3.02 29.57
N LEU B 70 -16.74 -2.79 28.61
CA LEU B 70 -17.51 -3.87 27.96
C LEU B 70 -16.72 -4.54 26.81
N GLY B 71 -15.50 -4.10 26.54
CA GLY B 71 -14.56 -4.79 25.63
C GLY B 71 -14.89 -4.52 24.17
N ILE B 72 -15.48 -3.40 23.80
CA ILE B 72 -15.79 -3.15 22.37
C ILE B 72 -15.26 -1.80 21.89
N ALA B 73 -14.43 -1.12 22.66
CA ALA B 73 -14.02 0.27 22.29
C ALA B 73 -13.13 0.24 21.03
N ASP B 74 -12.27 -0.79 20.89
CA ASP B 74 -11.40 -0.88 19.66
C ASP B 74 -12.26 -1.08 18.40
N ARG B 75 -13.28 -1.94 18.43
CA ARG B 75 -14.25 -2.11 17.30
C ARG B 75 -14.94 -0.78 17.02
N VAL B 76 -15.40 -0.09 18.04
CA VAL B 76 -16.11 1.21 17.80
C VAL B 76 -15.14 2.22 17.18
N GLU B 77 -13.94 2.33 17.72
CA GLU B 77 -12.94 3.32 17.23
C GLU B 77 -12.59 3.04 15.75
N ALA B 78 -12.49 1.77 15.32
CA ALA B 78 -12.10 1.43 13.95
C ALA B 78 -13.07 2.06 12.96
N HIS B 79 -14.34 2.27 13.33
CA HIS B 79 -15.43 2.72 12.42
C HIS B 79 -15.75 4.20 12.63
N ALA B 80 -15.45 4.80 13.77
CA ALA B 80 -15.95 6.13 14.18
C ALA B 80 -15.09 7.23 13.56
N THR B 81 -15.65 8.41 13.37
CA THR B 81 -14.87 9.63 13.05
C THR B 81 -14.09 10.01 14.30
N PRO B 82 -12.75 10.20 14.21
CA PRO B 82 -11.97 10.65 15.35
C PRO B 82 -12.22 12.11 15.77
N GLY B 83 -11.97 12.39 17.05
CA GLY B 83 -12.18 13.69 17.73
C GLY B 83 -11.60 14.86 16.96
N HIS B 84 -10.42 14.72 16.33
CA HIS B 84 -9.75 15.88 15.69
C HIS B 84 -10.51 16.33 14.45
N LEU B 85 -11.36 15.49 13.86
CA LEU B 85 -12.13 15.91 12.66
C LEU B 85 -13.48 16.56 13.07
N MET B 86 -13.73 16.64 14.38
CA MET B 86 -14.93 17.35 14.95
C MET B 86 -14.44 18.56 15.74
N ALA B 87 -13.46 19.29 15.21
CA ALA B 87 -12.64 20.27 15.96
C ALA B 87 -13.41 21.58 16.19
N ASN B 88 -14.34 21.93 15.32
CA ASN B 88 -15.01 23.25 15.43
C ASN B 88 -16.52 23.02 15.47
N HIS B 89 -17.23 24.04 15.95
CA HIS B 89 -18.68 24.26 15.72
C HIS B 89 -18.83 25.57 14.93
N VAL B 90 -19.44 25.49 13.76
CA VAL B 90 -19.42 26.57 12.75
C VAL B 90 -20.83 27.13 12.56
N PHE B 91 -20.95 28.45 12.61
CA PHE B 91 -22.14 29.19 12.18
C PHE B 91 -21.81 29.90 10.87
N MET B 92 -22.67 29.76 9.88
CA MET B 92 -22.36 30.30 8.54
C MET B 92 -23.65 30.80 7.87
N SER B 93 -23.50 31.41 6.70
CA SER B 93 -24.60 31.74 5.76
C SER B 93 -24.93 30.46 4.98
N THR B 94 -24.58 30.40 3.69
CA THR B 94 -24.58 29.13 2.95
C THR B 94 -23.25 28.42 3.27
N PHE B 95 -23.11 27.18 2.86
CA PHE B 95 -21.88 26.37 3.05
C PHE B 95 -20.76 27.00 2.20
N ALA B 96 -21.10 27.49 1.01
CA ALA B 96 -20.20 28.13 0.02
C ALA B 96 -20.04 29.62 0.30
N GLY B 97 -20.84 30.20 1.17
CA GLY B 97 -20.84 31.66 1.39
C GLY B 97 -19.99 32.04 2.59
N PRO B 98 -20.05 33.31 3.02
CA PRO B 98 -19.30 33.73 4.19
C PRO B 98 -19.79 33.06 5.47
N GLU B 99 -18.85 32.93 6.40
CA GLU B 99 -19.01 32.28 7.71
C GLU B 99 -19.49 33.39 8.61
N VAL B 100 -20.07 33.03 9.76
CA VAL B 100 -20.58 34.00 10.76
C VAL B 100 -19.76 33.88 12.04
N ALA B 101 -19.57 32.68 12.59
CA ALA B 101 -18.86 32.48 13.87
C ALA B 101 -18.30 31.05 13.95
N ARG B 102 -17.43 30.82 14.91
CA ARG B 102 -16.73 29.53 15.07
C ARG B 102 -16.25 29.47 16.49
N ILE B 103 -16.43 28.31 17.12
CA ILE B 103 -15.76 27.99 18.41
C ILE B 103 -15.12 26.61 18.25
N GLY B 104 -14.13 26.33 19.10
CA GLY B 104 -13.60 24.97 19.28
C GLY B 104 -14.68 24.11 19.91
N ALA B 105 -14.72 22.84 19.51
CA ALA B 105 -15.71 21.84 19.94
C ALA B 105 -15.02 20.60 20.49
N TYR B 106 -15.75 19.96 21.40
CA TYR B 106 -15.45 18.62 21.93
C TYR B 106 -14.01 18.62 22.47
N GLY B 107 -13.60 19.68 23.14
CA GLY B 107 -12.29 19.73 23.80
C GLY B 107 -11.13 19.86 22.81
N ASN B 108 -11.36 20.31 21.58
CA ASN B 108 -10.28 20.48 20.58
C ASN B 108 -9.61 21.85 20.69
N GLY B 109 -10.30 22.86 21.23
CA GLY B 109 -9.71 24.20 21.39
C GLY B 109 -8.55 24.16 22.38
N PRO B 110 -7.45 24.91 22.17
CA PRO B 110 -6.33 24.96 23.12
C PRO B 110 -6.69 25.25 24.58
N ASP B 111 -7.76 25.99 24.81
CA ASP B 111 -8.10 26.31 26.22
C ASP B 111 -8.81 25.11 26.89
N ARG B 112 -9.33 24.11 26.16
CA ARG B 112 -10.05 22.96 26.76
C ARG B 112 -9.29 21.64 26.56
N ILE B 113 -8.36 21.55 25.59
CA ILE B 113 -7.71 20.26 25.18
C ILE B 113 -7.00 19.60 26.36
N GLY B 114 -6.27 20.35 27.17
CA GLY B 114 -5.57 19.84 28.36
C GLY B 114 -6.54 19.17 29.32
N GLU B 115 -7.67 19.84 29.63
CA GLU B 115 -8.68 19.31 30.59
C GLU B 115 -9.27 18.03 29.99
N TYR B 116 -9.56 18.00 28.68
CA TYR B 116 -10.23 16.84 28.04
C TYR B 116 -9.26 15.65 28.03
N ARG B 117 -7.96 15.89 27.82
CA ARG B 117 -6.95 14.79 27.84
C ARG B 117 -6.74 14.27 29.25
N ALA B 118 -6.69 15.11 30.28
CA ALA B 118 -6.46 14.63 31.66
C ALA B 118 -7.66 13.86 32.23
N ALA B 119 -8.86 14.07 31.67
CA ALA B 119 -10.14 13.70 32.34
C ALA B 119 -10.51 12.25 32.06
N SER B 120 -10.04 11.69 30.95
CA SER B 120 -10.50 10.34 30.49
C SER B 120 -9.41 9.63 29.69
N PRO B 121 -9.35 8.29 29.71
CA PRO B 121 -8.53 7.53 28.78
C PRO B 121 -9.13 7.56 27.39
N SER B 122 -10.39 7.99 27.28
CA SER B 122 -11.10 7.94 26.00
C SER B 122 -11.24 9.34 25.37
N GLY B 123 -11.26 9.38 24.04
CA GLY B 123 -11.70 10.57 23.30
C GLY B 123 -13.20 10.54 23.05
N LEU B 124 -13.70 11.63 22.49
CA LEU B 124 -15.01 11.74 21.80
C LEU B 124 -14.83 11.20 20.39
N CYS B 125 -15.85 10.51 19.87
CA CYS B 125 -15.87 10.11 18.44
C CYS B 125 -17.31 10.16 17.91
N ASN B 126 -17.45 10.01 16.61
CA ASN B 126 -18.77 10.04 15.93
C ASN B 126 -19.03 8.71 15.25
N LEU B 127 -20.00 7.95 15.73
CA LEU B 127 -20.44 6.70 15.09
C LEU B 127 -21.96 6.61 15.12
N PRO B 128 -22.61 6.74 13.95
CA PRO B 128 -24.07 6.65 13.86
C PRO B 128 -24.67 5.29 14.24
N GLN B 129 -25.93 5.27 14.66
CA GLN B 129 -26.60 4.09 15.26
C GLN B 129 -26.70 2.94 14.27
N HIS B 130 -26.78 3.19 12.97
CA HIS B 130 -26.95 2.10 11.98
C HIS B 130 -25.62 1.34 11.91
N LEU B 131 -24.54 1.91 12.44
CA LEU B 131 -23.22 1.21 12.50
C LEU B 131 -22.96 0.68 13.92
N LEU B 132 -23.34 1.44 14.94
CA LEU B 132 -23.09 1.05 16.33
C LEU B 132 -23.97 -0.15 16.73
N GLU B 133 -25.23 -0.16 16.33
CA GLU B 133 -26.15 -1.24 16.79
C GLU B 133 -25.64 -2.62 16.35
N PRO B 134 -25.25 -2.82 15.07
CA PRO B 134 -24.65 -4.10 14.67
C PRO B 134 -23.41 -4.51 15.45
N LEU B 135 -22.56 -3.55 15.88
CA LEU B 135 -21.37 -3.93 16.70
C LEU B 135 -21.85 -4.52 18.02
N LEU B 136 -22.82 -3.90 18.69
CA LEU B 136 -23.32 -4.43 19.98
C LEU B 136 -23.94 -5.82 19.73
N VAL B 137 -24.73 -5.99 18.68
CA VAL B 137 -25.41 -7.29 18.38
C VAL B 137 -24.34 -8.38 18.22
N GLU B 138 -23.33 -8.11 17.39
CA GLU B 138 -22.21 -9.05 17.14
C GLU B 138 -21.54 -9.40 18.47
N ALA B 139 -21.24 -8.42 19.32
CA ALA B 139 -20.59 -8.73 20.61
C ALA B 139 -21.53 -9.61 21.46
N VAL B 140 -22.83 -9.33 21.45
CA VAL B 140 -23.78 -10.17 22.25
C VAL B 140 -23.83 -11.59 21.66
N GLN B 141 -23.93 -11.74 20.36
CA GLN B 141 -24.00 -13.09 19.72
C GLN B 141 -22.72 -13.89 19.99
N GLU B 142 -21.58 -13.22 19.98
CA GLU B 142 -20.27 -13.88 20.23
C GLU B 142 -20.22 -14.42 21.66
N ALA B 143 -20.76 -13.69 22.62
CA ALA B 143 -20.72 -14.10 24.03
C ALA B 143 -21.62 -15.32 24.25
N CYS B 144 -22.76 -15.37 23.57
CA CYS B 144 -23.71 -16.51 23.62
C CYS B 144 -24.09 -16.81 25.07
N VAL B 145 -24.49 -15.78 25.81
CA VAL B 145 -24.93 -15.87 27.24
C VAL B 145 -26.43 -15.60 27.28
N GLY B 146 -26.85 -14.64 26.48
CA GLY B 146 -28.27 -14.31 26.34
C GLY B 146 -28.72 -14.46 24.90
N GLN B 147 -29.99 -14.20 24.65
CA GLN B 147 -30.59 -14.53 23.33
C GLN B 147 -31.29 -13.28 22.84
N LEU B 148 -31.07 -12.94 21.58
CA LEU B 148 -31.71 -11.79 20.91
C LEU B 148 -32.84 -12.35 20.05
N ARG B 149 -34.02 -11.76 20.13
CA ARG B 149 -35.16 -12.08 19.23
C ARG B 149 -35.69 -10.80 18.61
N PHE B 150 -35.28 -10.50 17.39
CA PHE B 150 -35.84 -9.39 16.58
C PHE B 150 -37.13 -9.86 15.89
N GLY B 151 -38.04 -8.95 15.60
CA GLY B 151 -39.40 -9.27 15.13
C GLY B 151 -40.33 -9.78 16.22
N HIS B 152 -40.01 -9.59 17.52
CA HIS B 152 -40.85 -10.06 18.65
C HIS B 152 -41.27 -8.84 19.46
N GLU B 153 -42.56 -8.74 19.75
CA GLU B 153 -43.16 -7.51 20.33
C GLU B 153 -43.75 -7.82 21.69
N PHE B 154 -43.26 -7.11 22.70
CA PHE B 154 -43.83 -7.06 24.07
C PHE B 154 -45.27 -6.50 23.98
N VAL B 155 -46.27 -7.21 24.52
CA VAL B 155 -47.69 -6.73 24.56
C VAL B 155 -48.02 -6.17 25.97
N SER B 156 -47.79 -6.92 27.04
CA SER B 156 -48.12 -6.46 28.41
C SER B 156 -47.33 -7.26 29.43
N LEU B 157 -47.34 -6.76 30.67
CA LEU B 157 -46.78 -7.48 31.85
C LEU B 157 -47.75 -7.41 33.04
N GLU B 158 -47.54 -8.30 33.98
CA GLU B 158 -48.06 -8.22 35.35
C GLU B 158 -46.89 -8.62 36.23
N GLN B 159 -46.83 -8.07 37.42
CA GLN B 159 -45.73 -8.47 38.33
C GLN B 159 -46.34 -8.73 39.69
N ASP B 160 -45.62 -9.48 40.48
CA ASP B 160 -45.95 -9.82 41.88
C ASP B 160 -44.65 -9.74 42.67
N GLU B 161 -44.74 -10.12 43.94
CA GLU B 161 -43.63 -10.29 44.90
C GLU B 161 -42.43 -11.04 44.28
N HIS B 162 -42.63 -11.99 43.38
CA HIS B 162 -41.55 -12.97 43.07
C HIS B 162 -41.04 -12.83 41.64
N GLY B 163 -41.73 -12.13 40.75
CA GLY B 163 -41.24 -12.01 39.37
C GLY B 163 -42.19 -11.19 38.55
N VAL B 164 -42.01 -11.26 37.23
CA VAL B 164 -42.72 -10.48 36.19
C VAL B 164 -43.14 -11.47 35.11
N THR B 165 -44.37 -11.36 34.63
CA THR B 165 -44.92 -12.24 33.58
C THR B 165 -45.29 -11.32 32.43
N SER B 166 -44.66 -11.57 31.28
CA SER B 166 -44.81 -10.70 30.10
C SER B 166 -45.46 -11.55 29.04
N ARG B 167 -46.27 -10.93 28.19
CA ARG B 167 -46.88 -11.59 27.02
C ARG B 167 -46.22 -11.04 25.76
N ILE B 168 -45.66 -11.93 24.95
CA ILE B 168 -44.87 -11.59 23.73
C ILE B 168 -45.61 -12.16 22.51
N THR B 169 -45.50 -11.46 21.40
CA THR B 169 -45.98 -11.90 20.08
C THR B 169 -44.84 -11.97 19.04
N ASP B 170 -44.71 -13.12 18.38
CA ASP B 170 -43.84 -13.29 17.19
C ASP B 170 -44.61 -12.67 16.02
N ARG B 171 -44.17 -11.50 15.55
CA ARG B 171 -44.90 -10.70 14.54
C ARG B 171 -45.01 -11.41 13.19
N ARG B 172 -44.08 -12.31 12.83
CA ARG B 172 -44.19 -13.01 11.51
C ARG B 172 -45.24 -14.13 11.60
N THR B 173 -45.35 -14.82 12.74
CA THR B 173 -46.24 -15.99 12.91
C THR B 173 -47.56 -15.62 13.62
N GLY B 174 -47.62 -14.50 14.36
CA GLY B 174 -48.74 -14.21 15.27
C GLY B 174 -48.82 -15.16 16.47
N ARG B 175 -47.85 -16.07 16.66
CA ARG B 175 -47.73 -16.92 17.87
C ARG B 175 -47.53 -16.05 19.12
N ASP B 176 -48.29 -16.29 20.19
CA ASP B 176 -48.14 -15.57 21.47
C ASP B 176 -47.47 -16.51 22.45
N TYR B 177 -46.72 -15.95 23.40
CA TYR B 177 -46.10 -16.73 24.48
C TYR B 177 -45.79 -15.83 25.66
N THR B 178 -45.50 -16.50 26.76
CA THR B 178 -45.27 -15.86 28.06
C THR B 178 -43.82 -16.09 28.50
N VAL B 179 -43.26 -15.04 29.07
CA VAL B 179 -41.91 -15.06 29.68
C VAL B 179 -42.07 -14.74 31.16
N ARG B 180 -41.54 -15.62 31.99
CA ARG B 180 -41.46 -15.36 33.45
C ARG B 180 -40.00 -15.04 33.74
N SER B 181 -39.74 -13.81 34.17
CA SER B 181 -38.39 -13.29 34.54
C SER B 181 -38.40 -12.80 35.98
N ASP B 182 -37.26 -12.86 36.65
CA ASP B 182 -37.08 -12.18 37.96
C ASP B 182 -37.22 -10.66 37.78
N TYR B 183 -36.66 -10.10 36.71
CA TYR B 183 -36.70 -8.64 36.46
C TYR B 183 -36.96 -8.41 34.99
N LEU B 184 -37.38 -7.19 34.70
CA LEU B 184 -37.65 -6.72 33.34
C LEU B 184 -36.99 -5.37 33.16
N ILE B 185 -36.29 -5.17 32.04
CA ILE B 185 -35.69 -3.86 31.67
C ILE B 185 -36.55 -3.31 30.55
N GLY B 186 -37.18 -2.15 30.75
CA GLY B 186 -37.86 -1.43 29.67
C GLY B 186 -36.88 -0.54 28.92
N ALA B 187 -36.52 -0.97 27.73
CA ALA B 187 -35.54 -0.29 26.85
C ALA B 187 -36.22 -0.02 25.52
N ASP B 188 -37.55 0.18 25.57
CA ASP B 188 -38.38 0.15 24.34
C ASP B 188 -38.55 1.54 23.74
N GLY B 189 -37.77 2.53 24.15
CA GLY B 189 -37.70 3.81 23.43
C GLY B 189 -38.84 4.77 23.79
N ALA B 190 -38.90 5.89 23.07
CA ALA B 190 -39.93 6.94 23.24
C ALA B 190 -41.32 6.31 23.14
N ARG B 191 -42.25 6.74 23.98
CA ARG B 191 -43.63 6.16 24.01
C ARG B 191 -43.52 4.75 24.56
N SER B 192 -42.66 4.56 25.55
CA SER B 192 -42.41 3.22 26.14
C SER B 192 -43.76 2.58 26.47
N ARG B 193 -44.05 1.44 25.86
CA ARG B 193 -45.21 0.61 26.27
C ARG B 193 -44.97 0.08 27.70
N VAL B 194 -43.73 -0.19 28.10
CA VAL B 194 -43.42 -0.81 29.42
C VAL B 194 -43.69 0.21 30.52
N LEU B 195 -43.27 1.46 30.32
CA LEU B 195 -43.40 2.54 31.32
C LEU B 195 -44.90 2.83 31.52
N ALA B 196 -45.69 2.89 30.43
CA ALA B 196 -47.15 3.11 30.45
C ALA B 196 -47.78 2.05 31.36
N GLN B 197 -47.54 0.78 31.05
CA GLN B 197 -48.14 -0.31 31.85
C GLN B 197 -47.73 -0.20 33.30
N LEU B 198 -46.69 0.58 33.64
CA LEU B 198 -46.32 0.75 35.07
C LEU B 198 -47.17 1.85 35.70
N GLY B 199 -47.86 2.65 34.90
CA GLY B 199 -48.73 3.74 35.34
C GLY B 199 -47.94 5.02 35.50
N ILE B 200 -46.74 5.08 34.93
CA ILE B 200 -45.80 6.23 35.08
C ILE B 200 -45.88 7.10 33.82
N ALA B 201 -46.25 8.36 34.00
CA ALA B 201 -46.37 9.33 32.89
C ALA B 201 -45.23 10.35 32.97
N LEU B 202 -44.64 10.68 31.83
CA LEU B 202 -43.55 11.68 31.68
C LEU B 202 -44.01 13.10 32.06
N ASP B 203 -43.09 13.91 32.62
CA ASP B 203 -43.25 15.37 32.90
C ASP B 203 -42.47 16.17 31.86
N GLY B 204 -43.14 17.12 31.20
CA GLY B 204 -42.59 17.91 30.07
C GLY B 204 -43.49 17.76 28.85
N ALA B 205 -43.25 18.54 27.80
CA ALA B 205 -44.15 18.68 26.63
C ALA B 205 -43.77 17.71 25.51
N THR B 206 -44.75 17.38 24.68
CA THR B 206 -44.66 16.59 23.42
C THR B 206 -44.65 17.58 22.25
N GLY B 207 -44.25 17.13 21.06
CA GLY B 207 -44.23 17.91 19.81
C GLY B 207 -43.86 19.37 20.03
N ILE B 208 -42.82 19.66 20.84
CA ILE B 208 -42.26 21.04 20.98
C ILE B 208 -41.68 21.47 19.61
N ALA B 209 -41.43 20.52 18.68
CA ALA B 209 -41.12 20.80 17.26
C ALA B 209 -41.09 19.53 16.41
N ARG B 210 -41.10 19.75 15.09
CA ARG B 210 -40.88 18.76 14.01
C ARG B 210 -39.47 18.95 13.45
N ALA B 211 -38.66 17.89 13.34
CA ALA B 211 -37.31 17.93 12.72
C ALA B 211 -37.28 17.05 11.47
N VAL B 212 -36.83 17.61 10.36
CA VAL B 212 -36.68 16.84 9.10
C VAL B 212 -35.18 16.62 8.86
N THR B 213 -34.81 15.35 8.80
CA THR B 213 -33.42 14.85 8.79
C THR B 213 -33.19 14.13 7.48
N THR B 214 -32.40 14.71 6.60
CA THR B 214 -32.03 14.11 5.31
C THR B 214 -30.59 13.57 5.40
N TRP B 215 -30.46 12.28 5.15
CA TRP B 215 -29.17 11.58 4.99
C TRP B 215 -28.81 11.63 3.52
N PHE B 216 -27.67 12.20 3.15
CA PHE B 216 -27.31 12.40 1.73
C PHE B 216 -25.80 12.30 1.51
N GLU B 217 -25.42 12.08 0.25
CA GLU B 217 -24.01 12.10 -0.20
C GLU B 217 -23.77 13.33 -1.05
N ALA B 218 -22.73 14.08 -0.75
CA ALA B 218 -22.29 15.28 -1.48
C ALA B 218 -20.82 15.52 -1.12
N ASP B 219 -19.96 15.73 -2.09
CA ASP B 219 -18.54 16.06 -1.78
C ASP B 219 -18.49 17.57 -1.45
N LEU B 220 -18.47 17.90 -0.16
CA LEU B 220 -18.40 19.30 0.30
C LEU B 220 -17.02 19.58 0.92
N SER B 221 -15.96 18.85 0.52
CA SER B 221 -14.60 18.99 1.10
C SER B 221 -14.08 20.42 0.91
N ARG B 222 -14.38 21.03 -0.22
CA ARG B 222 -13.95 22.42 -0.51
C ARG B 222 -14.51 23.42 0.52
N TYR B 223 -15.62 23.11 1.16
CA TYR B 223 -16.27 24.06 2.10
C TYR B 223 -16.10 23.59 3.55
N SER B 224 -15.44 22.46 3.82
CA SER B 224 -15.40 21.94 5.21
C SER B 224 -14.00 21.63 5.72
N ALA B 225 -13.07 21.24 4.83
CA ALA B 225 -11.80 20.58 5.23
C ALA B 225 -10.93 21.56 6.00
N HIS B 226 -11.01 22.84 5.65
CA HIS B 226 -10.20 23.92 6.26
C HIS B 226 -10.85 24.37 7.59
N ARG B 227 -12.02 23.85 7.96
CA ARG B 227 -12.68 24.17 9.26
C ARG B 227 -13.45 22.95 9.76
N PRO B 228 -12.72 21.87 10.08
CA PRO B 228 -13.34 20.59 10.39
C PRO B 228 -14.35 20.75 11.52
N ALA B 229 -15.56 20.19 11.35
CA ALA B 229 -16.64 20.27 12.36
C ALA B 229 -17.57 19.06 12.25
N LEU B 230 -18.15 18.67 13.37
CA LEU B 230 -19.37 17.83 13.38
C LEU B 230 -20.54 18.64 12.84
N LEU B 231 -20.67 19.90 13.26
CA LEU B 231 -21.88 20.75 13.05
C LEU B 231 -21.52 22.05 12.31
N TYR B 232 -22.17 22.24 11.15
CA TYR B 232 -22.18 23.49 10.37
C TYR B 232 -23.62 24.01 10.38
N MET B 233 -23.87 25.14 11.00
CA MET B 233 -25.26 25.66 11.22
C MET B 233 -25.40 26.91 10.37
N GLY B 234 -26.17 26.79 9.29
CA GLY B 234 -26.27 27.81 8.25
C GLY B 234 -27.63 28.51 8.25
N ALA B 235 -27.65 29.69 7.64
CA ALA B 235 -28.85 30.51 7.40
C ALA B 235 -28.72 31.09 5.98
N VAL B 236 -29.52 30.56 5.07
CA VAL B 236 -29.68 31.09 3.68
C VAL B 236 -30.18 32.52 3.78
N PRO B 237 -29.44 33.53 3.28
CA PRO B 237 -29.92 34.91 3.33
C PRO B 237 -31.31 35.02 2.68
N GLY B 238 -32.25 35.65 3.40
CA GLY B 238 -33.63 35.87 2.98
C GLY B 238 -34.57 34.94 3.72
N SER B 239 -34.14 34.39 4.85
CA SER B 239 -34.92 33.45 5.68
C SER B 239 -35.09 34.07 7.05
N PRO B 240 -36.17 33.74 7.79
CA PRO B 240 -36.26 34.11 9.20
C PRO B 240 -35.23 33.34 10.03
N PRO B 241 -34.73 33.92 11.14
CA PRO B 241 -33.87 33.22 12.08
C PRO B 241 -34.28 31.78 12.43
N ALA B 242 -35.58 31.48 12.51
CA ALA B 242 -36.05 30.13 12.89
C ALA B 242 -35.82 29.12 11.75
N ASP B 243 -35.41 29.52 10.53
CA ASP B 243 -35.17 28.57 9.41
C ASP B 243 -33.67 28.26 9.28
N GLY B 244 -33.06 27.74 10.34
CA GLY B 244 -31.65 27.34 10.34
C GLY B 244 -31.49 26.00 9.65
N ARG B 245 -30.39 25.81 8.91
CA ARG B 245 -30.04 24.53 8.24
C ARG B 245 -28.88 23.92 9.03
N VAL B 246 -29.06 22.74 9.59
CA VAL B 246 -27.96 22.08 10.35
C VAL B 246 -27.37 20.96 9.48
N PHE B 247 -26.13 21.15 9.07
CA PHE B 247 -25.31 20.11 8.40
C PHE B 247 -24.52 19.37 9.46
N VAL B 248 -24.63 18.04 9.43
CA VAL B 248 -23.92 17.12 10.36
C VAL B 248 -22.97 16.28 9.51
N SER B 249 -21.68 16.30 9.83
CA SER B 249 -20.65 15.47 9.15
C SER B 249 -20.77 14.02 9.64
N LEU B 250 -20.96 13.03 8.76
CA LEU B 250 -20.94 11.58 9.13
C LEU B 250 -19.70 10.84 8.61
N ARG B 251 -19.26 11.11 7.40
CA ARG B 251 -17.97 10.64 6.84
C ARG B 251 -17.33 11.83 6.12
N PRO B 252 -16.40 12.53 6.80
CA PRO B 252 -15.71 13.69 6.21
C PRO B 252 -15.15 13.37 4.83
N TRP B 253 -15.50 14.13 3.78
CA TRP B 253 -16.47 15.19 3.80
C TRP B 253 -17.56 14.93 2.74
N THR B 254 -18.01 13.68 2.63
CA THR B 254 -18.84 13.19 1.51
C THR B 254 -20.17 12.65 2.03
N GLU B 255 -20.31 12.35 3.31
CA GLU B 255 -21.59 11.81 3.83
C GLU B 255 -22.08 12.71 4.96
N TRP B 256 -23.37 13.06 4.89
CA TRP B 256 -23.96 14.16 5.69
C TRP B 256 -25.39 13.86 6.20
N LEU B 257 -25.79 14.60 7.23
CA LEU B 257 -27.21 14.84 7.53
C LEU B 257 -27.47 16.32 7.29
N HIS B 258 -28.70 16.64 6.92
CA HIS B 258 -29.25 18.01 6.83
C HIS B 258 -30.53 18.03 7.68
N LEU B 259 -30.56 18.89 8.69
CA LEU B 259 -31.69 19.02 9.64
C LEU B 259 -32.35 20.38 9.45
N THR B 260 -33.69 20.38 9.49
CA THR B 260 -34.54 21.59 9.41
C THR B 260 -35.66 21.41 10.42
N PHE B 261 -36.23 22.54 10.81
CA PHE B 261 -37.36 22.61 11.75
C PHE B 261 -38.44 23.41 11.05
N PRO B 262 -39.22 22.78 10.14
CA PRO B 262 -40.35 23.46 9.52
C PRO B 262 -41.34 23.85 10.63
N PRO B 263 -41.91 25.08 10.60
CA PRO B 263 -43.03 25.43 11.49
C PRO B 263 -44.04 24.30 11.68
N PRO B 264 -44.76 24.22 12.84
CA PRO B 264 -45.68 23.11 13.11
C PRO B 264 -46.81 22.99 12.07
N THR B 265 -47.04 24.07 11.30
CA THR B 265 -47.90 24.12 10.08
C THR B 265 -47.00 24.24 8.83
N ALA B 266 -46.85 23.14 8.10
CA ALA B 266 -46.22 23.07 6.76
C ALA B 266 -46.33 21.62 6.25
N ASP B 267 -46.62 21.47 4.96
CA ASP B 267 -46.71 20.15 4.27
C ASP B 267 -45.32 19.50 4.28
N VAL B 268 -45.12 18.44 5.07
CA VAL B 268 -43.83 17.69 5.06
C VAL B 268 -44.02 16.34 4.34
N ASP B 269 -43.86 16.37 3.02
CA ASP B 269 -43.76 15.16 2.18
C ASP B 269 -42.33 14.66 2.31
N VAL B 270 -42.16 13.59 3.07
CA VAL B 270 -40.88 12.89 3.31
C VAL B 270 -40.46 12.17 2.00
N GLU B 271 -41.42 11.74 1.18
CA GLU B 271 -41.11 11.06 -0.10
C GLU B 271 -40.83 12.11 -1.19
N ASP B 272 -41.08 13.41 -0.94
CA ASP B 272 -40.83 14.45 -1.95
C ASP B 272 -39.33 14.78 -2.02
N HIS B 273 -38.52 13.87 -2.58
CA HIS B 273 -37.03 13.94 -2.58
C HIS B 273 -36.55 15.13 -3.40
N GLU B 274 -37.13 15.34 -4.59
CA GLU B 274 -36.72 16.44 -5.47
C GLU B 274 -36.84 17.77 -4.72
N ALA B 275 -37.83 17.91 -3.85
CA ALA B 275 -38.08 19.14 -3.06
C ALA B 275 -37.00 19.28 -1.98
N VAL B 276 -36.72 18.21 -1.24
CA VAL B 276 -35.71 18.20 -0.14
C VAL B 276 -34.36 18.54 -0.80
N ARG B 277 -34.09 17.87 -1.92
CA ARG B 277 -32.85 18.02 -2.75
C ARG B 277 -32.63 19.48 -3.15
N ALA B 278 -33.66 20.14 -3.65
CA ALA B 278 -33.60 21.57 -4.03
C ALA B 278 -33.25 22.38 -2.78
N GLY B 279 -33.87 22.06 -1.64
CA GLY B 279 -33.62 22.75 -0.36
C GLY B 279 -32.17 22.60 0.11
N ILE B 280 -31.61 21.38 0.03
CA ILE B 280 -30.19 21.11 0.40
C ILE B 280 -29.28 21.91 -0.51
N ARG B 281 -29.58 21.93 -1.82
CA ARG B 281 -28.73 22.66 -2.80
C ARG B 281 -28.69 24.14 -2.43
N GLU B 282 -29.80 24.72 -1.98
CA GLU B 282 -29.93 26.15 -1.58
C GLU B 282 -29.08 26.40 -0.33
N SER B 283 -29.08 25.45 0.62
CA SER B 283 -28.28 25.53 1.88
C SER B 283 -26.78 25.56 1.53
N ILE B 284 -26.38 24.77 0.54
CA ILE B 284 -24.97 24.64 0.10
C ILE B 284 -24.57 25.94 -0.62
N GLY B 285 -25.43 26.44 -1.51
CA GLY B 285 -25.25 27.73 -2.23
C GLY B 285 -24.26 27.62 -3.38
N ASP B 286 -24.10 26.45 -3.98
CA ASP B 286 -23.13 26.16 -5.08
C ASP B 286 -23.78 25.09 -5.96
N PRO B 287 -24.49 25.51 -7.03
CA PRO B 287 -25.37 24.60 -7.75
C PRO B 287 -24.60 23.50 -8.50
N THR B 288 -23.27 23.50 -8.47
CA THR B 288 -22.43 22.49 -9.16
C THR B 288 -22.23 21.25 -8.27
N VAL B 289 -22.58 21.31 -6.99
CA VAL B 289 -22.42 20.15 -6.06
C VAL B 289 -23.58 19.16 -6.25
N ASP B 290 -23.23 17.91 -6.61
CA ASP B 290 -24.18 16.78 -6.79
C ASP B 290 -24.62 16.30 -5.41
N VAL B 291 -25.93 16.12 -5.24
CA VAL B 291 -26.58 15.68 -3.97
C VAL B 291 -27.36 14.42 -4.27
N THR B 292 -26.96 13.27 -3.70
CA THR B 292 -27.70 11.98 -3.72
C THR B 292 -28.45 11.78 -2.38
N ILE B 293 -29.78 11.78 -2.37
CA ILE B 293 -30.59 11.57 -1.12
C ILE B 293 -30.54 10.08 -0.79
N LYS B 294 -30.23 9.72 0.46
CA LYS B 294 -30.21 8.30 0.88
C LYS B 294 -31.46 8.01 1.69
N ASN B 295 -31.96 8.98 2.45
CA ASN B 295 -33.19 8.81 3.26
C ASN B 295 -33.65 10.16 3.75
N VAL B 296 -34.95 10.28 4.00
CA VAL B 296 -35.57 11.50 4.60
C VAL B 296 -36.51 11.04 5.71
N SER B 297 -36.32 11.58 6.91
CA SER B 297 -37.08 11.20 8.11
C SER B 297 -37.61 12.45 8.79
N ALA B 298 -38.86 12.41 9.21
CA ALA B 298 -39.52 13.44 10.04
C ALA B 298 -39.64 12.82 11.41
N TRP B 299 -39.30 13.55 12.45
CA TRP B 299 -39.50 12.98 13.80
C TRP B 299 -39.80 14.10 14.77
N GLU B 300 -40.64 13.77 15.75
CA GLU B 300 -41.20 14.76 16.68
C GLU B 300 -40.21 14.89 17.83
N VAL B 301 -39.78 16.12 18.07
CA VAL B 301 -38.82 16.51 19.14
C VAL B 301 -39.63 16.84 20.39
N ASN B 302 -39.33 16.13 21.49
CA ASN B 302 -39.97 16.28 22.81
C ASN B 302 -38.89 16.77 23.76
N SER B 303 -39.29 17.17 24.97
CA SER B 303 -38.37 17.20 26.15
C SER B 303 -39.17 16.82 27.38
N ALA B 304 -39.11 15.54 27.74
CA ALA B 304 -39.77 14.99 28.93
C ALA B 304 -38.80 14.13 29.73
N VAL B 305 -39.18 13.86 30.96
CA VAL B 305 -38.42 12.96 31.87
C VAL B 305 -39.44 12.28 32.78
N ALA B 306 -39.30 10.97 32.95
CA ALA B 306 -40.11 10.21 33.90
C ALA B 306 -39.81 10.69 35.31
N PRO B 307 -40.87 10.91 36.13
CA PRO B 307 -40.68 11.26 37.52
C PRO B 307 -40.13 10.06 38.28
N ARG B 308 -40.46 8.85 37.80
CA ARG B 308 -39.99 7.56 38.40
C ARG B 308 -39.50 6.63 37.28
N TYR B 309 -38.34 6.01 37.51
CA TYR B 309 -37.62 5.18 36.52
C TYR B 309 -38.04 3.70 36.64
N ALA B 310 -38.66 3.32 37.74
CA ALA B 310 -38.84 1.90 38.09
C ALA B 310 -40.08 1.73 38.94
N SER B 311 -40.65 0.53 38.92
CA SER B 311 -41.78 0.13 39.78
C SER B 311 -41.66 -1.36 39.99
N GLY B 312 -41.45 -1.74 41.23
CA GLY B 312 -41.34 -3.16 41.59
C GLY B 312 -40.08 -3.77 40.99
N ARG B 313 -40.26 -4.69 40.06
CA ARG B 313 -39.16 -5.53 39.51
C ARG B 313 -38.88 -5.05 38.10
N VAL B 314 -39.47 -3.91 37.73
CA VAL B 314 -39.38 -3.38 36.35
C VAL B 314 -38.65 -2.05 36.38
N PHE B 315 -37.66 -1.91 35.47
CA PHE B 315 -36.71 -0.77 35.43
C PHE B 315 -36.61 -0.28 34.01
N CYS B 316 -36.75 1.02 33.79
CA CYS B 316 -36.82 1.58 32.43
C CYS B 316 -35.56 2.45 32.22
N VAL B 317 -35.00 2.38 31.03
CA VAL B 317 -33.70 2.99 30.67
C VAL B 317 -33.86 3.78 29.37
N GLY B 318 -32.95 4.74 29.17
CA GLY B 318 -32.74 5.41 27.88
C GLY B 318 -33.96 6.21 27.49
N ASP B 319 -34.37 6.14 26.21
CA ASP B 319 -35.43 7.02 25.66
C ASP B 319 -36.80 6.72 26.32
N ALA B 320 -37.02 5.56 26.91
CA ALA B 320 -38.24 5.27 27.71
C ALA B 320 -38.43 6.32 28.79
N VAL B 321 -37.36 6.85 29.39
CA VAL B 321 -37.45 7.70 30.61
C VAL B 321 -36.91 9.11 30.39
N HIS B 322 -36.33 9.44 29.25
CA HIS B 322 -35.91 10.85 28.98
C HIS B 322 -35.88 11.07 27.48
N GLN B 323 -36.38 12.23 27.06
CA GLN B 323 -36.44 12.63 25.64
C GLN B 323 -36.04 14.09 25.60
N ASN B 324 -35.29 14.48 24.59
CA ASN B 324 -34.81 15.86 24.50
C ASN B 324 -34.41 16.09 23.05
N PRO B 325 -34.20 17.35 22.67
CA PRO B 325 -33.80 17.64 21.32
C PRO B 325 -32.40 17.05 21.12
N PRO B 326 -31.94 16.95 19.86
CA PRO B 326 -30.62 16.40 19.55
C PRO B 326 -29.41 17.20 20.09
N THR B 327 -29.59 18.50 20.41
CA THR B 327 -28.54 19.42 20.96
C THR B 327 -27.87 18.77 22.18
N ASN B 328 -26.51 18.78 22.20
CA ASN B 328 -25.60 18.16 23.22
C ASN B 328 -25.40 16.66 22.97
N GLY B 329 -26.19 16.02 22.07
CA GLY B 329 -26.19 14.55 21.86
C GLY B 329 -26.11 13.74 23.17
N LEU B 330 -26.89 14.09 24.18
CA LEU B 330 -26.76 13.43 25.51
C LEU B 330 -27.61 12.14 25.58
N GLY B 331 -28.63 11.96 24.71
CA GLY B 331 -29.61 10.87 24.79
C GLY B 331 -28.98 9.49 24.65
N LEU B 332 -28.23 9.28 23.57
CA LEU B 332 -27.45 8.04 23.29
C LEU B 332 -26.44 7.76 24.43
N ASN B 333 -25.67 8.77 24.86
CA ASN B 333 -24.68 8.60 25.95
C ASN B 333 -25.38 8.23 27.27
N SER B 334 -26.47 8.91 27.59
CA SER B 334 -27.21 8.69 28.86
C SER B 334 -27.90 7.33 28.82
N ALA B 335 -28.35 6.84 27.66
CA ALA B 335 -28.98 5.52 27.49
C ALA B 335 -27.98 4.44 27.87
N VAL B 336 -26.76 4.57 27.32
CA VAL B 336 -25.68 3.62 27.65
C VAL B 336 -25.41 3.65 29.17
N ALA B 337 -25.30 4.83 29.76
CA ALA B 337 -24.90 4.94 31.17
C ALA B 337 -26.06 4.49 32.08
N ASP B 338 -27.32 4.65 31.67
CA ASP B 338 -28.48 4.08 32.40
C ASP B 338 -28.32 2.55 32.53
N SER B 339 -28.15 1.85 31.41
CA SER B 339 -28.10 0.37 31.43
C SER B 339 -26.87 -0.08 32.22
N PHE B 340 -25.75 0.64 32.08
CA PHE B 340 -24.51 0.25 32.79
C PHE B 340 -24.65 0.48 34.31
N ASN B 341 -25.43 1.48 34.73
CA ASN B 341 -25.72 1.71 36.17
C ASN B 341 -26.49 0.49 36.73
N LEU B 342 -27.42 -0.04 35.93
CA LEU B 342 -28.45 -1.02 36.38
C LEU B 342 -27.89 -2.45 36.37
N CYS B 343 -27.16 -2.88 35.33
CA CYS B 343 -26.94 -4.35 35.14
C CYS B 343 -26.12 -4.99 36.25
N TRP B 344 -25.12 -4.30 36.80
CA TRP B 344 -24.28 -4.93 37.86
C TRP B 344 -25.12 -5.14 39.15
N LYS B 345 -26.14 -4.30 39.32
CA LYS B 345 -27.01 -4.33 40.55
C LYS B 345 -27.93 -5.55 40.40
N LEU B 346 -28.46 -5.76 39.21
CA LEU B 346 -29.30 -6.94 38.89
C LEU B 346 -28.47 -8.19 39.15
N LYS B 347 -27.25 -8.23 38.66
CA LYS B 347 -26.38 -9.41 38.89
C LYS B 347 -26.25 -9.75 40.38
N LEU B 348 -25.93 -8.78 41.23
CA LEU B 348 -25.88 -9.05 42.71
C LEU B 348 -27.26 -9.42 43.25
N ALA B 349 -28.36 -8.81 42.79
CA ALA B 349 -29.72 -9.17 43.23
C ALA B 349 -30.03 -10.65 42.89
N LEU B 350 -29.68 -11.08 41.68
CA LEU B 350 -30.05 -12.45 41.22
C LEU B 350 -29.27 -13.50 42.00
N GLU B 351 -28.04 -13.19 42.42
CA GLU B 351 -27.22 -14.11 43.22
C GLU B 351 -27.67 -14.10 44.68
N GLY B 352 -28.65 -13.29 45.05
CA GLY B 352 -29.06 -13.14 46.46
C GLY B 352 -28.05 -12.36 47.31
N LEU B 353 -27.17 -11.53 46.72
CA LEU B 353 -26.14 -10.81 47.52
C LEU B 353 -26.58 -9.38 47.78
N ALA B 354 -27.67 -8.96 47.15
CA ALA B 354 -28.27 -7.63 47.36
C ALA B 354 -29.78 -7.77 47.30
N GLY B 355 -30.47 -6.81 47.92
CA GLY B 355 -31.93 -6.85 47.96
C GLY B 355 -32.53 -5.82 47.04
N PRO B 356 -33.85 -5.57 47.18
CA PRO B 356 -34.50 -4.49 46.45
C PRO B 356 -33.88 -3.12 46.78
N GLY B 357 -33.35 -2.94 47.98
CA GLY B 357 -32.71 -1.66 48.36
C GLY B 357 -31.61 -1.27 47.38
N LEU B 358 -30.82 -2.23 46.89
CA LEU B 358 -29.77 -1.87 45.90
C LEU B 358 -30.44 -1.49 44.60
N LEU B 359 -31.51 -2.18 44.20
CA LEU B 359 -32.16 -1.92 42.88
C LEU B 359 -32.88 -0.57 42.90
N ASP B 360 -33.41 -0.13 44.06
CA ASP B 360 -33.94 1.25 44.27
C ASP B 360 -32.88 2.34 43.94
N THR B 361 -31.58 2.06 44.06
CA THR B 361 -30.51 3.05 43.78
C THR B 361 -30.46 3.37 42.29
N TYR B 362 -31.02 2.52 41.40
CA TYR B 362 -31.00 2.81 39.96
C TYR B 362 -31.73 4.14 39.75
N HIS B 363 -33.00 4.18 40.15
CA HIS B 363 -33.80 5.43 40.13
C HIS B 363 -33.11 6.56 40.89
N ASP B 364 -32.61 6.33 42.10
CA ASP B 364 -32.05 7.42 42.95
C ASP B 364 -30.84 8.05 42.26
N GLU B 365 -29.98 7.24 41.59
CA GLU B 365 -28.76 7.74 40.90
C GLU B 365 -29.08 8.34 39.54
N ARG B 366 -29.89 7.67 38.74
CA ARG B 366 -30.03 7.99 37.31
C ARG B 366 -31.17 8.98 37.02
N GLN B 367 -32.22 9.05 37.85
CA GLN B 367 -33.35 10.00 37.55
C GLN B 367 -32.84 11.44 37.56
N PRO B 368 -32.03 11.87 38.53
CA PRO B 368 -31.51 13.25 38.50
C PRO B 368 -30.65 13.61 37.28
N VAL B 369 -29.95 12.61 36.71
CA VAL B 369 -29.12 12.84 35.51
C VAL B 369 -30.10 13.01 34.35
N GLY B 370 -31.17 12.21 34.29
CA GLY B 370 -32.19 12.41 33.24
C GLY B 370 -32.76 13.83 33.29
N ARG B 371 -33.08 14.35 34.47
CA ARG B 371 -33.55 15.77 34.59
C ARG B 371 -32.49 16.74 34.05
N GLN B 372 -31.25 16.61 34.50
CA GLN B 372 -30.13 17.48 34.05
C GLN B 372 -30.03 17.47 32.51
N ILE B 373 -29.95 16.31 31.86
CA ILE B 373 -29.64 16.30 30.39
C ILE B 373 -30.84 16.90 29.64
N VAL B 374 -32.06 16.69 30.12
CA VAL B 374 -33.24 17.22 29.38
C VAL B 374 -33.25 18.75 29.47
N ASP B 375 -32.94 19.28 30.63
CA ASP B 375 -32.89 20.74 30.81
C ASP B 375 -31.74 21.36 29.99
N ARG B 376 -30.52 20.80 30.09
CA ARG B 376 -29.34 21.27 29.31
C ARG B 376 -29.67 21.20 27.81
N ALA B 377 -30.14 20.07 27.31
CA ALA B 377 -30.45 19.93 25.88
C ALA B 377 -31.50 20.96 25.43
N PHE B 378 -32.56 21.21 26.21
CA PHE B 378 -33.59 22.21 25.82
C PHE B 378 -32.92 23.58 25.72
N ARG B 379 -32.17 23.98 26.73
CA ARG B 379 -31.56 25.34 26.77
C ARG B 379 -30.58 25.51 25.58
N SER B 380 -29.87 24.42 25.21
CA SER B 380 -28.94 24.41 24.06
C SER B 380 -29.73 24.61 22.76
N MET B 381 -30.89 23.96 22.62
CA MET B 381 -31.71 24.14 21.42
C MET B 381 -32.13 25.63 21.31
N VAL B 382 -32.49 26.25 22.43
CA VAL B 382 -33.02 27.65 22.46
C VAL B 382 -31.88 28.63 22.13
N ASP B 383 -30.64 28.31 22.51
CA ASP B 383 -29.44 29.15 22.24
C ASP B 383 -29.18 29.34 20.74
N LEU B 384 -29.61 28.41 19.90
CA LEU B 384 -29.20 28.39 18.46
C LEU B 384 -29.74 29.62 17.71
N ILE B 385 -31.00 30.03 17.92
CA ILE B 385 -31.61 31.21 17.23
C ILE B 385 -30.86 32.52 17.62
N GLY B 386 -30.17 32.54 18.75
CA GLY B 386 -29.48 33.75 19.23
C GLY B 386 -28.45 34.26 18.24
N ILE B 387 -27.85 33.38 17.43
CA ILE B 387 -26.82 33.82 16.44
C ILE B 387 -27.49 34.68 15.37
N PRO B 388 -28.43 34.16 14.55
CA PRO B 388 -29.04 34.95 13.48
C PRO B 388 -29.74 36.21 14.03
N GLN B 389 -30.29 36.11 15.24
CA GLN B 389 -30.86 37.31 15.92
C GLN B 389 -29.77 38.36 16.17
N ALA B 390 -28.62 38.00 16.76
CA ALA B 390 -27.49 38.95 16.94
C ALA B 390 -27.14 39.68 15.63
N LEU B 391 -27.26 39.02 14.47
CA LEU B 391 -26.85 39.62 13.17
C LEU B 391 -27.92 40.61 12.70
N GLY B 392 -29.08 40.67 13.38
CA GLY B 392 -30.19 41.54 13.00
C GLY B 392 -31.10 40.90 11.98
N PHE B 393 -31.04 39.58 11.81
CA PHE B 393 -31.98 38.86 10.92
C PHE B 393 -33.35 38.82 11.62
N THR B 394 -34.43 38.91 10.85
CA THR B 394 -35.83 38.92 11.33
C THR B 394 -36.68 38.29 10.22
N GLU B 395 -37.98 38.10 10.44
CA GLU B 395 -38.87 37.66 9.34
C GLU B 395 -39.03 38.84 8.38
N GLY B 396 -39.42 38.56 7.14
CA GLY B 396 -39.82 39.58 6.14
C GLY B 396 -38.67 40.35 5.54
N GLN B 397 -37.44 39.84 5.60
CA GLN B 397 -36.25 40.49 4.95
C GLN B 397 -35.97 39.81 3.62
N SER B 398 -35.52 40.57 2.64
CA SER B 398 -35.01 40.07 1.33
C SER B 398 -33.63 39.44 1.52
N PRO B 399 -33.22 38.54 0.60
CA PRO B 399 -31.83 38.10 0.51
C PRO B 399 -30.87 39.29 0.63
N GLU B 400 -31.03 40.31 -0.22
CA GLU B 400 -30.13 41.49 -0.28
C GLU B 400 -30.04 42.17 1.09
N GLU B 401 -31.16 42.19 1.82
CA GLU B 401 -31.25 42.85 3.15
C GLU B 401 -30.28 42.15 4.10
N GLN B 402 -30.33 40.80 4.11
CA GLN B 402 -29.55 39.94 5.05
C GLN B 402 -28.07 39.92 4.58
N TRP B 403 -27.78 39.82 3.28
CA TRP B 403 -26.39 39.99 2.74
C TRP B 403 -25.81 41.31 3.25
N ARG B 404 -26.62 42.38 3.22
CA ARG B 404 -26.15 43.74 3.62
C ARG B 404 -25.77 43.75 5.08
N LEU B 405 -26.59 43.12 5.93
CA LEU B 405 -26.33 43.02 7.39
C LEU B 405 -25.07 42.19 7.66
N LEU B 406 -24.82 41.14 6.86
CA LEU B 406 -23.58 40.32 6.97
C LEU B 406 -22.34 41.18 6.68
N ASP B 407 -22.36 41.90 5.56
CA ASP B 407 -21.27 42.78 5.07
C ASP B 407 -21.00 43.91 6.06
N THR B 408 -22.05 44.52 6.61
CA THR B 408 -21.92 45.75 7.43
C THR B 408 -21.43 45.40 8.83
N LEU B 409 -21.43 44.11 9.20
CA LEU B 409 -21.16 43.66 10.60
C LEU B 409 -19.77 44.11 11.02
N HIS B 410 -18.84 44.30 10.09
CA HIS B 410 -17.40 44.58 10.36
C HIS B 410 -17.07 46.07 10.19
N GLU B 411 -18.07 46.92 9.90
CA GLU B 411 -17.89 48.39 9.78
C GLU B 411 -17.56 49.00 11.14
N ASP B 412 -17.01 50.22 11.10
CA ASP B 412 -16.65 51.04 12.28
C ASP B 412 -17.86 51.90 12.70
N THR B 413 -19.06 51.33 12.76
CA THR B 413 -20.27 52.08 13.20
C THR B 413 -20.50 51.69 14.66
N GLU B 414 -21.41 52.36 15.36
CA GLU B 414 -21.84 51.95 16.72
C GLU B 414 -22.78 50.76 16.57
N GLU B 415 -23.66 50.84 15.58
CA GLU B 415 -24.63 49.77 15.20
C GLU B 415 -23.86 48.45 15.04
N ALA B 416 -22.76 48.47 14.27
CA ALA B 416 -21.92 47.29 13.95
C ALA B 416 -21.12 46.83 15.18
N ARG B 417 -20.54 47.75 15.95
CA ARG B 417 -19.90 47.41 17.27
C ARG B 417 -20.90 46.64 18.15
N GLN B 418 -22.18 47.03 18.18
CA GLN B 418 -23.17 46.39 19.10
C GLN B 418 -23.54 44.98 18.62
N ARG B 419 -23.90 44.81 17.35
CA ARG B 419 -24.21 43.48 16.75
C ARG B 419 -23.02 42.55 16.96
N ARG B 420 -21.80 43.08 16.82
CA ARG B 420 -20.54 42.33 17.01
C ARG B 420 -20.49 41.78 18.44
N ALA B 421 -20.89 42.58 19.44
CA ALA B 421 -20.89 42.22 20.88
C ALA B 421 -21.99 41.19 21.16
N ALA B 422 -23.16 41.37 20.55
CA ALA B 422 -24.33 40.48 20.72
C ALA B 422 -24.03 39.13 20.08
N LEU B 423 -23.32 39.13 18.94
CA LEU B 423 -22.86 37.89 18.27
C LEU B 423 -21.91 37.14 19.20
N ALA B 424 -20.91 37.81 19.76
CA ALA B 424 -19.90 37.21 20.66
C ALA B 424 -20.60 36.56 21.85
N ALA B 425 -21.62 37.20 22.42
CA ALA B 425 -22.30 36.67 23.62
C ALA B 425 -23.14 35.44 23.24
N ALA B 426 -23.86 35.50 22.13
CA ALA B 426 -24.67 34.37 21.62
C ALA B 426 -23.74 33.19 21.28
N THR B 427 -22.58 33.47 20.67
CA THR B 427 -21.53 32.44 20.36
C THR B 427 -21.03 31.79 21.67
N ALA B 428 -20.69 32.57 22.69
CA ALA B 428 -20.15 32.04 23.96
C ALA B 428 -21.16 31.05 24.57
N ALA B 429 -22.46 31.24 24.38
CA ALA B 429 -23.45 30.34 25.00
C ALA B 429 -23.34 28.92 24.39
N ILE B 430 -22.85 28.80 23.16
CA ILE B 430 -22.78 27.51 22.41
C ILE B 430 -21.74 26.59 23.07
N HIS B 431 -20.85 27.12 23.90
CA HIS B 431 -19.99 26.28 24.77
C HIS B 431 -20.83 25.29 25.59
N GLY B 432 -22.07 25.65 25.93
CA GLY B 432 -22.94 24.78 26.73
C GLY B 432 -23.38 23.53 25.98
N GLN B 433 -23.27 23.50 24.64
CA GLN B 433 -23.46 22.27 23.84
C GLN B 433 -22.11 21.75 23.25
N ALA B 434 -21.14 22.61 22.94
CA ALA B 434 -19.91 22.25 22.19
C ALA B 434 -18.79 21.77 23.15
N ASN B 435 -18.75 22.27 24.39
CA ASN B 435 -17.70 21.92 25.38
C ASN B 435 -18.31 21.76 26.78
N ALA B 436 -19.36 20.95 26.91
CA ALA B 436 -20.10 20.85 28.18
C ALA B 436 -19.55 19.69 29.01
N HIS B 437 -18.30 19.84 29.42
CA HIS B 437 -17.48 18.73 29.98
C HIS B 437 -18.04 18.30 31.33
N GLY B 438 -18.53 19.27 32.11
CA GLY B 438 -19.07 18.96 33.44
C GLY B 438 -20.38 18.19 33.37
N VAL B 439 -21.20 18.51 32.37
CA VAL B 439 -22.41 17.70 32.09
C VAL B 439 -22.01 16.27 31.68
N GLU B 440 -21.04 16.13 30.77
CA GLU B 440 -20.70 14.84 30.12
C GLU B 440 -20.05 13.89 31.12
N LEU B 441 -19.16 14.40 31.97
CA LEU B 441 -18.28 13.56 32.82
C LEU B 441 -18.44 13.84 34.30
N GLY B 442 -18.96 15.02 34.67
CA GLY B 442 -18.82 15.52 36.03
C GLY B 442 -20.05 15.30 36.90
N TYR B 443 -21.07 14.60 36.41
CA TYR B 443 -22.27 14.29 37.24
C TYR B 443 -21.84 13.39 38.39
N ARG B 444 -22.44 13.60 39.57
CA ARG B 444 -22.08 12.84 40.80
C ARG B 444 -23.34 12.33 41.48
N TYR B 445 -23.33 11.08 41.92
CA TYR B 445 -24.51 10.48 42.57
C TYR B 445 -24.43 10.87 44.05
N ARG B 446 -25.47 11.45 44.61
CA ARG B 446 -25.35 11.97 46.00
C ARG B 446 -26.11 11.09 46.97
N THR B 447 -27.00 10.24 46.46
CA THR B 447 -27.66 9.17 47.25
C THR B 447 -27.74 7.88 46.42
N GLY B 448 -27.48 6.73 47.01
CA GLY B 448 -27.64 5.47 46.27
C GLY B 448 -26.70 4.41 46.78
N ALA B 449 -25.98 3.71 45.88
CA ALA B 449 -25.12 2.57 46.26
C ALA B 449 -23.76 3.14 46.63
N LEU B 450 -23.70 3.87 47.75
CA LEU B 450 -22.48 4.60 48.20
C LEU B 450 -22.64 4.98 49.67
N VAL B 451 -21.53 5.14 50.36
CA VAL B 451 -21.49 5.67 51.74
C VAL B 451 -20.73 6.98 51.67
N PRO B 452 -21.39 8.14 51.88
CA PRO B 452 -20.67 9.41 51.98
C PRO B 452 -19.64 9.37 53.11
N ASP B 453 -18.53 10.07 52.93
CA ASP B 453 -17.41 9.93 53.88
C ASP B 453 -17.54 11.00 54.98
N GLY B 454 -18.49 11.92 54.83
CA GLY B 454 -18.71 13.00 55.81
C GLY B 454 -17.92 14.24 55.47
N THR B 455 -17.20 14.24 54.34
CA THR B 455 -16.56 15.47 53.82
C THR B 455 -17.59 16.20 52.98
N PRO B 456 -17.50 17.53 52.96
CA PRO B 456 -18.35 18.33 52.09
C PRO B 456 -17.93 18.12 50.63
N GLU B 457 -18.90 18.19 49.74
CA GLU B 457 -18.67 17.96 48.32
C GLU B 457 -17.73 19.05 47.84
N PRO B 458 -16.65 18.72 47.07
CA PRO B 458 -15.81 19.73 46.46
C PRO B 458 -16.63 20.65 45.56
N ALA B 459 -16.41 21.97 45.65
CA ALA B 459 -17.14 22.94 44.80
C ALA B 459 -16.17 23.98 44.28
N ASP B 460 -16.47 24.69 43.20
CA ASP B 460 -15.58 25.85 42.85
C ASP B 460 -16.37 26.90 42.11
N GLU B 461 -15.63 27.90 41.60
CA GLU B 461 -16.19 29.12 40.99
C GLU B 461 -16.61 28.84 39.54
N ARG B 462 -16.03 27.81 38.91
CA ARG B 462 -16.26 27.60 37.46
C ARG B 462 -17.66 27.03 37.22
N ASP B 463 -18.28 27.46 36.13
CA ASP B 463 -19.55 26.89 35.64
C ASP B 463 -19.40 25.37 35.64
N PRO B 464 -20.16 24.65 36.50
CA PRO B 464 -20.04 23.21 36.60
C PRO B 464 -20.66 22.44 35.45
N GLU B 465 -21.41 23.10 34.54
CA GLU B 465 -21.86 22.52 33.27
C GLU B 465 -20.64 22.41 32.31
N LEU B 466 -19.75 23.40 32.33
CA LEU B 466 -18.67 23.53 31.32
C LEU B 466 -17.44 22.77 31.79
N TYR B 467 -17.19 22.76 33.10
CA TYR B 467 -15.92 22.36 33.70
C TYR B 467 -16.10 21.12 34.57
N TYR B 468 -15.32 20.08 34.24
CA TYR B 468 -15.21 18.84 35.01
C TYR B 468 -14.20 19.05 36.10
N ARG B 469 -14.48 18.54 37.28
CA ARG B 469 -13.53 18.61 38.40
C ARG B 469 -13.41 17.18 38.95
N ALA B 470 -12.27 16.53 38.74
CA ALA B 470 -12.02 15.15 39.18
C ALA B 470 -12.03 15.06 40.70
N THR B 471 -12.74 14.06 41.24
CA THR B 471 -12.77 13.83 42.70
C THR B 471 -13.06 12.36 42.97
N THR B 472 -12.63 11.87 44.13
CA THR B 472 -12.98 10.54 44.65
C THR B 472 -14.10 10.68 45.71
N TRP B 473 -14.69 11.87 45.83
CA TRP B 473 -15.88 12.08 46.69
C TRP B 473 -16.92 11.01 46.33
N PRO B 474 -17.37 10.19 47.28
CA PRO B 474 -18.29 9.09 46.95
C PRO B 474 -19.49 9.51 46.11
N GLY B 475 -19.77 8.76 45.04
CA GLY B 475 -20.80 9.13 44.07
C GLY B 475 -20.17 9.58 42.76
N ALA B 476 -18.96 10.17 42.82
CA ALA B 476 -18.33 10.68 41.58
C ALA B 476 -17.79 9.51 40.73
N ARG B 477 -17.60 9.77 39.43
CA ARG B 477 -16.86 8.83 38.51
C ARG B 477 -15.38 8.88 38.91
N LEU B 478 -14.81 7.73 39.19
CA LEU B 478 -13.39 7.54 39.61
C LEU B 478 -12.52 8.37 38.69
N PRO B 479 -11.60 9.19 39.20
CA PRO B 479 -10.74 9.99 38.32
C PRO B 479 -9.78 9.07 37.50
N HIS B 480 -9.63 9.42 36.24
CA HIS B 480 -8.61 8.91 35.28
C HIS B 480 -7.19 9.36 35.66
N ALA B 481 -6.29 8.40 35.84
CA ALA B 481 -4.83 8.61 35.83
C ALA B 481 -4.20 7.46 35.02
N TRP B 482 -3.11 7.73 34.33
CA TRP B 482 -2.31 6.70 33.64
C TRP B 482 -1.44 5.97 34.65
N LEU B 483 -1.66 4.69 34.71
CA LEU B 483 -0.82 3.76 35.49
C LEU B 483 0.01 2.99 34.47
N GLU B 484 0.93 2.19 34.97
CA GLU B 484 1.69 1.19 34.18
C GLU B 484 1.79 -0.06 35.03
N ASN B 485 1.35 -1.16 34.45
CA ASN B 485 1.38 -2.48 35.11
C ASN B 485 2.47 -3.29 34.40
N GLY B 486 3.67 -3.40 34.99
CA GLY B 486 4.88 -3.82 34.25
C GLY B 486 5.19 -2.79 33.19
N ARG B 487 5.10 -3.14 31.91
CA ARG B 487 5.29 -2.15 30.82
C ARG B 487 3.96 -1.90 30.09
N HIS B 488 2.83 -2.29 30.68
CA HIS B 488 1.47 -2.13 30.06
C HIS B 488 0.86 -0.85 30.59
N ARG B 489 0.63 0.12 29.71
CA ARG B 489 -0.03 1.39 30.04
C ARG B 489 -1.54 1.17 30.21
N CYS B 490 -2.14 1.66 31.31
CA CYS B 490 -3.54 1.40 31.67
C CYS B 490 -4.07 2.51 32.61
N SER B 491 -5.36 2.81 32.44
CA SER B 491 -6.07 3.82 33.27
C SER B 491 -6.41 3.20 34.63
N THR B 492 -6.52 4.05 35.64
CA THR B 492 -7.32 3.70 36.84
C THR B 492 -8.66 3.07 36.45
N LEU B 493 -9.30 3.56 35.41
CA LEU B 493 -10.62 3.05 34.97
C LEU B 493 -10.54 1.66 34.28
N ASP B 494 -9.37 1.31 33.71
CA ASP B 494 -9.12 -0.01 33.09
C ASP B 494 -8.89 -1.07 34.15
N VAL B 495 -8.23 -0.74 35.27
CA VAL B 495 -7.89 -1.78 36.27
C VAL B 495 -9.03 -1.88 37.33
N THR B 496 -10.11 -1.12 37.18
CA THR B 496 -11.31 -1.28 38.08
C THR B 496 -12.49 -1.63 37.18
N GLY B 497 -13.69 -1.72 37.75
CA GLY B 497 -14.87 -2.06 36.95
C GLY B 497 -14.87 -3.56 36.63
N ARG B 498 -15.37 -3.89 35.45
CA ARG B 498 -15.45 -5.30 34.92
C ARG B 498 -16.08 -6.23 35.93
N GLY B 499 -17.25 -5.85 36.42
CA GLY B 499 -18.11 -6.72 37.23
C GLY B 499 -17.64 -6.87 38.65
N ARG B 500 -16.67 -6.11 39.13
CA ARG B 500 -16.28 -6.34 40.53
C ARG B 500 -16.06 -5.02 41.28
N PHE B 501 -15.99 -5.14 42.60
CA PHE B 501 -15.56 -4.06 43.52
C PHE B 501 -14.05 -4.15 43.63
N THR B 502 -13.38 -2.99 43.57
CA THR B 502 -11.92 -2.87 43.74
C THR B 502 -11.65 -1.83 44.82
N LEU B 503 -10.69 -2.12 45.68
CA LEU B 503 -10.23 -1.16 46.69
C LEU B 503 -8.81 -0.74 46.29
N LEU B 504 -8.65 0.49 45.80
CA LEU B 504 -7.32 1.07 45.46
C LEU B 504 -6.65 1.56 46.75
N THR B 505 -5.45 1.10 46.98
CA THR B 505 -4.65 1.42 48.20
C THR B 505 -3.25 1.87 47.77
N GLY B 506 -2.35 2.01 48.75
CA GLY B 506 -1.00 2.56 48.56
C GLY B 506 -0.06 2.07 49.66
N PRO B 507 1.13 2.67 49.78
CA PRO B 507 2.09 2.31 50.82
C PRO B 507 1.44 2.42 52.21
N GLY B 508 1.62 1.41 53.04
CA GLY B 508 1.06 1.35 54.40
C GLY B 508 -0.40 0.92 54.39
N GLY B 509 -0.92 0.45 53.25
CA GLY B 509 -2.30 -0.04 53.10
C GLY B 509 -2.53 -1.50 53.44
N GLU B 510 -1.56 -2.24 54.00
CA GLU B 510 -1.71 -3.71 54.26
C GLU B 510 -2.95 -4.01 55.10
N PRO B 511 -3.34 -3.18 56.10
CA PRO B 511 -4.51 -3.49 56.92
C PRO B 511 -5.79 -3.69 56.11
N TRP B 512 -5.89 -3.12 54.91
CA TRP B 512 -7.06 -3.26 54.00
C TRP B 512 -7.22 -4.71 53.52
N ARG B 513 -6.15 -5.51 53.52
CA ARG B 513 -6.19 -6.95 53.13
C ARG B 513 -7.15 -7.72 54.04
N ASP B 514 -6.88 -7.75 55.35
CA ASP B 514 -7.76 -8.40 56.37
C ASP B 514 -9.17 -7.79 56.31
N ALA B 515 -9.31 -6.46 56.10
CA ALA B 515 -10.63 -5.79 56.13
C ALA B 515 -11.46 -6.28 54.93
N ALA B 516 -10.87 -6.38 53.74
CA ALA B 516 -11.59 -6.83 52.51
C ALA B 516 -12.00 -8.30 52.67
N ARG B 517 -11.11 -9.14 53.21
CA ARG B 517 -11.43 -10.56 53.51
C ARG B 517 -12.62 -10.63 54.48
N ASP B 518 -12.63 -9.86 55.57
CA ASP B 518 -13.78 -9.85 56.54
C ASP B 518 -15.03 -9.37 55.79
N ALA B 519 -14.90 -8.36 54.95
CA ALA B 519 -16.08 -7.81 54.20
C ALA B 519 -16.70 -8.92 53.33
N ALA B 520 -15.87 -9.77 52.69
CA ALA B 520 -16.26 -10.91 51.80
C ALA B 520 -17.01 -11.98 52.58
N LEU B 521 -16.45 -12.43 53.72
CA LEU B 521 -17.13 -13.33 54.68
C LEU B 521 -18.51 -12.79 55.01
N ASP B 522 -18.63 -11.55 55.51
CA ASP B 522 -19.90 -11.00 56.05
C ASP B 522 -20.92 -10.83 54.91
N THR B 523 -20.52 -10.35 53.73
CA THR B 523 -21.45 -9.95 52.63
C THR B 523 -21.54 -11.01 51.53
N GLY B 524 -20.54 -11.88 51.37
CA GLY B 524 -20.45 -12.81 50.23
C GLY B 524 -19.95 -12.12 48.97
N VAL B 525 -19.57 -10.84 49.01
CA VAL B 525 -19.09 -10.09 47.80
C VAL B 525 -17.59 -9.80 47.94
N GLU B 526 -16.84 -10.21 46.94
CA GLU B 526 -15.36 -10.10 46.87
C GLU B 526 -15.00 -8.64 46.70
N VAL B 527 -14.03 -8.14 47.45
CA VAL B 527 -13.46 -6.80 47.18
C VAL B 527 -12.00 -7.04 46.85
N ALA B 528 -11.65 -6.88 45.59
CA ALA B 528 -10.27 -7.02 45.07
C ALA B 528 -9.45 -5.86 45.62
N VAL B 529 -8.34 -6.12 46.27
CA VAL B 529 -7.42 -5.08 46.80
C VAL B 529 -6.32 -4.83 45.77
N LEU B 530 -6.16 -3.58 45.35
CA LEU B 530 -5.19 -3.26 44.30
C LEU B 530 -4.27 -2.16 44.79
N PRO B 531 -3.06 -2.48 45.28
CA PRO B 531 -2.12 -1.45 45.70
C PRO B 531 -1.52 -0.74 44.49
N ILE B 532 -1.45 0.59 44.51
CA ILE B 532 -0.78 1.41 43.46
C ILE B 532 0.47 2.06 44.06
N GLY B 533 1.65 1.74 43.52
CA GLY B 533 2.93 2.33 43.95
C GLY B 533 3.40 1.69 45.24
N ALA B 534 3.03 0.43 45.46
CA ALA B 534 3.32 -0.37 46.68
C ALA B 534 3.10 -1.84 46.35
N GLY B 535 3.78 -2.72 47.07
CA GLY B 535 3.49 -4.18 47.06
C GLY B 535 3.61 -4.83 45.67
N GLY B 536 4.45 -4.27 44.78
CA GLY B 536 4.73 -4.75 43.40
C GLY B 536 3.56 -4.54 42.44
N GLY B 537 2.55 -3.75 42.83
CA GLY B 537 1.35 -3.52 42.01
C GLY B 537 1.65 -2.54 40.89
N PRO B 538 0.62 -2.05 40.21
CA PRO B 538 0.78 -1.04 39.16
C PRO B 538 1.45 0.24 39.70
N ARG B 539 2.25 0.90 38.89
CA ARG B 539 2.95 2.15 39.26
C ARG B 539 2.07 3.33 38.85
N ASP B 540 2.37 4.48 39.43
CA ASP B 540 1.78 5.78 39.09
C ASP B 540 2.92 6.62 38.52
N PRO B 541 3.32 6.45 37.23
CA PRO B 541 4.61 6.97 36.77
C PRO B 541 4.78 8.49 36.89
N TYR B 542 3.71 9.25 36.71
CA TYR B 542 3.73 10.73 36.81
C TYR B 542 3.41 11.20 38.24
N GLY B 543 2.98 10.34 39.17
CA GLY B 543 2.39 10.77 40.46
C GLY B 543 1.00 11.41 40.34
N THR B 544 0.34 11.29 39.18
CA THR B 544 -1.00 11.87 38.98
C THR B 544 -2.02 11.23 39.93
N TRP B 545 -2.00 9.92 40.08
CA TRP B 545 -3.01 9.24 40.91
C TRP B 545 -2.84 9.72 42.36
N ALA B 546 -1.61 9.86 42.85
CA ALA B 546 -1.38 10.30 44.25
C ALA B 546 -2.00 11.69 44.46
N GLU B 547 -2.03 12.53 43.42
CA GLU B 547 -2.58 13.91 43.43
C GLU B 547 -4.10 13.88 43.38
N LEU B 548 -4.72 12.90 42.69
CA LEU B 548 -6.17 12.94 42.40
C LEU B 548 -6.91 12.09 43.45
N ARG B 549 -6.23 11.23 44.16
CA ARG B 549 -6.97 10.21 44.96
C ARG B 549 -7.60 10.85 46.22
N GLU B 550 -7.10 11.98 46.71
CA GLU B 550 -7.71 12.74 47.85
C GLU B 550 -7.84 11.86 49.10
N VAL B 551 -6.94 10.92 49.27
CA VAL B 551 -6.80 10.10 50.49
C VAL B 551 -5.30 10.07 50.71
N GLU B 552 -4.84 9.66 51.90
CA GLU B 552 -3.41 9.50 52.16
C GLU B 552 -2.94 8.17 51.55
N GLU B 553 -1.62 7.97 51.47
CA GLU B 553 -0.96 6.72 50.99
C GLU B 553 -1.65 5.48 51.58
N SER B 554 -1.94 5.48 52.89
CA SER B 554 -2.43 4.28 53.63
C SER B 554 -3.97 4.18 53.53
N GLY B 555 -4.61 5.12 52.86
CA GLY B 555 -6.08 5.18 52.72
C GLY B 555 -6.60 4.27 51.61
N ALA B 556 -7.84 4.45 51.19
CA ALA B 556 -8.50 3.51 50.24
C ALA B 556 -9.61 4.21 49.50
N VAL B 557 -9.80 3.85 48.23
CA VAL B 557 -10.92 4.30 47.38
C VAL B 557 -11.60 3.02 46.92
N LEU B 558 -12.87 2.82 47.31
CA LEU B 558 -13.68 1.66 46.93
C LEU B 558 -14.46 1.97 45.64
N VAL B 559 -14.18 1.20 44.59
CA VAL B 559 -14.74 1.47 43.24
C VAL B 559 -15.79 0.41 42.89
N ARG B 560 -16.94 0.86 42.42
CA ARG B 560 -18.05 -0.02 42.01
C ARG B 560 -17.76 -0.68 40.67
N PRO B 561 -18.51 -1.75 40.32
CA PRO B 561 -18.41 -2.35 38.99
C PRO B 561 -18.62 -1.34 37.86
N ASP B 562 -19.30 -0.21 38.10
CA ASP B 562 -19.55 0.79 37.01
C ASP B 562 -18.52 1.93 37.03
N GLY B 563 -17.51 1.87 37.85
CA GLY B 563 -16.47 2.90 37.79
C GLY B 563 -16.75 4.12 38.69
N HIS B 564 -17.94 4.21 39.33
CA HIS B 564 -18.23 5.25 40.37
C HIS B 564 -17.62 4.86 41.72
N VAL B 565 -17.27 5.85 42.52
CA VAL B 565 -16.71 5.58 43.87
C VAL B 565 -17.87 5.30 44.84
N ALA B 566 -17.79 4.21 45.57
CA ALA B 566 -18.81 3.88 46.59
C ALA B 566 -18.39 4.48 47.94
N TRP B 567 -17.11 4.64 48.20
CA TRP B 567 -16.63 5.02 49.56
C TRP B 567 -15.15 5.35 49.45
N ARG B 568 -14.65 6.19 50.36
CA ARG B 568 -13.21 6.42 50.49
C ARG B 568 -12.87 6.59 51.95
N ALA B 569 -11.61 6.39 52.27
CA ALA B 569 -11.05 6.42 53.62
C ALA B 569 -9.68 7.07 53.56
N ARG B 570 -9.52 8.09 54.39
CA ARG B 570 -8.31 8.93 54.41
C ARG B 570 -7.10 8.07 54.73
N ASP B 571 -7.21 7.11 55.65
CA ASP B 571 -6.03 6.38 56.13
C ASP B 571 -6.48 4.99 56.56
N HIS B 572 -5.51 4.15 56.95
CA HIS B 572 -5.75 2.72 57.28
C HIS B 572 -6.50 2.53 58.61
N GLY B 573 -6.59 3.56 59.44
CA GLY B 573 -7.40 3.52 60.69
C GLY B 573 -8.87 3.25 60.40
N HIS B 574 -9.36 3.58 59.20
CA HIS B 574 -10.75 3.32 58.78
C HIS B 574 -10.97 1.87 58.31
N ALA B 575 -9.95 1.01 58.31
CA ALA B 575 -9.99 -0.35 57.69
C ALA B 575 -11.17 -1.15 58.28
N LYS B 576 -11.25 -1.19 59.61
CA LYS B 576 -12.31 -1.90 60.40
C LYS B 576 -13.73 -1.50 59.92
N GLU B 577 -13.92 -0.35 59.28
CA GLU B 577 -15.26 0.06 58.80
C GLU B 577 -15.65 -0.66 57.50
N LEU B 578 -14.71 -1.26 56.76
CA LEU B 578 -15.06 -1.75 55.38
C LEU B 578 -16.21 -2.76 55.42
N PRO B 579 -16.28 -3.74 56.34
CA PRO B 579 -17.39 -4.69 56.28
C PRO B 579 -18.81 -4.08 56.34
N GLU B 580 -19.02 -3.15 57.26
CA GLU B 580 -20.31 -2.44 57.37
C GLU B 580 -20.48 -1.54 56.17
N VAL B 581 -19.41 -0.90 55.68
CA VAL B 581 -19.59 -0.08 54.44
C VAL B 581 -20.14 -0.98 53.33
N MET B 582 -19.55 -2.15 53.13
CA MET B 582 -19.99 -3.02 52.02
C MET B 582 -21.44 -3.43 52.27
N ALA B 583 -21.81 -3.81 53.50
CA ALA B 583 -23.23 -4.17 53.80
C ALA B 583 -24.15 -2.99 53.47
N ARG B 584 -23.77 -1.75 53.77
CA ARG B 584 -24.67 -0.61 53.40
C ARG B 584 -24.68 -0.35 51.89
N VAL B 585 -23.55 -0.46 51.19
CA VAL B 585 -23.57 -0.26 49.70
C VAL B 585 -24.49 -1.29 49.05
N LEU B 586 -24.39 -2.54 49.45
CA LEU B 586 -25.25 -3.60 48.87
C LEU B 586 -26.68 -3.60 49.48
N HIS B 587 -27.02 -2.70 50.41
CA HIS B 587 -28.35 -2.67 51.09
C HIS B 587 -28.77 -4.07 51.56
N GLN B 588 -27.86 -4.80 52.18
CA GLN B 588 -28.15 -6.12 52.80
C GLN B 588 -29.04 -5.87 54.02
N PRO B 589 -30.15 -6.63 54.17
CA PRO B 589 -31.07 -6.42 55.29
C PRO B 589 -30.35 -6.45 56.65
N ALA C 11 4.98 -15.53 60.70
CA ALA C 11 4.30 -14.32 60.14
C ALA C 11 4.75 -14.10 58.69
N PRO C 12 3.94 -14.44 57.66
CA PRO C 12 4.40 -14.35 56.27
C PRO C 12 4.34 -12.92 55.70
N ASP C 13 5.29 -12.60 54.83
CA ASP C 13 5.35 -11.29 54.11
C ASP C 13 4.16 -11.14 53.16
N ILE C 14 3.76 -12.20 52.42
CA ILE C 14 2.65 -12.14 51.42
C ILE C 14 1.68 -13.28 51.66
N ARG C 15 0.39 -12.97 51.63
CA ARG C 15 -0.68 -13.99 51.57
C ARG C 15 -1.38 -13.86 50.21
N VAL C 16 -1.55 -14.96 49.50
CA VAL C 16 -2.17 -14.92 48.16
C VAL C 16 -2.85 -16.27 47.98
N PRO C 17 -3.98 -16.35 47.24
CA PRO C 17 -4.56 -17.65 46.96
C PRO C 17 -3.66 -18.67 46.22
N VAL C 18 -2.94 -18.24 45.18
CA VAL C 18 -2.06 -19.16 44.38
C VAL C 18 -0.72 -18.49 44.11
N LEU C 19 0.36 -19.21 44.40
CA LEU C 19 1.73 -18.88 43.96
C LEU C 19 2.10 -19.80 42.78
N ILE C 20 2.44 -19.17 41.67
CA ILE C 20 3.01 -19.85 40.48
C ILE C 20 4.52 -19.65 40.50
N VAL C 21 5.24 -20.75 40.49
CA VAL C 21 6.70 -20.76 40.37
C VAL C 21 7.06 -21.12 38.93
N GLY C 22 7.58 -20.13 38.23
CA GLY C 22 8.04 -20.24 36.83
C GLY C 22 7.12 -19.50 35.87
N GLY C 23 7.71 -18.75 34.94
CA GLY C 23 7.03 -17.91 33.93
C GLY C 23 7.47 -18.24 32.51
N GLY C 24 7.64 -19.53 32.26
CA GLY C 24 7.66 -20.09 30.92
C GLY C 24 6.23 -20.26 30.43
N PRO C 25 6.03 -20.88 29.25
CA PRO C 25 4.69 -21.09 28.73
C PRO C 25 3.70 -21.73 29.73
N ALA C 26 4.11 -22.74 30.50
CA ALA C 26 3.15 -23.42 31.44
C ALA C 26 2.68 -22.43 32.52
N GLY C 27 3.62 -21.75 33.15
CA GLY C 27 3.37 -20.74 34.20
C GLY C 27 2.53 -19.58 33.72
N LEU C 28 2.86 -19.01 32.56
CA LEU C 28 2.16 -17.82 32.02
C LEU C 28 0.75 -18.25 31.59
N THR C 29 0.58 -19.48 31.14
CA THR C 29 -0.75 -20.05 30.78
C THR C 29 -1.59 -20.12 32.06
N ALA C 30 -1.02 -20.61 33.15
CA ALA C 30 -1.75 -20.70 34.43
C ALA C 30 -2.13 -19.29 34.92
N ALA C 31 -1.22 -18.32 34.87
CA ALA C 31 -1.51 -16.91 35.22
C ALA C 31 -2.61 -16.33 34.32
N LEU C 32 -2.57 -16.61 33.02
CA LEU C 32 -3.64 -16.07 32.17
C LEU C 32 -5.00 -16.73 32.51
N ALA C 33 -5.06 -18.04 32.69
CA ALA C 33 -6.31 -18.73 33.02
C ALA C 33 -6.88 -18.16 34.34
N LEU C 34 -6.06 -18.10 35.40
CA LEU C 34 -6.49 -17.58 36.72
C LEU C 34 -6.93 -16.12 36.57
N SER C 35 -6.26 -15.35 35.72
CA SER C 35 -6.64 -13.94 35.40
C SER C 35 -8.05 -13.94 34.82
N ARG C 36 -8.33 -14.79 33.84
CA ARG C 36 -9.65 -14.80 33.21
C ARG C 36 -10.69 -15.20 34.25
N TYR C 37 -10.38 -16.11 35.18
CA TYR C 37 -11.34 -16.60 36.18
C TYR C 37 -11.40 -15.65 37.40
N GLY C 38 -10.63 -14.57 37.47
CA GLY C 38 -10.75 -13.59 38.58
C GLY C 38 -10.07 -14.06 39.88
N VAL C 39 -9.09 -14.96 39.80
CA VAL C 39 -8.37 -15.52 41.00
C VAL C 39 -7.04 -14.78 41.16
N PRO C 40 -6.88 -13.96 42.24
CA PRO C 40 -5.61 -13.34 42.59
C PRO C 40 -4.48 -14.36 42.74
N HIS C 41 -3.31 -14.00 42.23
CA HIS C 41 -2.17 -14.92 42.22
C HIS C 41 -0.90 -14.10 42.13
N LEU C 42 0.21 -14.76 42.42
CA LEU C 42 1.54 -14.15 42.31
C LEU C 42 2.29 -15.16 41.47
N LEU C 43 3.06 -14.70 40.48
CA LEU C 43 3.99 -15.57 39.75
C LEU C 43 5.41 -15.07 39.99
N VAL C 44 6.32 -15.98 40.25
CA VAL C 44 7.76 -15.65 40.41
C VAL C 44 8.53 -16.38 39.32
N ASN C 45 9.38 -15.64 38.63
CA ASN C 45 10.28 -16.22 37.60
C ASN C 45 11.72 -15.79 37.91
N ARG C 46 12.63 -16.75 37.90
CA ARG C 46 14.04 -16.60 38.29
C ARG C 46 14.71 -15.61 37.35
N HIS C 47 14.47 -15.69 36.03
CA HIS C 47 15.14 -14.78 35.07
C HIS C 47 14.46 -13.42 35.01
N HIS C 48 15.23 -12.41 34.60
CA HIS C 48 14.75 -11.00 34.52
C HIS C 48 13.86 -10.81 33.30
N GLY C 49 13.99 -11.66 32.29
CA GLY C 49 13.21 -11.48 31.06
C GLY C 49 12.54 -12.77 30.66
N THR C 50 11.71 -12.72 29.63
CA THR C 50 11.12 -13.91 28.99
C THR C 50 12.19 -14.59 28.10
N ALA C 51 11.87 -15.74 27.51
CA ALA C 51 12.79 -16.48 26.62
C ALA C 51 13.46 -15.53 25.63
N HIS C 52 14.76 -15.66 25.46
CA HIS C 52 15.49 -14.79 24.50
C HIS C 52 15.91 -15.58 23.26
N THR C 53 15.58 -16.87 23.18
CA THR C 53 15.74 -17.66 21.94
C THR C 53 14.46 -18.43 21.59
N PRO C 54 14.35 -18.92 20.34
CA PRO C 54 13.09 -19.52 19.87
C PRO C 54 12.60 -20.74 20.66
N ARG C 55 13.48 -21.69 20.97
CA ARG C 55 13.12 -22.96 21.67
C ARG C 55 11.91 -23.58 20.94
N ALA C 56 10.81 -23.93 21.63
CA ALA C 56 9.61 -24.57 21.04
C ALA C 56 8.78 -23.56 20.24
N HIS C 57 8.14 -24.03 19.18
CA HIS C 57 7.56 -23.15 18.14
C HIS C 57 6.25 -23.72 17.56
N LEU C 58 6.07 -25.04 17.52
CA LEU C 58 4.90 -25.62 16.82
C LEU C 58 3.69 -25.61 17.75
N LEU C 59 2.64 -24.90 17.35
CA LEU C 59 1.38 -24.77 18.13
C LEU C 59 0.35 -25.63 17.43
N ASN C 60 -0.16 -26.64 18.11
CA ASN C 60 -1.07 -27.58 17.44
C ASN C 60 -2.52 -27.08 17.61
N GLN C 61 -3.51 -27.82 17.08
CA GLN C 61 -4.90 -27.33 17.03
C GLN C 61 -5.47 -27.21 18.47
N ARG C 62 -5.09 -28.12 19.36
CA ARG C 62 -5.61 -28.09 20.74
C ARG C 62 -5.14 -26.78 21.39
N THR C 63 -3.87 -26.43 21.26
CA THR C 63 -3.37 -25.17 21.81
C THR C 63 -4.15 -23.99 21.24
N GLY C 64 -4.40 -24.02 19.94
CA GLY C 64 -5.20 -23.01 19.24
C GLY C 64 -6.56 -22.85 19.91
N GLU C 65 -7.24 -23.95 20.24
CA GLU C 65 -8.55 -23.92 20.93
C GLU C 65 -8.41 -23.32 22.31
N ILE C 66 -7.34 -23.68 23.05
CA ILE C 66 -7.16 -23.13 24.42
C ILE C 66 -6.89 -21.62 24.33
N PHE C 67 -6.12 -21.20 23.36
CA PHE C 67 -5.87 -19.76 23.21
C PHE C 67 -7.14 -19.00 22.77
N ARG C 68 -8.06 -19.62 22.03
CA ARG C 68 -9.38 -18.99 21.72
C ARG C 68 -10.14 -18.82 23.04
N ASP C 69 -10.14 -19.85 23.89
CA ASP C 69 -10.87 -19.78 25.18
C ASP C 69 -10.29 -18.67 26.07
N LEU C 70 -8.97 -18.53 26.10
CA LEU C 70 -8.23 -17.51 26.91
C LEU C 70 -8.19 -16.16 26.21
N GLY C 71 -8.72 -16.04 24.99
CA GLY C 71 -8.92 -14.74 24.35
C GLY C 71 -7.68 -14.18 23.73
N ILE C 72 -6.69 -14.99 23.32
CA ILE C 72 -5.43 -14.43 22.73
C ILE C 72 -5.16 -15.02 21.36
N ALA C 73 -6.05 -15.83 20.81
CA ALA C 73 -5.78 -16.56 19.55
C ALA C 73 -5.51 -15.56 18.41
N ASP C 74 -6.22 -14.45 18.36
CA ASP C 74 -6.04 -13.47 17.22
C ASP C 74 -4.63 -12.84 17.28
N ARG C 75 -4.17 -12.49 18.47
CA ARG C 75 -2.79 -11.96 18.71
C ARG C 75 -1.72 -13.00 18.35
N VAL C 76 -1.92 -14.26 18.66
CA VAL C 76 -0.96 -15.34 18.30
C VAL C 76 -0.94 -15.49 16.78
N GLU C 77 -2.10 -15.58 16.18
CA GLU C 77 -2.24 -15.78 14.71
C GLU C 77 -1.57 -14.63 13.93
N ALA C 78 -1.63 -13.40 14.41
CA ALA C 78 -1.12 -12.22 13.70
C ALA C 78 0.39 -12.38 13.46
N HIS C 79 1.12 -13.06 14.35
CA HIS C 79 2.61 -13.16 14.35
C HIS C 79 3.08 -14.55 13.85
N ALA C 80 2.24 -15.56 13.88
CA ALA C 80 2.68 -16.95 13.66
C ALA C 80 2.80 -17.23 12.16
N THR C 81 3.67 -18.17 11.79
CA THR C 81 3.63 -18.76 10.44
C THR C 81 2.32 -19.52 10.28
N PRO C 82 1.55 -19.32 9.19
CA PRO C 82 0.37 -20.14 8.96
C PRO C 82 0.68 -21.58 8.45
N GLY C 83 -0.22 -22.50 8.78
CA GLY C 83 -0.12 -23.93 8.44
C GLY C 83 0.25 -24.22 7.01
N HIS C 84 -0.24 -23.50 6.00
CA HIS C 84 0.04 -23.86 4.58
C HIS C 84 1.53 -23.65 4.23
N LEU C 85 2.26 -22.83 4.99
CA LEU C 85 3.72 -22.69 4.76
C LEU C 85 4.46 -23.78 5.56
N MET C 86 3.72 -24.69 6.19
CA MET C 86 4.34 -25.86 6.85
C MET C 86 3.86 -27.14 6.16
N ALA C 87 3.80 -27.15 4.86
CA ALA C 87 2.94 -28.11 4.14
C ALA C 87 3.60 -29.48 4.04
N ASN C 88 4.93 -29.56 4.12
CA ASN C 88 5.71 -30.78 3.86
C ASN C 88 6.62 -31.04 5.04
N HIS C 89 7.10 -32.28 5.14
CA HIS C 89 8.30 -32.64 5.95
C HIS C 89 9.30 -33.20 4.92
N VAL C 90 10.46 -32.58 4.80
CA VAL C 90 11.43 -32.91 3.73
C VAL C 90 12.63 -33.69 4.28
N PHE C 91 13.05 -34.76 3.60
CA PHE C 91 14.39 -35.38 3.77
C PHE C 91 15.23 -35.16 2.50
N MET C 92 16.48 -34.81 2.72
CA MET C 92 17.38 -34.36 1.64
C MET C 92 18.82 -34.74 1.98
N SER C 93 19.70 -34.41 1.03
CA SER C 93 21.17 -34.47 1.18
C SER C 93 21.58 -33.11 1.72
N THR C 94 22.17 -32.25 0.92
CA THR C 94 22.39 -30.84 1.33
C THR C 94 21.10 -30.09 0.97
N PHE C 95 20.92 -28.87 1.46
CA PHE C 95 19.75 -28.01 1.10
C PHE C 95 19.76 -27.70 -0.40
N ALA C 96 20.97 -27.48 -0.98
CA ALA C 96 21.12 -27.17 -2.41
C ALA C 96 21.24 -28.46 -3.25
N GLY C 97 21.37 -29.64 -2.65
CA GLY C 97 21.55 -30.88 -3.41
C GLY C 97 20.27 -31.65 -3.65
N PRO C 98 20.37 -32.93 -4.04
CA PRO C 98 19.21 -33.75 -4.30
C PRO C 98 18.39 -34.03 -3.04
N GLU C 99 17.09 -34.19 -3.26
CA GLU C 99 16.12 -34.50 -2.19
C GLU C 99 16.08 -36.03 -2.07
N VAL C 100 15.73 -36.55 -0.91
CA VAL C 100 15.61 -38.01 -0.62
C VAL C 100 14.12 -38.42 -0.57
N ALA C 101 13.32 -37.75 0.27
CA ALA C 101 11.90 -38.12 0.51
C ALA C 101 11.11 -36.90 0.98
N ARG C 102 9.81 -37.04 0.90
CA ARG C 102 8.85 -35.97 1.24
C ARG C 102 7.49 -36.54 1.59
N ILE C 103 6.90 -35.99 2.65
CA ILE C 103 5.49 -36.26 3.00
C ILE C 103 4.79 -34.94 3.24
N GLY C 104 3.47 -34.99 3.10
CA GLY C 104 2.58 -33.94 3.64
C GLY C 104 2.70 -33.88 5.14
N ALA C 105 2.67 -32.67 5.74
CA ALA C 105 2.79 -32.49 7.21
C ALA C 105 1.62 -31.64 7.72
N TYR C 106 1.32 -31.78 9.00
CA TYR C 106 0.41 -30.89 9.77
C TYR C 106 -0.92 -30.78 9.05
N GLY C 107 -1.36 -31.92 8.49
CA GLY C 107 -2.66 -32.04 7.84
C GLY C 107 -2.75 -31.33 6.51
N ASN C 108 -1.64 -30.93 5.87
CA ASN C 108 -1.72 -30.21 4.58
C ASN C 108 -1.90 -31.17 3.42
N GLY C 109 -1.56 -32.46 3.57
CA GLY C 109 -1.67 -33.41 2.45
C GLY C 109 -3.12 -33.69 2.12
N PRO C 110 -3.47 -33.90 0.84
CA PRO C 110 -4.85 -34.17 0.44
C PRO C 110 -5.50 -35.32 1.20
N ASP C 111 -4.73 -36.32 1.63
CA ASP C 111 -5.38 -37.45 2.35
C ASP C 111 -5.66 -37.09 3.83
N ARG C 112 -5.10 -36.02 4.38
CA ARG C 112 -5.35 -35.65 5.81
C ARG C 112 -6.14 -34.32 5.94
N ILE C 113 -6.23 -33.48 4.91
CA ILE C 113 -6.70 -32.06 5.07
C ILE C 113 -8.18 -32.02 5.49
N GLY C 114 -9.01 -32.92 4.99
CA GLY C 114 -10.43 -32.96 5.38
C GLY C 114 -10.62 -33.18 6.87
N GLU C 115 -9.92 -34.16 7.42
CA GLU C 115 -10.01 -34.59 8.84
C GLU C 115 -9.49 -33.45 9.71
N TYR C 116 -8.38 -32.83 9.32
CA TYR C 116 -7.81 -31.71 10.09
C TYR C 116 -8.80 -30.54 10.14
N ARG C 117 -9.40 -30.20 9.02
CA ARG C 117 -10.36 -29.09 9.02
C ARG C 117 -11.63 -29.43 9.82
N ALA C 118 -12.11 -30.66 9.79
CA ALA C 118 -13.37 -31.06 10.48
C ALA C 118 -13.14 -31.09 12.00
N ALA C 119 -11.90 -31.28 12.45
CA ALA C 119 -11.54 -31.64 13.84
C ALA C 119 -11.53 -30.43 14.77
N SER C 120 -11.37 -29.19 14.31
CA SER C 120 -11.08 -28.07 15.23
C SER C 120 -11.46 -26.79 14.55
N PRO C 121 -11.84 -25.71 15.27
CA PRO C 121 -11.94 -24.41 14.64
C PRO C 121 -10.55 -23.84 14.39
N SER C 122 -9.52 -24.44 14.95
CA SER C 122 -8.18 -23.85 14.91
C SER C 122 -7.32 -24.64 13.92
N GLY C 123 -6.41 -23.97 13.25
CA GLY C 123 -5.29 -24.55 12.50
C GLY C 123 -4.06 -24.74 13.39
N LEU C 124 -3.00 -25.30 12.81
CA LEU C 124 -1.65 -25.38 13.41
C LEU C 124 -0.90 -24.13 12.96
N CYS C 125 0.02 -23.65 13.76
CA CYS C 125 0.86 -22.51 13.34
C CYS C 125 2.20 -22.59 14.06
N ASN C 126 3.08 -21.69 13.70
CA ASN C 126 4.47 -21.67 14.18
C ASN C 126 4.77 -20.30 14.79
N LEU C 127 5.06 -20.32 16.08
CA LEU C 127 5.38 -19.09 16.81
C LEU C 127 6.34 -19.45 17.91
N PRO C 128 7.61 -19.04 17.77
CA PRO C 128 8.61 -19.34 18.80
C PRO C 128 8.44 -18.63 20.14
N GLN C 129 9.06 -19.17 21.17
CA GLN C 129 8.86 -18.78 22.58
C GLN C 129 9.26 -17.34 22.83
N HIS C 130 10.28 -16.81 22.17
CA HIS C 130 10.69 -15.40 22.44
C HIS C 130 9.60 -14.46 21.95
N LEU C 131 8.70 -14.92 21.08
CA LEU C 131 7.55 -14.07 20.68
C LEU C 131 6.28 -14.47 21.46
N LEU C 132 6.06 -15.75 21.73
CA LEU C 132 4.82 -16.18 22.43
C LEU C 132 4.78 -15.64 23.86
N GLU C 133 5.87 -15.73 24.59
CA GLU C 133 5.84 -15.43 26.04
C GLU C 133 5.49 -13.96 26.28
N PRO C 134 6.06 -13.00 25.52
CA PRO C 134 5.65 -11.60 25.70
C PRO C 134 4.17 -11.40 25.41
N LEU C 135 3.55 -12.24 24.58
CA LEU C 135 2.10 -12.06 24.31
C LEU C 135 1.29 -12.51 25.52
N LEU C 136 1.71 -13.58 26.16
CA LEU C 136 1.07 -14.06 27.41
C LEU C 136 1.27 -13.04 28.54
N VAL C 137 2.50 -12.56 28.71
CA VAL C 137 2.83 -11.50 29.72
C VAL C 137 1.89 -10.30 29.54
N GLU C 138 1.77 -9.79 28.31
CA GLU C 138 0.90 -8.62 28.01
C GLU C 138 -0.54 -8.92 28.40
N ALA C 139 -1.07 -10.07 28.01
CA ALA C 139 -2.45 -10.40 28.38
C ALA C 139 -2.61 -10.38 29.91
N VAL C 140 -1.65 -10.94 30.66
CA VAL C 140 -1.71 -11.05 32.15
C VAL C 140 -1.67 -9.64 32.75
N GLN C 141 -0.80 -8.77 32.26
CA GLN C 141 -0.66 -7.37 32.76
C GLN C 141 -1.92 -6.57 32.47
N GLU C 142 -2.49 -6.74 31.28
CA GLU C 142 -3.75 -6.07 30.85
C GLU C 142 -4.90 -6.48 31.78
N ALA C 143 -4.98 -7.73 32.23
CA ALA C 143 -6.13 -8.15 33.07
C ALA C 143 -5.99 -7.58 34.51
N CYS C 144 -4.76 -7.42 35.00
CA CYS C 144 -4.43 -6.85 36.33
C CYS C 144 -5.22 -7.57 37.44
N VAL C 145 -5.22 -8.89 37.45
CA VAL C 145 -5.84 -9.76 38.49
C VAL C 145 -4.75 -10.41 39.34
N GLY C 146 -3.63 -10.77 38.76
CA GLY C 146 -2.47 -11.33 39.44
C GLY C 146 -1.24 -10.50 39.16
N GLN C 147 -0.12 -10.86 39.79
CA GLN C 147 1.11 -10.05 39.75
C GLN C 147 2.25 -10.93 39.27
N LEU C 148 3.05 -10.43 38.33
CA LEU C 148 4.28 -11.09 37.81
C LEU C 148 5.49 -10.49 38.51
N ARG C 149 6.39 -11.33 39.01
CA ARG C 149 7.70 -10.86 39.53
C ARG C 149 8.81 -11.66 38.83
N PHE C 150 9.41 -11.05 37.83
CA PHE C 150 10.61 -11.57 37.14
C PHE C 150 11.83 -11.15 37.97
N GLY C 151 12.87 -11.98 37.99
CA GLY C 151 14.05 -11.73 38.84
C GLY C 151 13.83 -12.21 40.26
N HIS C 152 12.80 -13.00 40.50
CA HIS C 152 12.48 -13.55 41.85
C HIS C 152 12.60 -15.05 41.79
N GLU C 153 13.37 -15.60 42.71
CA GLU C 153 13.72 -17.04 42.69
C GLU C 153 13.09 -17.74 43.89
N PHE C 154 12.33 -18.80 43.62
CA PHE C 154 11.85 -19.77 44.62
C PHE C 154 13.01 -20.62 45.15
N VAL C 155 13.12 -20.76 46.48
CA VAL C 155 14.19 -21.49 47.22
C VAL C 155 13.60 -22.79 47.80
N SER C 156 12.51 -22.73 48.54
CA SER C 156 12.00 -23.91 49.26
C SER C 156 10.56 -23.67 49.69
N LEU C 157 9.90 -24.77 50.04
CA LEU C 157 8.53 -24.71 50.57
C LEU C 157 8.34 -25.69 51.72
N GLU C 158 7.36 -25.38 52.56
CA GLU C 158 6.74 -26.31 53.50
C GLU C 158 5.24 -26.17 53.28
N GLN C 159 4.50 -27.27 53.40
CA GLN C 159 3.04 -27.19 53.33
C GLN C 159 2.48 -27.90 54.55
N ASP C 160 1.22 -27.58 54.87
CA ASP C 160 0.50 -28.13 56.03
C ASP C 160 -0.94 -28.33 55.59
N GLU C 161 -1.80 -28.60 56.55
CA GLU C 161 -3.23 -28.87 56.29
C GLU C 161 -3.85 -27.69 55.55
N HIS C 162 -3.44 -26.45 55.81
CA HIS C 162 -4.26 -25.29 55.37
C HIS C 162 -3.60 -24.46 54.27
N GLY C 163 -2.35 -24.69 53.87
CA GLY C 163 -1.67 -23.77 52.93
C GLY C 163 -0.25 -24.19 52.68
N VAL C 164 0.51 -23.36 51.98
CA VAL C 164 1.88 -23.62 51.52
C VAL C 164 2.67 -22.37 51.87
N THR C 165 3.80 -22.53 52.53
CA THR C 165 4.72 -21.43 52.89
C THR C 165 6.00 -21.60 52.08
N SER C 166 6.32 -20.59 51.28
CA SER C 166 7.40 -20.63 50.28
C SER C 166 8.39 -19.52 50.62
N ARG C 167 9.64 -19.82 50.41
CA ARG C 167 10.74 -18.86 50.63
C ARG C 167 11.20 -18.40 49.26
N ILE C 168 11.28 -17.09 49.07
CA ILE C 168 11.55 -16.47 47.74
C ILE C 168 12.73 -15.53 47.94
N THR C 169 13.59 -15.40 46.94
CA THR C 169 14.69 -14.40 46.92
C THR C 169 14.45 -13.41 45.79
N ASP C 170 14.42 -12.13 46.11
CA ASP C 170 14.59 -11.03 45.13
C ASP C 170 16.06 -11.04 44.72
N ARG C 171 16.37 -11.43 43.48
CA ARG C 171 17.80 -11.60 43.08
C ARG C 171 18.55 -10.27 42.97
N ARG C 172 17.89 -9.14 42.74
CA ARG C 172 18.56 -7.82 42.65
C ARG C 172 19.04 -7.37 44.05
N THR C 173 18.17 -7.45 45.05
CA THR C 173 18.33 -6.89 46.41
C THR C 173 18.98 -7.94 47.32
N GLY C 174 18.91 -9.21 46.93
CA GLY C 174 19.39 -10.33 47.75
C GLY C 174 18.51 -10.56 48.95
N ARG C 175 17.33 -9.94 49.03
CA ARG C 175 16.48 -10.05 50.25
C ARG C 175 15.48 -11.18 50.06
N ASP C 176 15.27 -11.95 51.12
CA ASP C 176 14.35 -13.10 51.17
C ASP C 176 13.05 -12.64 51.78
N TYR C 177 11.96 -13.30 51.41
CA TYR C 177 10.61 -13.06 51.94
C TYR C 177 9.84 -14.36 51.81
N THR C 178 8.71 -14.44 52.47
CA THR C 178 7.92 -15.67 52.49
C THR C 178 6.54 -15.33 51.93
N VAL C 179 6.01 -16.33 51.25
CA VAL C 179 4.67 -16.28 50.64
C VAL C 179 3.87 -17.43 51.24
N ARG C 180 2.74 -17.08 51.80
CA ARG C 180 1.79 -18.11 52.26
C ARG C 180 0.68 -18.17 51.22
N SER C 181 0.38 -19.34 50.70
CA SER C 181 -0.67 -19.47 49.67
C SER C 181 -1.54 -20.67 49.98
N ASP C 182 -2.77 -20.70 49.47
CA ASP C 182 -3.66 -21.87 49.59
C ASP C 182 -3.04 -23.02 48.77
N TYR C 183 -2.50 -22.69 47.59
CA TYR C 183 -2.00 -23.68 46.61
C TYR C 183 -0.76 -23.12 45.92
N LEU C 184 0.05 -24.04 45.39
CA LEU C 184 1.25 -23.67 44.62
C LEU C 184 1.28 -24.46 43.31
N ILE C 185 1.61 -23.75 42.21
CA ILE C 185 1.79 -24.40 40.89
C ILE C 185 3.28 -24.44 40.60
N GLY C 186 3.79 -25.65 40.41
CA GLY C 186 5.19 -25.82 39.98
C GLY C 186 5.30 -25.82 38.47
N ALA C 187 5.71 -24.69 37.91
CA ALA C 187 5.86 -24.47 36.46
C ALA C 187 7.29 -24.01 36.18
N ASP C 188 8.25 -24.60 36.87
CA ASP C 188 9.64 -24.11 36.91
C ASP C 188 10.52 -24.95 35.98
N GLY C 189 9.94 -25.74 35.08
CA GLY C 189 10.68 -26.35 33.97
C GLY C 189 11.56 -27.52 34.42
N ALA C 190 12.50 -27.91 33.56
CA ALA C 190 13.27 -29.15 33.74
C ALA C 190 14.09 -28.98 35.03
N ARG C 191 14.33 -30.05 35.75
CA ARG C 191 15.08 -29.96 37.04
C ARG C 191 14.28 -29.06 38.01
N SER C 192 12.95 -29.18 38.00
CA SER C 192 12.02 -28.42 38.88
C SER C 192 12.51 -28.54 40.33
N ARG C 193 12.79 -27.41 40.97
CA ARG C 193 13.09 -27.34 42.42
C ARG C 193 11.82 -27.67 43.21
N VAL C 194 10.65 -27.21 42.72
CA VAL C 194 9.35 -27.52 43.38
C VAL C 194 9.16 -29.04 43.43
N LEU C 195 9.25 -29.72 42.29
CA LEU C 195 9.03 -31.19 42.26
C LEU C 195 10.04 -31.87 43.22
N ALA C 196 11.32 -31.52 43.18
CA ALA C 196 12.36 -32.03 44.12
C ALA C 196 11.90 -31.84 45.57
N GLN C 197 11.48 -30.62 45.95
CA GLN C 197 11.02 -30.29 47.33
C GLN C 197 9.89 -31.24 47.72
N LEU C 198 9.08 -31.73 46.75
CA LEU C 198 7.97 -32.66 47.04
C LEU C 198 8.48 -34.09 47.27
N GLY C 199 9.71 -34.41 46.89
CA GLY C 199 10.26 -35.78 46.98
C GLY C 199 9.81 -36.63 45.79
N ILE C 200 9.51 -35.99 44.65
CA ILE C 200 9.08 -36.74 43.45
C ILE C 200 10.25 -36.69 42.46
N ALA C 201 10.67 -37.87 42.01
CA ALA C 201 11.80 -38.02 41.07
C ALA C 201 11.23 -38.56 39.76
N LEU C 202 11.61 -37.97 38.63
CA LEU C 202 11.14 -38.41 37.29
C LEU C 202 11.58 -39.86 37.01
N ASP C 203 10.77 -40.63 36.28
CA ASP C 203 11.10 -41.93 35.67
C ASP C 203 11.58 -41.67 34.24
N GLY C 204 12.76 -42.18 33.89
CA GLY C 204 13.31 -42.18 32.52
C GLY C 204 14.78 -41.84 32.54
N ALA C 205 15.38 -41.56 31.39
CA ALA C 205 16.82 -41.27 31.27
C ALA C 205 17.07 -39.75 31.16
N THR C 206 18.18 -39.30 31.75
CA THR C 206 18.72 -37.91 31.64
C THR C 206 19.86 -37.91 30.62
N GLY C 207 20.07 -36.76 29.96
CA GLY C 207 21.10 -36.54 28.93
C GLY C 207 21.24 -37.72 27.98
N ILE C 208 20.14 -38.15 27.34
CA ILE C 208 20.12 -39.24 26.31
C ILE C 208 20.71 -38.72 24.99
N ALA C 209 20.86 -37.40 24.85
CA ALA C 209 21.54 -36.74 23.72
C ALA C 209 21.75 -35.27 24.04
N ARG C 210 22.66 -34.65 23.31
CA ARG C 210 22.80 -33.18 23.27
C ARG C 210 22.34 -32.73 21.89
N ALA C 211 21.68 -31.60 21.86
CA ALA C 211 21.29 -30.89 20.65
C ALA C 211 22.06 -29.59 20.72
N VAL C 212 22.60 -29.17 19.59
CA VAL C 212 23.16 -27.82 19.46
C VAL C 212 22.21 -27.10 18.52
N THR C 213 21.53 -26.08 19.00
CA THR C 213 20.53 -25.33 18.21
C THR C 213 21.11 -23.98 17.88
N THR C 214 21.31 -23.72 16.60
CA THR C 214 21.77 -22.43 16.09
C THR C 214 20.61 -21.71 15.40
N TRP C 215 20.37 -20.49 15.87
CA TRP C 215 19.42 -19.50 15.36
C TRP C 215 20.18 -18.63 14.37
N PHE C 216 19.76 -18.57 13.12
CA PHE C 216 20.51 -17.81 12.09
C PHE C 216 19.60 -17.22 11.00
N GLU C 217 20.13 -16.23 10.30
CA GLU C 217 19.50 -15.56 9.13
C GLU C 217 20.25 -15.98 7.88
N ALA C 218 19.53 -16.42 6.85
CA ALA C 218 20.09 -16.74 5.52
C ALA C 218 18.92 -16.85 4.53
N ASP C 219 19.05 -16.21 3.38
CA ASP C 219 18.00 -16.32 2.35
C ASP C 219 18.15 -17.68 1.66
N LEU C 220 17.34 -18.64 2.06
CA LEU C 220 17.39 -20.00 1.48
C LEU C 220 16.15 -20.25 0.62
N SER C 221 15.47 -19.20 0.16
CA SER C 221 14.18 -19.32 -0.57
C SER C 221 14.34 -20.17 -1.85
N ARG C 222 15.49 -20.11 -2.50
CA ARG C 222 15.71 -20.87 -3.75
C ARG C 222 15.66 -22.39 -3.49
N TYR C 223 15.94 -22.83 -2.27
CA TYR C 223 15.95 -24.26 -1.89
C TYR C 223 14.71 -24.69 -1.08
N SER C 224 13.80 -23.77 -0.76
CA SER C 224 12.69 -24.07 0.19
C SER C 224 11.31 -23.73 -0.39
N ALA C 225 11.18 -22.64 -1.15
CA ALA C 225 9.87 -22.03 -1.48
C ALA C 225 9.05 -23.00 -2.34
N HIS C 226 9.70 -23.85 -3.14
CA HIS C 226 8.98 -24.79 -4.03
C HIS C 226 8.54 -26.03 -3.23
N ARG C 227 8.96 -26.14 -1.98
CA ARG C 227 8.70 -27.34 -1.15
C ARG C 227 8.58 -26.87 0.29
N PRO C 228 7.57 -26.03 0.56
CA PRO C 228 7.45 -25.37 1.86
C PRO C 228 7.33 -26.41 2.98
N ALA C 229 8.07 -26.17 4.03
CA ALA C 229 8.16 -27.12 5.15
C ALA C 229 8.56 -26.39 6.43
N LEU C 230 8.13 -26.92 7.56
CA LEU C 230 8.73 -26.53 8.85
C LEU C 230 10.12 -27.19 9.02
N LEU C 231 10.23 -28.49 8.71
CA LEU C 231 11.47 -29.30 8.88
C LEU C 231 12.02 -29.80 7.55
N TYR C 232 13.30 -29.50 7.33
CA TYR C 232 14.17 -30.00 6.23
C TYR C 232 15.28 -30.79 6.91
N MET C 233 15.23 -32.11 6.81
CA MET C 233 16.23 -32.98 7.48
C MET C 233 17.24 -33.49 6.45
N GLY C 234 18.48 -33.06 6.65
CA GLY C 234 19.60 -33.22 5.73
C GLY C 234 20.66 -34.19 6.24
N ALA C 235 21.49 -34.64 5.31
CA ALA C 235 22.64 -35.56 5.50
C ALA C 235 23.69 -35.13 4.48
N VAL C 236 24.82 -34.60 4.95
CA VAL C 236 25.96 -34.21 4.08
C VAL C 236 26.65 -35.49 3.63
N PRO C 237 26.69 -35.80 2.31
CA PRO C 237 27.34 -37.02 1.83
C PRO C 237 28.75 -37.13 2.41
N GLY C 238 29.01 -38.27 3.01
CA GLY C 238 30.27 -38.63 3.68
C GLY C 238 30.14 -38.62 5.18
N SER C 239 28.92 -38.52 5.71
CA SER C 239 28.60 -38.46 7.16
C SER C 239 28.00 -39.79 7.59
N PRO C 240 28.18 -40.19 8.86
CA PRO C 240 27.46 -41.36 9.36
C PRO C 240 25.97 -41.01 9.47
N PRO C 241 25.03 -41.99 9.47
CA PRO C 241 23.60 -41.71 9.56
C PRO C 241 23.14 -40.83 10.75
N ALA C 242 23.80 -40.98 11.92
CA ALA C 242 23.53 -40.19 13.14
C ALA C 242 23.87 -38.71 12.98
N ASP C 243 24.68 -38.30 12.01
CA ASP C 243 25.11 -36.87 11.87
C ASP C 243 24.08 -36.03 11.06
N GLY C 244 22.78 -36.23 11.25
CA GLY C 244 21.71 -35.48 10.56
C GLY C 244 21.70 -34.02 10.91
N ARG C 245 21.26 -33.20 9.97
CA ARG C 245 21.25 -31.73 10.09
C ARG C 245 19.80 -31.33 9.93
N VAL C 246 19.24 -30.68 10.94
CA VAL C 246 17.80 -30.34 10.87
C VAL C 246 17.67 -28.85 10.73
N PHE C 247 17.12 -28.42 9.58
CA PHE C 247 16.67 -27.02 9.41
C PHE C 247 15.21 -26.87 9.84
N VAL C 248 14.96 -25.84 10.63
CA VAL C 248 13.60 -25.42 11.07
C VAL C 248 13.32 -24.03 10.54
N SER C 249 12.27 -23.88 9.75
CA SER C 249 11.81 -22.59 9.23
C SER C 249 11.15 -21.79 10.35
N LEU C 250 11.64 -20.59 10.67
CA LEU C 250 11.00 -19.68 11.67
C LEU C 250 10.32 -18.51 10.94
N ARG C 251 10.97 -17.90 9.97
CA ARG C 251 10.34 -16.87 9.12
C ARG C 251 10.64 -17.18 7.67
N PRO C 252 9.73 -17.84 6.95
CA PRO C 252 9.99 -18.27 5.57
C PRO C 252 10.48 -17.09 4.73
N TRP C 253 11.62 -17.20 4.01
CA TRP C 253 12.57 -18.31 4.06
C TRP C 253 13.96 -17.76 4.44
N THR C 254 13.98 -16.84 5.42
CA THR C 254 15.15 -16.00 5.79
C THR C 254 15.60 -16.29 7.23
N GLU C 255 14.74 -16.83 8.08
CA GLU C 255 15.13 -17.03 9.49
C GLU C 255 14.91 -18.49 9.86
N TRP C 256 15.89 -19.08 10.55
CA TRP C 256 16.10 -20.54 10.63
C TRP C 256 16.63 -20.95 11.98
N LEU C 257 16.36 -22.20 12.34
CA LEU C 257 17.19 -22.96 13.29
C LEU C 257 17.94 -24.03 12.53
N HIS C 258 19.13 -24.39 13.03
CA HIS C 258 19.91 -25.57 12.56
C HIS C 258 20.23 -26.40 13.77
N LEU C 259 19.82 -27.67 13.77
CA LEU C 259 20.09 -28.60 14.89
C LEU C 259 21.09 -29.67 14.47
N THR C 260 22.12 -29.87 15.28
CA THR C 260 23.01 -31.06 15.20
C THR C 260 22.96 -31.82 16.53
N PHE C 261 23.33 -33.09 16.47
CA PHE C 261 23.29 -34.03 17.60
C PHE C 261 24.72 -34.53 17.79
N PRO C 262 25.64 -33.71 18.38
CA PRO C 262 27.03 -34.15 18.54
C PRO C 262 27.14 -35.44 19.34
N PRO C 263 28.12 -36.32 19.01
CA PRO C 263 28.40 -37.49 19.83
C PRO C 263 28.68 -37.17 21.29
N PRO C 264 28.39 -38.11 22.22
CA PRO C 264 28.58 -37.87 23.65
C PRO C 264 30.00 -37.32 24.00
N THR C 265 31.00 -37.79 23.27
CA THR C 265 32.42 -37.34 23.33
C THR C 265 32.76 -36.44 22.13
N ALA C 266 32.17 -35.26 22.11
CA ALA C 266 32.60 -34.09 21.31
C ALA C 266 32.50 -32.89 22.25
N ASP C 267 33.44 -31.97 22.14
CA ASP C 267 33.39 -30.68 22.89
C ASP C 267 32.62 -29.73 21.99
N VAL C 268 31.55 -29.12 22.50
CA VAL C 268 30.81 -28.09 21.73
C VAL C 268 31.19 -26.76 22.35
N ASP C 269 31.77 -25.86 21.56
CA ASP C 269 32.00 -24.45 21.93
C ASP C 269 30.86 -23.60 21.32
N VAL C 270 29.81 -23.42 22.11
CA VAL C 270 28.64 -22.54 21.85
C VAL C 270 29.10 -21.13 21.45
N GLU C 271 30.29 -20.68 21.89
CA GLU C 271 30.83 -19.34 21.55
C GLU C 271 31.63 -19.37 20.23
N ASP C 272 31.98 -20.56 19.73
CA ASP C 272 32.70 -20.70 18.44
C ASP C 272 31.73 -20.50 17.25
N HIS C 273 31.28 -19.27 16.99
CA HIS C 273 30.38 -18.92 15.86
C HIS C 273 31.00 -19.29 14.51
N GLU C 274 32.32 -19.08 14.40
CA GLU C 274 33.13 -19.39 13.19
C GLU C 274 32.87 -20.83 12.75
N ALA C 275 33.08 -21.78 13.66
CA ALA C 275 33.00 -23.23 13.37
C ALA C 275 31.54 -23.59 13.12
N VAL C 276 30.63 -23.05 13.91
CA VAL C 276 29.17 -23.29 13.73
C VAL C 276 28.75 -22.77 12.35
N ARG C 277 29.19 -21.58 11.92
CA ARG C 277 28.90 -21.02 10.58
C ARG C 277 29.40 -21.98 9.48
N ALA C 278 30.55 -22.63 9.66
CA ALA C 278 31.13 -23.48 8.60
C ALA C 278 30.32 -24.78 8.54
N GLY C 279 29.87 -25.31 9.68
CA GLY C 279 28.97 -26.50 9.71
C GLY C 279 27.66 -26.23 8.96
N ILE C 280 27.05 -25.07 9.18
CA ILE C 280 25.77 -24.69 8.50
C ILE C 280 26.02 -24.53 7.00
N ARG C 281 27.12 -23.90 6.59
CA ARG C 281 27.46 -23.74 5.14
C ARG C 281 27.62 -25.13 4.52
N GLU C 282 28.16 -26.08 5.25
CA GLU C 282 28.31 -27.47 4.74
C GLU C 282 26.92 -28.11 4.63
N SER C 283 26.04 -27.89 5.60
CA SER C 283 24.67 -28.46 5.53
C SER C 283 23.93 -27.86 4.32
N ILE C 284 24.16 -26.61 4.01
CA ILE C 284 23.45 -25.91 2.90
C ILE C 284 24.00 -26.43 1.56
N GLY C 285 25.32 -26.52 1.41
CA GLY C 285 26.04 -26.94 0.18
C GLY C 285 26.01 -25.88 -0.92
N ASP C 286 26.04 -24.60 -0.57
CA ASP C 286 25.99 -23.47 -1.53
C ASP C 286 26.72 -22.29 -0.90
N PRO C 287 28.03 -22.13 -1.22
CA PRO C 287 28.88 -21.14 -0.54
C PRO C 287 28.49 -19.67 -0.78
N THR C 288 27.58 -19.39 -1.69
CA THR C 288 27.15 -18.02 -1.99
C THR C 288 26.07 -17.55 -0.97
N VAL C 289 25.51 -18.47 -0.17
CA VAL C 289 24.48 -18.11 0.86
C VAL C 289 25.20 -17.56 2.10
N ASP C 290 25.05 -16.25 2.41
CA ASP C 290 25.58 -15.62 3.63
C ASP C 290 24.73 -16.07 4.83
N VAL C 291 25.39 -16.53 5.88
CA VAL C 291 24.81 -17.03 7.16
C VAL C 291 25.25 -16.06 8.25
N THR C 292 24.30 -15.43 8.95
CA THR C 292 24.52 -14.59 10.16
C THR C 292 23.98 -15.38 11.37
N ILE C 293 24.83 -15.63 12.38
CA ILE C 293 24.48 -16.39 13.60
C ILE C 293 23.76 -15.45 14.58
N LYS C 294 22.66 -15.88 15.19
CA LYS C 294 21.98 -15.00 16.17
C LYS C 294 22.22 -15.57 17.56
N ASN C 295 22.28 -16.87 17.68
CA ASN C 295 22.50 -17.54 18.95
C ASN C 295 22.91 -18.96 18.67
N VAL C 296 23.70 -19.53 19.56
CA VAL C 296 23.97 -20.98 19.57
C VAL C 296 23.66 -21.46 20.97
N SER C 297 22.88 -22.53 21.14
CA SER C 297 22.61 -23.14 22.48
C SER C 297 22.81 -24.65 22.46
N ALA C 298 23.39 -25.14 23.53
CA ALA C 298 23.54 -26.58 23.76
C ALA C 298 22.42 -26.90 24.75
N TRP C 299 21.72 -27.99 24.49
CA TRP C 299 20.48 -28.35 25.19
C TRP C 299 20.57 -29.85 25.51
N GLU C 300 20.54 -30.22 26.78
CA GLU C 300 20.61 -31.65 27.16
C GLU C 300 19.22 -32.20 26.92
N VAL C 301 19.07 -33.17 26.02
CA VAL C 301 17.76 -33.79 25.69
C VAL C 301 17.51 -34.96 26.67
N ASN C 302 16.34 -34.97 27.32
CA ASN C 302 15.92 -36.06 28.22
C ASN C 302 14.67 -36.74 27.67
N SER C 303 14.30 -37.84 28.30
CA SER C 303 13.05 -38.55 28.00
C SER C 303 12.52 -39.10 29.32
N ALA C 304 11.69 -38.32 30.01
CA ALA C 304 11.34 -38.60 31.42
C ALA C 304 9.94 -38.06 31.75
N VAL C 305 9.29 -38.72 32.68
CA VAL C 305 7.94 -38.32 33.13
C VAL C 305 7.80 -38.61 34.62
N ALA C 306 7.25 -37.64 35.35
CA ALA C 306 6.95 -37.76 36.79
C ALA C 306 5.86 -38.79 36.99
N PRO C 307 6.05 -39.72 37.97
CA PRO C 307 5.07 -40.76 38.23
C PRO C 307 3.91 -40.15 39.00
N ARG C 308 4.17 -39.03 39.68
CA ARG C 308 3.18 -38.25 40.44
C ARG C 308 3.35 -36.79 40.05
N TYR C 309 2.22 -36.11 39.80
CA TYR C 309 2.18 -34.70 39.31
C TYR C 309 1.99 -33.74 40.46
N ALA C 310 1.55 -34.23 41.63
CA ALA C 310 1.18 -33.34 42.73
C ALA C 310 1.39 -34.01 44.09
N SER C 311 1.52 -33.20 45.12
CA SER C 311 1.53 -33.67 46.53
C SER C 311 0.85 -32.60 47.39
N GLY C 312 -0.24 -32.98 48.04
CA GLY C 312 -0.88 -32.06 48.98
C GLY C 312 -1.49 -30.88 48.26
N ARG C 313 -0.98 -29.68 48.48
CA ARG C 313 -1.53 -28.46 47.86
C ARG C 313 -0.60 -27.93 46.74
N VAL C 314 0.29 -28.77 46.24
CA VAL C 314 1.30 -28.40 45.20
C VAL C 314 1.06 -29.28 43.98
N PHE C 315 1.01 -28.63 42.84
CA PHE C 315 0.66 -29.22 41.52
C PHE C 315 1.75 -28.80 40.53
N CYS C 316 2.44 -29.74 39.90
CA CYS C 316 3.49 -29.42 38.88
C CYS C 316 2.97 -29.63 37.46
N VAL C 317 3.38 -28.74 36.55
CA VAL C 317 2.88 -28.69 35.15
C VAL C 317 4.05 -28.55 34.18
N GLY C 318 3.85 -28.91 32.92
CA GLY C 318 4.82 -28.66 31.85
C GLY C 318 6.12 -29.44 32.04
N ASP C 319 7.23 -28.80 31.71
CA ASP C 319 8.56 -29.44 31.65
C ASP C 319 9.00 -29.90 33.07
N ALA C 320 8.39 -29.39 34.13
CA ALA C 320 8.66 -29.91 35.49
C ALA C 320 8.25 -31.38 35.60
N VAL C 321 7.25 -31.84 34.84
CA VAL C 321 6.78 -33.24 34.99
C VAL C 321 6.93 -34.07 33.74
N HIS C 322 7.34 -33.51 32.60
CA HIS C 322 7.59 -34.33 31.38
C HIS C 322 8.66 -33.66 30.52
N GLN C 323 9.60 -34.46 30.05
CA GLN C 323 10.73 -33.97 29.21
C GLN C 323 10.89 -34.95 28.08
N ASN C 324 11.08 -34.43 26.88
CA ASN C 324 11.26 -35.35 25.73
C ASN C 324 12.03 -34.64 24.63
N PRO C 325 12.44 -35.40 23.62
CA PRO C 325 13.09 -34.78 22.49
C PRO C 325 12.06 -33.88 21.81
N PRO C 326 12.54 -32.95 20.99
CA PRO C 326 11.69 -32.01 20.28
C PRO C 326 10.82 -32.61 19.17
N THR C 327 11.12 -33.82 18.67
CA THR C 327 10.27 -34.52 17.66
C THR C 327 8.83 -34.57 18.18
N ASN C 328 7.86 -34.29 17.30
CA ASN C 328 6.37 -34.15 17.49
C ASN C 328 5.99 -32.76 18.04
N GLY C 329 6.91 -32.01 18.63
CA GLY C 329 6.59 -30.69 19.17
C GLY C 329 5.50 -30.79 20.21
N LEU C 330 5.52 -31.84 21.05
CA LEU C 330 4.41 -32.10 22.00
C LEU C 330 4.64 -31.33 23.32
N GLY C 331 5.89 -30.99 23.69
CA GLY C 331 6.27 -30.39 24.99
C GLY C 331 5.48 -29.12 25.32
N LEU C 332 5.57 -28.12 24.44
CA LEU C 332 4.90 -26.79 24.59
C LEU C 332 3.36 -26.92 24.64
N ASN C 333 2.79 -27.66 23.71
CA ASN C 333 1.33 -27.89 23.65
C ASN C 333 0.85 -28.60 24.94
N SER C 334 1.59 -29.58 25.44
CA SER C 334 1.21 -30.36 26.66
C SER C 334 1.34 -29.46 27.88
N ALA C 335 2.33 -28.57 27.89
CA ALA C 335 2.44 -27.60 28.99
C ALA C 335 1.17 -26.73 29.07
N VAL C 336 0.76 -26.14 27.95
CA VAL C 336 -0.44 -25.28 27.89
C VAL C 336 -1.65 -26.05 28.42
N ALA C 337 -1.86 -27.28 27.94
CA ALA C 337 -3.00 -28.11 28.32
C ALA C 337 -2.89 -28.61 29.78
N ASP C 338 -1.70 -28.81 30.34
CA ASP C 338 -1.61 -29.12 31.79
C ASP C 338 -2.18 -27.95 32.61
N SER C 339 -1.76 -26.71 32.35
CA SER C 339 -2.18 -25.58 33.18
C SER C 339 -3.69 -25.31 32.96
N PHE C 340 -4.20 -25.51 31.75
CA PHE C 340 -5.63 -25.31 31.44
C PHE C 340 -6.49 -26.39 32.12
N ASN C 341 -5.98 -27.60 32.29
CA ASN C 341 -6.65 -28.65 33.06
C ASN C 341 -6.82 -28.21 34.54
N LEU C 342 -5.82 -27.59 35.12
CA LEU C 342 -5.73 -27.39 36.58
C LEU C 342 -6.48 -26.15 37.05
N CYS C 343 -6.37 -25.05 36.31
CA CYS C 343 -6.76 -23.73 36.86
C CYS C 343 -8.27 -23.64 37.16
N TRP C 344 -9.15 -24.15 36.31
CA TRP C 344 -10.61 -24.05 36.57
C TRP C 344 -10.91 -24.90 37.82
N LYS C 345 -10.10 -25.93 38.12
CA LYS C 345 -10.30 -26.79 39.33
C LYS C 345 -9.88 -26.03 40.57
N LEU C 346 -8.75 -25.31 40.53
CA LEU C 346 -8.29 -24.45 41.66
C LEU C 346 -9.33 -23.37 41.94
N LYS C 347 -9.96 -22.82 40.89
CA LYS C 347 -10.95 -21.73 41.11
C LYS C 347 -12.11 -22.26 41.95
N LEU C 348 -12.72 -23.36 41.55
CA LEU C 348 -13.84 -23.96 42.30
C LEU C 348 -13.40 -24.35 43.74
N ALA C 349 -12.23 -24.95 43.95
CA ALA C 349 -11.73 -25.25 45.30
C ALA C 349 -11.63 -23.96 46.12
N LEU C 350 -11.05 -22.89 45.58
CA LEU C 350 -10.87 -21.63 46.33
C LEU C 350 -12.25 -21.07 46.70
N GLU C 351 -13.27 -21.29 45.87
CA GLU C 351 -14.65 -20.77 46.13
C GLU C 351 -15.34 -21.58 47.24
N GLY C 352 -14.80 -22.72 47.64
CA GLY C 352 -15.49 -23.71 48.50
C GLY C 352 -16.49 -24.58 47.76
N LEU C 353 -16.50 -24.60 46.43
CA LEU C 353 -17.52 -25.33 45.62
C LEU C 353 -16.99 -26.69 45.18
N ALA C 354 -15.74 -27.00 45.49
CA ALA C 354 -15.21 -28.33 45.15
C ALA C 354 -14.24 -28.68 46.24
N GLY C 355 -14.15 -29.98 46.48
CA GLY C 355 -13.24 -30.57 47.46
C GLY C 355 -11.89 -30.91 46.83
N PRO C 356 -10.91 -31.27 47.69
CA PRO C 356 -9.59 -31.70 47.25
C PRO C 356 -9.64 -32.89 46.27
N GLY C 357 -10.71 -33.68 46.34
CA GLY C 357 -11.00 -34.73 45.35
C GLY C 357 -10.99 -34.21 43.91
N LEU C 358 -11.43 -32.97 43.64
CA LEU C 358 -11.40 -32.43 42.26
C LEU C 358 -9.94 -32.12 41.87
N LEU C 359 -9.15 -31.61 42.80
CA LEU C 359 -7.74 -31.22 42.54
C LEU C 359 -6.87 -32.46 42.27
N ASP C 360 -7.22 -33.60 42.87
CA ASP C 360 -6.58 -34.92 42.59
C ASP C 360 -6.77 -35.37 41.14
N THR C 361 -7.84 -34.98 40.47
CA THR C 361 -8.11 -35.38 39.06
C THR C 361 -7.10 -34.69 38.09
N TYR C 362 -6.39 -33.66 38.48
CA TYR C 362 -5.31 -33.05 37.66
C TYR C 362 -4.26 -34.13 37.35
N HIS C 363 -3.68 -34.79 38.37
CA HIS C 363 -2.75 -35.92 38.19
C HIS C 363 -3.47 -37.03 37.41
N ASP C 364 -4.74 -37.34 37.77
CA ASP C 364 -5.35 -38.57 37.22
C ASP C 364 -5.48 -38.37 35.70
N GLU C 365 -5.76 -37.16 35.26
CA GLU C 365 -6.11 -36.89 33.83
C GLU C 365 -4.82 -36.58 33.05
N ARG C 366 -3.93 -35.80 33.63
CA ARG C 366 -2.74 -35.28 32.89
C ARG C 366 -1.54 -36.22 32.92
N GLN C 367 -1.37 -37.05 33.96
CA GLN C 367 -0.13 -37.88 34.04
C GLN C 367 -0.11 -38.91 32.92
N PRO C 368 -1.22 -39.60 32.58
CA PRO C 368 -1.22 -40.48 31.43
C PRO C 368 -0.93 -39.79 30.09
N VAL C 369 -1.28 -38.52 29.94
CA VAL C 369 -0.93 -37.79 28.69
C VAL C 369 0.58 -37.57 28.70
N GLY C 370 1.15 -37.23 29.85
CA GLY C 370 2.61 -37.06 29.99
C GLY C 370 3.36 -38.32 29.56
N ARG C 371 2.88 -39.49 29.96
CA ARG C 371 3.52 -40.76 29.58
C ARG C 371 3.39 -40.90 28.08
N GLN C 372 2.20 -40.66 27.55
CA GLN C 372 1.95 -40.83 26.10
C GLN C 372 2.90 -39.95 25.28
N ILE C 373 3.03 -38.65 25.61
CA ILE C 373 3.79 -37.75 24.71
C ILE C 373 5.27 -38.10 24.80
N VAL C 374 5.76 -38.49 25.98
CA VAL C 374 7.21 -38.80 26.14
C VAL C 374 7.51 -40.03 25.28
N ASP C 375 6.67 -41.04 25.34
CA ASP C 375 6.84 -42.28 24.56
C ASP C 375 6.80 -41.96 23.05
N ARG C 376 5.80 -41.19 22.59
CA ARG C 376 5.62 -40.87 21.16
C ARG C 376 6.83 -40.04 20.67
N ALA C 377 7.24 -39.01 21.39
CA ALA C 377 8.37 -38.17 20.96
C ALA C 377 9.66 -39.00 20.85
N PHE C 378 9.90 -39.94 21.81
CA PHE C 378 11.08 -40.86 21.80
C PHE C 378 11.06 -41.70 20.53
N ARG C 379 9.96 -42.38 20.26
CA ARG C 379 9.91 -43.25 19.07
C ARG C 379 10.13 -42.38 17.82
N SER C 380 9.61 -41.15 17.76
CA SER C 380 9.74 -40.30 16.56
C SER C 380 11.22 -39.88 16.42
N MET C 381 11.93 -39.62 17.52
CA MET C 381 13.37 -39.33 17.48
C MET C 381 14.13 -40.54 16.89
N VAL C 382 13.75 -41.77 17.27
CA VAL C 382 14.44 -42.98 16.79
C VAL C 382 14.06 -43.25 15.32
N ASP C 383 12.85 -42.95 14.88
CA ASP C 383 12.47 -43.12 13.45
C ASP C 383 13.40 -42.36 12.48
N LEU C 384 13.97 -41.24 12.86
CA LEU C 384 14.72 -40.34 11.95
C LEU C 384 15.88 -41.10 11.29
N ILE C 385 16.56 -41.96 12.03
CA ILE C 385 17.79 -42.61 11.51
C ILE C 385 17.42 -43.62 10.41
N GLY C 386 16.18 -44.09 10.39
CA GLY C 386 15.67 -45.03 9.38
C GLY C 386 15.88 -44.53 7.96
N ILE C 387 15.85 -43.21 7.73
CA ILE C 387 15.89 -42.68 6.33
C ILE C 387 17.32 -42.87 5.84
N PRO C 388 18.40 -42.34 6.48
CA PRO C 388 19.74 -42.54 5.89
C PRO C 388 20.15 -44.03 5.89
N GLN C 389 19.65 -44.84 6.82
CA GLN C 389 19.89 -46.31 6.81
C GLN C 389 19.30 -46.95 5.58
N ALA C 390 18.05 -46.65 5.26
CA ALA C 390 17.39 -47.18 4.06
C ALA C 390 18.22 -46.85 2.79
N LEU C 391 18.94 -45.72 2.78
CA LEU C 391 19.72 -45.32 1.60
C LEU C 391 21.00 -46.16 1.46
N GLY C 392 21.44 -46.82 2.54
CA GLY C 392 22.67 -47.63 2.63
C GLY C 392 23.79 -46.84 3.23
N PHE C 393 23.48 -45.72 3.92
CA PHE C 393 24.52 -44.85 4.54
C PHE C 393 25.01 -45.55 5.81
N THR C 394 26.32 -45.47 6.10
CA THR C 394 27.00 -46.03 7.30
C THR C 394 28.15 -45.10 7.65
N GLU C 395 28.78 -45.37 8.79
CA GLU C 395 30.13 -44.91 9.17
C GLU C 395 31.13 -45.42 8.13
N GLY C 396 32.22 -44.67 7.96
CA GLY C 396 33.39 -45.07 7.15
C GLY C 396 33.12 -44.96 5.67
N GLN C 397 32.18 -44.14 5.20
CA GLN C 397 31.96 -43.97 3.74
C GLN C 397 32.45 -42.58 3.31
N SER C 398 33.03 -42.51 2.13
CA SER C 398 33.52 -41.26 1.52
C SER C 398 32.31 -40.47 1.01
N PRO C 399 32.45 -39.17 0.76
CA PRO C 399 31.40 -38.44 0.06
C PRO C 399 30.98 -39.13 -1.24
N GLU C 400 31.98 -39.58 -2.02
CA GLU C 400 31.73 -40.15 -3.36
C GLU C 400 30.87 -41.41 -3.24
N GLU C 401 31.15 -42.26 -2.28
CA GLU C 401 30.39 -43.51 -2.04
C GLU C 401 28.93 -43.14 -1.73
N GLN C 402 28.70 -42.10 -0.96
CA GLN C 402 27.28 -41.73 -0.57
C GLN C 402 26.56 -41.07 -1.75
N TRP C 403 27.24 -40.20 -2.51
CA TRP C 403 26.67 -39.66 -3.78
C TRP C 403 26.29 -40.81 -4.69
N ARG C 404 27.14 -41.85 -4.80
CA ARG C 404 26.80 -43.01 -5.66
C ARG C 404 25.59 -43.74 -5.12
N LEU C 405 25.49 -43.93 -3.81
CA LEU C 405 24.26 -44.59 -3.25
C LEU C 405 23.02 -43.76 -3.58
N LEU C 406 23.07 -42.44 -3.39
CA LEU C 406 21.92 -41.56 -3.81
C LEU C 406 21.64 -41.70 -5.32
N ASP C 407 22.66 -41.62 -6.16
CA ASP C 407 22.52 -41.75 -7.64
C ASP C 407 21.93 -43.13 -8.00
N THR C 408 22.45 -44.22 -7.44
CA THR C 408 22.05 -45.58 -7.86
C THR C 408 20.69 -45.95 -7.26
N LEU C 409 20.12 -45.06 -6.46
CA LEU C 409 18.79 -45.28 -5.83
C LEU C 409 17.73 -45.56 -6.89
N HIS C 410 17.82 -44.92 -8.07
CA HIS C 410 16.74 -44.92 -9.08
C HIS C 410 16.99 -45.98 -10.18
N GLU C 411 17.90 -46.91 -9.96
CA GLU C 411 18.39 -47.83 -11.00
C GLU C 411 17.47 -49.04 -11.07
N ASP C 412 17.67 -49.81 -12.13
CA ASP C 412 16.81 -50.92 -12.50
C ASP C 412 17.51 -52.19 -12.02
N THR C 413 17.76 -52.30 -10.71
CA THR C 413 18.44 -53.46 -10.09
C THR C 413 17.69 -53.92 -8.86
N GLU C 414 18.03 -55.12 -8.39
CA GLU C 414 17.40 -55.74 -7.20
C GLU C 414 17.70 -54.88 -5.99
N GLU C 415 18.96 -54.50 -5.89
CA GLU C 415 19.56 -53.68 -4.83
C GLU C 415 18.78 -52.35 -4.68
N ALA C 416 18.60 -51.64 -5.78
CA ALA C 416 17.87 -50.35 -5.83
C ALA C 416 16.38 -50.53 -5.50
N ARG C 417 15.73 -51.56 -6.02
CA ARG C 417 14.29 -51.84 -5.72
C ARG C 417 14.12 -52.00 -4.22
N GLN C 418 15.07 -52.68 -3.59
CA GLN C 418 14.95 -52.99 -2.15
C GLN C 418 15.21 -51.69 -1.38
N ARG C 419 16.19 -50.88 -1.79
CA ARG C 419 16.48 -49.57 -1.13
C ARG C 419 15.26 -48.64 -1.29
N ARG C 420 14.62 -48.59 -2.47
CA ARG C 420 13.40 -47.79 -2.66
C ARG C 420 12.27 -48.27 -1.73
N ALA C 421 12.12 -49.59 -1.52
CA ALA C 421 11.11 -50.17 -0.61
C ALA C 421 11.45 -49.74 0.81
N ALA C 422 12.72 -49.86 1.23
CA ALA C 422 13.11 -49.55 2.61
C ALA C 422 12.91 -48.04 2.84
N LEU C 423 13.18 -47.20 1.84
CA LEU C 423 13.04 -45.72 1.98
C LEU C 423 11.54 -45.38 2.14
N ALA C 424 10.66 -45.99 1.32
CA ALA C 424 9.20 -45.79 1.43
C ALA C 424 8.69 -46.19 2.85
N ALA C 425 9.15 -47.34 3.40
CA ALA C 425 8.78 -47.78 4.77
C ALA C 425 9.35 -46.82 5.81
N ALA C 426 10.61 -46.41 5.71
CA ALA C 426 11.19 -45.47 6.69
C ALA C 426 10.43 -44.11 6.65
N THR C 427 10.04 -43.66 5.45
CA THR C 427 9.33 -42.38 5.22
C THR C 427 7.89 -42.48 5.78
N ALA C 428 7.20 -43.59 5.58
CA ALA C 428 5.81 -43.77 6.08
C ALA C 428 5.80 -43.57 7.61
N ALA C 429 6.80 -44.06 8.34
CA ALA C 429 6.83 -43.97 9.82
C ALA C 429 6.92 -42.50 10.29
N ILE C 430 7.42 -41.57 9.47
CA ILE C 430 7.55 -40.15 9.87
C ILE C 430 6.14 -39.51 9.99
N HIS C 431 5.08 -40.09 9.44
CA HIS C 431 3.70 -39.61 9.73
C HIS C 431 3.43 -39.60 11.24
N GLY C 432 4.13 -40.46 12.00
CA GLY C 432 4.05 -40.54 13.48
C GLY C 432 4.47 -39.24 14.15
N GLN C 433 5.16 -38.36 13.43
CA GLN C 433 5.52 -37.04 13.96
C GLN C 433 4.90 -35.92 13.13
N ALA C 434 4.64 -36.13 11.83
CA ALA C 434 4.17 -35.04 10.94
C ALA C 434 2.63 -34.93 10.93
N ASN C 435 1.90 -36.02 11.15
CA ASN C 435 0.41 -36.08 11.04
C ASN C 435 -0.16 -36.94 12.21
N ALA C 436 0.32 -36.74 13.43
CA ALA C 436 -0.05 -37.55 14.62
C ALA C 436 -1.29 -36.93 15.24
N HIS C 437 -2.38 -36.91 14.48
CA HIS C 437 -3.63 -36.20 14.83
C HIS C 437 -4.26 -36.80 16.09
N GLY C 438 -4.28 -38.12 16.22
CA GLY C 438 -4.85 -38.79 17.41
C GLY C 438 -4.13 -38.43 18.68
N VAL C 439 -2.81 -38.34 18.63
CA VAL C 439 -1.98 -37.91 19.78
C VAL C 439 -2.30 -36.45 20.11
N GLU C 440 -2.35 -35.58 19.10
CA GLU C 440 -2.49 -34.10 19.29
C GLU C 440 -3.87 -33.75 19.85
N LEU C 441 -4.92 -34.38 19.37
CA LEU C 441 -6.29 -33.93 19.63
C LEU C 441 -7.14 -35.03 20.26
N GLY C 442 -6.70 -36.30 20.20
CA GLY C 442 -7.63 -37.43 20.39
C GLY C 442 -7.40 -38.09 21.71
N TYR C 443 -6.61 -37.51 22.60
CA TYR C 443 -6.44 -38.10 23.94
C TYR C 443 -7.75 -37.92 24.70
N ARG C 444 -8.10 -38.95 25.48
CA ARG C 444 -9.36 -38.96 26.25
C ARG C 444 -9.06 -39.26 27.72
N TYR C 445 -9.60 -38.49 28.65
CA TYR C 445 -9.40 -38.77 30.08
C TYR C 445 -10.33 -39.94 30.46
N ARG C 446 -9.82 -41.02 31.04
CA ARG C 446 -10.63 -42.22 31.35
C ARG C 446 -10.96 -42.21 32.83
N THR C 447 -10.24 -41.48 33.65
CA THR C 447 -10.61 -41.26 35.07
C THR C 447 -10.36 -39.80 35.45
N GLY C 448 -11.21 -39.24 36.27
CA GLY C 448 -11.04 -37.86 36.71
C GLY C 448 -12.37 -37.19 36.91
N ALA C 449 -12.49 -35.93 36.51
CA ALA C 449 -13.66 -35.08 36.75
C ALA C 449 -14.67 -35.37 35.63
N LEU C 450 -15.25 -36.55 35.70
CA LEU C 450 -16.16 -37.10 34.68
C LEU C 450 -16.93 -38.29 35.29
N VAL C 451 -18.10 -38.55 34.75
CA VAL C 451 -19.00 -39.62 35.20
C VAL C 451 -19.25 -40.45 33.96
N PRO C 452 -18.78 -41.71 33.93
CA PRO C 452 -18.99 -42.58 32.77
C PRO C 452 -20.49 -42.81 32.57
N ASP C 453 -20.88 -43.05 31.33
CA ASP C 453 -22.29 -43.23 30.95
C ASP C 453 -22.60 -44.71 30.74
N GLY C 454 -21.61 -45.59 30.89
CA GLY C 454 -21.80 -47.04 30.69
C GLY C 454 -21.70 -47.46 29.23
N THR C 455 -21.36 -46.57 28.29
CA THR C 455 -21.15 -46.99 26.89
C THR C 455 -19.68 -47.38 26.76
N PRO C 456 -19.36 -48.30 25.84
CA PRO C 456 -17.97 -48.57 25.52
C PRO C 456 -17.32 -47.36 24.79
N GLU C 457 -16.03 -47.21 24.99
CA GLU C 457 -15.22 -46.20 24.30
C GLU C 457 -15.27 -46.53 22.81
N PRO C 458 -15.56 -45.55 21.92
CA PRO C 458 -15.50 -45.81 20.48
C PRO C 458 -14.06 -46.22 20.12
N ALA C 459 -13.92 -47.10 19.15
CA ALA C 459 -12.61 -47.62 18.65
C ALA C 459 -12.79 -48.14 17.25
N ASP C 460 -11.73 -48.19 16.46
CA ASP C 460 -11.81 -48.73 15.09
C ASP C 460 -10.44 -49.32 14.78
N GLU C 461 -10.23 -49.71 13.54
CA GLU C 461 -9.00 -50.46 13.12
C GLU C 461 -7.88 -49.46 12.78
N ARG C 462 -8.16 -48.16 12.71
CA ARG C 462 -7.16 -47.15 12.27
C ARG C 462 -6.14 -46.97 13.38
N ASP C 463 -4.92 -46.63 13.04
CA ASP C 463 -3.88 -46.27 14.05
C ASP C 463 -4.35 -45.05 14.87
N PRO C 464 -4.54 -45.19 16.21
CA PRO C 464 -5.13 -44.13 17.03
C PRO C 464 -4.14 -42.99 17.29
N GLU C 465 -2.88 -43.20 16.92
CA GLU C 465 -1.84 -42.17 17.06
C GLU C 465 -1.98 -41.21 15.88
N LEU C 466 -2.31 -41.73 14.71
CA LEU C 466 -2.39 -40.95 13.44
C LEU C 466 -3.78 -40.37 13.29
N TYR C 467 -4.84 -41.06 13.69
CA TYR C 467 -6.24 -40.73 13.30
C TYR C 467 -7.06 -40.30 14.52
N TYR C 468 -7.64 -39.10 14.41
CA TYR C 468 -8.53 -38.51 15.41
C TYR C 468 -9.93 -39.01 15.11
N ARG C 469 -10.69 -39.36 16.14
CA ARG C 469 -12.12 -39.75 15.99
C ARG C 469 -12.97 -38.98 17.01
N ALA C 470 -13.72 -38.00 16.54
CA ALA C 470 -14.56 -37.10 17.36
C ALA C 470 -15.60 -37.92 18.15
N THR C 471 -15.68 -37.68 19.46
CA THR C 471 -16.69 -38.36 20.33
C THR C 471 -17.08 -37.47 21.50
N THR C 472 -18.30 -37.65 21.99
CA THR C 472 -18.73 -37.02 23.27
C THR C 472 -18.56 -38.02 24.40
N TRP C 473 -17.91 -39.15 24.17
CA TRP C 473 -17.68 -40.10 25.28
C TRP C 473 -17.03 -39.32 26.41
N PRO C 474 -17.54 -39.41 27.67
CA PRO C 474 -16.94 -38.71 28.80
C PRO C 474 -15.42 -38.87 28.95
N GLY C 475 -14.75 -37.74 29.14
CA GLY C 475 -13.28 -37.58 29.15
C GLY C 475 -12.73 -37.06 27.83
N ALA C 476 -13.42 -37.28 26.70
CA ALA C 476 -13.01 -36.80 25.37
C ALA C 476 -13.11 -35.27 25.26
N ARG C 477 -12.31 -34.65 24.39
CA ARG C 477 -12.46 -33.19 24.12
C ARG C 477 -13.74 -33.06 23.28
N LEU C 478 -14.64 -32.13 23.64
CA LEU C 478 -15.91 -31.93 22.91
C LEU C 478 -15.68 -31.81 21.41
N PRO C 479 -16.47 -32.54 20.58
CA PRO C 479 -16.35 -32.36 19.14
C PRO C 479 -16.65 -30.95 18.67
N HIS C 480 -15.83 -30.53 17.71
CA HIS C 480 -16.00 -29.29 16.96
C HIS C 480 -17.08 -29.47 15.90
N ALA C 481 -18.01 -28.53 15.86
CA ALA C 481 -18.97 -28.32 14.75
C ALA C 481 -19.21 -26.82 14.61
N TRP C 482 -19.39 -26.34 13.37
CA TRP C 482 -19.74 -24.95 13.09
C TRP C 482 -21.23 -24.71 13.38
N LEU C 483 -21.48 -23.81 14.30
CA LEU C 483 -22.80 -23.32 14.67
C LEU C 483 -22.94 -21.93 14.11
N GLU C 484 -24.17 -21.44 14.18
CA GLU C 484 -24.44 -20.03 13.87
C GLU C 484 -25.38 -19.46 14.90
N ASN C 485 -24.91 -18.43 15.59
CA ASN C 485 -25.71 -17.65 16.57
C ASN C 485 -26.15 -16.33 15.93
N GLY C 486 -27.40 -16.29 15.47
CA GLY C 486 -27.90 -15.22 14.56
C GLY C 486 -27.08 -15.27 13.28
N ARG C 487 -26.25 -14.27 13.02
CA ARG C 487 -25.36 -14.34 11.84
C ARG C 487 -23.88 -14.54 12.23
N HIS C 488 -23.60 -14.98 13.45
CA HIS C 488 -22.25 -15.13 14.03
C HIS C 488 -21.82 -16.58 13.93
N ARG C 489 -20.80 -16.85 13.13
CA ARG C 489 -20.21 -18.20 12.99
C ARG C 489 -19.36 -18.49 14.25
N CYS C 490 -19.58 -19.60 14.90
CA CYS C 490 -18.92 -19.95 16.17
C CYS C 490 -18.88 -21.46 16.31
N SER C 491 -17.85 -21.97 16.96
CA SER C 491 -17.68 -23.41 17.21
C SER C 491 -18.53 -23.80 18.42
N THR C 492 -18.90 -25.07 18.50
CA THR C 492 -19.26 -25.72 19.77
C THR C 492 -18.26 -25.39 20.90
N LEU C 493 -16.94 -25.31 20.59
CA LEU C 493 -15.86 -25.02 21.57
C LEU C 493 -15.84 -23.53 21.95
N ASP C 494 -16.36 -22.64 21.12
CA ASP C 494 -16.43 -21.18 21.43
C ASP C 494 -17.63 -20.90 22.35
N VAL C 495 -18.72 -21.68 22.32
CA VAL C 495 -19.95 -21.32 23.10
C VAL C 495 -19.97 -22.14 24.37
N THR C 496 -18.89 -22.88 24.65
CA THR C 496 -18.69 -23.65 25.91
C THR C 496 -17.36 -23.17 26.50
N GLY C 497 -16.95 -23.70 27.64
CA GLY C 497 -15.71 -23.34 28.33
C GLY C 497 -15.86 -22.01 29.01
N ARG C 498 -14.82 -21.20 28.90
CA ARG C 498 -14.78 -19.84 29.49
C ARG C 498 -15.24 -19.87 30.94
N GLY C 499 -14.67 -20.77 31.72
CA GLY C 499 -14.82 -20.74 33.16
C GLY C 499 -16.17 -21.24 33.63
N ARG C 500 -16.95 -21.93 32.82
CA ARG C 500 -18.23 -22.45 33.33
C ARG C 500 -18.55 -23.82 32.74
N PHE C 501 -19.48 -24.51 33.40
CA PHE C 501 -20.08 -25.74 32.86
C PHE C 501 -21.23 -25.35 31.96
N THR C 502 -21.36 -26.09 30.88
CA THR C 502 -22.39 -25.87 29.86
C THR C 502 -23.06 -27.20 29.56
N LEU C 503 -24.40 -27.16 29.50
CA LEU C 503 -25.18 -28.35 29.09
C LEU C 503 -25.81 -28.09 27.73
N LEU C 504 -25.30 -28.78 26.72
CA LEU C 504 -25.74 -28.68 25.32
C LEU C 504 -26.96 -29.58 25.15
N THR C 505 -28.08 -29.02 24.71
CA THR C 505 -29.34 -29.76 24.60
C THR C 505 -29.88 -29.54 23.20
N GLY C 506 -31.03 -30.16 22.91
CA GLY C 506 -31.70 -30.02 21.62
C GLY C 506 -33.20 -30.12 21.73
N PRO C 507 -33.91 -30.32 20.60
CA PRO C 507 -35.37 -30.39 20.59
C PRO C 507 -35.89 -31.45 21.58
N GLY C 508 -36.86 -31.08 22.41
CA GLY C 508 -37.45 -31.99 23.40
C GLY C 508 -36.65 -32.05 24.69
N GLY C 509 -35.67 -31.15 24.86
CA GLY C 509 -34.79 -31.11 26.04
C GLY C 509 -35.29 -30.28 27.20
N GLU C 510 -36.57 -29.94 27.29
CA GLU C 510 -37.06 -29.00 28.34
C GLU C 510 -36.79 -29.54 29.75
N PRO C 511 -36.84 -30.85 30.04
CA PRO C 511 -36.64 -31.30 31.44
C PRO C 511 -35.23 -30.99 31.95
N TRP C 512 -34.29 -30.73 31.02
CA TRP C 512 -32.90 -30.39 31.41
C TRP C 512 -32.87 -29.06 32.15
N ARG C 513 -33.81 -28.14 31.89
CA ARG C 513 -33.78 -26.81 32.57
C ARG C 513 -33.98 -26.96 34.07
N ASP C 514 -35.01 -27.68 34.51
CA ASP C 514 -35.25 -27.87 35.97
C ASP C 514 -34.11 -28.68 36.58
N ALA C 515 -33.63 -29.68 35.86
CA ALA C 515 -32.50 -30.52 36.32
C ALA C 515 -31.27 -29.62 36.58
N ALA C 516 -30.92 -28.74 35.64
CA ALA C 516 -29.77 -27.82 35.78
C ALA C 516 -30.02 -26.88 36.95
N ARG C 517 -31.28 -26.39 37.09
CA ARG C 517 -31.70 -25.53 38.24
C ARG C 517 -31.45 -26.30 39.55
N ASP C 518 -31.93 -27.53 39.67
CA ASP C 518 -31.68 -28.34 40.89
C ASP C 518 -30.17 -28.57 41.12
N ALA C 519 -29.39 -28.84 40.06
CA ALA C 519 -27.94 -29.10 40.18
C ALA C 519 -27.28 -27.88 40.81
N ALA C 520 -27.64 -26.67 40.38
CA ALA C 520 -27.00 -25.41 40.85
C ALA C 520 -27.39 -25.16 42.28
N LEU C 521 -28.63 -25.51 42.65
CA LEU C 521 -29.09 -25.34 44.04
C LEU C 521 -28.35 -26.30 44.95
N ASP C 522 -28.22 -27.56 44.54
CA ASP C 522 -27.57 -28.60 45.37
C ASP C 522 -26.08 -28.29 45.47
N THR C 523 -25.45 -27.79 44.41
CA THR C 523 -23.95 -27.73 44.38
C THR C 523 -23.44 -26.30 44.55
N GLY C 524 -24.27 -25.29 44.36
CA GLY C 524 -23.83 -23.89 44.20
C GLY C 524 -23.00 -23.67 42.94
N VAL C 525 -22.97 -24.63 42.01
CA VAL C 525 -22.24 -24.41 40.73
C VAL C 525 -23.28 -24.26 39.62
N GLU C 526 -23.16 -23.18 38.84
CA GLU C 526 -24.10 -22.92 37.72
C GLU C 526 -23.78 -23.86 36.55
N VAL C 527 -24.84 -24.41 36.00
CA VAL C 527 -24.80 -25.19 34.75
C VAL C 527 -25.61 -24.41 33.72
N ALA C 528 -24.96 -23.78 32.73
CA ALA C 528 -25.68 -22.97 31.72
C ALA C 528 -26.30 -23.94 30.71
N VAL C 529 -27.59 -23.82 30.46
CA VAL C 529 -28.30 -24.68 29.48
C VAL C 529 -28.23 -23.97 28.13
N LEU C 530 -27.74 -24.68 27.13
CA LEU C 530 -27.58 -24.11 25.77
C LEU C 530 -28.21 -25.05 24.75
N PRO C 531 -29.46 -24.78 24.32
CA PRO C 531 -30.11 -25.57 23.27
C PRO C 531 -29.56 -25.19 21.88
N ILE C 532 -29.23 -26.22 21.13
CA ILE C 532 -28.78 -26.14 19.72
C ILE C 532 -29.88 -26.68 18.79
N GLY C 533 -30.27 -25.89 17.80
CA GLY C 533 -31.35 -26.24 16.85
C GLY C 533 -32.69 -26.33 17.56
N ALA C 534 -32.91 -25.53 18.62
CA ALA C 534 -34.17 -25.43 19.39
C ALA C 534 -34.12 -24.22 20.33
N GLY C 535 -35.29 -23.74 20.77
CA GLY C 535 -35.39 -22.75 21.85
C GLY C 535 -34.85 -21.39 21.46
N GLY C 536 -34.70 -21.08 20.15
CA GLY C 536 -34.09 -19.86 19.57
C GLY C 536 -32.57 -19.76 19.75
N GLY C 537 -31.93 -20.85 20.16
CA GLY C 537 -30.47 -20.88 20.39
C GLY C 537 -29.67 -20.91 19.09
N PRO C 538 -28.34 -21.15 19.20
CA PRO C 538 -27.52 -21.35 18.00
C PRO C 538 -28.10 -22.43 17.08
N ARG C 539 -27.97 -22.25 15.78
CA ARG C 539 -28.29 -23.31 14.80
C ARG C 539 -27.04 -24.13 14.42
N ASP C 540 -27.31 -25.30 13.87
CA ASP C 540 -26.38 -26.32 13.36
C ASP C 540 -26.57 -26.31 11.86
N PRO C 541 -26.06 -25.32 11.09
CA PRO C 541 -26.47 -25.16 9.71
C PRO C 541 -26.22 -26.37 8.80
N TYR C 542 -25.18 -27.17 9.06
CA TYR C 542 -24.78 -28.31 8.18
C TYR C 542 -25.42 -29.59 8.71
N GLY C 543 -26.03 -29.61 9.90
CA GLY C 543 -26.43 -30.85 10.57
C GLY C 543 -25.25 -31.55 11.24
N THR C 544 -24.06 -30.93 11.30
CA THR C 544 -22.82 -31.63 11.77
C THR C 544 -22.92 -31.95 13.27
N TRP C 545 -23.37 -31.02 14.10
CA TRP C 545 -23.51 -31.30 15.55
C TRP C 545 -24.47 -32.48 15.82
N ALA C 546 -25.59 -32.56 15.13
CA ALA C 546 -26.54 -33.69 15.31
C ALA C 546 -25.82 -35.00 14.95
N GLU C 547 -24.93 -34.98 13.97
CA GLU C 547 -24.14 -36.16 13.58
C GLU C 547 -23.13 -36.50 14.68
N LEU C 548 -22.51 -35.54 15.35
CA LEU C 548 -21.34 -35.87 16.23
C LEU C 548 -21.72 -36.05 17.70
N ARG C 549 -22.85 -35.49 18.11
CA ARG C 549 -23.18 -35.39 19.54
C ARG C 549 -23.42 -36.79 20.16
N GLU C 550 -23.82 -37.79 19.38
CA GLU C 550 -23.97 -39.20 19.80
C GLU C 550 -25.01 -39.34 20.93
N VAL C 551 -25.91 -38.39 21.06
CA VAL C 551 -27.06 -38.48 21.98
C VAL C 551 -28.26 -38.16 21.12
N GLU C 552 -29.46 -38.47 21.58
CA GLU C 552 -30.69 -38.14 20.81
C GLU C 552 -30.96 -36.66 21.01
N GLU C 553 -31.93 -36.14 20.27
CA GLU C 553 -32.36 -34.72 20.36
C GLU C 553 -32.66 -34.34 21.81
N SER C 554 -33.29 -35.23 22.59
CA SER C 554 -33.74 -34.88 23.96
C SER C 554 -32.60 -35.13 24.94
N GLY C 555 -31.46 -35.64 24.46
CA GLY C 555 -30.32 -35.88 25.35
C GLY C 555 -29.56 -34.62 25.69
N ALA C 556 -28.37 -34.81 26.22
CA ALA C 556 -27.53 -33.68 26.73
C ALA C 556 -26.05 -34.10 26.75
N VAL C 557 -25.18 -33.11 26.57
CA VAL C 557 -23.72 -33.28 26.74
C VAL C 557 -23.28 -32.20 27.73
N LEU C 558 -22.69 -32.60 28.85
CA LEU C 558 -22.25 -31.69 29.92
C LEU C 558 -20.76 -31.38 29.70
N VAL C 559 -20.45 -30.10 29.45
CA VAL C 559 -19.10 -29.65 29.04
C VAL C 559 -18.47 -28.90 30.20
N ARG C 560 -17.24 -29.31 30.54
CA ARG C 560 -16.43 -28.65 31.59
C ARG C 560 -15.88 -27.32 31.12
N PRO C 561 -15.33 -26.53 32.06
CA PRO C 561 -14.70 -25.27 31.68
C PRO C 561 -13.47 -25.40 30.77
N ASP C 562 -12.89 -26.61 30.64
CA ASP C 562 -11.70 -26.84 29.76
C ASP C 562 -12.12 -27.47 28.42
N GLY C 563 -13.42 -27.62 28.16
CA GLY C 563 -13.94 -28.13 26.88
C GLY C 563 -13.87 -29.65 26.77
N HIS C 564 -13.52 -30.37 27.82
CA HIS C 564 -13.70 -31.83 27.88
C HIS C 564 -15.13 -32.15 28.35
N VAL C 565 -15.67 -33.26 27.92
CA VAL C 565 -17.02 -33.70 28.29
C VAL C 565 -16.94 -34.36 29.67
N ALA C 566 -17.68 -33.87 30.66
CA ALA C 566 -17.79 -34.51 32.00
C ALA C 566 -18.82 -35.64 31.97
N TRP C 567 -19.84 -35.59 31.13
CA TRP C 567 -20.98 -36.52 31.20
C TRP C 567 -21.83 -36.33 29.97
N ARG C 568 -22.53 -37.38 29.60
CA ARG C 568 -23.55 -37.27 28.55
C ARG C 568 -24.71 -38.21 28.89
N ALA C 569 -25.82 -37.96 28.23
CA ALA C 569 -27.11 -38.63 28.46
C ALA C 569 -27.84 -38.78 27.13
N ARG C 570 -28.20 -40.02 26.82
CA ARG C 570 -28.86 -40.37 25.55
C ARG C 570 -30.14 -39.56 25.35
N ASP C 571 -30.89 -39.32 26.43
CA ASP C 571 -32.27 -38.77 26.32
C ASP C 571 -32.65 -38.11 27.63
N HIS C 572 -33.79 -37.40 27.66
CA HIS C 572 -34.22 -36.64 28.87
C HIS C 572 -34.65 -37.59 30.01
N GLY C 573 -34.80 -38.91 29.77
CA GLY C 573 -34.92 -39.92 30.83
C GLY C 573 -33.83 -39.84 31.87
N HIS C 574 -32.67 -39.27 31.54
CA HIS C 574 -31.53 -39.14 32.49
C HIS C 574 -31.46 -37.77 33.14
N ALA C 575 -32.36 -36.82 32.83
CA ALA C 575 -32.26 -35.43 33.36
C ALA C 575 -32.20 -35.45 34.89
N LYS C 576 -32.93 -36.36 35.52
CA LYS C 576 -33.05 -36.36 36.99
C LYS C 576 -31.71 -36.75 37.63
N GLU C 577 -30.75 -37.30 36.86
CA GLU C 577 -29.41 -37.68 37.39
C GLU C 577 -28.45 -36.48 37.50
N LEU C 578 -28.75 -35.36 36.87
CA LEU C 578 -27.78 -34.26 36.67
C LEU C 578 -27.29 -33.75 38.02
N PRO C 579 -28.15 -33.49 39.04
CA PRO C 579 -27.63 -32.96 40.30
C PRO C 579 -26.61 -33.89 40.95
N GLU C 580 -26.82 -35.21 40.90
CA GLU C 580 -25.88 -36.19 41.48
C GLU C 580 -24.61 -36.23 40.60
N VAL C 581 -24.74 -36.21 39.28
CA VAL C 581 -23.59 -36.13 38.36
C VAL C 581 -22.70 -34.93 38.74
N MET C 582 -23.29 -33.73 38.94
CA MET C 582 -22.50 -32.51 39.26
C MET C 582 -21.82 -32.67 40.62
N ALA C 583 -22.50 -33.22 41.63
CA ALA C 583 -21.85 -33.48 42.94
C ALA C 583 -20.63 -34.39 42.75
N ARG C 584 -20.76 -35.46 41.99
CA ARG C 584 -19.61 -36.41 41.82
C ARG C 584 -18.46 -35.73 41.05
N VAL C 585 -18.75 -35.02 39.98
CA VAL C 585 -17.70 -34.28 39.20
C VAL C 585 -17.00 -33.28 40.12
N LEU C 586 -17.74 -32.54 40.93
CA LEU C 586 -17.13 -31.55 41.86
C LEU C 586 -16.50 -32.17 43.14
N HIS C 587 -16.64 -33.47 43.42
CA HIS C 587 -16.03 -34.18 44.59
C HIS C 587 -16.36 -33.38 45.84
N GLN C 588 -17.64 -33.01 45.95
CA GLN C 588 -18.10 -32.18 47.07
C GLN C 588 -18.05 -33.04 48.33
N PRO C 589 -17.33 -32.59 49.39
CA PRO C 589 -16.95 -33.47 50.50
C PRO C 589 -18.18 -33.92 51.30
N ASP C 590 -18.89 -34.93 50.79
CA ASP C 590 -19.99 -35.64 51.49
C ASP C 590 -19.39 -36.95 52.03
N PRO C 591 -19.17 -37.11 53.37
CA PRO C 591 -18.51 -38.32 53.90
C PRO C 591 -19.46 -39.53 53.95
N ALA C 592 -20.75 -39.30 53.66
CA ALA C 592 -21.82 -40.32 53.50
C ALA C 592 -22.10 -40.64 52.02
N ALA C 593 -21.35 -40.06 51.06
CA ALA C 593 -21.73 -39.90 49.63
C ALA C 593 -21.62 -41.18 48.78
N ARG C 594 -20.83 -42.20 49.17
CA ARG C 594 -20.64 -43.46 48.38
C ARG C 594 -19.31 -43.39 47.61
N ARG C 595 -18.38 -44.31 47.87
CA ARG C 595 -16.93 -44.19 47.52
C ARG C 595 -16.61 -44.97 46.24
N ALA D 11 -14.86 -20.54 -57.67
CA ALA D 11 -14.05 -19.29 -57.65
C ALA D 11 -14.06 -18.70 -56.24
N PRO D 12 -13.56 -19.41 -55.19
CA PRO D 12 -13.61 -18.90 -53.81
C PRO D 12 -12.82 -17.60 -53.52
N ASP D 13 -13.35 -16.73 -52.64
CA ASP D 13 -12.76 -15.40 -52.29
C ASP D 13 -11.63 -15.62 -51.28
N ILE D 14 -11.83 -16.54 -50.32
CA ILE D 14 -10.81 -16.91 -49.30
C ILE D 14 -10.63 -18.44 -49.29
N ARG D 15 -9.37 -18.86 -49.27
CA ARG D 15 -8.93 -20.26 -49.05
C ARG D 15 -8.24 -20.30 -47.67
N VAL D 16 -8.66 -21.17 -46.77
CA VAL D 16 -8.08 -21.25 -45.40
C VAL D 16 -8.26 -22.69 -44.92
N PRO D 17 -7.33 -23.28 -44.13
CA PRO D 17 -7.50 -24.66 -43.65
C PRO D 17 -8.78 -24.93 -42.84
N VAL D 18 -9.14 -24.02 -41.93
CA VAL D 18 -10.34 -24.22 -41.07
C VAL D 18 -11.11 -22.92 -40.97
N LEU D 19 -12.42 -23.01 -41.15
CA LEU D 19 -13.37 -21.92 -40.84
C LEU D 19 -14.10 -22.27 -39.56
N ILE D 20 -14.04 -21.33 -38.60
CA ILE D 20 -14.83 -21.41 -37.35
C ILE D 20 -16.03 -20.50 -37.50
N VAL D 21 -17.23 -21.02 -37.27
CA VAL D 21 -18.46 -20.19 -37.28
C VAL D 21 -18.94 -20.03 -35.84
N GLY D 22 -18.80 -18.82 -35.30
CA GLY D 22 -19.14 -18.48 -33.91
C GLY D 22 -17.89 -18.19 -33.07
N GLY D 23 -17.94 -17.11 -32.29
CA GLY D 23 -16.87 -16.68 -31.38
C GLY D 23 -17.37 -16.53 -29.94
N GLY D 24 -18.26 -17.43 -29.48
CA GLY D 24 -18.46 -17.61 -28.04
C GLY D 24 -17.29 -18.41 -27.46
N PRO D 25 -17.46 -18.94 -26.24
CA PRO D 25 -16.44 -19.79 -25.63
C PRO D 25 -15.99 -20.97 -26.50
N ALA D 26 -16.90 -21.71 -27.13
CA ALA D 26 -16.51 -22.89 -27.92
C ALA D 26 -15.62 -22.48 -29.11
N GLY D 27 -16.07 -21.54 -29.91
CA GLY D 27 -15.32 -21.12 -31.11
C GLY D 27 -14.01 -20.44 -30.76
N LEU D 28 -13.98 -19.58 -29.74
CA LEU D 28 -12.73 -18.93 -29.29
C LEU D 28 -11.76 -19.96 -28.71
N THR D 29 -12.22 -20.98 -27.98
CA THR D 29 -11.32 -22.07 -27.52
C THR D 29 -10.70 -22.80 -28.73
N ALA D 30 -11.51 -23.06 -29.75
CA ALA D 30 -11.02 -23.69 -31.00
C ALA D 30 -9.98 -22.78 -31.68
N ALA D 31 -10.23 -21.47 -31.77
CA ALA D 31 -9.25 -20.56 -32.39
C ALA D 31 -7.96 -20.57 -31.55
N LEU D 32 -8.09 -20.58 -30.22
CA LEU D 32 -6.87 -20.55 -29.35
C LEU D 32 -6.06 -21.84 -29.55
N ALA D 33 -6.72 -23.02 -29.52
CA ALA D 33 -6.03 -24.32 -29.66
C ALA D 33 -5.36 -24.39 -31.04
N LEU D 34 -6.09 -24.05 -32.10
CA LEU D 34 -5.48 -24.06 -33.46
C LEU D 34 -4.34 -23.02 -33.51
N SER D 35 -4.47 -21.90 -32.81
CA SER D 35 -3.37 -20.90 -32.75
C SER D 35 -2.13 -21.54 -32.14
N ARG D 36 -2.27 -22.22 -31.00
CA ARG D 36 -1.09 -22.84 -30.34
C ARG D 36 -0.47 -23.90 -31.24
N TYR D 37 -1.27 -24.60 -32.05
CA TYR D 37 -0.76 -25.72 -32.86
C TYR D 37 -0.20 -25.23 -34.20
N GLY D 38 -0.33 -23.94 -34.50
CA GLY D 38 0.23 -23.29 -35.70
C GLY D 38 -0.64 -23.50 -36.93
N VAL D 39 -1.96 -23.71 -36.77
CA VAL D 39 -2.89 -23.95 -37.91
C VAL D 39 -3.62 -22.67 -38.24
N PRO D 40 -3.34 -22.11 -39.45
CA PRO D 40 -4.09 -20.94 -39.93
C PRO D 40 -5.57 -21.26 -39.98
N HIS D 41 -6.38 -20.28 -39.60
CA HIS D 41 -7.86 -20.39 -39.55
C HIS D 41 -8.49 -19.02 -39.65
N LEU D 42 -9.78 -19.03 -39.86
CA LEU D 42 -10.61 -17.83 -39.94
C LEU D 42 -11.75 -18.12 -39.02
N LEU D 43 -12.10 -17.16 -38.16
CA LEU D 43 -13.32 -17.22 -37.31
C LEU D 43 -14.22 -16.05 -37.71
N VAL D 44 -15.50 -16.36 -37.87
CA VAL D 44 -16.51 -15.31 -38.13
C VAL D 44 -17.49 -15.39 -37.00
N ASN D 45 -17.92 -14.23 -36.49
CA ASN D 45 -18.91 -14.14 -35.39
C ASN D 45 -19.94 -13.09 -35.80
N ARG D 46 -21.22 -13.46 -35.74
CA ARG D 46 -22.37 -12.60 -36.17
C ARG D 46 -22.29 -11.24 -35.45
N HIS D 47 -22.13 -11.27 -34.14
CA HIS D 47 -22.19 -10.05 -33.28
C HIS D 47 -20.91 -9.25 -33.47
N HIS D 48 -21.01 -7.93 -33.36
CA HIS D 48 -19.85 -7.00 -33.49
C HIS D 48 -18.97 -7.06 -32.24
N GLY D 49 -19.48 -7.54 -31.12
CA GLY D 49 -18.71 -7.56 -29.85
C GLY D 49 -18.82 -8.90 -29.16
N THR D 50 -18.04 -9.11 -28.11
CA THR D 50 -18.12 -10.33 -27.27
C THR D 50 -19.35 -10.20 -26.37
N ALA D 51 -19.65 -11.20 -25.55
CA ALA D 51 -20.82 -11.18 -24.64
C ALA D 51 -20.80 -9.87 -23.84
N HIS D 52 -21.96 -9.26 -23.69
CA HIS D 52 -22.08 -7.96 -22.97
C HIS D 52 -22.72 -8.22 -21.60
N THR D 53 -23.13 -9.45 -21.28
CA THR D 53 -23.61 -9.80 -19.92
C THR D 53 -22.96 -11.07 -19.41
N PRO D 54 -23.07 -11.35 -18.08
CA PRO D 54 -22.33 -12.45 -17.47
C PRO D 54 -22.61 -13.84 -18.10
N ARG D 55 -23.86 -14.22 -18.27
CA ARG D 55 -24.23 -15.58 -18.72
C ARG D 55 -23.47 -16.60 -17.86
N ALA D 56 -22.81 -17.59 -18.46
CA ALA D 56 -22.15 -18.72 -17.76
C ALA D 56 -20.90 -18.21 -17.07
N HIS D 57 -20.56 -18.73 -15.89
CA HIS D 57 -19.49 -18.17 -15.03
C HIS D 57 -18.70 -19.27 -14.29
N LEU D 58 -19.32 -20.42 -13.98
CA LEU D 58 -18.59 -21.41 -13.16
C LEU D 58 -17.54 -22.13 -14.01
N LEU D 59 -16.27 -22.10 -13.61
CA LEU D 59 -15.18 -22.78 -14.36
C LEU D 59 -14.72 -23.93 -13.48
N ASN D 60 -14.87 -25.17 -13.95
CA ASN D 60 -14.56 -26.35 -13.12
C ASN D 60 -13.08 -26.69 -13.33
N GLN D 61 -12.62 -27.70 -12.64
CA GLN D 61 -11.18 -28.07 -12.63
C GLN D 61 -10.71 -28.49 -14.01
N ARG D 62 -11.56 -29.13 -14.79
CA ARG D 62 -11.14 -29.64 -16.10
C ARG D 62 -10.87 -28.44 -17.02
N THR D 63 -11.75 -27.46 -17.03
CA THR D 63 -11.54 -26.20 -17.77
C THR D 63 -10.24 -25.51 -17.31
N GLY D 64 -9.97 -25.54 -16.02
CA GLY D 64 -8.71 -25.03 -15.42
C GLY D 64 -7.51 -25.71 -16.05
N GLU D 65 -7.55 -27.04 -16.17
CA GLU D 65 -6.47 -27.82 -16.81
C GLU D 65 -6.31 -27.45 -18.30
N ILE D 66 -7.42 -27.32 -19.00
CA ILE D 66 -7.37 -26.99 -20.44
C ILE D 66 -6.78 -25.58 -20.60
N PHE D 67 -7.13 -24.64 -19.73
CA PHE D 67 -6.57 -23.26 -19.80
C PHE D 67 -5.06 -23.26 -19.46
N ARG D 68 -4.60 -24.12 -18.57
CA ARG D 68 -3.13 -24.30 -18.33
C ARG D 68 -2.47 -24.79 -19.62
N ASP D 69 -3.07 -25.77 -20.33
CA ASP D 69 -2.49 -26.34 -21.57
C ASP D 69 -2.42 -25.22 -22.63
N LEU D 70 -3.44 -24.38 -22.70
CA LEU D 70 -3.53 -23.31 -23.73
C LEU D 70 -2.82 -22.03 -23.28
N GLY D 71 -2.20 -21.99 -22.09
CA GLY D 71 -1.35 -20.87 -21.64
C GLY D 71 -2.13 -19.65 -21.16
N ILE D 72 -3.39 -19.78 -20.68
CA ILE D 72 -4.17 -18.58 -20.23
C ILE D 72 -4.67 -18.74 -18.80
N ALA D 73 -4.26 -19.76 -18.06
CA ALA D 73 -4.84 -20.02 -16.71
C ALA D 73 -4.47 -18.88 -15.77
N ASP D 74 -3.25 -18.39 -15.84
CA ASP D 74 -2.85 -17.27 -14.97
C ASP D 74 -3.73 -16.03 -15.22
N ARG D 75 -4.01 -15.67 -16.47
CA ARG D 75 -4.86 -14.48 -16.75
C ARG D 75 -6.26 -14.73 -16.23
N VAL D 76 -6.77 -15.93 -16.42
CA VAL D 76 -8.16 -16.25 -15.97
C VAL D 76 -8.22 -16.17 -14.44
N GLU D 77 -7.25 -16.73 -13.73
CA GLU D 77 -7.19 -16.75 -12.26
C GLU D 77 -7.10 -15.31 -11.69
N ALA D 78 -6.35 -14.39 -12.30
CA ALA D 78 -6.16 -13.01 -11.83
C ALA D 78 -7.53 -12.32 -11.68
N HIS D 79 -8.51 -12.68 -12.50
CA HIS D 79 -9.83 -11.99 -12.57
C HIS D 79 -10.92 -12.76 -11.80
N ALA D 80 -10.78 -14.07 -11.65
CA ALA D 80 -11.88 -14.93 -11.17
C ALA D 80 -12.04 -14.88 -9.65
N THR D 81 -13.26 -15.09 -9.16
CA THR D 81 -13.51 -15.42 -7.75
C THR D 81 -12.86 -16.74 -7.46
N PRO D 82 -12.01 -16.82 -6.41
CA PRO D 82 -11.42 -18.08 -6.01
C PRO D 82 -12.45 -19.01 -5.35
N GLY D 83 -12.19 -20.32 -5.43
CA GLY D 83 -13.08 -21.40 -4.96
C GLY D 83 -13.51 -21.27 -3.52
N HIS D 84 -12.67 -20.73 -2.63
CA HIS D 84 -13.00 -20.71 -1.17
C HIS D 84 -14.11 -19.72 -0.88
N LEU D 85 -14.37 -18.73 -1.76
CA LEU D 85 -15.54 -17.83 -1.57
C LEU D 85 -16.80 -18.41 -2.21
N MET D 86 -16.72 -19.62 -2.75
CA MET D 86 -17.87 -20.40 -3.28
C MET D 86 -18.09 -21.63 -2.39
N ALA D 87 -17.98 -21.46 -1.09
CA ALA D 87 -17.77 -22.56 -0.15
C ALA D 87 -19.07 -23.34 0.15
N ASN D 88 -20.22 -22.69 0.03
CA ASN D 88 -21.53 -23.23 0.41
C ASN D 88 -22.50 -23.12 -0.76
N HIS D 89 -23.55 -23.94 -0.72
CA HIS D 89 -24.80 -23.72 -1.49
C HIS D 89 -25.90 -23.47 -0.45
N VAL D 90 -26.58 -22.33 -0.51
CA VAL D 90 -27.52 -21.89 0.57
C VAL D 90 -28.97 -21.96 0.06
N PHE D 91 -29.85 -22.52 0.89
CA PHE D 91 -31.31 -22.38 0.68
C PHE D 91 -31.86 -21.53 1.81
N MET D 92 -32.69 -20.57 1.45
CA MET D 92 -33.16 -19.62 2.45
C MET D 92 -34.60 -19.16 2.13
N SER D 93 -35.11 -18.30 3.01
CA SER D 93 -36.38 -17.56 2.83
C SER D 93 -36.04 -16.28 2.06
N THR D 94 -36.05 -15.13 2.70
CA THR D 94 -35.45 -13.93 2.11
C THR D 94 -33.95 -13.95 2.43
N PHE D 95 -33.21 -13.06 1.77
CA PHE D 95 -31.75 -12.94 2.01
C PHE D 95 -31.54 -12.50 3.46
N ALA D 96 -32.40 -11.63 3.99
CA ALA D 96 -32.28 -11.07 5.35
C ALA D 96 -33.05 -11.95 6.34
N GLY D 97 -33.85 -12.88 5.88
CA GLY D 97 -34.67 -13.69 6.80
C GLY D 97 -33.99 -14.99 7.20
N PRO D 98 -34.74 -15.91 7.83
CA PRO D 98 -34.17 -17.17 8.25
C PRO D 98 -33.70 -18.06 7.08
N GLU D 99 -32.68 -18.85 7.39
CA GLU D 99 -32.09 -19.80 6.43
C GLU D 99 -32.90 -21.09 6.55
N VAL D 100 -32.92 -21.90 5.50
CA VAL D 100 -33.58 -23.23 5.45
C VAL D 100 -32.57 -24.38 5.54
N ALA D 101 -31.55 -24.41 4.66
CA ALA D 101 -30.57 -25.53 4.54
C ALA D 101 -29.26 -25.04 3.92
N ARG D 102 -28.19 -25.78 4.15
CA ARG D 102 -26.83 -25.41 3.65
C ARG D 102 -26.02 -26.67 3.42
N ILE D 103 -25.27 -26.74 2.32
CA ILE D 103 -24.25 -27.81 2.13
C ILE D 103 -22.97 -27.12 1.68
N GLY D 104 -21.84 -27.77 1.86
CA GLY D 104 -20.57 -27.38 1.21
C GLY D 104 -20.72 -27.54 -0.29
N ALA D 105 -20.03 -26.71 -1.05
CA ALA D 105 -20.10 -26.69 -2.50
C ALA D 105 -18.67 -26.71 -3.06
N TYR D 106 -18.53 -27.20 -4.30
CA TYR D 106 -17.34 -27.10 -5.16
C TYR D 106 -16.15 -27.58 -4.34
N GLY D 107 -16.40 -28.64 -3.58
CA GLY D 107 -15.39 -29.41 -2.83
C GLY D 107 -14.77 -28.62 -1.71
N ASN D 108 -15.49 -27.61 -1.19
CA ASN D 108 -15.01 -26.86 -0.01
C ASN D 108 -15.32 -27.56 1.32
N GLY D 109 -16.31 -28.44 1.38
CA GLY D 109 -16.66 -29.13 2.63
C GLY D 109 -15.54 -30.09 3.04
N PRO D 110 -15.26 -30.27 4.36
CA PRO D 110 -14.22 -31.20 4.81
C PRO D 110 -14.34 -32.60 4.21
N ASP D 111 -15.54 -33.10 3.95
CA ASP D 111 -15.61 -34.50 3.45
C ASP D 111 -15.21 -34.57 1.98
N ARG D 112 -15.12 -33.45 1.22
CA ARG D 112 -14.75 -33.52 -0.23
C ARG D 112 -13.41 -32.80 -0.53
N ILE D 113 -12.92 -31.90 0.33
CA ILE D 113 -11.76 -31.04 -0.03
C ILE D 113 -10.52 -31.88 -0.37
N GLY D 114 -10.26 -32.99 0.31
CA GLY D 114 -9.07 -33.80 -0.01
C GLY D 114 -9.12 -34.35 -1.42
N GLU D 115 -10.24 -34.92 -1.82
CA GLU D 115 -10.44 -35.49 -3.18
C GLU D 115 -10.35 -34.38 -4.19
N TYR D 116 -10.94 -33.23 -3.93
CA TYR D 116 -10.88 -32.12 -4.91
C TYR D 116 -9.41 -31.68 -5.07
N ARG D 117 -8.66 -31.54 -4.01
CA ARG D 117 -7.23 -31.13 -4.11
C ARG D 117 -6.35 -32.20 -4.76
N ALA D 118 -6.61 -33.47 -4.51
CA ALA D 118 -5.82 -34.56 -5.10
C ALA D 118 -6.07 -34.72 -6.60
N ALA D 119 -7.23 -34.30 -7.12
CA ALA D 119 -7.75 -34.69 -8.44
C ALA D 119 -7.16 -33.84 -9.55
N SER D 120 -6.65 -32.64 -9.28
CA SER D 120 -6.35 -31.67 -10.35
C SER D 120 -5.30 -30.68 -9.87
N PRO D 121 -4.42 -30.18 -10.77
CA PRO D 121 -3.59 -29.02 -10.43
C PRO D 121 -4.44 -27.76 -10.28
N SER D 122 -5.68 -27.79 -10.77
CA SER D 122 -6.52 -26.57 -10.86
C SER D 122 -7.64 -26.65 -9.81
N GLY D 123 -8.02 -25.52 -9.25
CA GLY D 123 -9.26 -25.29 -8.50
C GLY D 123 -10.41 -24.96 -9.44
N LEU D 124 -11.59 -24.81 -8.87
CA LEU D 124 -12.79 -24.22 -9.53
C LEU D 124 -12.71 -22.73 -9.34
N CYS D 125 -13.24 -21.96 -10.28
CA CYS D 125 -13.31 -20.52 -10.03
C CYS D 125 -14.50 -19.93 -10.78
N ASN D 126 -14.77 -18.65 -10.58
CA ASN D 126 -15.96 -18.00 -11.17
C ASN D 126 -15.50 -16.82 -12.04
N LEU D 127 -15.71 -16.91 -13.34
CA LEU D 127 -15.39 -15.76 -14.22
C LEU D 127 -16.48 -15.67 -15.27
N PRO D 128 -17.31 -14.60 -15.24
CA PRO D 128 -18.39 -14.48 -16.21
C PRO D 128 -17.91 -14.21 -17.65
N GLN D 129 -18.76 -14.59 -18.60
CA GLN D 129 -18.40 -14.65 -20.04
C GLN D 129 -17.97 -13.28 -20.55
N HIS D 130 -18.53 -12.19 -20.06
CA HIS D 130 -18.18 -10.84 -20.61
C HIS D 130 -16.73 -10.51 -20.27
N LEU D 131 -16.14 -11.19 -19.27
CA LEU D 131 -14.70 -11.07 -18.91
C LEU D 131 -13.87 -12.18 -19.55
N LEU D 132 -14.35 -13.42 -19.61
CA LEU D 132 -13.55 -14.54 -20.16
C LEU D 132 -13.34 -14.38 -21.68
N GLU D 133 -14.38 -14.02 -22.40
CA GLU D 133 -14.27 -13.98 -23.90
C GLU D 133 -13.20 -12.96 -24.29
N PRO D 134 -13.15 -11.72 -23.75
CA PRO D 134 -12.08 -10.83 -24.15
C PRO D 134 -10.67 -11.39 -23.88
N LEU D 135 -10.48 -12.24 -22.85
CA LEU D 135 -9.17 -12.89 -22.56
C LEU D 135 -8.84 -13.85 -23.70
N LEU D 136 -9.81 -14.62 -24.17
CA LEU D 136 -9.55 -15.60 -25.25
C LEU D 136 -9.26 -14.82 -26.55
N VAL D 137 -10.00 -13.74 -26.83
CA VAL D 137 -9.79 -12.84 -28.02
C VAL D 137 -8.36 -12.31 -28.02
N GLU D 138 -7.93 -11.76 -26.90
CA GLU D 138 -6.55 -11.23 -26.73
C GLU D 138 -5.51 -12.31 -27.01
N ALA D 139 -5.69 -13.53 -26.51
CA ALA D 139 -4.68 -14.58 -26.67
C ALA D 139 -4.63 -14.98 -28.16
N VAL D 140 -5.79 -15.03 -28.82
CA VAL D 140 -5.78 -15.32 -30.29
C VAL D 140 -5.11 -14.17 -31.08
N GLN D 141 -5.39 -12.91 -30.75
CA GLN D 141 -4.77 -11.74 -31.47
C GLN D 141 -3.26 -11.79 -31.28
N GLU D 142 -2.81 -12.12 -30.07
CA GLU D 142 -1.38 -12.07 -29.73
C GLU D 142 -0.63 -13.16 -30.51
N ALA D 143 -1.22 -14.34 -30.69
CA ALA D 143 -0.55 -15.40 -31.47
C ALA D 143 -0.52 -15.09 -32.97
N CYS D 144 -1.51 -14.39 -33.52
CA CYS D 144 -1.54 -13.96 -34.95
C CYS D 144 -1.28 -15.15 -35.88
N VAL D 145 -1.99 -16.26 -35.66
CA VAL D 145 -1.94 -17.48 -36.52
C VAL D 145 -3.23 -17.53 -37.35
N GLY D 146 -4.34 -17.23 -36.70
CA GLY D 146 -5.69 -17.16 -37.28
C GLY D 146 -6.22 -15.75 -37.23
N GLN D 147 -7.33 -15.52 -37.91
CA GLN D 147 -7.92 -14.19 -38.05
C GLN D 147 -9.34 -14.29 -37.51
N LEU D 148 -9.76 -13.29 -36.76
CA LEU D 148 -11.10 -13.15 -36.14
C LEU D 148 -11.86 -12.11 -36.94
N ARG D 149 -13.10 -12.39 -37.35
CA ARG D 149 -13.95 -11.34 -37.96
C ARG D 149 -15.29 -11.28 -37.24
N PHE D 150 -15.44 -10.29 -36.39
CA PHE D 150 -16.69 -9.95 -35.70
C PHE D 150 -17.50 -9.11 -36.67
N GLY D 151 -18.82 -9.22 -36.56
CA GLY D 151 -19.78 -8.56 -37.45
C GLY D 151 -19.91 -9.27 -38.78
N HIS D 152 -19.53 -10.55 -38.85
CA HIS D 152 -19.60 -11.42 -40.08
C HIS D 152 -20.50 -12.64 -39.81
N GLU D 153 -21.45 -12.85 -40.72
CA GLU D 153 -22.57 -13.78 -40.53
C GLU D 153 -22.45 -14.91 -41.54
N PHE D 154 -22.39 -16.13 -41.04
CA PHE D 154 -22.39 -17.33 -41.89
C PHE D 154 -23.82 -17.54 -42.42
N VAL D 155 -23.96 -17.75 -43.73
CA VAL D 155 -25.31 -17.86 -44.35
C VAL D 155 -25.57 -19.34 -44.64
N SER D 156 -24.65 -20.02 -45.30
CA SER D 156 -24.94 -21.39 -45.74
C SER D 156 -23.63 -22.03 -46.11
N LEU D 157 -23.63 -23.36 -46.19
CA LEU D 157 -22.46 -24.10 -46.69
C LEU D 157 -22.92 -25.13 -47.75
N GLU D 158 -21.94 -25.56 -48.56
CA GLU D 158 -21.99 -26.82 -49.34
C GLU D 158 -20.70 -27.56 -49.01
N GLN D 159 -20.70 -28.89 -49.06
CA GLN D 159 -19.43 -29.61 -48.95
C GLN D 159 -19.39 -30.74 -49.97
N ASP D 160 -18.17 -31.18 -50.25
CA ASP D 160 -17.84 -32.32 -51.13
C ASP D 160 -16.68 -33.06 -50.49
N GLU D 161 -16.12 -34.00 -51.25
CA GLU D 161 -15.02 -34.90 -50.84
C GLU D 161 -13.76 -34.11 -50.49
N HIS D 162 -13.58 -32.89 -51.01
CA HIS D 162 -12.29 -32.16 -50.84
C HIS D 162 -12.39 -30.96 -49.88
N GLY D 163 -13.56 -30.51 -49.46
CA GLY D 163 -13.66 -29.23 -48.74
C GLY D 163 -15.08 -28.81 -48.52
N VAL D 164 -15.22 -27.60 -48.00
CA VAL D 164 -16.50 -26.97 -47.59
C VAL D 164 -16.42 -25.58 -48.17
N THR D 165 -17.51 -25.10 -48.74
CA THR D 165 -17.63 -23.77 -49.36
C THR D 165 -18.76 -23.09 -48.60
N SER D 166 -18.44 -21.99 -47.95
CA SER D 166 -19.40 -21.29 -47.07
C SER D 166 -19.62 -19.92 -47.65
N ARG D 167 -20.86 -19.48 -47.55
CA ARG D 167 -21.26 -18.12 -47.92
C ARG D 167 -21.41 -17.30 -46.65
N ILE D 168 -20.73 -16.15 -46.65
CA ILE D 168 -20.59 -15.22 -45.50
C ILE D 168 -21.04 -13.85 -45.96
N THR D 169 -21.66 -13.10 -45.06
CA THR D 169 -22.05 -11.67 -45.26
C THR D 169 -21.33 -10.80 -44.22
N ASP D 170 -20.58 -9.80 -44.71
CA ASP D 170 -20.15 -8.64 -43.91
C ASP D 170 -21.39 -7.83 -43.55
N ARG D 171 -21.77 -7.80 -42.27
CA ARG D 171 -23.04 -7.15 -41.86
C ARG D 171 -23.00 -5.62 -42.06
N ARG D 172 -21.85 -4.97 -41.99
CA ARG D 172 -21.84 -3.49 -42.11
C ARG D 172 -21.94 -3.06 -43.58
N THR D 173 -21.23 -3.75 -44.49
CA THR D 173 -21.13 -3.41 -45.93
C THR D 173 -22.26 -4.06 -46.75
N GLY D 174 -22.91 -5.10 -46.26
CA GLY D 174 -23.86 -5.88 -47.07
C GLY D 174 -23.15 -6.80 -48.05
N ARG D 175 -21.81 -6.73 -48.15
CA ARG D 175 -21.05 -7.50 -49.18
C ARG D 175 -21.04 -8.98 -48.76
N ASP D 176 -21.30 -9.87 -49.72
CA ASP D 176 -21.32 -11.33 -49.52
C ASP D 176 -20.01 -11.87 -50.08
N TYR D 177 -19.45 -12.91 -49.46
CA TYR D 177 -18.22 -13.53 -50.01
C TYR D 177 -18.25 -15.02 -49.69
N THR D 178 -17.32 -15.76 -50.28
CA THR D 178 -17.25 -17.21 -50.03
C THR D 178 -15.89 -17.59 -49.45
N VAL D 179 -15.92 -18.63 -48.63
CA VAL D 179 -14.72 -19.21 -48.02
C VAL D 179 -14.68 -20.68 -48.38
N ARG D 180 -13.53 -21.12 -48.85
CA ARG D 180 -13.23 -22.52 -49.11
C ARG D 180 -12.26 -22.99 -48.02
N SER D 181 -12.66 -24.01 -47.27
CA SER D 181 -11.82 -24.56 -46.17
C SER D 181 -11.76 -26.05 -46.33
N ASP D 182 -10.73 -26.66 -45.75
CA ASP D 182 -10.66 -28.14 -45.61
C ASP D 182 -11.76 -28.61 -44.67
N TYR D 183 -12.06 -27.84 -43.63
CA TYR D 183 -12.94 -28.28 -42.52
C TYR D 183 -13.62 -27.06 -41.95
N LEU D 184 -14.77 -27.28 -41.36
CA LEU D 184 -15.52 -26.18 -40.74
C LEU D 184 -15.91 -26.61 -39.34
N ILE D 185 -15.79 -25.68 -38.39
CA ILE D 185 -16.27 -25.93 -37.00
C ILE D 185 -17.57 -25.14 -36.77
N GLY D 186 -18.66 -25.82 -36.44
CA GLY D 186 -19.91 -25.11 -36.08
C GLY D 186 -19.95 -24.82 -34.58
N ALA D 187 -19.64 -23.58 -34.23
CA ALA D 187 -19.52 -23.07 -32.84
C ALA D 187 -20.53 -21.94 -32.66
N ASP D 188 -21.69 -22.09 -33.29
CA ASP D 188 -22.59 -20.92 -33.49
C ASP D 188 -23.75 -20.95 -32.49
N GLY D 189 -23.67 -21.78 -31.44
CA GLY D 189 -24.57 -21.68 -30.29
C GLY D 189 -25.95 -22.31 -30.54
N ALA D 190 -26.88 -22.07 -29.63
CA ALA D 190 -28.24 -22.65 -29.66
C ALA D 190 -28.85 -22.22 -30.99
N ARG D 191 -29.65 -23.11 -31.57
CA ARG D 191 -30.31 -22.87 -32.89
C ARG D 191 -29.21 -22.66 -33.92
N SER D 192 -28.18 -23.51 -33.87
CA SER D 192 -27.05 -23.56 -34.83
C SER D 192 -27.58 -23.61 -36.27
N ARG D 193 -27.19 -22.62 -37.06
CA ARG D 193 -27.44 -22.67 -38.51
C ARG D 193 -26.59 -23.77 -39.15
N VAL D 194 -25.34 -23.94 -38.69
CA VAL D 194 -24.43 -24.94 -39.31
C VAL D 194 -25.10 -26.31 -39.12
N LEU D 195 -25.58 -26.62 -37.91
CA LEU D 195 -26.19 -27.93 -37.58
C LEU D 195 -27.41 -28.19 -38.49
N ALA D 196 -28.31 -27.20 -38.64
CA ALA D 196 -29.51 -27.21 -39.51
C ALA D 196 -29.12 -27.58 -40.94
N GLN D 197 -28.22 -26.82 -41.56
CA GLN D 197 -27.64 -27.06 -42.91
C GLN D 197 -27.13 -28.51 -43.04
N LEU D 198 -26.70 -29.12 -41.94
CA LEU D 198 -26.17 -30.51 -41.99
C LEU D 198 -27.36 -31.49 -42.01
N GLY D 199 -28.56 -31.01 -41.68
CA GLY D 199 -29.77 -31.85 -41.64
C GLY D 199 -29.83 -32.64 -40.36
N ILE D 200 -29.13 -32.19 -39.32
CA ILE D 200 -29.15 -32.89 -37.99
C ILE D 200 -30.12 -32.13 -37.11
N ALA D 201 -31.07 -32.85 -36.50
CA ALA D 201 -32.10 -32.27 -35.62
C ALA D 201 -31.85 -32.72 -34.20
N LEU D 202 -31.83 -31.80 -33.24
CA LEU D 202 -31.68 -32.10 -31.79
C LEU D 202 -32.78 -33.07 -31.31
N ASP D 203 -32.46 -33.95 -30.36
CA ASP D 203 -33.43 -34.75 -29.56
C ASP D 203 -33.64 -34.08 -28.20
N GLY D 204 -34.88 -34.05 -27.73
CA GLY D 204 -35.25 -33.50 -26.40
C GLY D 204 -36.29 -32.40 -26.55
N ALA D 205 -36.57 -31.65 -25.48
CA ALA D 205 -37.59 -30.58 -25.45
C ALA D 205 -36.93 -29.21 -25.71
N THR D 206 -37.72 -28.25 -26.23
CA THR D 206 -37.39 -26.80 -26.40
C THR D 206 -38.26 -25.94 -25.45
N GLY D 207 -37.81 -24.72 -25.15
CA GLY D 207 -38.55 -23.69 -24.38
C GLY D 207 -39.28 -24.26 -23.18
N ILE D 208 -38.66 -25.21 -22.47
CA ILE D 208 -39.26 -25.91 -21.28
C ILE D 208 -39.44 -24.88 -20.16
N ALA D 209 -38.70 -23.76 -20.21
CA ALA D 209 -38.92 -22.60 -19.33
C ALA D 209 -38.27 -21.34 -19.91
N ARG D 210 -38.55 -20.22 -19.24
CA ARG D 210 -37.92 -18.91 -19.46
C ARG D 210 -37.17 -18.56 -18.16
N ALA D 211 -35.94 -18.09 -18.29
CA ALA D 211 -35.15 -17.55 -17.17
C ALA D 211 -35.13 -16.05 -17.38
N VAL D 212 -35.46 -15.28 -16.34
CA VAL D 212 -35.15 -13.83 -16.36
C VAL D 212 -33.96 -13.65 -15.43
N THR D 213 -32.86 -13.17 -16.01
CA THR D 213 -31.57 -12.92 -15.35
C THR D 213 -31.34 -11.41 -15.24
N THR D 214 -31.30 -10.90 -14.02
CA THR D 214 -31.00 -9.50 -13.70
C THR D 214 -29.60 -9.39 -13.09
N TRP D 215 -28.73 -8.64 -13.76
CA TRP D 215 -27.38 -8.30 -13.32
C TRP D 215 -27.50 -7.02 -12.52
N PHE D 216 -27.11 -7.01 -11.24
CA PHE D 216 -27.29 -5.81 -10.39
C PHE D 216 -26.13 -5.64 -9.40
N GLU D 217 -26.03 -4.44 -8.82
CA GLU D 217 -25.10 -4.10 -7.71
C GLU D 217 -25.92 -3.85 -6.44
N ALA D 218 -25.47 -4.40 -5.34
CA ALA D 218 -26.07 -4.18 -4.02
C ALA D 218 -25.09 -4.70 -2.97
N ASP D 219 -24.84 -3.93 -1.92
CA ASP D 219 -23.97 -4.42 -0.82
C ASP D 219 -24.79 -5.36 0.05
N LEU D 220 -24.67 -6.66 -0.21
CA LEU D 220 -25.36 -7.72 0.55
C LEU D 220 -24.38 -8.49 1.47
N SER D 221 -23.25 -7.90 1.84
CA SER D 221 -22.21 -8.58 2.66
C SER D 221 -22.78 -8.96 4.03
N ARG D 222 -23.66 -8.16 4.60
CA ARG D 222 -24.22 -8.46 5.92
C ARG D 222 -25.02 -9.77 5.89
N TYR D 223 -25.53 -10.18 4.73
CA TYR D 223 -26.36 -11.40 4.61
C TYR D 223 -25.57 -12.56 4.01
N SER D 224 -24.36 -12.33 3.50
CA SER D 224 -23.63 -13.29 2.65
C SER D 224 -22.23 -13.63 3.20
N ALA D 225 -21.50 -12.69 3.86
CA ALA D 225 -20.05 -12.88 4.14
C ALA D 225 -19.89 -14.03 5.13
N HIS D 226 -20.83 -14.27 6.04
CA HIS D 226 -20.73 -15.30 7.11
C HIS D 226 -21.04 -16.70 6.55
N ARG D 227 -21.49 -16.78 5.32
CA ARG D 227 -21.95 -18.05 4.69
C ARG D 227 -21.66 -17.91 3.20
N PRO D 228 -20.36 -17.85 2.87
CA PRO D 228 -19.96 -17.58 1.50
C PRO D 228 -20.47 -18.68 0.55
N ALA D 229 -21.03 -18.23 -0.56
CA ALA D 229 -21.66 -19.10 -1.57
C ALA D 229 -21.64 -18.46 -2.96
N LEU D 230 -21.63 -19.30 -3.97
CA LEU D 230 -21.95 -18.89 -5.36
C LEU D 230 -23.47 -18.66 -5.42
N LEU D 231 -24.24 -19.61 -4.90
CA LEU D 231 -25.71 -19.68 -5.09
C LEU D 231 -26.43 -19.55 -3.75
N TYR D 232 -27.36 -18.60 -3.68
CA TYR D 232 -28.27 -18.41 -2.54
C TYR D 232 -29.68 -18.50 -3.14
N MET D 233 -30.40 -19.58 -2.83
CA MET D 233 -31.71 -19.90 -3.44
C MET D 233 -32.80 -19.62 -2.39
N GLY D 234 -33.54 -18.56 -2.64
CA GLY D 234 -34.57 -17.99 -1.75
C GLY D 234 -36.01 -18.28 -2.18
N ALA D 235 -36.88 -18.19 -1.20
CA ALA D 235 -38.34 -18.38 -1.35
C ALA D 235 -38.98 -17.29 -0.49
N VAL D 236 -39.60 -16.30 -1.12
CA VAL D 236 -40.34 -15.25 -0.37
C VAL D 236 -41.62 -15.88 0.20
N PRO D 237 -41.78 -15.89 1.54
CA PRO D 237 -42.97 -16.48 2.14
C PRO D 237 -44.22 -15.84 1.51
N GLY D 238 -45.08 -16.73 1.03
CA GLY D 238 -46.39 -16.44 0.42
C GLY D 238 -46.34 -16.65 -1.07
N SER D 239 -45.27 -17.27 -1.57
CA SER D 239 -45.05 -17.57 -3.00
C SER D 239 -45.30 -19.05 -3.26
N PRO D 240 -45.70 -19.42 -4.50
CA PRO D 240 -45.71 -20.83 -4.89
C PRO D 240 -44.27 -21.37 -4.94
N PRO D 241 -44.07 -22.67 -4.59
CA PRO D 241 -42.78 -23.32 -4.74
C PRO D 241 -41.99 -23.01 -6.04
N ALA D 242 -42.64 -22.82 -7.18
CA ALA D 242 -41.99 -22.62 -8.50
C ALA D 242 -41.40 -21.21 -8.63
N ASP D 243 -41.78 -20.29 -7.75
CA ASP D 243 -41.33 -18.87 -7.79
C ASP D 243 -39.98 -18.72 -7.05
N GLY D 244 -39.04 -19.66 -7.19
CA GLY D 244 -37.70 -19.58 -6.56
C GLY D 244 -36.97 -18.28 -6.95
N ARG D 245 -36.23 -17.69 -6.03
CA ARG D 245 -35.29 -16.58 -6.36
C ARG D 245 -33.84 -17.09 -6.21
N VAL D 246 -33.05 -17.07 -7.28
CA VAL D 246 -31.64 -17.50 -7.21
C VAL D 246 -30.73 -16.26 -7.28
N PHE D 247 -30.05 -15.96 -6.18
CA PHE D 247 -28.92 -15.00 -6.19
C PHE D 247 -27.62 -15.72 -6.57
N VAL D 248 -26.88 -15.14 -7.52
CA VAL D 248 -25.55 -15.65 -7.95
C VAL D 248 -24.51 -14.60 -7.62
N SER D 249 -23.51 -14.97 -6.81
CA SER D 249 -22.42 -14.04 -6.43
C SER D 249 -21.45 -13.91 -7.61
N LEU D 250 -21.18 -12.69 -8.08
CA LEU D 250 -20.21 -12.45 -9.18
C LEU D 250 -18.98 -11.73 -8.66
N ARG D 251 -19.16 -10.74 -7.81
CA ARG D 251 -18.06 -10.07 -7.08
C ARG D 251 -18.45 -9.93 -5.63
N PRO D 252 -17.95 -10.83 -4.77
CA PRO D 252 -18.34 -10.82 -3.36
C PRO D 252 -18.11 -9.45 -2.73
N TRP D 253 -19.09 -8.81 -2.06
CA TRP D 253 -20.49 -9.22 -1.98
C TRP D 253 -21.39 -8.12 -2.55
N THR D 254 -20.97 -7.47 -3.63
CA THR D 254 -21.53 -6.19 -4.13
C THR D 254 -22.09 -6.34 -5.54
N GLU D 255 -21.71 -7.39 -6.28
CA GLU D 255 -22.23 -7.63 -7.66
C GLU D 255 -22.84 -9.02 -7.75
N TRP D 256 -24.02 -9.10 -8.38
CA TRP D 256 -24.95 -10.23 -8.32
C TRP D 256 -25.70 -10.45 -9.64
N LEU D 257 -26.13 -11.68 -9.85
CA LEU D 257 -27.31 -12.02 -10.68
C LEU D 257 -28.50 -12.36 -9.76
N HIS D 258 -29.70 -12.09 -10.26
CA HIS D 258 -30.98 -12.57 -9.71
C HIS D 258 -31.75 -13.28 -10.83
N LEU D 259 -32.08 -14.55 -10.62
CA LEU D 259 -32.78 -15.38 -11.61
C LEU D 259 -34.16 -15.66 -11.06
N THR D 260 -35.20 -15.42 -11.87
CA THR D 260 -36.57 -16.00 -11.68
C THR D 260 -36.95 -16.89 -12.88
N PHE D 261 -37.98 -17.69 -12.67
CA PHE D 261 -38.59 -18.55 -13.71
C PHE D 261 -40.06 -18.15 -13.82
N PRO D 262 -40.42 -17.05 -14.51
CA PRO D 262 -41.80 -16.62 -14.55
C PRO D 262 -42.66 -17.69 -15.23
N PRO D 263 -43.94 -17.84 -14.82
CA PRO D 263 -44.84 -18.77 -15.50
C PRO D 263 -45.06 -18.43 -16.97
N PRO D 264 -45.47 -19.44 -17.79
CA PRO D 264 -45.57 -19.26 -19.24
C PRO D 264 -46.62 -18.20 -19.65
N THR D 265 -47.53 -17.86 -18.73
CA THR D 265 -48.57 -16.80 -18.90
C THR D 265 -47.93 -15.40 -18.78
N ALA D 266 -47.00 -15.19 -17.84
CA ALA D 266 -46.46 -13.87 -17.44
C ALA D 266 -45.99 -13.04 -18.65
N ASP D 267 -46.24 -11.73 -18.61
CA ASP D 267 -45.73 -10.73 -19.59
C ASP D 267 -44.38 -10.23 -19.05
N VAL D 268 -43.26 -10.75 -19.55
CA VAL D 268 -41.89 -10.32 -19.11
C VAL D 268 -41.50 -9.04 -19.86
N ASP D 269 -41.33 -7.93 -19.15
CA ASP D 269 -40.86 -6.65 -19.74
C ASP D 269 -39.44 -6.37 -19.23
N VAL D 270 -38.48 -6.70 -20.09
CA VAL D 270 -37.01 -6.63 -19.86
C VAL D 270 -36.55 -5.17 -19.77
N GLU D 271 -37.47 -4.22 -20.01
CA GLU D 271 -37.22 -2.76 -19.97
C GLU D 271 -37.78 -2.14 -18.68
N ASP D 272 -38.67 -2.84 -17.98
CA ASP D 272 -39.31 -2.31 -16.75
C ASP D 272 -38.34 -2.53 -15.58
N HIS D 273 -37.23 -1.80 -15.55
CA HIS D 273 -36.21 -1.88 -14.47
C HIS D 273 -36.88 -1.75 -13.09
N GLU D 274 -37.90 -0.91 -12.95
CA GLU D 274 -38.53 -0.59 -11.64
C GLU D 274 -39.34 -1.79 -11.11
N ALA D 275 -40.00 -2.56 -11.97
CA ALA D 275 -40.65 -3.83 -11.59
C ALA D 275 -39.58 -4.82 -11.10
N VAL D 276 -38.53 -5.00 -11.89
CA VAL D 276 -37.41 -5.95 -11.62
C VAL D 276 -36.79 -5.54 -10.27
N ARG D 277 -36.54 -4.25 -10.09
CA ARG D 277 -35.98 -3.69 -8.85
C ARG D 277 -36.86 -4.05 -7.63
N ALA D 278 -38.17 -3.87 -7.73
CA ALA D 278 -39.10 -4.16 -6.62
C ALA D 278 -39.08 -5.67 -6.28
N GLY D 279 -38.99 -6.53 -7.29
CA GLY D 279 -38.89 -7.98 -7.06
C GLY D 279 -37.59 -8.36 -6.33
N ILE D 280 -36.45 -7.80 -6.70
CA ILE D 280 -35.13 -8.08 -6.03
C ILE D 280 -35.18 -7.62 -4.57
N ARG D 281 -35.70 -6.41 -4.33
CA ARG D 281 -35.90 -5.89 -2.96
C ARG D 281 -36.75 -6.85 -2.16
N GLU D 282 -37.74 -7.43 -2.81
CA GLU D 282 -38.65 -8.40 -2.15
C GLU D 282 -37.86 -9.66 -1.79
N SER D 283 -37.03 -10.13 -2.72
CA SER D 283 -36.22 -11.35 -2.54
C SER D 283 -35.25 -11.12 -1.37
N ILE D 284 -34.78 -9.89 -1.22
CA ILE D 284 -33.75 -9.53 -0.23
C ILE D 284 -34.39 -9.41 1.16
N GLY D 285 -35.53 -8.74 1.27
CA GLY D 285 -36.28 -8.60 2.53
C GLY D 285 -35.69 -7.55 3.45
N ASP D 286 -35.09 -6.48 2.90
CA ASP D 286 -34.48 -5.37 3.68
C ASP D 286 -34.47 -4.14 2.78
N PRO D 287 -35.43 -3.20 2.96
CA PRO D 287 -35.64 -2.13 1.99
C PRO D 287 -34.54 -1.06 2.09
N THR D 288 -33.62 -1.18 3.04
CA THR D 288 -32.51 -0.22 3.22
C THR D 288 -31.38 -0.58 2.24
N VAL D 289 -31.47 -1.72 1.58
CA VAL D 289 -30.46 -2.13 0.56
C VAL D 289 -30.81 -1.45 -0.77
N ASP D 290 -29.97 -0.50 -1.21
CA ASP D 290 -29.96 0.11 -2.57
C ASP D 290 -29.55 -0.93 -3.61
N VAL D 291 -30.33 -0.99 -4.67
CA VAL D 291 -30.19 -1.95 -5.81
C VAL D 291 -30.03 -1.15 -7.09
N THR D 292 -28.94 -1.37 -7.82
CA THR D 292 -28.67 -0.70 -9.12
C THR D 292 -28.70 -1.76 -10.21
N ILE D 293 -29.69 -1.71 -11.10
CA ILE D 293 -29.83 -2.66 -12.23
C ILE D 293 -28.77 -2.34 -13.29
N LYS D 294 -28.04 -3.34 -13.76
CA LYS D 294 -27.09 -3.22 -14.88
C LYS D 294 -27.75 -3.77 -16.15
N ASN D 295 -28.57 -4.82 -16.07
CA ASN D 295 -29.11 -5.47 -17.28
C ASN D 295 -30.20 -6.43 -16.83
N VAL D 296 -31.19 -6.60 -17.69
CA VAL D 296 -32.17 -7.69 -17.56
C VAL D 296 -32.20 -8.42 -18.90
N SER D 297 -32.20 -9.76 -18.91
CA SER D 297 -32.31 -10.62 -20.11
C SER D 297 -33.28 -11.72 -19.82
N ALA D 298 -34.07 -12.09 -20.82
CA ALA D 298 -34.87 -13.32 -20.82
C ALA D 298 -34.13 -14.28 -21.73
N TRP D 299 -34.15 -15.54 -21.35
CA TRP D 299 -33.35 -16.62 -21.94
C TRP D 299 -34.29 -17.82 -22.06
N GLU D 300 -34.29 -18.54 -23.19
CA GLU D 300 -35.20 -19.70 -23.39
C GLU D 300 -34.47 -20.98 -22.96
N VAL D 301 -34.85 -21.57 -21.82
CA VAL D 301 -34.15 -22.78 -21.31
C VAL D 301 -34.62 -23.97 -22.15
N ASN D 302 -33.69 -24.69 -22.76
CA ASN D 302 -33.94 -25.95 -23.49
C ASN D 302 -33.29 -27.09 -22.73
N SER D 303 -33.59 -28.33 -23.13
CA SER D 303 -32.78 -29.50 -22.75
C SER D 303 -32.78 -30.48 -23.93
N ALA D 304 -31.71 -30.42 -24.72
CA ALA D 304 -31.60 -31.16 -25.99
C ALA D 304 -30.12 -31.47 -26.30
N VAL D 305 -29.89 -32.60 -26.94
CA VAL D 305 -28.56 -33.05 -27.41
C VAL D 305 -28.73 -33.52 -28.85
N ALA D 306 -27.80 -33.13 -29.73
CA ALA D 306 -27.70 -33.64 -31.10
C ALA D 306 -27.37 -35.12 -31.04
N PRO D 307 -28.01 -35.96 -31.88
CA PRO D 307 -27.66 -37.37 -31.98
C PRO D 307 -26.37 -37.55 -32.77
N ARG D 308 -26.07 -36.57 -33.63
CA ARG D 308 -24.82 -36.57 -34.44
C ARG D 308 -24.14 -35.21 -34.31
N TYR D 309 -22.82 -35.20 -34.07
CA TYR D 309 -22.08 -33.94 -33.78
C TYR D 309 -21.44 -33.45 -35.07
N ALA D 310 -21.33 -34.35 -36.07
CA ALA D 310 -20.56 -34.09 -37.28
C ALA D 310 -21.23 -34.71 -38.52
N SER D 311 -20.93 -34.14 -39.67
CA SER D 311 -21.28 -34.72 -40.99
C SER D 311 -20.21 -34.29 -41.99
N GLY D 312 -19.45 -35.26 -42.51
CA GLY D 312 -18.38 -35.04 -43.50
C GLY D 312 -17.22 -34.26 -42.90
N ARG D 313 -17.01 -33.03 -43.35
CA ARG D 313 -15.85 -32.21 -42.95
C ARG D 313 -16.29 -31.11 -41.99
N VAL D 314 -17.50 -31.23 -41.46
CA VAL D 314 -18.14 -30.23 -40.60
C VAL D 314 -18.34 -30.86 -39.21
N PHE D 315 -17.97 -30.11 -38.16
CA PHE D 315 -17.98 -30.55 -36.74
C PHE D 315 -18.61 -29.44 -35.90
N CYS D 316 -19.63 -29.80 -35.14
CA CYS D 316 -20.37 -28.87 -34.28
C CYS D 316 -19.92 -29.07 -32.82
N VAL D 317 -19.77 -27.96 -32.09
CA VAL D 317 -19.21 -27.91 -30.71
C VAL D 317 -20.12 -27.07 -29.82
N GLY D 318 -20.14 -27.35 -28.51
CA GLY D 318 -20.76 -26.45 -27.54
C GLY D 318 -22.28 -26.44 -27.66
N ASP D 319 -22.86 -25.26 -27.45
CA ASP D 319 -24.33 -25.03 -27.41
C ASP D 319 -25.01 -25.46 -28.73
N ALA D 320 -24.29 -25.51 -29.83
CA ALA D 320 -24.83 -26.01 -31.11
C ALA D 320 -25.28 -27.48 -30.96
N VAL D 321 -24.63 -28.27 -30.11
CA VAL D 321 -24.89 -29.74 -30.01
C VAL D 321 -25.45 -30.15 -28.64
N HIS D 322 -25.48 -29.24 -27.65
CA HIS D 322 -26.11 -29.49 -26.33
C HIS D 322 -26.54 -28.19 -25.66
N GLN D 323 -27.78 -28.20 -25.18
CA GLN D 323 -28.44 -27.10 -24.46
C GLN D 323 -29.08 -27.70 -23.23
N ASN D 324 -29.04 -27.00 -22.11
CA ASN D 324 -29.58 -27.53 -20.85
C ASN D 324 -29.78 -26.37 -19.90
N PRO D 325 -30.51 -26.57 -18.81
CA PRO D 325 -30.66 -25.52 -17.81
C PRO D 325 -29.28 -25.16 -17.25
N PRO D 326 -29.13 -23.97 -16.64
CA PRO D 326 -27.83 -23.57 -16.07
C PRO D 326 -27.35 -24.40 -14.86
N THR D 327 -28.25 -25.16 -14.20
CA THR D 327 -27.89 -26.02 -13.02
C THR D 327 -26.72 -26.92 -13.42
N ASN D 328 -25.72 -27.05 -12.53
CA ASN D 328 -24.42 -27.78 -12.71
C ASN D 328 -23.37 -26.93 -13.46
N GLY D 329 -23.76 -25.91 -14.23
CA GLY D 329 -22.77 -25.06 -14.93
C GLY D 329 -21.94 -25.88 -15.90
N LEU D 330 -22.54 -26.87 -16.56
CA LEU D 330 -21.78 -27.82 -17.40
C LEU D 330 -21.57 -27.33 -18.83
N GLY D 331 -22.47 -26.45 -19.34
CA GLY D 331 -22.49 -25.97 -20.74
C GLY D 331 -21.17 -25.33 -21.20
N LEU D 332 -20.75 -24.26 -20.54
CA LEU D 332 -19.45 -23.58 -20.78
C LEU D 332 -18.26 -24.55 -20.64
N ASN D 333 -18.21 -25.33 -19.58
CA ASN D 333 -17.08 -26.31 -19.37
C ASN D 333 -17.07 -27.33 -20.51
N SER D 334 -18.25 -27.85 -20.90
CA SER D 334 -18.37 -28.86 -21.98
C SER D 334 -18.07 -28.23 -23.35
N ALA D 335 -18.41 -26.97 -23.58
CA ALA D 335 -18.01 -26.32 -24.83
C ALA D 335 -16.47 -26.32 -24.97
N VAL D 336 -15.77 -25.97 -23.90
CA VAL D 336 -14.30 -25.78 -23.91
C VAL D 336 -13.74 -27.16 -24.22
N ALA D 337 -14.25 -28.18 -23.54
CA ALA D 337 -13.71 -29.55 -23.70
C ALA D 337 -14.07 -30.13 -25.09
N ASP D 338 -15.20 -29.76 -25.68
CA ASP D 338 -15.52 -30.19 -27.06
C ASP D 338 -14.42 -29.71 -28.02
N SER D 339 -14.09 -28.41 -27.97
CA SER D 339 -13.17 -27.80 -28.94
C SER D 339 -11.78 -28.36 -28.71
N PHE D 340 -11.43 -28.61 -27.45
CA PHE D 340 -10.08 -29.14 -27.12
C PHE D 340 -9.95 -30.59 -27.59
N ASN D 341 -11.04 -31.37 -27.58
CA ASN D 341 -11.07 -32.75 -28.14
C ASN D 341 -10.75 -32.74 -29.63
N LEU D 342 -11.38 -31.83 -30.35
CA LEU D 342 -11.40 -31.81 -31.85
C LEU D 342 -10.11 -31.24 -32.45
N CYS D 343 -9.60 -30.11 -31.93
CA CYS D 343 -8.58 -29.33 -32.66
C CYS D 343 -7.29 -30.10 -32.93
N TRP D 344 -6.80 -30.88 -31.97
CA TRP D 344 -5.54 -31.63 -32.16
C TRP D 344 -5.76 -32.68 -33.27
N LYS D 345 -6.98 -33.21 -33.42
CA LYS D 345 -7.32 -34.23 -34.45
C LYS D 345 -7.33 -33.52 -35.80
N LEU D 346 -7.94 -32.33 -35.88
CA LEU D 346 -7.94 -31.50 -37.11
C LEU D 346 -6.49 -31.24 -37.53
N LYS D 347 -5.61 -31.01 -36.56
CA LYS D 347 -4.21 -30.67 -36.93
C LYS D 347 -3.54 -31.84 -37.63
N LEU D 348 -3.64 -33.05 -37.09
CA LEU D 348 -3.02 -34.27 -37.69
C LEU D 348 -3.67 -34.56 -39.06
N ALA D 349 -4.97 -34.38 -39.21
CA ALA D 349 -5.70 -34.64 -40.49
C ALA D 349 -5.13 -33.70 -41.55
N LEU D 350 -4.92 -32.41 -41.21
CA LEU D 350 -4.44 -31.34 -42.12
C LEU D 350 -3.02 -31.65 -42.58
N GLU D 351 -2.19 -32.26 -41.73
CA GLU D 351 -0.81 -32.66 -42.08
C GLU D 351 -0.78 -33.99 -42.83
N GLY D 352 -1.93 -34.64 -43.04
CA GLY D 352 -2.03 -35.93 -43.72
C GLY D 352 -1.51 -37.09 -42.88
N LEU D 353 -1.54 -36.97 -41.55
CA LEU D 353 -1.02 -38.03 -40.65
C LEU D 353 -2.18 -38.77 -40.03
N ALA D 354 -3.39 -38.33 -40.34
CA ALA D 354 -4.63 -38.98 -39.90
C ALA D 354 -5.68 -38.64 -40.94
N GLY D 355 -6.82 -39.29 -40.87
CA GLY D 355 -7.89 -39.01 -41.83
C GLY D 355 -9.23 -39.08 -41.14
N PRO D 356 -10.28 -39.35 -41.95
CA PRO D 356 -11.64 -39.25 -41.46
C PRO D 356 -11.89 -40.23 -40.32
N GLY D 357 -11.13 -41.32 -40.23
CA GLY D 357 -11.21 -42.23 -39.08
C GLY D 357 -10.95 -41.51 -37.76
N LEU D 358 -9.88 -40.72 -37.67
CA LEU D 358 -9.54 -40.01 -36.41
C LEU D 358 -10.60 -38.93 -36.14
N LEU D 359 -11.05 -38.19 -37.15
CA LEU D 359 -12.07 -37.12 -36.97
C LEU D 359 -13.44 -37.66 -36.58
N ASP D 360 -13.78 -38.91 -36.96
CA ASP D 360 -15.02 -39.59 -36.46
C ASP D 360 -15.00 -39.75 -34.94
N THR D 361 -13.81 -39.84 -34.31
CA THR D 361 -13.69 -40.05 -32.85
C THR D 361 -14.12 -38.82 -32.04
N TYR D 362 -14.22 -37.64 -32.67
CA TYR D 362 -14.79 -36.41 -32.04
C TYR D 362 -16.25 -36.71 -31.65
N HIS D 363 -17.09 -37.09 -32.61
CA HIS D 363 -18.48 -37.54 -32.30
C HIS D 363 -18.46 -38.68 -31.27
N ASP D 364 -17.67 -39.72 -31.49
CA ASP D 364 -17.70 -40.96 -30.67
C ASP D 364 -17.37 -40.62 -29.21
N GLU D 365 -16.43 -39.71 -28.97
CA GLU D 365 -16.00 -39.34 -27.59
C GLU D 365 -16.92 -38.28 -27.02
N ARG D 366 -17.34 -37.26 -27.77
CA ARG D 366 -17.99 -36.12 -27.09
C ARG D 366 -19.51 -36.28 -27.02
N GLN D 367 -20.10 -37.04 -27.94
CA GLN D 367 -21.58 -37.08 -27.98
C GLN D 367 -22.09 -37.76 -26.73
N PRO D 368 -21.47 -38.82 -26.18
CA PRO D 368 -21.92 -39.37 -24.91
C PRO D 368 -21.80 -38.38 -23.74
N VAL D 369 -20.79 -37.50 -23.80
CA VAL D 369 -20.62 -36.47 -22.72
C VAL D 369 -21.79 -35.49 -22.85
N GLY D 370 -22.17 -35.11 -24.06
CA GLY D 370 -23.33 -34.25 -24.29
C GLY D 370 -24.62 -34.86 -23.72
N ARG D 371 -24.86 -36.14 -23.96
CA ARG D 371 -26.04 -36.84 -23.35
C ARG D 371 -25.91 -36.79 -21.82
N GLN D 372 -24.72 -37.00 -21.26
CA GLN D 372 -24.58 -37.07 -19.76
C GLN D 372 -24.84 -35.69 -19.14
N ILE D 373 -24.36 -34.59 -19.72
CA ILE D 373 -24.51 -33.25 -19.07
C ILE D 373 -25.98 -32.79 -19.17
N VAL D 374 -26.62 -32.97 -20.32
CA VAL D 374 -28.02 -32.55 -20.51
C VAL D 374 -28.88 -33.29 -19.48
N ASP D 375 -28.61 -34.57 -19.28
CA ASP D 375 -29.40 -35.41 -18.36
C ASP D 375 -29.17 -34.95 -16.92
N ARG D 376 -27.90 -34.77 -16.52
CA ARG D 376 -27.53 -34.32 -15.16
C ARG D 376 -28.09 -32.93 -14.94
N ALA D 377 -27.89 -31.99 -15.85
CA ALA D 377 -28.39 -30.61 -15.60
C ALA D 377 -29.91 -30.60 -15.39
N PHE D 378 -30.64 -31.45 -16.11
CA PHE D 378 -32.13 -31.44 -16.08
C PHE D 378 -32.58 -31.93 -14.71
N ARG D 379 -31.99 -33.03 -14.23
CA ARG D 379 -32.37 -33.62 -12.91
C ARG D 379 -32.02 -32.66 -11.77
N SER D 380 -30.96 -31.85 -11.93
CA SER D 380 -30.52 -30.84 -10.94
C SER D 380 -31.52 -29.70 -10.92
N MET D 381 -32.03 -29.31 -12.09
CA MET D 381 -33.06 -28.24 -12.19
C MET D 381 -34.32 -28.71 -11.47
N VAL D 382 -34.74 -29.96 -11.65
CA VAL D 382 -35.97 -30.58 -11.02
C VAL D 382 -35.79 -30.68 -9.50
N ASP D 383 -34.60 -31.06 -9.01
CA ASP D 383 -34.28 -31.21 -7.56
C ASP D 383 -34.58 -29.93 -6.76
N LEU D 384 -34.49 -28.75 -7.37
CA LEU D 384 -34.53 -27.45 -6.66
C LEU D 384 -35.89 -27.29 -5.96
N ILE D 385 -36.99 -27.58 -6.67
CA ILE D 385 -38.37 -27.41 -6.13
C ILE D 385 -38.58 -28.37 -4.95
N GLY D 386 -37.77 -29.44 -4.84
CA GLY D 386 -37.80 -30.38 -3.71
C GLY D 386 -37.59 -29.74 -2.35
N ILE D 387 -36.87 -28.62 -2.26
CA ILE D 387 -36.61 -27.98 -0.94
C ILE D 387 -37.87 -27.27 -0.46
N PRO D 388 -38.48 -26.30 -1.18
CA PRO D 388 -39.68 -25.66 -0.65
C PRO D 388 -40.86 -26.66 -0.50
N GLN D 389 -40.93 -27.70 -1.32
CA GLN D 389 -41.95 -28.79 -1.17
C GLN D 389 -41.76 -29.51 0.18
N ALA D 390 -40.54 -29.91 0.52
CA ALA D 390 -40.26 -30.51 1.84
C ALA D 390 -40.80 -29.62 2.97
N LEU D 391 -40.76 -28.29 2.83
CA LEU D 391 -41.13 -27.40 3.96
C LEU D 391 -42.65 -27.37 4.22
N GLY D 392 -43.46 -27.78 3.23
CA GLY D 392 -44.94 -27.70 3.27
C GLY D 392 -45.47 -26.60 2.38
N PHE D 393 -44.59 -25.87 1.66
CA PHE D 393 -44.98 -24.75 0.79
C PHE D 393 -45.76 -25.32 -0.39
N THR D 394 -46.87 -24.66 -0.76
CA THR D 394 -47.78 -25.03 -1.89
C THR D 394 -48.26 -23.74 -2.53
N GLU D 395 -49.06 -23.85 -3.59
CA GLU D 395 -49.80 -22.69 -4.13
C GLU D 395 -50.81 -22.23 -3.07
N GLY D 396 -51.22 -20.97 -3.19
CA GLY D 396 -52.27 -20.31 -2.39
C GLY D 396 -52.07 -20.50 -0.90
N GLN D 397 -50.91 -20.10 -0.37
CA GLN D 397 -50.70 -19.95 1.09
C GLN D 397 -50.36 -18.48 1.35
N SER D 398 -50.81 -17.94 2.47
CA SER D 398 -50.46 -16.57 2.93
C SER D 398 -48.98 -16.51 3.29
N PRO D 399 -48.37 -15.31 3.19
CA PRO D 399 -47.06 -15.07 3.78
C PRO D 399 -47.00 -15.64 5.19
N GLU D 400 -47.99 -15.34 6.03
CA GLU D 400 -48.01 -15.76 7.48
C GLU D 400 -48.06 -17.29 7.59
N GLU D 401 -48.76 -17.96 6.70
CA GLU D 401 -48.87 -19.43 6.72
C GLU D 401 -47.47 -20.02 6.47
N GLN D 402 -46.74 -19.44 5.53
CA GLN D 402 -45.39 -19.93 5.15
C GLN D 402 -44.41 -19.58 6.27
N TRP D 403 -44.48 -18.39 6.87
CA TRP D 403 -43.68 -18.08 8.09
C TRP D 403 -43.95 -19.11 9.19
N ARG D 404 -45.20 -19.48 9.42
CA ARG D 404 -45.56 -20.45 10.50
C ARG D 404 -44.91 -21.80 10.20
N LEU D 405 -44.95 -22.23 8.95
CA LEU D 405 -44.35 -23.52 8.55
C LEU D 405 -42.84 -23.55 8.77
N LEU D 406 -42.11 -22.51 8.39
CA LEU D 406 -40.68 -22.35 8.75
C LEU D 406 -40.54 -22.38 10.27
N ASP D 407 -41.40 -21.67 11.00
CA ASP D 407 -41.25 -21.47 12.46
C ASP D 407 -41.45 -22.79 13.24
N THR D 408 -42.31 -23.69 12.77
CA THR D 408 -42.67 -24.94 13.51
C THR D 408 -41.70 -26.08 13.19
N LEU D 409 -40.97 -26.01 12.08
CA LEU D 409 -40.00 -27.06 11.66
C LEU D 409 -39.16 -27.57 12.86
N HIS D 410 -38.73 -26.74 13.83
CA HIS D 410 -37.72 -27.13 14.86
C HIS D 410 -38.36 -27.71 16.12
N GLU D 411 -39.63 -28.11 16.04
CA GLU D 411 -40.47 -28.54 17.20
C GLU D 411 -40.10 -29.94 17.70
N ASP D 412 -40.51 -30.23 18.93
CA ASP D 412 -40.48 -31.55 19.61
C ASP D 412 -41.76 -32.36 19.25
N THR D 413 -42.13 -32.50 17.97
CA THR D 413 -43.39 -33.19 17.60
C THR D 413 -43.15 -34.11 16.43
N GLU D 414 -44.13 -34.96 16.14
CA GLU D 414 -43.97 -36.00 15.10
C GLU D 414 -44.01 -35.33 13.73
N GLU D 415 -44.82 -34.29 13.52
CA GLU D 415 -44.83 -33.48 12.24
C GLU D 415 -43.45 -32.85 11.92
N ALA D 416 -42.94 -32.01 12.83
CA ALA D 416 -41.66 -31.24 12.82
C ALA D 416 -40.46 -32.15 12.49
N ARG D 417 -40.24 -33.20 13.30
CA ARG D 417 -39.32 -34.34 13.05
C ARG D 417 -39.53 -34.91 11.63
N GLN D 418 -40.76 -35.18 11.18
CA GLN D 418 -40.91 -35.72 9.80
C GLN D 418 -40.47 -34.71 8.74
N ARG D 419 -40.98 -33.46 8.74
CA ARG D 419 -40.77 -32.52 7.59
C ARG D 419 -39.26 -32.33 7.40
N ARG D 420 -38.50 -32.40 8.50
CA ARG D 420 -37.02 -32.44 8.54
C ARG D 420 -36.55 -33.55 7.59
N ALA D 421 -37.14 -34.74 7.64
CA ALA D 421 -36.66 -35.92 6.91
C ALA D 421 -36.79 -35.64 5.41
N ALA D 422 -37.92 -35.11 4.98
CA ALA D 422 -38.11 -34.75 3.56
C ALA D 422 -37.05 -33.69 3.12
N LEU D 423 -36.65 -32.79 4.03
CA LEU D 423 -35.77 -31.63 3.74
C LEU D 423 -34.32 -32.13 3.68
N ALA D 424 -33.88 -32.94 4.64
CA ALA D 424 -32.59 -33.65 4.63
C ALA D 424 -32.41 -34.42 3.30
N ALA D 425 -33.48 -35.03 2.76
CA ALA D 425 -33.42 -35.81 1.51
C ALA D 425 -33.32 -34.89 0.30
N ALA D 426 -34.14 -33.83 0.24
CA ALA D 426 -34.11 -32.87 -0.88
C ALA D 426 -32.74 -32.16 -0.88
N THR D 427 -32.22 -31.83 0.30
CA THR D 427 -30.92 -31.16 0.51
C THR D 427 -29.79 -32.10 0.01
N ALA D 428 -29.77 -33.37 0.42
CA ALA D 428 -28.76 -34.36 0.02
C ALA D 428 -28.69 -34.43 -1.50
N ALA D 429 -29.83 -34.30 -2.19
CA ALA D 429 -29.83 -34.39 -3.65
C ALA D 429 -29.06 -33.22 -4.30
N ILE D 430 -28.94 -32.07 -3.63
CA ILE D 430 -28.27 -30.87 -4.24
C ILE D 430 -26.76 -31.15 -4.42
N HIS D 431 -26.21 -32.15 -3.76
CA HIS D 431 -24.83 -32.64 -4.01
C HIS D 431 -24.66 -32.94 -5.49
N GLY D 432 -25.74 -33.30 -6.17
CA GLY D 432 -25.70 -33.66 -7.59
C GLY D 432 -25.40 -32.48 -8.49
N GLN D 433 -25.48 -31.25 -7.98
CA GLN D 433 -25.08 -30.05 -8.74
C GLN D 433 -23.96 -29.30 -8.02
N ALA D 434 -23.77 -29.48 -6.72
CA ALA D 434 -22.79 -28.71 -5.91
C ALA D 434 -21.45 -29.43 -5.74
N ASN D 435 -21.42 -30.76 -5.76
CA ASN D 435 -20.15 -31.53 -5.60
C ASN D 435 -20.20 -32.72 -6.57
N ALA D 436 -20.55 -32.48 -7.82
CA ALA D 436 -20.67 -33.56 -8.83
C ALA D 436 -19.31 -33.83 -9.49
N HIS D 437 -18.34 -34.29 -8.72
CA HIS D 437 -16.91 -34.38 -9.12
C HIS D 437 -16.74 -35.43 -10.20
N GLY D 438 -17.54 -36.49 -10.16
CA GLY D 438 -17.45 -37.57 -11.15
C GLY D 438 -17.87 -37.11 -12.50
N VAL D 439 -18.94 -36.32 -12.57
CA VAL D 439 -19.49 -35.75 -13.84
C VAL D 439 -18.48 -34.73 -14.40
N GLU D 440 -17.86 -33.93 -13.54
CA GLU D 440 -16.98 -32.80 -13.97
C GLU D 440 -15.63 -33.32 -14.45
N LEU D 441 -15.07 -34.31 -13.77
CA LEU D 441 -13.67 -34.75 -13.99
C LEU D 441 -13.57 -36.21 -14.40
N GLY D 442 -14.60 -37.03 -14.16
CA GLY D 442 -14.48 -38.50 -14.17
C GLY D 442 -15.03 -39.15 -15.41
N TYR D 443 -15.46 -38.38 -16.40
CA TYR D 443 -15.98 -39.00 -17.64
C TYR D 443 -14.83 -39.66 -18.36
N ARG D 444 -15.12 -40.76 -19.04
CA ARG D 444 -14.09 -41.59 -19.71
C ARG D 444 -14.61 -41.93 -21.11
N TYR D 445 -13.75 -41.77 -22.12
CA TYR D 445 -14.09 -42.13 -23.51
C TYR D 445 -13.92 -43.65 -23.65
N ARG D 446 -14.96 -44.36 -24.07
CA ARG D 446 -14.96 -45.87 -24.07
C ARG D 446 -14.70 -46.35 -25.50
N THR D 447 -14.97 -45.49 -26.46
CA THR D 447 -14.64 -45.67 -27.89
C THR D 447 -14.09 -44.36 -28.47
N GLY D 448 -13.06 -44.49 -29.29
CA GLY D 448 -12.49 -43.35 -30.04
C GLY D 448 -11.02 -43.53 -30.27
N ALA D 449 -10.22 -42.47 -30.10
CA ALA D 449 -8.78 -42.50 -30.43
C ALA D 449 -8.01 -43.07 -29.24
N LEU D 450 -8.20 -44.37 -29.00
CA LEU D 450 -7.69 -45.12 -27.84
C LEU D 450 -7.69 -46.62 -28.19
N VAL D 451 -6.81 -47.36 -27.57
CA VAL D 451 -6.71 -48.84 -27.70
C VAL D 451 -6.91 -49.43 -26.33
N PRO D 452 -7.99 -50.20 -26.08
CA PRO D 452 -8.20 -50.81 -24.77
C PRO D 452 -7.05 -51.76 -24.49
N ASP D 453 -6.73 -51.98 -23.22
CA ASP D 453 -5.59 -52.85 -22.84
C ASP D 453 -6.15 -54.22 -22.42
N GLY D 454 -7.48 -54.42 -22.46
CA GLY D 454 -8.10 -55.70 -22.07
C GLY D 454 -8.42 -55.80 -20.59
N THR D 455 -8.15 -54.78 -19.76
CA THR D 455 -8.53 -54.81 -18.31
C THR D 455 -9.93 -54.22 -18.16
N PRO D 456 -10.69 -54.57 -17.11
CA PRO D 456 -12.06 -54.09 -17.01
C PRO D 456 -11.93 -52.65 -16.50
N GLU D 457 -12.88 -51.80 -16.86
CA GLU D 457 -12.91 -50.40 -16.34
C GLU D 457 -12.95 -50.44 -14.81
N PRO D 458 -12.16 -49.65 -14.08
CA PRO D 458 -12.36 -49.54 -12.63
C PRO D 458 -13.75 -49.05 -12.23
N ALA D 459 -14.34 -49.67 -11.20
CA ALA D 459 -15.72 -49.38 -10.73
C ALA D 459 -15.76 -49.66 -9.23
N ASP D 460 -16.66 -49.01 -8.50
CA ASP D 460 -16.81 -49.22 -7.04
C ASP D 460 -18.27 -48.94 -6.68
N GLU D 461 -18.62 -49.03 -5.40
CA GLU D 461 -20.03 -48.84 -4.96
C GLU D 461 -20.41 -47.35 -4.86
N ARG D 462 -19.49 -46.39 -4.95
CA ARG D 462 -19.81 -44.94 -4.75
C ARG D 462 -20.64 -44.41 -5.93
N ASP D 463 -21.48 -43.41 -5.69
CA ASP D 463 -22.20 -42.68 -6.78
C ASP D 463 -21.15 -42.13 -7.75
N PRO D 464 -21.10 -42.60 -9.01
CA PRO D 464 -20.07 -42.17 -9.95
C PRO D 464 -20.29 -40.74 -10.49
N GLU D 465 -21.46 -40.15 -10.27
CA GLU D 465 -21.70 -38.72 -10.56
C GLU D 465 -21.07 -37.83 -9.48
N LEU D 466 -21.07 -38.25 -8.23
CA LEU D 466 -20.50 -37.44 -7.11
C LEU D 466 -18.99 -37.67 -6.97
N TYR D 467 -18.49 -38.90 -7.21
CA TYR D 467 -17.14 -39.34 -6.79
C TYR D 467 -16.25 -39.62 -8.00
N TYR D 468 -15.10 -38.96 -7.99
CA TYR D 468 -14.07 -39.09 -9.05
C TYR D 468 -13.13 -40.20 -8.61
N ARG D 469 -12.73 -41.08 -9.51
CA ARG D 469 -11.76 -42.15 -9.21
C ARG D 469 -10.67 -42.08 -10.30
N ALA D 470 -9.48 -41.63 -9.94
CA ALA D 470 -8.36 -41.36 -10.90
C ALA D 470 -7.93 -42.69 -11.51
N THR D 471 -7.72 -42.77 -12.81
CA THR D 471 -7.22 -44.01 -13.45
C THR D 471 -6.51 -43.71 -14.76
N THR D 472 -5.58 -44.60 -15.14
CA THR D 472 -4.95 -44.57 -16.47
C THR D 472 -5.66 -45.53 -17.43
N TRP D 473 -6.84 -46.02 -17.09
CA TRP D 473 -7.65 -46.86 -18.01
C TRP D 473 -7.85 -46.09 -19.31
N PRO D 474 -7.44 -46.63 -20.49
CA PRO D 474 -7.52 -45.88 -21.73
C PRO D 474 -8.86 -45.23 -21.99
N GLY D 475 -8.81 -43.94 -22.33
CA GLY D 475 -9.99 -43.07 -22.46
C GLY D 475 -10.19 -42.12 -21.28
N ALA D 476 -9.68 -42.45 -20.10
CA ALA D 476 -9.77 -41.59 -18.91
C ALA D 476 -8.85 -40.37 -19.06
N ARG D 477 -9.15 -39.30 -18.34
CA ARG D 477 -8.22 -38.13 -18.23
C ARG D 477 -7.02 -38.59 -17.39
N LEU D 478 -5.80 -38.39 -17.89
CA LEU D 478 -4.57 -38.69 -17.11
C LEU D 478 -4.68 -38.19 -15.68
N PRO D 479 -4.39 -39.06 -14.67
CA PRO D 479 -4.35 -38.63 -13.28
C PRO D 479 -3.33 -37.51 -12.99
N HIS D 480 -3.78 -36.56 -12.19
CA HIS D 480 -2.94 -35.49 -11.64
C HIS D 480 -2.07 -36.09 -10.55
N ALA D 481 -0.76 -35.84 -10.63
CA ALA D 481 0.15 -35.92 -9.48
C ALA D 481 1.14 -34.76 -9.59
N TRP D 482 1.59 -34.25 -8.45
CA TRP D 482 2.69 -33.27 -8.42
C TRP D 482 4.02 -33.97 -8.64
N LEU D 483 4.72 -33.52 -9.70
CA LEU D 483 6.10 -33.87 -9.98
C LEU D 483 6.98 -32.67 -9.71
N GLU D 484 8.26 -32.89 -9.87
CA GLU D 484 9.22 -31.80 -9.75
C GLU D 484 10.31 -32.04 -10.81
N ASN D 485 10.48 -31.05 -11.69
CA ASN D 485 11.51 -31.06 -12.75
C ASN D 485 12.61 -30.09 -12.31
N GLY D 486 13.69 -30.66 -11.79
CA GLY D 486 14.68 -29.85 -11.05
C GLY D 486 14.03 -29.26 -9.81
N ARG D 487 13.85 -27.95 -9.72
CA ARG D 487 13.17 -27.35 -8.55
C ARG D 487 11.83 -26.77 -9.00
N HIS D 488 11.35 -27.17 -10.16
CA HIS D 488 10.11 -26.65 -10.76
C HIS D 488 8.97 -27.63 -10.50
N ARG D 489 8.00 -27.21 -9.71
CA ARG D 489 6.78 -27.99 -9.38
C ARG D 489 5.90 -28.00 -10.63
N CYS D 490 5.47 -29.17 -11.07
CA CYS D 490 4.65 -29.30 -12.28
C CYS D 490 3.76 -30.53 -12.13
N SER D 491 2.59 -30.49 -12.74
CA SER D 491 1.65 -31.64 -12.77
C SER D 491 2.06 -32.64 -13.84
N THR D 492 1.70 -33.89 -13.70
CA THR D 492 1.66 -34.85 -14.84
C THR D 492 0.89 -34.28 -16.04
N LEU D 493 -0.09 -33.42 -15.82
CA LEU D 493 -0.85 -32.73 -16.88
C LEU D 493 -0.05 -31.58 -17.50
N ASP D 494 0.94 -31.00 -16.80
CA ASP D 494 1.77 -29.89 -17.36
C ASP D 494 2.91 -30.42 -18.23
N VAL D 495 3.43 -31.63 -17.98
CA VAL D 495 4.57 -32.20 -18.75
C VAL D 495 4.01 -33.07 -19.90
N THR D 496 2.69 -33.17 -20.06
CA THR D 496 2.04 -33.86 -21.19
C THR D 496 1.22 -32.84 -21.95
N GLY D 497 0.51 -33.31 -22.97
CA GLY D 497 -0.37 -32.43 -23.74
C GLY D 497 0.45 -31.51 -24.64
N ARG D 498 0.03 -30.25 -24.74
CA ARG D 498 0.71 -29.22 -25.54
C ARG D 498 1.01 -29.74 -26.94
N GLY D 499 0.01 -30.24 -27.65
CA GLY D 499 0.07 -30.56 -29.09
C GLY D 499 0.83 -31.84 -29.41
N ARG D 500 1.22 -32.66 -28.44
CA ARG D 500 2.04 -33.83 -28.76
C ARG D 500 1.58 -35.01 -27.92
N PHE D 501 1.94 -36.20 -28.39
CA PHE D 501 1.81 -37.49 -27.68
C PHE D 501 3.03 -37.63 -26.77
N THR D 502 2.82 -38.10 -25.57
CA THR D 502 3.89 -38.34 -24.59
C THR D 502 3.70 -39.73 -24.04
N LEU D 503 4.82 -40.43 -23.87
CA LEU D 503 4.85 -41.76 -23.22
C LEU D 503 5.57 -41.62 -21.88
N LEU D 504 4.85 -41.73 -20.77
CA LEU D 504 5.43 -41.65 -19.40
C LEU D 504 5.93 -43.04 -19.03
N THR D 505 7.15 -43.15 -18.55
CA THR D 505 7.71 -44.46 -18.11
C THR D 505 8.52 -44.18 -16.86
N GLY D 506 9.35 -45.15 -16.47
CA GLY D 506 10.06 -45.18 -15.20
C GLY D 506 11.31 -46.05 -15.34
N PRO D 507 11.96 -46.44 -14.22
CA PRO D 507 13.13 -47.31 -14.29
C PRO D 507 12.80 -48.63 -15.02
N GLY D 508 13.70 -49.02 -15.93
CA GLY D 508 13.58 -50.21 -16.81
C GLY D 508 12.87 -49.87 -18.09
N GLY D 509 12.44 -48.61 -18.28
CA GLY D 509 11.66 -48.23 -19.47
C GLY D 509 12.47 -47.86 -20.70
N GLU D 510 13.79 -48.06 -20.73
CA GLU D 510 14.61 -47.72 -21.95
C GLU D 510 14.08 -48.40 -23.22
N PRO D 511 13.54 -49.63 -23.21
CA PRO D 511 13.00 -50.19 -24.44
C PRO D 511 11.93 -49.34 -25.11
N TRP D 512 11.27 -48.43 -24.37
CA TRP D 512 10.23 -47.57 -25.00
C TRP D 512 10.86 -46.59 -25.98
N ARG D 513 12.14 -46.25 -25.85
CA ARG D 513 12.74 -45.21 -26.75
C ARG D 513 12.76 -45.73 -28.19
N ASP D 514 13.24 -46.96 -28.40
CA ASP D 514 13.30 -47.58 -29.75
C ASP D 514 11.88 -47.82 -30.28
N ALA D 515 10.93 -48.18 -29.41
CA ALA D 515 9.54 -48.38 -29.83
C ALA D 515 8.95 -47.06 -30.36
N ALA D 516 9.20 -45.93 -29.69
CA ALA D 516 8.72 -44.59 -30.14
C ALA D 516 9.39 -44.24 -31.46
N ARG D 517 10.67 -44.52 -31.59
CA ARG D 517 11.38 -44.31 -32.89
C ARG D 517 10.64 -45.06 -34.00
N ASP D 518 10.37 -46.36 -33.82
CA ASP D 518 9.67 -47.20 -34.83
C ASP D 518 8.28 -46.64 -35.09
N ALA D 519 7.56 -46.26 -34.03
CA ALA D 519 6.19 -45.68 -34.14
C ALA D 519 6.25 -44.45 -35.05
N ALA D 520 7.25 -43.59 -34.87
CA ALA D 520 7.41 -42.33 -35.62
C ALA D 520 7.67 -42.64 -37.10
N LEU D 521 8.58 -43.58 -37.41
CA LEU D 521 8.84 -43.97 -38.84
C LEU D 521 7.55 -44.50 -39.48
N ASP D 522 6.87 -45.43 -38.81
CA ASP D 522 5.67 -46.09 -39.33
C ASP D 522 4.55 -45.07 -39.54
N THR D 523 4.32 -44.13 -38.62
CA THR D 523 3.05 -43.34 -38.59
C THR D 523 3.30 -41.90 -38.98
N GLY D 524 4.54 -41.44 -38.92
CA GLY D 524 4.90 -40.02 -39.12
C GLY D 524 4.68 -39.15 -37.88
N VAL D 525 4.17 -39.68 -36.76
CA VAL D 525 3.84 -38.87 -35.54
C VAL D 525 4.90 -39.13 -34.46
N GLU D 526 5.54 -38.08 -33.95
CA GLU D 526 6.47 -38.13 -32.79
C GLU D 526 5.72 -38.54 -31.52
N VAL D 527 6.28 -39.49 -30.78
CA VAL D 527 5.89 -39.83 -29.39
C VAL D 527 7.09 -39.48 -28.52
N ALA D 528 6.98 -38.45 -27.69
CA ALA D 528 8.03 -38.06 -26.75
C ALA D 528 8.02 -39.07 -25.61
N VAL D 529 9.18 -39.58 -25.25
CA VAL D 529 9.35 -40.50 -24.10
C VAL D 529 9.83 -39.71 -22.90
N LEU D 530 9.13 -39.83 -21.77
CA LEU D 530 9.41 -39.02 -20.58
C LEU D 530 9.48 -39.96 -19.37
N PRO D 531 10.70 -40.27 -18.91
CA PRO D 531 10.87 -41.10 -17.73
C PRO D 531 10.66 -40.26 -16.48
N ILE D 532 9.97 -40.86 -15.50
CA ILE D 532 9.73 -40.26 -14.17
C ILE D 532 10.44 -41.10 -13.13
N GLY D 533 11.31 -40.43 -12.39
CA GLY D 533 12.09 -41.04 -11.32
C GLY D 533 13.13 -41.97 -11.92
N ALA D 534 13.64 -41.63 -13.09
CA ALA D 534 14.81 -42.30 -13.72
C ALA D 534 15.33 -41.41 -14.85
N GLY D 535 16.51 -41.77 -15.35
CA GLY D 535 17.05 -41.17 -16.60
C GLY D 535 17.25 -39.65 -16.50
N GLY D 536 17.34 -39.08 -15.27
CA GLY D 536 17.46 -37.62 -15.02
C GLY D 536 16.18 -36.81 -15.29
N GLY D 537 15.04 -37.45 -15.55
CA GLY D 537 13.78 -36.74 -15.80
C GLY D 537 13.15 -36.21 -14.52
N PRO D 538 11.88 -35.78 -14.61
CA PRO D 538 11.14 -35.32 -13.44
C PRO D 538 11.09 -36.35 -12.30
N ARG D 539 11.08 -35.88 -11.04
CA ARG D 539 10.85 -36.79 -9.88
C ARG D 539 9.38 -36.76 -9.45
N ASP D 540 9.00 -37.76 -8.67
CA ASP D 540 7.65 -38.00 -8.12
C ASP D 540 7.86 -37.85 -6.63
N PRO D 541 7.96 -36.61 -6.08
CA PRO D 541 8.48 -36.43 -4.73
C PRO D 541 7.74 -37.16 -3.62
N TYR D 542 6.44 -37.37 -3.77
CA TYR D 542 5.57 -37.96 -2.72
C TYR D 542 5.39 -39.45 -3.00
N GLY D 543 5.76 -39.95 -4.18
CA GLY D 543 5.42 -41.33 -4.56
C GLY D 543 4.01 -41.41 -5.06
N THR D 544 3.33 -40.29 -5.29
CA THR D 544 1.92 -40.32 -5.72
C THR D 544 1.72 -40.85 -7.14
N TRP D 545 2.51 -40.41 -8.09
CA TRP D 545 2.39 -40.88 -9.49
C TRP D 545 2.55 -42.41 -9.55
N ALA D 546 3.48 -42.96 -8.79
CA ALA D 546 3.71 -44.42 -8.72
C ALA D 546 2.43 -45.12 -8.23
N GLU D 547 1.66 -44.50 -7.32
CA GLU D 547 0.39 -45.07 -6.80
C GLU D 547 -0.74 -44.98 -7.85
N LEU D 548 -0.74 -43.99 -8.73
CA LEU D 548 -1.93 -43.75 -9.59
C LEU D 548 -1.74 -44.37 -10.96
N ARG D 549 -0.50 -44.57 -11.44
CA ARG D 549 -0.23 -44.87 -12.86
C ARG D 549 -0.73 -46.28 -13.23
N GLU D 550 -0.93 -47.18 -12.29
CA GLU D 550 -1.57 -48.51 -12.52
C GLU D 550 -0.77 -49.34 -13.54
N VAL D 551 0.54 -49.14 -13.61
CA VAL D 551 1.46 -49.91 -14.47
C VAL D 551 2.67 -50.08 -13.58
N GLU D 552 3.57 -50.97 -13.97
CA GLU D 552 4.84 -51.17 -13.22
C GLU D 552 5.81 -50.07 -13.68
N GLU D 553 6.89 -49.93 -12.93
CA GLU D 553 7.97 -48.95 -13.18
C GLU D 553 8.40 -48.95 -14.64
N SER D 554 8.54 -50.14 -15.27
CA SER D 554 9.09 -50.26 -16.66
C SER D 554 7.98 -50.10 -17.70
N GLY D 555 6.75 -49.89 -17.25
CA GLY D 555 5.58 -49.76 -18.12
C GLY D 555 5.49 -48.38 -18.77
N ALA D 556 4.36 -48.14 -19.43
CA ALA D 556 4.13 -46.95 -20.28
C ALA D 556 2.69 -46.46 -20.12
N VAL D 557 2.51 -45.14 -20.05
CA VAL D 557 1.16 -44.50 -20.23
C VAL D 557 1.30 -43.55 -21.40
N LEU D 558 0.51 -43.77 -22.44
CA LEU D 558 0.58 -42.99 -23.68
C LEU D 558 -0.51 -41.93 -23.59
N VAL D 559 -0.09 -40.67 -23.56
CA VAL D 559 -1.02 -39.53 -23.32
C VAL D 559 -1.21 -38.76 -24.62
N ARG D 560 -2.47 -38.50 -24.97
CA ARG D 560 -2.87 -37.70 -26.14
C ARG D 560 -2.54 -36.22 -25.92
N PRO D 561 -2.56 -35.43 -27.01
CA PRO D 561 -2.44 -33.99 -26.87
C PRO D 561 -3.50 -33.30 -25.97
N ASP D 562 -4.65 -33.95 -25.73
CA ASP D 562 -5.75 -33.39 -24.90
C ASP D 562 -5.69 -33.90 -23.46
N GLY D 563 -4.65 -34.64 -23.10
CA GLY D 563 -4.46 -35.14 -21.73
C GLY D 563 -5.29 -36.38 -21.36
N HIS D 564 -6.02 -36.96 -22.31
CA HIS D 564 -6.65 -38.29 -22.09
C HIS D 564 -5.63 -39.40 -22.39
N VAL D 565 -5.77 -40.53 -21.72
CA VAL D 565 -4.86 -41.67 -21.95
C VAL D 565 -5.29 -42.38 -23.24
N ALA D 566 -4.35 -42.64 -24.17
CA ALA D 566 -4.69 -43.37 -25.41
C ALA D 566 -4.50 -44.88 -25.20
N TRP D 567 -3.50 -45.25 -24.43
CA TRP D 567 -3.10 -46.66 -24.21
C TRP D 567 -2.17 -46.71 -23.01
N ARG D 568 -2.09 -47.88 -22.39
CA ARG D 568 -1.10 -48.17 -21.35
C ARG D 568 -0.59 -49.59 -21.52
N ALA D 569 0.57 -49.85 -20.95
CA ALA D 569 1.21 -51.18 -20.93
C ALA D 569 1.86 -51.36 -19.57
N ARG D 570 1.60 -52.52 -19.00
CA ARG D 570 2.02 -52.85 -17.65
C ARG D 570 3.53 -52.73 -17.54
N ASP D 571 4.31 -53.15 -18.56
CA ASP D 571 5.77 -53.31 -18.41
C ASP D 571 6.48 -53.24 -19.75
N HIS D 572 7.80 -53.19 -19.75
CA HIS D 572 8.57 -52.92 -20.99
C HIS D 572 8.47 -54.09 -21.99
N GLY D 573 8.02 -55.26 -21.54
CA GLY D 573 7.80 -56.44 -22.42
C GLY D 573 6.77 -56.14 -23.49
N HIS D 574 5.97 -55.09 -23.34
CA HIS D 574 5.00 -54.64 -24.37
C HIS D 574 5.59 -53.61 -25.38
N ALA D 575 6.89 -53.30 -25.37
CA ALA D 575 7.38 -52.10 -26.12
C ALA D 575 7.04 -52.23 -27.62
N LYS D 576 7.26 -53.41 -28.19
CA LYS D 576 7.09 -53.69 -29.63
C LYS D 576 5.65 -53.43 -30.08
N GLU D 577 4.67 -53.43 -29.17
CA GLU D 577 3.26 -53.14 -29.54
C GLU D 577 3.06 -51.66 -29.96
N LEU D 578 3.97 -50.74 -29.63
CA LEU D 578 3.67 -49.29 -29.73
C LEU D 578 3.41 -48.83 -31.17
N PRO D 579 4.18 -49.24 -32.22
CA PRO D 579 3.88 -48.82 -33.59
C PRO D 579 2.45 -49.13 -34.04
N GLU D 580 1.95 -50.34 -33.77
CA GLU D 580 0.57 -50.77 -34.15
C GLU D 580 -0.45 -49.98 -33.31
N VAL D 581 -0.21 -49.79 -32.01
CA VAL D 581 -1.07 -48.93 -31.15
C VAL D 581 -1.19 -47.54 -31.80
N MET D 582 -0.09 -46.88 -32.10
CA MET D 582 -0.18 -45.50 -32.66
C MET D 582 -0.96 -45.56 -33.97
N ALA D 583 -0.75 -46.54 -34.85
CA ALA D 583 -1.52 -46.60 -36.13
C ALA D 583 -3.02 -46.72 -35.81
N ARG D 584 -3.41 -47.46 -34.77
CA ARG D 584 -4.86 -47.64 -34.43
C ARG D 584 -5.44 -46.40 -33.73
N VAL D 585 -4.70 -45.78 -32.81
CA VAL D 585 -5.12 -44.47 -32.24
C VAL D 585 -5.36 -43.48 -33.39
N LEU D 586 -4.45 -43.38 -34.33
CA LEU D 586 -4.60 -42.39 -35.42
C LEU D 586 -5.56 -42.86 -36.50
N HIS D 587 -6.17 -44.04 -36.34
CA HIS D 587 -7.16 -44.60 -37.31
C HIS D 587 -6.55 -44.47 -38.71
N GLN D 588 -5.26 -44.77 -38.84
CA GLN D 588 -4.50 -44.85 -40.12
C GLN D 588 -4.86 -46.16 -40.84
N THR E 10 29.66 -50.78 -30.05
CA THR E 10 28.88 -50.78 -28.77
C THR E 10 27.97 -49.55 -28.65
N ALA E 11 26.74 -49.76 -28.19
CA ALA E 11 25.69 -48.73 -28.05
C ALA E 11 26.17 -47.61 -27.13
N PRO E 12 25.70 -46.36 -27.38
CA PRO E 12 25.92 -45.26 -26.45
C PRO E 12 25.03 -45.44 -25.21
N ASP E 13 25.44 -44.89 -24.07
CA ASP E 13 24.56 -44.79 -22.86
C ASP E 13 23.32 -43.93 -23.19
N ILE E 14 23.46 -42.82 -23.94
CA ILE E 14 22.33 -41.89 -24.26
C ILE E 14 22.39 -41.50 -25.73
N ARG E 15 21.23 -41.49 -26.38
CA ARG E 15 21.04 -41.05 -27.77
C ARG E 15 20.08 -39.85 -27.68
N VAL E 16 20.47 -38.71 -28.19
CA VAL E 16 19.62 -37.48 -28.15
C VAL E 16 19.91 -36.68 -29.41
N PRO E 17 18.93 -35.95 -30.01
CA PRO E 17 19.21 -35.16 -31.20
C PRO E 17 20.36 -34.14 -31.04
N VAL E 18 20.40 -33.38 -29.95
CA VAL E 18 21.43 -32.34 -29.68
C VAL E 18 21.97 -32.47 -28.24
N LEU E 19 23.29 -32.50 -28.09
CA LEU E 19 23.96 -32.34 -26.79
C LEU E 19 24.49 -30.90 -26.74
N ILE E 20 24.17 -30.17 -25.67
CA ILE E 20 24.69 -28.80 -25.37
C ILE E 20 25.69 -28.96 -24.27
N VAL E 21 26.91 -28.52 -24.51
CA VAL E 21 27.98 -28.49 -23.49
C VAL E 21 28.10 -27.06 -22.96
N GLY E 22 27.71 -26.85 -21.71
CA GLY E 22 27.85 -25.55 -21.04
C GLY E 22 26.48 -24.94 -20.84
N GLY E 23 26.18 -24.49 -19.64
CA GLY E 23 24.87 -23.93 -19.22
C GLY E 23 25.02 -22.51 -18.71
N GLY E 24 25.89 -21.74 -19.35
CA GLY E 24 25.84 -20.27 -19.24
C GLY E 24 24.75 -19.71 -20.11
N PRO E 25 24.73 -18.37 -20.27
CA PRO E 25 23.74 -17.71 -21.10
C PRO E 25 23.62 -18.30 -22.52
N ALA E 26 24.75 -18.58 -23.17
CA ALA E 26 24.72 -19.16 -24.53
C ALA E 26 24.02 -20.53 -24.52
N GLY E 27 24.47 -21.42 -23.65
CA GLY E 27 23.92 -22.79 -23.63
C GLY E 27 22.47 -22.78 -23.16
N LEU E 28 22.13 -21.96 -22.18
CA LEU E 28 20.71 -21.93 -21.70
C LEU E 28 19.82 -21.33 -22.76
N THR E 29 20.31 -20.34 -23.51
CA THR E 29 19.52 -19.80 -24.62
C THR E 29 19.23 -20.91 -25.64
N ALA E 30 20.26 -21.67 -26.04
CA ALA E 30 20.11 -22.79 -26.99
C ALA E 30 19.03 -23.76 -26.45
N ALA E 31 19.14 -24.17 -25.19
CA ALA E 31 18.16 -25.12 -24.62
C ALA E 31 16.76 -24.52 -24.66
N LEU E 32 16.62 -23.23 -24.35
CA LEU E 32 15.27 -22.61 -24.36
C LEU E 32 14.72 -22.58 -25.79
N ALA E 33 15.57 -22.22 -26.77
CA ALA E 33 15.11 -22.12 -28.17
C ALA E 33 14.71 -23.52 -28.65
N LEU E 34 15.55 -24.53 -28.42
CA LEU E 34 15.25 -25.92 -28.83
C LEU E 34 13.98 -26.38 -28.09
N SER E 35 13.76 -25.95 -26.86
CA SER E 35 12.54 -26.28 -26.08
C SER E 35 11.30 -25.70 -26.78
N ARG E 36 11.30 -24.40 -27.14
CA ARG E 36 10.18 -23.76 -27.85
C ARG E 36 9.94 -24.46 -29.20
N TYR E 37 10.98 -25.01 -29.82
CA TYR E 37 10.83 -25.66 -31.14
C TYR E 37 10.50 -27.16 -30.98
N GLY E 38 10.46 -27.70 -29.77
CA GLY E 38 10.02 -29.10 -29.57
C GLY E 38 11.12 -30.08 -29.93
N VAL E 39 12.39 -29.64 -29.90
CA VAL E 39 13.58 -30.50 -30.19
C VAL E 39 14.15 -31.03 -28.89
N PRO E 40 14.06 -32.36 -28.60
CA PRO E 40 14.68 -32.92 -27.42
C PRO E 40 16.20 -32.72 -27.43
N HIS E 41 16.76 -32.54 -26.23
CA HIS E 41 18.18 -32.19 -26.06
C HIS E 41 18.61 -32.54 -24.67
N LEU E 42 19.91 -32.61 -24.50
CA LEU E 42 20.55 -32.70 -23.19
C LEU E 42 21.56 -31.61 -23.08
N LEU E 43 21.64 -30.98 -21.92
CA LEU E 43 22.59 -29.90 -21.64
C LEU E 43 23.37 -30.39 -20.43
N VAL E 44 24.70 -30.30 -20.50
CA VAL E 44 25.60 -30.63 -19.37
C VAL E 44 26.33 -29.36 -19.00
N ASN E 45 26.45 -29.11 -17.71
CA ASN E 45 27.15 -27.94 -17.18
C ASN E 45 28.05 -28.46 -16.07
N ARG E 46 29.32 -28.11 -16.09
CA ARG E 46 30.27 -28.74 -15.15
C ARG E 46 30.03 -28.22 -13.72
N HIS E 47 29.75 -26.92 -13.56
CA HIS E 47 29.50 -26.32 -12.22
C HIS E 47 28.19 -26.86 -11.67
N HIS E 48 28.08 -26.98 -10.35
CA HIS E 48 26.89 -27.56 -9.68
C HIS E 48 25.74 -26.55 -9.69
N GLY E 49 26.04 -25.25 -9.72
CA GLY E 49 25.03 -24.16 -9.69
C GLY E 49 25.13 -23.23 -10.91
N THR E 50 24.22 -22.28 -11.03
CA THR E 50 24.29 -21.17 -12.04
C THR E 50 25.28 -20.15 -11.51
N ALA E 51 25.53 -19.07 -12.26
CA ALA E 51 26.52 -18.05 -11.87
C ALA E 51 26.32 -17.63 -10.43
N HIS E 52 27.39 -17.43 -9.69
CA HIS E 52 27.19 -16.99 -8.29
C HIS E 52 27.51 -15.50 -8.11
N THR E 53 28.03 -14.83 -9.14
CA THR E 53 28.26 -13.36 -9.05
C THR E 53 27.62 -12.68 -10.26
N PRO E 54 27.48 -11.33 -10.23
CA PRO E 54 26.77 -10.65 -11.31
C PRO E 54 27.36 -10.81 -12.72
N ARG E 55 28.69 -10.74 -12.87
CA ARG E 55 29.36 -10.82 -14.21
C ARG E 55 28.63 -9.89 -15.20
N ALA E 56 28.20 -10.35 -16.38
CA ALA E 56 27.57 -9.52 -17.43
C ALA E 56 26.12 -9.17 -17.03
N HIS E 57 25.68 -7.97 -17.38
CA HIS E 57 24.42 -7.39 -16.83
C HIS E 57 23.66 -6.56 -17.87
N LEU E 58 24.33 -5.95 -18.86
CA LEU E 58 23.64 -5.02 -19.80
C LEU E 58 22.92 -5.83 -20.87
N LEU E 59 21.60 -5.73 -20.93
CA LEU E 59 20.79 -6.44 -21.97
C LEU E 59 20.36 -5.38 -22.99
N ASN E 60 20.78 -5.55 -24.23
CA ASN E 60 20.54 -4.51 -25.26
C ASN E 60 19.19 -4.80 -25.90
N GLN E 61 18.79 -3.99 -26.88
CA GLN E 61 17.42 -4.13 -27.46
C GLN E 61 17.28 -5.44 -28.25
N ARG E 62 18.36 -5.89 -28.86
CA ARG E 62 18.26 -7.13 -29.66
C ARG E 62 18.00 -8.35 -28.74
N THR E 63 18.69 -8.45 -27.61
CA THR E 63 18.43 -9.47 -26.58
C THR E 63 16.98 -9.35 -26.10
N GLY E 64 16.47 -8.14 -25.86
CA GLY E 64 15.06 -7.97 -25.47
C GLY E 64 14.14 -8.60 -26.49
N GLU E 65 14.42 -8.40 -27.78
CA GLU E 65 13.57 -8.93 -28.86
C GLU E 65 13.66 -10.47 -28.85
N ILE E 66 14.84 -11.04 -28.67
CA ILE E 66 15.00 -12.52 -28.69
C ILE E 66 14.22 -13.08 -27.49
N PHE E 67 14.28 -12.41 -26.34
CA PHE E 67 13.57 -12.84 -25.12
C PHE E 67 12.07 -12.70 -25.31
N ARG E 68 11.59 -11.78 -26.14
CA ARG E 68 10.14 -11.69 -26.48
C ARG E 68 9.83 -12.91 -27.35
N ASP E 69 10.67 -13.25 -28.33
CA ASP E 69 10.44 -14.45 -29.19
C ASP E 69 10.38 -15.72 -28.32
N LEU E 70 11.32 -15.91 -27.39
CA LEU E 70 11.41 -17.08 -26.47
C LEU E 70 10.46 -17.01 -25.27
N GLY E 71 9.63 -15.98 -25.16
CA GLY E 71 8.52 -15.89 -24.18
C GLY E 71 9.00 -15.67 -22.74
N ILE E 72 10.14 -15.00 -22.49
CA ILE E 72 10.61 -14.69 -21.10
C ILE E 72 10.81 -13.20 -20.86
N ALA E 73 10.51 -12.33 -21.81
CA ALA E 73 10.84 -10.87 -21.70
C ALA E 73 10.16 -10.28 -20.48
N ASP E 74 8.91 -10.64 -20.20
CA ASP E 74 8.14 -10.10 -19.03
C ASP E 74 8.78 -10.54 -17.71
N ARG E 75 9.20 -11.80 -17.58
CA ARG E 75 9.98 -12.26 -16.38
C ARG E 75 11.25 -11.42 -16.24
N VAL E 76 11.97 -11.18 -17.34
CA VAL E 76 13.29 -10.49 -17.28
C VAL E 76 13.00 -9.05 -16.88
N GLU E 77 12.00 -8.43 -17.49
CA GLU E 77 11.69 -7.02 -17.20
C GLU E 77 11.25 -6.82 -15.73
N ALA E 78 10.55 -7.77 -15.11
CA ALA E 78 10.10 -7.66 -13.70
C ALA E 78 11.28 -7.45 -12.72
N HIS E 79 12.46 -7.96 -13.07
CA HIS E 79 13.64 -8.06 -12.21
C HIS E 79 14.67 -6.99 -12.57
N ALA E 80 14.66 -6.50 -13.81
CA ALA E 80 15.83 -5.77 -14.36
C ALA E 80 15.73 -4.31 -13.97
N THR E 81 16.86 -3.60 -13.88
CA THR E 81 16.86 -2.12 -13.87
C THR E 81 16.35 -1.59 -15.20
N PRO E 82 15.31 -0.73 -15.18
CA PRO E 82 14.82 -0.12 -16.41
C PRO E 82 15.80 0.93 -16.99
N GLY E 83 15.72 1.12 -18.30
CA GLY E 83 16.55 2.01 -19.12
C GLY E 83 16.72 3.41 -18.58
N HIS E 84 15.67 4.07 -18.04
CA HIS E 84 15.74 5.48 -17.56
C HIS E 84 16.67 5.62 -16.33
N LEU E 85 16.92 4.59 -15.53
CA LEU E 85 17.92 4.72 -14.42
C LEU E 85 19.34 4.48 -14.93
N MET E 86 19.49 4.25 -16.23
CA MET E 86 20.82 4.05 -16.85
C MET E 86 21.06 5.21 -17.81
N ALA E 87 20.66 6.40 -17.41
CA ALA E 87 20.44 7.57 -18.31
C ALA E 87 21.77 8.20 -18.75
N ASN E 88 22.81 8.04 -17.96
CA ASN E 88 24.07 8.77 -18.17
C ASN E 88 25.24 7.80 -18.12
N HIS E 89 26.37 8.23 -18.66
CA HIS E 89 27.69 7.60 -18.42
C HIS E 89 28.54 8.70 -17.84
N VAL E 90 29.06 8.51 -16.63
CA VAL E 90 29.67 9.57 -15.79
C VAL E 90 31.18 9.33 -15.63
N PHE E 91 31.96 10.41 -15.82
CA PHE E 91 33.39 10.44 -15.42
C PHE E 91 33.55 11.41 -14.25
N MET E 92 34.26 11.01 -13.24
CA MET E 92 34.33 11.82 -12.01
C MET E 92 35.70 11.69 -11.38
N SER E 93 35.95 12.42 -10.30
CA SER E 93 37.13 12.17 -9.44
C SER E 93 36.73 11.07 -8.45
N THR E 94 36.48 11.39 -7.18
CA THR E 94 35.82 10.46 -6.24
C THR E 94 34.31 10.52 -6.48
N PHE E 95 33.56 9.59 -5.88
CA PHE E 95 32.08 9.55 -5.99
C PHE E 95 31.53 10.80 -5.31
N ALA E 96 32.13 11.19 -4.18
CA ALA E 96 31.65 12.37 -3.41
C ALA E 96 32.36 13.66 -3.86
N GLY E 97 33.38 13.58 -4.70
CA GLY E 97 34.06 14.80 -5.17
C GLY E 97 33.52 15.32 -6.50
N PRO E 98 34.24 16.26 -7.11
CA PRO E 98 33.79 16.86 -8.37
C PRO E 98 33.67 15.90 -9.56
N GLU E 99 32.78 16.23 -10.45
CA GLU E 99 32.53 15.45 -11.68
C GLU E 99 33.49 15.96 -12.77
N VAL E 100 33.83 15.13 -13.74
CA VAL E 100 34.70 15.48 -14.89
C VAL E 100 33.88 15.64 -16.15
N ALA E 101 33.10 14.63 -16.52
CA ALA E 101 32.36 14.64 -17.80
C ALA E 101 31.14 13.76 -17.68
N ARG E 102 30.20 13.93 -18.61
CA ARG E 102 28.94 13.17 -18.65
C ARG E 102 28.44 13.13 -20.08
N ILE E 103 27.94 11.98 -20.49
CA ILE E 103 27.12 11.88 -21.73
C ILE E 103 25.83 11.12 -21.42
N GLY E 104 24.84 11.29 -22.26
CA GLY E 104 23.66 10.43 -22.23
C GLY E 104 24.06 9.03 -22.64
N ALA E 105 23.41 8.02 -22.09
CA ALA E 105 23.76 6.60 -22.34
C ALA E 105 22.49 5.81 -22.70
N TYR E 106 22.70 4.74 -23.46
CA TYR E 106 21.70 3.73 -23.85
C TYR E 106 20.47 4.41 -24.43
N GLY E 107 20.65 5.42 -25.28
CA GLY E 107 19.55 6.09 -25.99
C GLY E 107 18.68 6.96 -25.10
N ASN E 108 19.11 7.33 -23.91
CA ASN E 108 18.31 8.23 -23.03
C ASN E 108 18.54 9.71 -23.37
N GLY E 109 19.64 10.09 -24.04
CA GLY E 109 19.91 11.49 -24.42
C GLY E 109 18.90 11.95 -25.46
N PRO E 110 18.41 13.21 -25.37
CA PRO E 110 17.45 13.75 -26.33
C PRO E 110 17.84 13.54 -27.78
N ASP E 111 19.14 13.55 -28.06
CA ASP E 111 19.57 13.41 -29.49
C ASP E 111 19.47 11.97 -29.97
N ARG E 112 19.35 10.97 -29.09
CA ARG E 112 19.33 9.55 -29.53
C ARG E 112 17.97 8.89 -29.20
N ILE E 113 17.15 9.47 -28.32
CA ILE E 113 15.98 8.76 -27.71
C ILE E 113 14.97 8.40 -28.80
N GLY E 114 14.81 9.23 -29.81
CA GLY E 114 13.83 8.99 -30.90
C GLY E 114 14.18 7.76 -31.70
N GLU E 115 15.44 7.64 -32.08
CA GLU E 115 15.95 6.52 -32.87
C GLU E 115 15.90 5.24 -32.03
N TYR E 116 16.26 5.30 -30.75
CA TYR E 116 16.14 4.12 -29.86
C TYR E 116 14.70 3.63 -29.78
N ARG E 117 13.75 4.52 -29.56
CA ARG E 117 12.33 4.10 -29.42
C ARG E 117 11.77 3.60 -30.75
N ALA E 118 12.19 4.17 -31.89
CA ALA E 118 11.75 3.72 -33.24
C ALA E 118 12.37 2.36 -33.62
N ALA E 119 13.53 1.99 -33.08
CA ALA E 119 14.33 0.86 -33.62
C ALA E 119 13.79 -0.51 -33.18
N SER E 120 13.04 -0.64 -32.09
CA SER E 120 12.78 -1.92 -31.38
C SER E 120 11.54 -1.82 -30.51
N PRO E 121 10.77 -2.92 -30.31
CA PRO E 121 9.73 -2.87 -29.30
C PRO E 121 10.36 -3.04 -27.91
N SER E 122 11.63 -3.40 -27.83
CA SER E 122 12.30 -3.57 -26.53
C SER E 122 13.18 -2.35 -26.18
N GLY E 123 13.23 -2.04 -24.89
CA GLY E 123 14.19 -1.17 -24.22
C GLY E 123 15.48 -1.94 -23.91
N LEU E 124 16.50 -1.22 -23.46
CA LEU E 124 17.68 -1.83 -22.80
C LEU E 124 17.37 -1.96 -21.31
N CYS E 125 17.96 -2.93 -20.64
CA CYS E 125 17.77 -3.08 -19.19
C CYS E 125 19.01 -3.73 -18.58
N ASN E 126 19.05 -3.82 -17.27
CA ASN E 126 20.21 -4.33 -16.53
C ASN E 126 19.73 -5.48 -15.65
N LEU E 127 20.19 -6.66 -15.96
CA LEU E 127 19.94 -7.84 -15.12
C LEU E 127 21.20 -8.67 -15.07
N PRO E 128 21.83 -8.76 -13.90
CA PRO E 128 23.04 -9.57 -13.77
C PRO E 128 22.79 -11.08 -13.92
N GLN E 129 23.86 -11.79 -14.23
CA GLN E 129 23.86 -13.21 -14.65
C GLN E 129 23.32 -14.10 -13.54
N HIS E 130 23.67 -13.84 -12.30
CA HIS E 130 23.21 -14.67 -11.16
C HIS E 130 21.68 -14.60 -11.05
N LEU E 131 21.05 -13.58 -11.60
CA LEU E 131 19.58 -13.52 -11.66
C LEU E 131 19.05 -14.04 -13.01
N LEU E 132 19.66 -13.71 -14.13
CA LEU E 132 19.16 -14.12 -15.47
C LEU E 132 19.23 -15.63 -15.64
N GLU E 133 20.35 -16.26 -15.29
CA GLU E 133 20.55 -17.71 -15.48
C GLU E 133 19.43 -18.51 -14.80
N PRO E 134 19.08 -18.28 -13.50
CA PRO E 134 17.89 -18.96 -12.95
C PRO E 134 16.58 -18.73 -13.72
N LEU E 135 16.41 -17.59 -14.38
CA LEU E 135 15.14 -17.40 -15.15
C LEU E 135 15.14 -18.33 -16.37
N LEU E 136 16.26 -18.47 -17.04
CA LEU E 136 16.36 -19.34 -18.25
C LEU E 136 16.26 -20.80 -17.78
N VAL E 137 16.91 -21.16 -16.70
CA VAL E 137 16.74 -22.54 -16.13
C VAL E 137 15.25 -22.85 -15.92
N GLU E 138 14.52 -21.95 -15.26
CA GLU E 138 13.10 -22.17 -14.90
C GLU E 138 12.25 -22.36 -16.17
N ALA E 139 12.49 -21.56 -17.20
CA ALA E 139 11.71 -21.65 -18.45
C ALA E 139 12.03 -23.00 -19.15
N VAL E 140 13.28 -23.50 -19.07
CA VAL E 140 13.61 -24.81 -19.69
C VAL E 140 12.92 -25.92 -18.90
N GLN E 141 12.96 -25.87 -17.57
CA GLN E 141 12.38 -26.93 -16.71
C GLN E 141 10.88 -26.98 -16.94
N GLU E 142 10.25 -25.83 -17.05
CA GLU E 142 8.79 -25.78 -17.24
C GLU E 142 8.41 -26.33 -18.62
N ALA E 143 9.20 -26.11 -19.68
CA ALA E 143 8.88 -26.67 -21.01
C ALA E 143 8.97 -28.22 -21.01
N CYS E 144 9.92 -28.78 -20.27
CA CYS E 144 10.14 -30.24 -20.10
C CYS E 144 10.31 -30.91 -21.47
N VAL E 145 11.10 -30.32 -22.38
CA VAL E 145 11.42 -30.86 -23.72
C VAL E 145 12.85 -31.42 -23.73
N GLY E 146 13.78 -30.75 -23.04
CA GLY E 146 15.16 -31.19 -22.87
C GLY E 146 15.50 -31.31 -21.42
N GLN E 147 16.69 -31.78 -21.12
CA GLN E 147 17.07 -32.13 -19.74
C GLN E 147 18.31 -31.33 -19.42
N LEU E 148 18.33 -30.67 -18.27
CA LEU E 148 19.54 -30.04 -17.71
C LEU E 148 20.26 -31.00 -16.74
N ARG E 149 21.58 -31.10 -16.84
CA ARG E 149 22.42 -31.82 -15.86
C ARG E 149 23.57 -30.93 -15.45
N PHE E 150 23.42 -30.31 -14.29
CA PHE E 150 24.50 -29.54 -13.66
C PHE E 150 25.35 -30.56 -12.89
N GLY E 151 26.63 -30.22 -12.74
CA GLY E 151 27.65 -31.05 -12.08
C GLY E 151 28.14 -32.13 -13.01
N HIS E 152 27.91 -32.02 -14.33
CA HIS E 152 28.26 -33.03 -15.37
C HIS E 152 29.27 -32.40 -16.35
N GLU E 153 30.45 -33.04 -16.50
CA GLU E 153 31.61 -32.42 -17.18
C GLU E 153 31.87 -33.11 -18.52
N PHE E 154 31.85 -32.36 -19.62
CA PHE E 154 32.23 -32.87 -20.95
C PHE E 154 33.73 -33.14 -20.93
N VAL E 155 34.17 -34.30 -21.43
CA VAL E 155 35.62 -34.69 -21.42
C VAL E 155 36.20 -34.66 -22.84
N SER E 156 35.59 -35.35 -23.77
CA SER E 156 36.10 -35.42 -25.16
C SER E 156 34.99 -35.82 -26.10
N LEU E 157 35.26 -35.65 -27.39
CA LEU E 157 34.32 -36.09 -28.45
C LEU E 157 35.10 -36.71 -29.61
N GLU E 158 34.35 -37.44 -30.43
CA GLU E 158 34.74 -37.90 -31.78
C GLU E 158 33.50 -37.71 -32.59
N GLN E 159 33.65 -37.43 -33.86
CA GLN E 159 32.46 -37.34 -34.73
C GLN E 159 32.78 -38.11 -35.99
N ASP E 160 31.75 -38.34 -36.78
CA ASP E 160 31.79 -39.10 -38.05
C ASP E 160 30.67 -38.49 -38.88
N GLU E 161 30.36 -39.12 -40.01
CA GLU E 161 29.45 -38.51 -41.01
C GLU E 161 28.01 -38.61 -40.47
N HIS E 162 27.74 -39.38 -39.42
CA HIS E 162 26.33 -39.56 -38.98
C HIS E 162 26.08 -38.90 -37.62
N GLY E 163 27.09 -38.56 -36.84
CA GLY E 163 26.83 -37.98 -35.52
C GLY E 163 28.07 -37.74 -34.74
N VAL E 164 27.88 -37.53 -33.45
CA VAL E 164 28.94 -37.13 -32.50
C VAL E 164 28.79 -38.04 -31.28
N THR E 165 29.92 -38.49 -30.76
CA THR E 165 29.97 -39.36 -29.58
C THR E 165 30.77 -38.62 -28.55
N SER E 166 30.17 -38.29 -27.42
CA SER E 166 30.86 -37.55 -26.36
C SER E 166 30.95 -38.41 -25.10
N ARG E 167 32.00 -38.15 -24.38
CA ARG E 167 32.31 -38.77 -23.08
C ARG E 167 32.06 -37.71 -22.03
N ILE E 168 31.17 -38.03 -21.07
CA ILE E 168 30.75 -37.16 -19.94
C ILE E 168 31.14 -37.83 -18.62
N THR E 169 31.58 -37.03 -17.64
CA THR E 169 31.76 -37.43 -16.23
C THR E 169 30.73 -36.76 -15.31
N ASP E 170 29.93 -37.56 -14.60
CA ASP E 170 29.24 -37.11 -13.36
C ASP E 170 30.30 -36.80 -12.28
N ARG E 171 30.50 -35.54 -11.95
CA ARG E 171 31.52 -35.09 -10.96
C ARG E 171 31.24 -35.60 -9.55
N ARG E 172 30.00 -35.83 -9.15
CA ARG E 172 29.80 -36.26 -7.74
C ARG E 172 30.11 -37.76 -7.59
N THR E 173 29.75 -38.57 -8.57
CA THR E 173 29.90 -40.04 -8.51
C THR E 173 31.20 -40.52 -9.17
N GLY E 174 31.88 -39.67 -9.94
CA GLY E 174 33.00 -40.04 -10.84
C GLY E 174 32.61 -41.02 -11.92
N ARG E 175 31.33 -41.33 -12.10
CA ARG E 175 30.89 -42.28 -13.17
C ARG E 175 31.06 -41.56 -14.52
N ASP E 176 31.54 -42.30 -15.54
CA ASP E 176 31.67 -41.81 -16.94
C ASP E 176 30.57 -42.43 -17.78
N TYR E 177 30.06 -41.69 -18.76
CA TYR E 177 29.07 -42.23 -19.70
C TYR E 177 29.25 -41.59 -21.06
N THR E 178 28.57 -42.12 -22.05
CA THR E 178 28.78 -41.61 -23.40
C THR E 178 27.44 -41.12 -23.89
N VAL E 179 27.49 -40.09 -24.72
CA VAL E 179 26.29 -39.56 -25.42
C VAL E 179 26.54 -39.55 -26.93
N ARG E 180 25.56 -40.03 -27.67
CA ARG E 180 25.51 -40.00 -29.15
C ARG E 180 24.44 -38.98 -29.53
N SER E 181 24.82 -37.95 -30.29
CA SER E 181 23.92 -36.88 -30.77
C SER E 181 24.10 -36.70 -32.27
N ASP E 182 23.06 -36.24 -32.95
CA ASP E 182 23.19 -35.78 -34.35
C ASP E 182 24.11 -34.56 -34.39
N TYR E 183 24.01 -33.66 -33.41
CA TYR E 183 24.85 -32.43 -33.41
C TYR E 183 25.25 -32.08 -32.01
N LEU E 184 26.29 -31.26 -31.90
CA LEU E 184 26.76 -30.81 -30.59
C LEU E 184 26.96 -29.30 -30.65
N ILE E 185 26.48 -28.63 -29.59
CA ILE E 185 26.70 -27.16 -29.37
C ILE E 185 27.72 -27.00 -28.28
N GLY E 186 28.85 -26.40 -28.64
CA GLY E 186 29.87 -26.01 -27.67
C GLY E 186 29.59 -24.64 -27.08
N ALA E 187 29.06 -24.63 -25.85
CA ALA E 187 28.68 -23.39 -25.16
C ALA E 187 29.42 -23.33 -23.84
N ASP E 188 30.70 -23.73 -23.85
CA ASP E 188 31.41 -24.02 -22.59
C ASP E 188 32.30 -22.86 -22.20
N GLY E 189 32.18 -21.72 -22.87
CA GLY E 189 32.82 -20.48 -22.41
C GLY E 189 34.31 -20.44 -22.75
N ALA E 190 35.01 -19.49 -22.13
CA ALA E 190 36.44 -19.20 -22.42
C ALA E 190 37.26 -20.47 -22.15
N ARG E 191 38.29 -20.74 -22.93
CA ARG E 191 39.10 -21.97 -22.77
C ARG E 191 38.21 -23.18 -23.07
N SER E 192 37.29 -23.01 -24.02
CA SER E 192 36.35 -24.05 -24.48
C SER E 192 37.11 -25.36 -24.75
N ARG E 193 36.77 -26.43 -24.04
CA ARG E 193 37.30 -27.77 -24.37
C ARG E 193 36.74 -28.22 -25.72
N VAL E 194 35.48 -27.96 -25.99
CA VAL E 194 34.89 -28.40 -27.26
C VAL E 194 35.71 -27.81 -28.43
N LEU E 195 36.02 -26.50 -28.41
CA LEU E 195 36.70 -25.84 -29.55
C LEU E 195 38.11 -26.46 -29.70
N ALA E 196 38.85 -26.67 -28.61
CA ALA E 196 40.23 -27.21 -28.62
C ALA E 196 40.22 -28.60 -29.29
N GLN E 197 39.21 -29.41 -29.00
CA GLN E 197 39.07 -30.77 -29.57
C GLN E 197 38.71 -30.74 -31.04
N LEU E 198 38.11 -29.66 -31.53
CA LEU E 198 37.89 -29.52 -32.98
C LEU E 198 39.19 -29.12 -33.71
N GLY E 199 40.25 -28.73 -33.00
CA GLY E 199 41.53 -28.30 -33.58
C GLY E 199 41.52 -26.83 -33.98
N ILE E 200 40.66 -26.02 -33.38
CA ILE E 200 40.48 -24.57 -33.74
C ILE E 200 41.11 -23.71 -32.65
N ALA E 201 42.02 -22.84 -33.08
CA ALA E 201 42.76 -21.97 -32.15
C ALA E 201 42.24 -20.55 -32.35
N LEU E 202 41.99 -19.85 -31.26
CA LEU E 202 41.60 -18.42 -31.29
C LEU E 202 42.74 -17.56 -31.86
N ASP E 203 42.38 -16.57 -32.66
CA ASP E 203 43.28 -15.50 -33.15
C ASP E 203 43.15 -14.38 -32.12
N GLY E 204 44.28 -13.88 -31.64
CA GLY E 204 44.37 -12.66 -30.83
C GLY E 204 45.15 -12.94 -29.57
N ALA E 205 45.35 -11.92 -28.75
CA ALA E 205 46.15 -11.97 -27.51
C ALA E 205 45.30 -12.50 -26.33
N THR E 206 45.98 -13.12 -25.34
CA THR E 206 45.42 -13.58 -24.04
C THR E 206 45.94 -12.67 -22.91
N GLY E 207 45.30 -12.71 -21.73
CA GLY E 207 45.71 -12.03 -20.50
C GLY E 207 46.14 -10.59 -20.72
N ILE E 208 45.45 -9.86 -21.61
CA ILE E 208 45.75 -8.42 -21.91
C ILE E 208 45.59 -7.57 -20.63
N ALA E 209 44.84 -8.04 -19.62
CA ALA E 209 44.78 -7.44 -18.27
C ALA E 209 44.10 -8.37 -17.26
N ARG E 210 44.26 -8.05 -15.98
CA ARG E 210 43.44 -8.59 -14.87
C ARG E 210 42.39 -7.53 -14.51
N ALA E 211 41.19 -7.99 -14.23
CA ALA E 211 40.09 -7.19 -13.66
C ALA E 211 39.80 -7.74 -12.27
N VAL E 212 39.74 -6.86 -11.28
CA VAL E 212 39.27 -7.26 -9.92
C VAL E 212 37.89 -6.65 -9.76
N THR E 213 36.86 -7.50 -9.62
CA THR E 213 35.45 -7.07 -9.51
C THR E 213 34.96 -7.32 -8.09
N THR E 214 34.57 -6.27 -7.39
CA THR E 214 34.00 -6.39 -6.02
C THR E 214 32.52 -6.01 -6.08
N TRP E 215 31.71 -6.92 -5.56
CA TRP E 215 30.25 -6.81 -5.39
C TRP E 215 30.06 -6.35 -3.96
N PHE E 216 29.40 -5.21 -3.74
CA PHE E 216 29.20 -4.64 -2.40
C PHE E 216 27.86 -3.90 -2.32
N GLU E 217 27.44 -3.65 -1.07
CA GLU E 217 26.30 -2.80 -0.71
C GLU E 217 26.82 -1.55 -0.02
N ALA E 218 26.25 -0.42 -0.38
CA ALA E 218 26.60 0.89 0.15
C ALA E 218 25.50 1.81 -0.31
N ASP E 219 24.92 2.61 0.59
CA ASP E 219 23.94 3.62 0.15
C ASP E 219 24.68 4.81 -0.45
N LEU E 220 24.74 4.93 -1.79
CA LEU E 220 25.44 6.03 -2.49
C LEU E 220 24.45 6.92 -3.21
N SER E 221 23.20 6.94 -2.75
CA SER E 221 22.10 7.66 -3.43
C SER E 221 22.41 9.15 -3.41
N ARG E 222 23.07 9.65 -2.37
CA ARG E 222 23.42 11.09 -2.29
C ARG E 222 24.35 11.48 -3.46
N TYR E 223 25.13 10.54 -4.00
CA TYR E 223 26.16 10.82 -5.02
C TYR E 223 25.73 10.34 -6.42
N SER E 224 24.57 9.70 -6.55
CA SER E 224 24.20 9.02 -7.81
C SER E 224 22.80 9.43 -8.29
N ALA E 225 21.85 9.72 -7.39
CA ALA E 225 20.43 9.79 -7.76
C ALA E 225 20.16 10.99 -8.68
N HIS E 226 20.92 12.07 -8.56
CA HIS E 226 20.80 13.30 -9.37
C HIS E 226 21.48 13.12 -10.75
N ARG E 227 22.20 12.02 -10.97
CA ARG E 227 22.89 11.76 -12.27
C ARG E 227 22.86 10.25 -12.50
N PRO E 228 21.66 9.71 -12.68
CA PRO E 228 21.51 8.25 -12.77
C PRO E 228 22.33 7.66 -13.91
N ALA E 229 23.08 6.62 -13.62
CA ALA E 229 23.99 5.96 -14.57
C ALA E 229 24.08 4.48 -14.26
N LEU E 230 24.45 3.70 -15.28
CA LEU E 230 24.94 2.33 -15.06
C LEU E 230 26.39 2.45 -14.63
N LEU E 231 27.20 3.28 -15.32
CA LEU E 231 28.67 3.39 -15.13
C LEU E 231 29.09 4.76 -14.57
N TYR E 232 29.77 4.75 -13.42
CA TYR E 232 30.47 5.93 -12.86
C TYR E 232 31.97 5.59 -12.83
N MET E 233 32.75 6.30 -13.64
CA MET E 233 34.20 6.01 -13.81
C MET E 233 35.00 7.10 -13.11
N GLY E 234 35.62 6.69 -12.03
CA GLY E 234 36.33 7.58 -11.11
C GLY E 234 37.85 7.40 -11.19
N ALA E 235 38.52 8.40 -10.66
CA ALA E 235 39.98 8.52 -10.57
C ALA E 235 40.26 9.28 -9.28
N VAL E 236 40.86 8.60 -8.33
CA VAL E 236 41.24 9.20 -7.01
C VAL E 236 42.42 10.14 -7.24
N PRO E 237 42.30 11.46 -6.96
CA PRO E 237 43.42 12.39 -7.14
C PRO E 237 44.71 11.90 -6.49
N GLY E 238 45.78 11.91 -7.30
CA GLY E 238 47.09 11.41 -6.91
C GLY E 238 47.36 10.07 -7.56
N SER E 239 46.42 9.49 -8.32
CA SER E 239 46.61 8.18 -9.01
C SER E 239 47.07 8.36 -10.45
N PRO E 240 47.79 7.36 -11.01
CA PRO E 240 48.05 7.35 -12.44
C PRO E 240 46.76 7.08 -13.23
N PRO E 241 46.71 7.56 -14.48
CA PRO E 241 45.54 7.45 -15.35
C PRO E 241 44.98 6.04 -15.52
N ALA E 242 45.87 5.04 -15.54
CA ALA E 242 45.50 3.62 -15.68
C ALA E 242 44.79 3.14 -14.41
N ASP E 243 44.85 3.85 -13.28
CA ASP E 243 44.28 3.34 -12.01
C ASP E 243 42.79 3.72 -11.88
N GLY E 244 42.01 3.60 -12.95
CA GLY E 244 40.59 3.99 -13.01
C GLY E 244 39.72 3.14 -12.08
N ARG E 245 38.71 3.73 -11.47
CA ARG E 245 37.77 2.97 -10.58
C ARG E 245 36.39 3.01 -11.23
N VAL E 246 35.86 1.86 -11.62
CA VAL E 246 34.53 1.79 -12.27
C VAL E 246 33.51 1.26 -11.27
N PHE E 247 32.53 2.09 -10.94
CA PHE E 247 31.32 1.68 -10.20
C PHE E 247 30.22 1.32 -11.21
N VAL E 248 29.61 0.17 -11.00
CA VAL E 248 28.44 -0.29 -11.77
C VAL E 248 27.24 -0.36 -10.82
N SER E 249 26.16 0.31 -11.16
CA SER E 249 24.88 0.25 -10.43
C SER E 249 24.21 -1.10 -10.75
N LEU E 250 23.96 -1.93 -9.74
CA LEU E 250 23.12 -3.15 -9.94
C LEU E 250 21.70 -2.95 -9.38
N ARG E 251 21.56 -2.38 -8.20
CA ARG E 251 20.25 -2.01 -7.60
C ARG E 251 20.34 -0.57 -7.13
N PRO E 252 19.86 0.38 -7.93
CA PRO E 252 19.91 1.78 -7.55
C PRO E 252 19.33 2.05 -6.17
N TRP E 253 20.08 2.72 -5.29
CA TRP E 253 21.47 3.11 -5.45
C TRP E 253 22.30 2.47 -4.32
N THR E 254 22.02 1.21 -3.98
CA THR E 254 22.52 0.54 -2.77
C THR E 254 23.34 -0.68 -3.12
N GLU E 255 23.21 -1.26 -4.31
CA GLU E 255 24.03 -2.46 -4.63
C GLU E 255 24.86 -2.19 -5.87
N TRP E 256 26.15 -2.55 -5.83
CA TRP E 256 27.18 -2.06 -6.76
C TRP E 256 28.20 -3.13 -7.07
N LEU E 257 28.89 -2.97 -8.21
CA LEU E 257 30.22 -3.55 -8.53
C LEU E 257 31.23 -2.42 -8.50
N HIS E 258 32.46 -2.76 -8.14
CA HIS E 258 33.64 -1.86 -8.23
C HIS E 258 34.76 -2.62 -8.96
N LEU E 259 35.16 -2.12 -10.11
CA LEU E 259 36.15 -2.79 -10.99
C LEU E 259 37.42 -1.97 -11.00
N THR E 260 38.55 -2.64 -10.82
CA THR E 260 39.91 -2.07 -11.07
C THR E 260 40.67 -3.04 -11.96
N PHE E 261 41.69 -2.49 -12.62
CA PHE E 261 42.64 -3.16 -13.53
C PHE E 261 44.01 -2.97 -12.88
N PRO E 262 44.31 -3.71 -11.79
CA PRO E 262 45.57 -3.54 -11.07
C PRO E 262 46.71 -3.82 -12.05
N PRO E 263 47.90 -3.20 -11.88
CA PRO E 263 48.99 -3.37 -12.84
C PRO E 263 49.69 -4.72 -12.68
N PRO E 264 50.42 -5.23 -13.70
CA PRO E 264 50.96 -6.61 -13.68
C PRO E 264 51.82 -6.91 -12.44
N THR E 265 52.61 -5.93 -12.01
CA THR E 265 53.36 -5.81 -10.72
C THR E 265 52.41 -5.72 -9.52
N ALA E 266 51.52 -6.69 -9.26
CA ALA E 266 50.45 -6.48 -8.26
C ALA E 266 50.00 -7.79 -7.59
N ASP E 267 49.99 -7.78 -6.25
CA ASP E 267 49.40 -8.84 -5.38
C ASP E 267 47.87 -8.62 -5.32
N VAL E 268 47.10 -9.36 -6.12
CA VAL E 268 45.61 -9.41 -6.01
C VAL E 268 45.30 -10.51 -5.00
N ASP E 269 44.97 -10.14 -3.76
CA ASP E 269 44.46 -11.11 -2.75
C ASP E 269 42.93 -10.95 -2.64
N VAL E 270 42.23 -11.90 -3.23
CA VAL E 270 40.75 -11.90 -3.41
C VAL E 270 40.09 -12.13 -2.05
N GLU E 271 40.80 -12.81 -1.14
CA GLU E 271 40.25 -13.15 0.19
C GLU E 271 40.57 -12.03 1.17
N ASP E 272 41.38 -11.03 0.80
CA ASP E 272 41.68 -9.88 1.70
C ASP E 272 40.62 -8.79 1.53
N HIS E 273 39.46 -8.97 2.16
CA HIS E 273 38.28 -8.08 2.09
C HIS E 273 38.56 -6.72 2.73
N GLU E 274 39.28 -6.69 3.85
CA GLU E 274 39.69 -5.42 4.51
C GLU E 274 40.38 -4.46 3.50
N ALA E 275 41.35 -4.93 2.72
CA ALA E 275 42.14 -4.08 1.80
C ALA E 275 41.24 -3.52 0.69
N VAL E 276 40.50 -4.44 0.06
CA VAL E 276 39.44 -4.17 -0.95
C VAL E 276 38.50 -3.08 -0.42
N ARG E 277 37.99 -3.25 0.82
CA ARG E 277 37.05 -2.30 1.46
CA ARG E 277 37.04 -2.30 1.45
C ARG E 277 37.71 -0.93 1.58
N ALA E 278 38.97 -0.89 2.03
CA ALA E 278 39.73 0.39 2.13
C ALA E 278 39.83 1.05 0.74
N GLY E 279 40.15 0.30 -0.29
CA GLY E 279 40.22 0.84 -1.67
C GLY E 279 38.90 1.43 -2.15
N ILE E 280 37.79 0.76 -1.84
CA ILE E 280 36.44 1.21 -2.26
C ILE E 280 36.13 2.50 -1.51
N ARG E 281 36.51 2.58 -0.24
CA ARG E 281 36.17 3.75 0.59
C ARG E 281 36.95 4.91 -0.01
N GLU E 282 38.14 4.66 -0.52
CA GLU E 282 38.98 5.72 -1.13
C GLU E 282 38.30 6.22 -2.43
N SER E 283 37.80 5.31 -3.24
CA SER E 283 37.13 5.65 -4.53
C SER E 283 35.92 6.54 -4.25
N ILE E 284 35.21 6.25 -3.16
CA ILE E 284 33.96 6.97 -2.76
C ILE E 284 34.36 8.35 -2.27
N GLY E 285 35.39 8.43 -1.40
CA GLY E 285 35.87 9.68 -0.76
C GLY E 285 34.90 10.27 0.26
N ASP E 286 34.19 9.45 1.03
CA ASP E 286 33.27 9.91 2.10
C ASP E 286 33.22 8.82 3.16
N PRO E 287 33.96 8.99 4.29
CA PRO E 287 34.14 7.90 5.24
C PRO E 287 32.84 7.54 5.99
N THR E 288 31.80 8.35 5.89
CA THR E 288 30.51 8.08 6.60
C THR E 288 29.72 7.03 5.82
N VAL E 289 30.18 6.59 4.63
CA VAL E 289 29.45 5.58 3.82
C VAL E 289 29.94 4.20 4.27
N ASP E 290 29.01 3.41 4.82
CA ASP E 290 29.26 2.02 5.23
C ASP E 290 29.24 1.12 3.99
N VAL E 291 30.26 0.25 3.86
CA VAL E 291 30.51 -0.63 2.69
C VAL E 291 30.54 -2.08 3.15
N THR E 292 29.66 -2.90 2.60
CA THR E 292 29.62 -4.34 2.93
C THR E 292 30.02 -5.15 1.71
N ILE E 293 31.12 -5.90 1.80
CA ILE E 293 31.62 -6.74 0.69
C ILE E 293 30.70 -7.95 0.56
N LYS E 294 30.20 -8.23 -0.65
CA LYS E 294 29.47 -9.49 -0.93
C LYS E 294 30.42 -10.48 -1.61
N ASN E 295 31.28 -10.06 -2.53
CA ASN E 295 32.21 -10.98 -3.21
C ASN E 295 33.36 -10.18 -3.82
N VAL E 296 34.55 -10.78 -3.91
CA VAL E 296 35.68 -10.25 -4.69
C VAL E 296 36.13 -11.37 -5.62
N SER E 297 36.20 -11.08 -6.93
CA SER E 297 36.65 -12.00 -8.00
C SER E 297 37.71 -11.33 -8.88
N ALA E 298 38.70 -12.09 -9.35
CA ALA E 298 39.70 -11.62 -10.34
C ALA E 298 39.39 -12.31 -11.66
N TRP E 299 39.56 -11.65 -12.80
CA TRP E 299 39.41 -12.37 -14.09
C TRP E 299 40.38 -11.84 -15.14
N GLU E 300 40.87 -12.78 -15.94
CA GLU E 300 41.78 -12.57 -17.09
C GLU E 300 40.92 -12.05 -18.23
N VAL E 301 41.10 -10.78 -18.53
CA VAL E 301 40.49 -10.11 -19.71
C VAL E 301 41.33 -10.49 -20.92
N ASN E 302 40.68 -11.08 -21.92
CA ASN E 302 41.30 -11.40 -23.23
C ASN E 302 40.64 -10.56 -24.31
N SER E 303 41.22 -10.64 -25.50
CA SER E 303 40.62 -10.17 -26.75
C SER E 303 40.95 -11.21 -27.84
N ALA E 304 39.98 -12.03 -28.23
CA ALA E 304 40.20 -13.06 -29.26
C ALA E 304 38.89 -13.43 -29.94
N VAL E 305 39.00 -13.95 -31.15
CA VAL E 305 37.85 -14.48 -31.86
C VAL E 305 38.34 -15.75 -32.57
N ALA E 306 37.49 -16.77 -32.63
CA ALA E 306 37.81 -18.00 -33.38
C ALA E 306 37.71 -17.70 -34.88
N PRO E 307 38.66 -18.21 -35.69
CA PRO E 307 38.57 -18.07 -37.16
C PRO E 307 37.50 -18.94 -37.78
N ARG E 308 37.17 -20.04 -37.09
CA ARG E 308 36.10 -21.00 -37.49
C ARG E 308 35.19 -21.23 -36.29
N TYR E 309 33.89 -21.16 -36.50
CA TYR E 309 32.90 -21.34 -35.42
C TYR E 309 32.48 -22.82 -35.30
N ALA E 310 32.73 -23.62 -36.35
CA ALA E 310 32.11 -24.95 -36.52
C ALA E 310 33.08 -25.90 -37.22
N SER E 311 32.91 -27.19 -37.01
CA SER E 311 33.60 -28.27 -37.77
C SER E 311 32.71 -29.49 -37.74
N GLY E 312 32.28 -29.96 -38.91
CA GLY E 312 31.45 -31.15 -39.02
C GLY E 312 30.10 -30.88 -38.40
N ARG E 313 29.82 -31.55 -37.27
CA ARG E 313 28.48 -31.54 -36.63
C ARG E 313 28.58 -30.81 -35.28
N VAL E 314 29.65 -30.07 -35.07
CA VAL E 314 29.96 -29.38 -33.79
C VAL E 314 29.97 -27.88 -34.09
N PHE E 315 29.16 -27.10 -33.37
CA PHE E 315 28.98 -25.63 -33.53
C PHE E 315 29.19 -24.93 -32.19
N CYS E 316 30.09 -23.96 -32.15
CA CYS E 316 30.51 -23.31 -30.90
C CYS E 316 29.92 -21.90 -30.89
N VAL E 317 29.48 -21.49 -29.69
CA VAL E 317 28.65 -20.27 -29.46
C VAL E 317 29.25 -19.51 -28.28
N GLY E 318 29.03 -18.21 -28.25
CA GLY E 318 29.26 -17.40 -27.06
C GLY E 318 30.73 -17.20 -26.79
N ASP E 319 31.09 -17.22 -25.52
CA ASP E 319 32.47 -16.96 -25.08
C ASP E 319 33.44 -18.07 -25.55
N ALA E 320 32.95 -19.22 -25.99
CA ALA E 320 33.86 -20.25 -26.59
C ALA E 320 34.54 -19.68 -27.83
N VAL E 321 33.83 -18.85 -28.60
CA VAL E 321 34.32 -18.31 -29.92
C VAL E 321 34.64 -16.81 -29.94
N HIS E 322 34.32 -16.04 -28.90
CA HIS E 322 34.70 -14.61 -28.82
C HIS E 322 34.90 -14.21 -27.36
N GLN E 323 36.03 -13.61 -27.03
CA GLN E 323 36.27 -13.05 -25.69
C GLN E 323 36.71 -11.61 -25.85
N ASN E 324 36.25 -10.73 -24.96
CA ASN E 324 36.69 -9.31 -25.07
C ASN E 324 36.56 -8.69 -23.70
N PRO E 325 37.03 -7.44 -23.51
CA PRO E 325 36.89 -6.77 -22.24
C PRO E 325 35.40 -6.49 -22.15
N PRO E 326 34.93 -6.16 -20.94
CA PRO E 326 33.53 -5.86 -20.68
C PRO E 326 32.95 -4.57 -21.28
N THR E 327 33.77 -3.61 -21.71
CA THR E 327 33.34 -2.36 -22.43
C THR E 327 32.41 -2.75 -23.60
N ASN E 328 31.27 -2.06 -23.74
CA ASN E 328 30.14 -2.29 -24.70
C ASN E 328 29.17 -3.39 -24.19
N GLY E 329 29.55 -4.22 -23.20
CA GLY E 329 28.70 -5.33 -22.76
C GLY E 329 28.15 -6.12 -23.95
N LEU E 330 28.99 -6.37 -24.96
CA LEU E 330 28.57 -7.16 -26.14
C LEU E 330 28.67 -8.67 -25.91
N GLY E 331 29.47 -9.17 -24.95
CA GLY E 331 29.69 -10.63 -24.75
C GLY E 331 28.40 -11.40 -24.48
N LEU E 332 27.63 -11.03 -23.48
CA LEU E 332 26.34 -11.71 -23.17
C LEU E 332 25.30 -11.55 -24.30
N ASN E 333 25.14 -10.37 -24.88
CA ASN E 333 24.15 -10.15 -25.96
C ASN E 333 24.51 -11.00 -27.19
N SER E 334 25.78 -11.06 -27.54
CA SER E 334 26.24 -11.80 -28.74
C SER E 334 26.10 -13.31 -28.54
N ALA E 335 26.25 -13.78 -27.30
CA ALA E 335 26.10 -15.20 -26.94
C ALA E 335 24.65 -15.59 -27.17
N VAL E 336 23.72 -14.75 -26.72
CA VAL E 336 22.27 -15.00 -26.92
C VAL E 336 22.00 -15.09 -28.43
N ALA E 337 22.47 -14.12 -29.22
CA ALA E 337 22.20 -14.02 -30.65
C ALA E 337 22.92 -15.17 -31.41
N ASP E 338 24.05 -15.66 -30.94
CA ASP E 338 24.72 -16.84 -31.56
C ASP E 338 23.80 -18.07 -31.46
N SER E 339 23.35 -18.41 -30.25
CA SER E 339 22.45 -19.58 -30.09
C SER E 339 21.19 -19.40 -30.90
N PHE E 340 20.59 -18.20 -30.88
CA PHE E 340 19.32 -17.93 -31.59
C PHE E 340 19.51 -18.01 -33.12
N ASN E 341 20.70 -17.75 -33.65
CA ASN E 341 20.99 -17.96 -35.09
C ASN E 341 20.97 -19.47 -35.45
N LEU E 342 21.50 -20.27 -34.57
CA LEU E 342 21.81 -21.69 -34.82
C LEU E 342 20.60 -22.60 -34.61
N CYS E 343 19.77 -22.40 -33.58
CA CYS E 343 18.85 -23.50 -33.16
C CYS E 343 17.76 -23.73 -34.21
N TRP E 344 17.18 -22.71 -34.80
CA TRP E 344 16.14 -22.94 -35.86
C TRP E 344 16.73 -23.68 -37.07
N LYS E 345 18.03 -23.57 -37.30
CA LYS E 345 18.71 -24.27 -38.42
C LYS E 345 18.85 -25.74 -38.04
N LEU E 346 19.34 -26.02 -36.83
CA LEU E 346 19.41 -27.40 -36.31
C LEU E 346 18.02 -28.04 -36.41
N LYS E 347 16.98 -27.33 -36.03
CA LYS E 347 15.63 -27.92 -36.08
C LYS E 347 15.30 -28.40 -37.51
N LEU E 348 15.57 -27.57 -38.52
CA LEU E 348 15.28 -27.95 -39.94
C LEU E 348 16.19 -29.13 -40.37
N ALA E 349 17.48 -29.15 -39.99
CA ALA E 349 18.40 -30.24 -40.36
C ALA E 349 17.87 -31.55 -39.76
N LEU E 350 17.45 -31.54 -38.49
CA LEU E 350 16.98 -32.77 -37.79
C LEU E 350 15.69 -33.28 -38.44
N GLU E 351 14.87 -32.42 -39.03
CA GLU E 351 13.61 -32.86 -39.67
C GLU E 351 13.88 -33.33 -41.09
N GLY E 352 15.10 -33.21 -41.58
CA GLY E 352 15.43 -33.64 -42.94
C GLY E 352 15.05 -32.58 -43.95
N LEU E 353 14.76 -31.35 -43.52
CA LEU E 353 14.29 -30.29 -44.45
C LEU E 353 15.42 -29.34 -44.83
N ALA E 354 16.60 -29.55 -44.31
CA ALA E 354 17.79 -28.80 -44.70
C ALA E 354 18.92 -29.75 -44.38
N GLY E 355 20.12 -29.48 -44.80
CA GLY E 355 21.25 -30.19 -44.18
C GLY E 355 22.48 -29.31 -44.07
N PRO E 356 23.66 -29.89 -44.34
CA PRO E 356 24.93 -29.24 -44.01
C PRO E 356 25.12 -27.84 -44.63
N GLY E 357 24.50 -27.56 -45.78
CA GLY E 357 24.57 -26.22 -46.40
C GLY E 357 23.96 -25.13 -45.52
N LEU E 358 22.80 -25.37 -44.92
CA LEU E 358 22.15 -24.40 -44.01
C LEU E 358 22.98 -24.27 -42.74
N LEU E 359 23.53 -25.36 -42.21
CA LEU E 359 24.25 -25.30 -40.92
C LEU E 359 25.57 -24.55 -41.10
N ASP E 360 26.15 -24.57 -42.32
CA ASP E 360 27.40 -23.83 -42.64
C ASP E 360 27.17 -22.31 -42.51
N THR E 361 25.91 -21.88 -42.61
CA THR E 361 25.55 -20.45 -42.56
C THR E 361 25.63 -19.91 -41.13
N TYR E 362 25.74 -20.77 -40.11
CA TYR E 362 25.93 -20.32 -38.72
C TYR E 362 27.26 -19.62 -38.70
N HIS E 363 28.31 -20.32 -39.14
CA HIS E 363 29.65 -19.71 -39.22
C HIS E 363 29.57 -18.46 -40.12
N ASP E 364 29.00 -18.56 -41.32
CA ASP E 364 29.14 -17.48 -42.33
C ASP E 364 28.52 -16.18 -41.76
N GLU E 365 27.40 -16.29 -41.04
CA GLU E 365 26.64 -15.12 -40.51
C GLU E 365 27.25 -14.63 -39.17
N ARG E 366 27.56 -15.52 -38.23
CA ARG E 366 27.93 -15.15 -36.84
C ARG E 366 29.42 -14.86 -36.67
N GLN E 367 30.31 -15.46 -37.47
CA GLN E 367 31.75 -15.24 -37.26
C GLN E 367 32.10 -13.76 -37.53
N PRO E 368 31.58 -13.11 -38.57
CA PRO E 368 31.94 -11.70 -38.76
C PRO E 368 31.41 -10.80 -37.63
N VAL E 369 30.29 -11.18 -37.02
CA VAL E 369 29.76 -10.45 -35.84
C VAL E 369 30.70 -10.65 -34.67
N GLY E 370 31.28 -11.83 -34.53
CA GLY E 370 32.34 -12.04 -33.52
C GLY E 370 33.51 -11.08 -33.69
N ARG E 371 33.97 -10.94 -34.93
CA ARG E 371 35.18 -10.13 -35.20
C ARG E 371 34.82 -8.69 -34.83
N GLN E 372 33.65 -8.23 -35.23
CA GLN E 372 33.17 -6.83 -35.00
C GLN E 372 33.12 -6.55 -33.49
N ILE E 373 32.55 -7.44 -32.67
CA ILE E 373 32.32 -7.06 -31.24
C ILE E 373 33.67 -7.05 -30.55
N VAL E 374 34.56 -7.98 -30.85
CA VAL E 374 35.86 -8.04 -30.14
C VAL E 374 36.60 -6.73 -30.46
N ASP E 375 36.54 -6.27 -31.70
CA ASP E 375 37.29 -5.08 -32.14
C ASP E 375 36.70 -3.80 -31.52
N ARG E 376 35.39 -3.69 -31.49
CA ARG E 376 34.66 -2.55 -30.86
C ARG E 376 34.94 -2.53 -29.35
N ALA E 377 34.80 -3.66 -28.67
CA ALA E 377 34.99 -3.70 -27.21
C ALA E 377 36.44 -3.34 -26.87
N PHE E 378 37.40 -3.86 -27.61
CA PHE E 378 38.83 -3.53 -27.42
C PHE E 378 39.08 -2.01 -27.59
N ARG E 379 38.62 -1.41 -28.70
CA ARG E 379 38.78 0.05 -28.91
C ARG E 379 38.11 0.81 -27.75
N SER E 380 36.97 0.34 -27.23
CA SER E 380 36.21 1.09 -26.18
C SER E 380 37.02 1.06 -24.88
N MET E 381 37.68 -0.07 -24.64
CA MET E 381 38.50 -0.27 -23.42
C MET E 381 39.65 0.75 -23.50
N VAL E 382 40.27 0.88 -24.69
CA VAL E 382 41.45 1.81 -24.87
C VAL E 382 41.01 3.28 -24.79
N ASP E 383 39.78 3.60 -25.20
CA ASP E 383 39.18 4.96 -25.10
C ASP E 383 39.16 5.46 -23.65
N LEU E 384 38.93 4.60 -22.67
CA LEU E 384 38.68 5.03 -21.26
C LEU E 384 39.85 5.87 -20.74
N ILE E 385 41.09 5.53 -21.07
CA ILE E 385 42.29 6.24 -20.49
C ILE E 385 42.43 7.63 -21.12
N GLY E 386 41.80 7.88 -22.28
CA GLY E 386 41.78 9.20 -22.92
C GLY E 386 41.22 10.29 -22.01
N ILE E 387 40.36 9.93 -21.05
CA ILE E 387 39.70 10.95 -20.19
C ILE E 387 40.73 11.48 -19.18
N PRO E 388 41.34 10.69 -18.27
CA PRO E 388 42.31 11.26 -17.34
C PRO E 388 43.52 11.80 -18.13
N GLN E 389 43.84 11.28 -19.32
CA GLN E 389 44.96 11.83 -20.10
C GLN E 389 44.61 13.26 -20.53
N ALA E 390 43.37 13.52 -20.93
CA ALA E 390 42.94 14.86 -21.39
C ALA E 390 43.09 15.84 -20.21
N LEU E 391 42.92 15.36 -18.99
CA LEU E 391 42.94 16.23 -17.78
C LEU E 391 44.38 16.63 -17.45
N GLY E 392 45.35 15.93 -18.03
CA GLY E 392 46.79 16.12 -17.77
C GLY E 392 47.26 15.22 -16.67
N PHE E 393 46.54 14.14 -16.35
CA PHE E 393 46.95 13.23 -15.28
C PHE E 393 48.07 12.36 -15.84
N THR E 394 49.05 12.05 -14.99
CA THR E 394 50.20 11.18 -15.31
C THR E 394 50.60 10.47 -14.02
N GLU E 395 51.46 9.47 -14.16
CA GLU E 395 52.21 8.82 -13.04
C GLU E 395 53.01 9.91 -12.31
N GLY E 396 53.28 9.71 -11.02
CA GLY E 396 54.22 10.57 -10.27
C GLY E 396 53.66 11.92 -9.98
N GLN E 397 52.34 12.05 -9.83
CA GLN E 397 51.71 13.33 -9.44
C GLN E 397 51.11 13.15 -8.04
N SER E 398 51.24 14.15 -7.17
CA SER E 398 50.66 14.12 -5.80
C SER E 398 49.17 14.34 -5.95
N PRO E 399 48.35 14.04 -4.93
CA PRO E 399 46.94 14.48 -4.91
C PRO E 399 46.74 15.97 -5.22
N GLU E 400 47.51 16.84 -4.55
CA GLU E 400 47.43 18.31 -4.74
C GLU E 400 47.63 18.67 -6.21
N GLU E 401 48.57 18.02 -6.89
CA GLU E 401 48.83 18.39 -8.30
C GLU E 401 47.58 18.08 -9.12
N GLN E 402 46.91 16.96 -8.84
CA GLN E 402 45.76 16.55 -9.69
C GLN E 402 44.51 17.37 -9.29
N TRP E 403 44.31 17.70 -8.01
CA TRP E 403 43.26 18.66 -7.57
C TRP E 403 43.49 19.99 -8.28
N ARG E 404 44.74 20.42 -8.40
CA ARG E 404 45.02 21.70 -9.11
C ARG E 404 44.61 21.56 -10.55
N LEU E 405 45.00 20.46 -11.20
CA LEU E 405 44.64 20.28 -12.62
C LEU E 405 43.11 20.29 -12.77
N LEU E 406 42.34 19.67 -11.85
CA LEU E 406 40.84 19.71 -11.96
C LEU E 406 40.36 21.15 -11.80
N ASP E 407 40.93 21.92 -10.86
CA ASP E 407 40.53 23.32 -10.58
C ASP E 407 40.84 24.23 -11.79
N THR E 408 41.98 24.07 -12.45
CA THR E 408 42.41 25.00 -13.51
C THR E 408 41.74 24.62 -14.82
N LEU E 409 41.10 23.46 -14.90
CA LEU E 409 40.45 22.99 -16.14
C LEU E 409 39.56 24.11 -16.71
N HIS E 410 38.91 24.93 -15.88
CA HIS E 410 37.87 25.91 -16.29
C HIS E 410 38.46 27.30 -16.52
N GLU E 411 39.78 27.46 -16.37
CA GLU E 411 40.45 28.79 -16.45
C GLU E 411 40.44 29.32 -17.88
N ASP E 412 40.58 30.63 -17.99
CA ASP E 412 40.59 31.39 -19.26
C ASP E 412 42.03 31.46 -19.79
N THR E 413 42.65 30.33 -20.10
CA THR E 413 44.07 30.19 -20.54
C THR E 413 44.16 29.24 -21.73
N GLU E 414 45.24 29.32 -22.51
CA GLU E 414 45.40 28.52 -23.73
C GLU E 414 45.47 27.02 -23.36
N GLU E 415 46.09 26.74 -22.24
CA GLU E 415 46.34 25.40 -21.66
C GLU E 415 45.02 24.74 -21.28
N ALA E 416 44.22 25.45 -20.49
CA ALA E 416 42.85 25.05 -20.08
C ALA E 416 41.96 24.92 -21.30
N ARG E 417 42.01 25.85 -22.26
CA ARG E 417 41.15 25.75 -23.46
C ARG E 417 41.48 24.43 -24.18
N GLN E 418 42.76 24.05 -24.25
CA GLN E 418 43.23 22.80 -24.92
C GLN E 418 42.76 21.58 -24.13
N ARG E 419 42.92 21.55 -22.80
CA ARG E 419 42.44 20.44 -21.95
C ARG E 419 40.92 20.30 -22.16
N ARG E 420 40.17 21.39 -22.20
CA ARG E 420 38.71 21.33 -22.38
C ARG E 420 38.39 20.72 -23.76
N ALA E 421 39.14 21.08 -24.83
CA ALA E 421 38.93 20.54 -26.18
C ALA E 421 39.27 19.05 -26.22
N ALA E 422 40.34 18.66 -25.53
CA ALA E 422 40.80 17.26 -25.52
C ALA E 422 39.81 16.43 -24.69
N LEU E 423 39.29 17.00 -23.60
CA LEU E 423 38.31 16.28 -22.73
C LEU E 423 37.05 16.05 -23.59
N ALA E 424 36.61 17.05 -24.33
CA ALA E 424 35.39 16.94 -25.15
C ALA E 424 35.57 15.85 -26.20
N ALA E 425 36.75 15.71 -26.80
CA ALA E 425 37.03 14.68 -27.83
C ALA E 425 37.12 13.29 -27.17
N ALA E 426 37.77 13.17 -26.02
CA ALA E 426 37.88 11.90 -25.28
C ALA E 426 36.47 11.44 -24.86
N THR E 427 35.65 12.38 -24.39
CA THR E 427 34.24 12.15 -23.96
C THR E 427 33.43 11.72 -25.18
N ALA E 428 33.62 12.36 -26.32
CA ALA E 428 32.81 12.09 -27.51
C ALA E 428 33.01 10.64 -27.96
N ALA E 429 34.23 10.12 -27.89
CA ALA E 429 34.57 8.72 -28.25
C ALA E 429 33.81 7.70 -27.38
N ILE E 430 33.44 8.04 -26.13
CA ILE E 430 32.73 7.09 -25.22
C ILE E 430 31.32 6.78 -25.73
N HIS E 431 30.79 7.56 -26.67
CA HIS E 431 29.54 7.22 -27.39
C HIS E 431 29.71 5.85 -28.07
N GLY E 432 30.93 5.50 -28.45
CA GLY E 432 31.23 4.19 -29.05
C GLY E 432 30.96 3.00 -28.12
N GLN E 433 30.82 3.21 -26.81
CA GLN E 433 30.37 2.18 -25.85
C GLN E 433 28.98 2.51 -25.21
N ALA E 434 28.59 3.77 -25.05
CA ALA E 434 27.34 4.18 -24.35
C ALA E 434 26.16 4.23 -25.33
N ASN E 435 26.40 4.47 -26.62
CA ASN E 435 25.27 4.63 -27.59
C ASN E 435 25.65 3.99 -28.93
N ALA E 436 26.25 2.81 -28.92
CA ALA E 436 26.71 2.13 -30.16
C ALA E 436 25.55 1.39 -30.84
N HIS E 437 24.55 2.12 -31.31
CA HIS E 437 23.27 1.53 -31.74
C HIS E 437 23.46 0.69 -33.01
N GLY E 438 24.41 1.09 -33.88
CA GLY E 438 24.75 0.40 -35.12
C GLY E 438 25.34 -0.95 -34.86
N VAL E 439 26.24 -1.00 -33.91
CA VAL E 439 26.85 -2.29 -33.50
C VAL E 439 25.74 -3.18 -32.92
N GLU E 440 24.87 -2.63 -32.07
CA GLU E 440 23.96 -3.42 -31.21
C GLU E 440 22.83 -4.01 -32.04
N LEU E 441 22.31 -3.23 -32.98
CA LEU E 441 21.12 -3.64 -33.77
C LEU E 441 21.37 -3.71 -35.27
N GLY E 442 22.36 -3.00 -35.81
CA GLY E 442 22.41 -2.72 -37.26
C GLY E 442 23.35 -3.66 -37.99
N TYR E 443 23.83 -4.73 -37.35
CA TYR E 443 24.64 -5.75 -38.07
C TYR E 443 23.73 -6.42 -39.13
N ARG E 444 24.33 -6.74 -40.27
CA ARG E 444 23.59 -7.34 -41.40
C ARG E 444 24.39 -8.54 -41.92
N TYR E 445 23.75 -9.68 -42.10
CA TYR E 445 24.43 -10.90 -42.64
C TYR E 445 24.58 -10.72 -44.17
N ARG E 446 25.79 -10.80 -44.74
CA ARG E 446 25.96 -10.50 -46.19
C ARG E 446 25.98 -11.79 -47.02
N THR E 447 26.28 -12.90 -46.36
CA THR E 447 26.31 -14.27 -46.93
C THR E 447 25.66 -15.24 -45.92
N GLY E 448 24.80 -16.14 -46.36
CA GLY E 448 24.24 -17.14 -45.43
C GLY E 448 22.88 -17.56 -45.90
N ALA E 449 21.93 -17.69 -44.98
CA ALA E 449 20.59 -18.23 -45.28
C ALA E 449 19.75 -17.10 -45.83
N LEU E 450 20.12 -16.64 -47.02
CA LEU E 450 19.40 -15.54 -47.68
C LEU E 450 19.71 -15.52 -49.16
N VAL E 451 18.88 -14.82 -49.93
CA VAL E 451 19.05 -14.55 -51.39
C VAL E 451 19.08 -13.04 -51.59
N PRO E 452 20.22 -12.46 -51.99
CA PRO E 452 20.28 -11.02 -52.21
C PRO E 452 19.24 -10.57 -53.23
N ASP E 453 18.75 -9.34 -53.13
CA ASP E 453 17.74 -8.88 -54.10
C ASP E 453 18.39 -8.05 -55.23
N GLY E 454 19.72 -7.98 -55.27
CA GLY E 454 20.50 -7.19 -56.25
C GLY E 454 20.41 -5.68 -56.07
N THR E 455 19.84 -5.17 -54.97
CA THR E 455 19.85 -3.73 -54.63
C THR E 455 21.14 -3.46 -53.86
N PRO E 456 21.66 -2.21 -53.87
CA PRO E 456 22.88 -1.92 -53.12
C PRO E 456 22.49 -1.83 -51.63
N GLU E 457 23.40 -2.20 -50.75
CA GLU E 457 23.17 -2.14 -49.28
C GLU E 457 22.97 -0.70 -48.84
N PRO E 458 21.90 -0.33 -48.10
CA PRO E 458 21.76 1.05 -47.61
C PRO E 458 23.04 1.52 -46.92
N ALA E 459 23.47 2.75 -47.22
CA ALA E 459 24.68 3.34 -46.62
C ALA E 459 24.50 4.85 -46.56
N ASP E 460 25.14 5.50 -45.60
CA ASP E 460 25.09 6.98 -45.54
C ASP E 460 26.37 7.49 -44.89
N GLU E 461 26.43 8.80 -44.67
CA GLU E 461 27.64 9.49 -44.14
C GLU E 461 27.75 9.34 -42.63
N ARG E 462 26.74 8.83 -41.92
CA ARG E 462 26.82 8.75 -40.44
C ARG E 462 27.74 7.59 -40.05
N ASP E 463 28.37 7.67 -38.88
CA ASP E 463 29.16 6.57 -38.30
C ASP E 463 28.25 5.34 -38.13
N PRO E 464 28.53 4.23 -38.85
CA PRO E 464 27.67 3.05 -38.81
C PRO E 464 27.77 2.30 -37.48
N GLU E 465 28.79 2.55 -36.65
CA GLU E 465 28.89 1.95 -35.29
C GLU E 465 27.90 2.62 -34.34
N LEU E 466 27.68 3.94 -34.48
CA LEU E 466 26.82 4.76 -33.58
C LEU E 466 25.38 4.70 -34.05
N TYR E 467 25.16 4.69 -35.35
CA TYR E 467 23.82 4.96 -35.93
C TYR E 467 23.26 3.70 -36.59
N TYR E 468 22.04 3.36 -36.17
CA TYR E 468 21.23 2.26 -36.73
C TYR E 468 20.37 2.82 -37.85
N ARG E 469 20.32 2.10 -38.96
CA ARG E 469 19.44 2.42 -40.10
C ARG E 469 18.57 1.21 -40.44
N ALA E 470 17.26 1.33 -40.26
CA ALA E 470 16.35 0.18 -40.45
C ALA E 470 16.20 -0.11 -41.96
N THR E 471 16.32 -1.37 -42.35
CA THR E 471 16.14 -1.82 -43.74
C THR E 471 15.63 -3.27 -43.80
N THR E 472 14.93 -3.60 -44.89
CA THR E 472 14.55 -4.97 -45.23
C THR E 472 15.58 -5.58 -46.19
N TRP E 473 16.73 -4.96 -46.35
CA TRP E 473 17.79 -5.51 -47.22
C TRP E 473 18.12 -6.90 -46.72
N PRO E 474 18.06 -7.96 -47.57
CA PRO E 474 18.27 -9.32 -47.10
C PRO E 474 19.56 -9.49 -46.28
N GLY E 475 19.44 -10.18 -45.14
CA GLY E 475 20.51 -10.27 -44.12
C GLY E 475 20.27 -9.30 -42.95
N ALA E 476 19.55 -8.21 -43.14
CA ALA E 476 19.27 -7.27 -42.01
C ALA E 476 18.23 -7.87 -41.03
N ARG E 477 18.27 -7.40 -39.78
CA ARG E 477 17.21 -7.69 -38.78
C ARG E 477 15.94 -6.95 -39.22
N LEU E 478 14.81 -7.63 -39.32
CA LEU E 478 13.56 -7.03 -39.84
C LEU E 478 13.26 -5.74 -39.08
N PRO E 479 12.87 -4.64 -39.75
CA PRO E 479 12.51 -3.41 -39.08
C PRO E 479 11.27 -3.54 -38.19
N HIS E 480 11.38 -2.92 -37.02
CA HIS E 480 10.28 -2.77 -36.03
C HIS E 480 9.35 -1.67 -36.51
N ALA E 481 8.06 -1.96 -36.41
CA ALA E 481 6.96 -0.98 -36.51
C ALA E 481 5.85 -1.49 -35.64
N TRP E 482 5.07 -0.58 -35.07
CA TRP E 482 3.86 -0.90 -34.27
C TRP E 482 2.69 -1.21 -35.21
N LEU E 483 2.20 -2.43 -35.11
CA LEU E 483 0.97 -2.85 -35.79
C LEU E 483 -0.12 -2.92 -34.75
N GLU E 484 -1.31 -3.24 -35.20
CA GLU E 484 -2.44 -3.52 -34.31
C GLU E 484 -3.23 -4.67 -34.91
N ASN E 485 -3.34 -5.75 -34.16
CA ASN E 485 -4.17 -6.91 -34.57
C ASN E 485 -5.50 -6.84 -33.82
N GLY E 486 -6.54 -6.26 -34.45
CA GLY E 486 -7.77 -5.86 -33.74
C GLY E 486 -7.42 -4.72 -32.81
N ARG E 487 -7.53 -4.85 -31.50
CA ARG E 487 -7.10 -3.80 -30.53
C ARG E 487 -5.82 -4.24 -29.79
N HIS E 488 -5.16 -5.30 -30.24
CA HIS E 488 -3.89 -5.77 -29.68
C HIS E 488 -2.72 -5.10 -30.39
N ARG E 489 -1.93 -4.35 -29.63
CA ARG E 489 -0.69 -3.69 -30.08
C ARG E 489 0.43 -4.73 -30.16
N CYS E 490 1.17 -4.77 -31.26
CA CYS E 490 2.21 -5.79 -31.50
C CYS E 490 3.18 -5.25 -32.55
N SER E 491 4.42 -5.67 -32.43
CA SER E 491 5.49 -5.34 -33.36
C SER E 491 5.43 -6.30 -34.57
N THR E 492 5.97 -5.83 -35.69
CA THR E 492 6.38 -6.68 -36.83
C THR E 492 7.24 -7.84 -36.34
N LEU E 493 8.08 -7.59 -35.34
CA LEU E 493 8.94 -8.65 -34.76
C LEU E 493 8.13 -9.66 -33.89
N ASP E 494 6.99 -9.24 -33.32
CA ASP E 494 6.11 -10.14 -32.51
C ASP E 494 5.28 -11.05 -33.42
N VAL E 495 4.89 -10.63 -34.62
CA VAL E 495 4.00 -11.46 -35.50
C VAL E 495 4.83 -12.31 -36.49
N THR E 496 6.16 -12.25 -36.42
CA THR E 496 7.08 -13.07 -37.21
C THR E 496 7.92 -13.86 -36.19
N GLY E 497 8.91 -14.60 -36.68
CA GLY E 497 9.76 -15.43 -35.81
C GLY E 497 8.97 -16.62 -35.27
N ARG E 498 9.24 -17.00 -34.02
CA ARG E 498 8.58 -18.10 -33.26
C ARG E 498 8.60 -19.36 -34.12
N GLY E 499 9.77 -19.76 -34.58
CA GLY E 499 10.00 -21.08 -35.18
C GLY E 499 9.48 -21.17 -36.60
N ARG E 500 9.09 -20.10 -37.26
CA ARG E 500 8.51 -20.28 -38.63
C ARG E 500 9.00 -19.18 -39.57
N PHE E 501 8.95 -19.45 -40.88
CA PHE E 501 9.07 -18.41 -41.93
C PHE E 501 7.71 -17.73 -42.10
N THR E 502 7.77 -16.42 -42.28
CA THR E 502 6.62 -15.55 -42.51
C THR E 502 6.91 -14.71 -43.74
N LEU E 503 5.88 -14.52 -44.55
CA LEU E 503 5.95 -13.63 -45.71
C LEU E 503 5.03 -12.44 -45.47
N LEU E 504 5.59 -11.26 -45.24
CA LEU E 504 4.76 -10.07 -45.01
C LEU E 504 4.35 -9.48 -46.38
N THR E 505 3.07 -9.17 -46.57
CA THR E 505 2.52 -8.67 -47.86
C THR E 505 1.61 -7.50 -47.56
N GLY E 506 0.98 -6.95 -48.59
CA GLY E 506 -0.03 -5.88 -48.48
C GLY E 506 -1.06 -5.95 -49.61
N PRO E 507 -1.85 -4.88 -49.83
CA PRO E 507 -2.82 -4.86 -50.91
C PRO E 507 -2.17 -5.30 -52.23
N GLY E 508 -2.86 -6.18 -52.95
CA GLY E 508 -2.46 -6.70 -54.27
C GLY E 508 -1.54 -7.89 -54.09
N GLY E 509 -1.26 -8.29 -52.83
CA GLY E 509 -0.34 -9.41 -52.58
C GLY E 509 -0.98 -10.78 -52.64
N GLU E 510 -2.22 -10.93 -53.12
CA GLU E 510 -2.92 -12.25 -53.16
C GLU E 510 -2.10 -13.31 -53.90
N PRO E 511 -1.33 -12.98 -54.97
CA PRO E 511 -0.49 -13.98 -55.63
C PRO E 511 0.52 -14.72 -54.76
N TRP E 512 0.95 -14.13 -53.63
CA TRP E 512 1.90 -14.79 -52.70
C TRP E 512 1.28 -16.06 -52.06
N ARG E 513 -0.04 -16.13 -51.92
CA ARG E 513 -0.70 -17.29 -51.22
C ARG E 513 -0.37 -18.61 -51.94
N ASP E 514 -0.66 -18.65 -53.25
CA ASP E 514 -0.38 -19.81 -54.13
C ASP E 514 1.12 -20.07 -54.16
N ALA E 515 1.95 -19.04 -54.16
CA ALA E 515 3.41 -19.23 -54.23
C ALA E 515 3.90 -19.85 -52.91
N ALA E 516 3.35 -19.46 -51.77
CA ALA E 516 3.76 -20.02 -50.45
C ALA E 516 3.31 -21.49 -50.36
N ARG E 517 2.07 -21.75 -50.76
CA ARG E 517 1.50 -23.12 -50.89
C ARG E 517 2.47 -23.98 -51.72
N ASP E 518 2.90 -23.51 -52.89
CA ASP E 518 3.86 -24.28 -53.74
C ASP E 518 5.24 -24.37 -53.08
N ALA E 519 5.71 -23.32 -52.40
CA ALA E 519 7.02 -23.39 -51.71
C ALA E 519 7.00 -24.52 -50.69
N ALA E 520 5.91 -24.68 -49.95
CA ALA E 520 5.81 -25.70 -48.86
C ALA E 520 5.75 -27.09 -49.49
N LEU E 521 4.97 -27.25 -50.56
CA LEU E 521 4.92 -28.52 -51.33
C LEU E 521 6.32 -28.88 -51.82
N ASP E 522 7.10 -27.92 -52.34
CA ASP E 522 8.40 -28.26 -52.98
C ASP E 522 9.48 -28.47 -51.91
N THR E 523 9.49 -27.76 -50.76
CA THR E 523 10.64 -27.79 -49.82
C THR E 523 10.28 -28.50 -48.52
N GLY E 524 8.98 -28.67 -48.26
CA GLY E 524 8.42 -29.24 -47.02
C GLY E 524 8.37 -28.19 -45.90
N VAL E 525 8.78 -26.95 -46.15
CA VAL E 525 8.82 -25.91 -45.08
C VAL E 525 7.66 -24.93 -45.28
N GLU E 526 6.88 -24.75 -44.23
CA GLU E 526 5.69 -23.85 -44.21
C GLU E 526 6.17 -22.42 -44.35
N VAL E 527 5.45 -21.62 -45.14
CA VAL E 527 5.69 -20.16 -45.24
C VAL E 527 4.35 -19.51 -44.91
N ALA E 528 4.22 -18.88 -43.75
CA ALA E 528 2.98 -18.25 -43.30
C ALA E 528 2.86 -16.92 -44.03
N VAL E 529 1.76 -16.69 -44.72
CA VAL E 529 1.55 -15.41 -45.44
C VAL E 529 0.82 -14.47 -44.48
N LEU E 530 1.34 -13.25 -44.33
CA LEU E 530 0.73 -12.31 -43.37
C LEU E 530 0.53 -10.98 -44.08
N PRO E 531 -0.71 -10.68 -44.48
CA PRO E 531 -1.00 -9.42 -45.13
C PRO E 531 -1.14 -8.33 -44.07
N ILE E 532 -0.54 -7.18 -44.35
CA ILE E 532 -0.65 -5.99 -43.47
C ILE E 532 -1.43 -4.90 -44.20
N GLY E 533 -2.45 -4.35 -43.55
CA GLY E 533 -3.30 -3.30 -44.12
C GLY E 533 -4.05 -3.84 -45.34
N ALA E 534 -4.39 -5.13 -45.33
CA ALA E 534 -5.18 -5.79 -46.38
C ALA E 534 -5.66 -7.12 -45.82
N GLY E 535 -6.68 -7.70 -46.43
CA GLY E 535 -7.11 -9.09 -46.18
C GLY E 535 -7.64 -9.33 -44.78
N GLY E 536 -8.06 -8.29 -44.01
CA GLY E 536 -8.45 -8.40 -42.59
C GLY E 536 -7.28 -8.69 -41.64
N GLY E 537 -6.02 -8.55 -42.07
CA GLY E 537 -4.86 -8.79 -41.22
C GLY E 537 -4.60 -7.61 -40.28
N PRO E 538 -3.41 -7.60 -39.63
CA PRO E 538 -3.01 -6.49 -38.78
C PRO E 538 -2.95 -5.15 -39.52
N ARG E 539 -3.33 -4.08 -38.82
CA ARG E 539 -3.28 -2.70 -39.35
C ARG E 539 -1.90 -2.12 -39.06
N ASP E 540 -1.54 -1.11 -39.84
CA ASP E 540 -0.28 -0.34 -39.75
C ASP E 540 -0.75 1.04 -39.31
N PRO E 541 -1.08 1.27 -38.03
CA PRO E 541 -1.84 2.47 -37.68
C PRO E 541 -1.17 3.80 -38.04
N TYR E 542 0.16 3.87 -38.03
CA TYR E 542 0.90 5.14 -38.28
C TYR E 542 1.32 5.15 -39.76
N GLY E 543 1.22 4.04 -40.49
CA GLY E 543 1.85 3.99 -41.82
C GLY E 543 3.35 3.76 -41.73
N THR E 544 3.90 3.45 -40.55
CA THR E 544 5.36 3.28 -40.41
C THR E 544 5.85 2.06 -41.19
N TRP E 545 5.11 0.97 -41.12
CA TRP E 545 5.61 -0.25 -41.80
C TRP E 545 5.67 0.03 -43.31
N ALA E 546 4.68 0.71 -43.88
CA ALA E 546 4.71 1.09 -45.31
C ALA E 546 5.98 1.91 -45.60
N GLU E 547 6.46 2.75 -44.69
CA GLU E 547 7.67 3.61 -44.91
C GLU E 547 8.94 2.78 -44.77
N LEU E 548 8.93 1.70 -43.96
CA LEU E 548 10.15 0.91 -43.68
C LEU E 548 10.27 -0.32 -44.59
N ARG E 549 9.20 -0.88 -45.13
CA ARG E 549 9.31 -2.20 -45.82
C ARG E 549 10.18 -2.14 -47.10
N GLU E 550 10.34 -0.98 -47.76
CA GLU E 550 11.19 -0.79 -48.99
C GLU E 550 10.76 -1.79 -50.11
N VAL E 551 9.48 -2.12 -50.18
CA VAL E 551 8.84 -2.86 -51.28
C VAL E 551 7.53 -2.13 -51.50
N GLU E 552 6.87 -2.39 -52.62
CA GLU E 552 5.54 -1.86 -52.93
C GLU E 552 4.48 -2.68 -52.18
N GLU E 553 3.27 -2.15 -52.05
CA GLU E 553 2.15 -2.82 -51.37
C GLU E 553 2.08 -4.30 -51.82
N SER E 554 2.29 -4.62 -53.11
CA SER E 554 1.98 -5.99 -53.63
C SER E 554 3.21 -6.88 -53.44
N GLY E 555 4.32 -6.29 -52.98
CA GLY E 555 5.61 -7.01 -52.84
C GLY E 555 5.68 -7.84 -51.56
N ALA E 556 6.85 -8.36 -51.19
CA ALA E 556 6.95 -9.30 -50.05
C ALA E 556 8.28 -9.16 -49.34
N VAL E 557 8.26 -9.42 -48.03
CA VAL E 557 9.47 -9.52 -47.17
C VAL E 557 9.39 -10.88 -46.49
N LEU E 558 10.37 -11.71 -46.75
CA LEU E 558 10.42 -13.11 -46.27
C LEU E 558 11.30 -13.08 -45.03
N VAL E 559 10.71 -13.45 -43.90
CA VAL E 559 11.36 -13.35 -42.57
C VAL E 559 11.63 -14.75 -42.05
N ARG E 560 12.84 -14.96 -41.58
CA ARG E 560 13.37 -16.21 -41.00
C ARG E 560 12.80 -16.38 -39.58
N PRO E 561 12.91 -17.60 -39.01
CA PRO E 561 12.57 -17.80 -37.59
C PRO E 561 13.30 -16.91 -36.59
N ASP E 562 14.48 -16.39 -36.94
CA ASP E 562 15.30 -15.51 -36.06
C ASP E 562 15.04 -14.02 -36.33
N GLY E 563 14.03 -13.66 -37.12
CA GLY E 563 13.63 -12.27 -37.37
C GLY E 563 14.57 -11.53 -38.34
N HIS E 564 15.58 -12.18 -38.93
CA HIS E 564 16.35 -11.61 -40.06
C HIS E 564 15.60 -11.86 -41.38
N VAL E 565 15.79 -10.95 -42.34
CA VAL E 565 15.11 -11.02 -43.68
C VAL E 565 15.89 -12.02 -44.55
N ALA E 566 15.23 -13.02 -45.14
CA ALA E 566 15.90 -13.97 -46.06
C ALA E 566 15.89 -13.39 -47.49
N TRP E 567 14.83 -12.71 -47.85
CA TRP E 567 14.63 -12.25 -49.24
C TRP E 567 13.56 -11.18 -49.22
N ARG E 568 13.53 -10.36 -50.26
CA ARG E 568 12.39 -9.48 -50.48
C ARG E 568 12.12 -9.31 -51.97
N ALA E 569 10.91 -8.91 -52.31
CA ALA E 569 10.48 -8.71 -53.71
C ALA E 569 9.67 -7.45 -53.76
N ARG E 570 10.02 -6.61 -54.72
CA ARG E 570 9.41 -5.27 -54.89
C ARG E 570 7.92 -5.41 -55.13
N ASP E 571 7.50 -6.33 -55.99
CA ASP E 571 6.04 -6.44 -56.28
C ASP E 571 5.67 -7.90 -56.54
N HIS E 572 4.37 -8.14 -56.77
CA HIS E 572 3.78 -9.51 -56.81
C HIS E 572 4.28 -10.27 -58.05
N GLY E 573 4.90 -9.56 -59.00
CA GLY E 573 5.40 -10.18 -60.23
C GLY E 573 6.42 -11.26 -59.94
N HIS E 574 7.14 -11.18 -58.82
CA HIS E 574 8.16 -12.20 -58.44
C HIS E 574 7.51 -13.33 -57.61
N ALA E 575 6.20 -13.42 -57.46
CA ALA E 575 5.64 -14.44 -56.52
C ALA E 575 6.08 -15.85 -56.93
N LYS E 576 6.17 -16.12 -58.24
CA LYS E 576 6.54 -17.47 -58.77
C LYS E 576 7.99 -17.85 -58.42
N GLU E 577 8.85 -16.94 -57.97
CA GLU E 577 10.25 -17.29 -57.58
C GLU E 577 10.29 -17.95 -56.19
N LEU E 578 9.25 -17.80 -55.38
CA LEU E 578 9.34 -18.10 -53.91
C LEU E 578 9.74 -19.55 -53.66
N PRO E 579 9.21 -20.56 -54.40
CA PRO E 579 9.70 -21.93 -54.26
C PRO E 579 11.21 -22.08 -54.40
N GLU E 580 11.86 -21.53 -55.45
CA GLU E 580 13.33 -21.72 -55.63
C GLU E 580 14.05 -20.90 -54.55
N VAL E 581 13.53 -19.72 -54.23
CA VAL E 581 14.15 -18.86 -53.18
C VAL E 581 14.24 -19.66 -51.88
N MET E 582 13.16 -20.30 -51.47
CA MET E 582 13.16 -21.16 -50.25
C MET E 582 14.15 -22.32 -50.38
N ALA E 583 14.20 -23.03 -51.52
CA ALA E 583 15.21 -24.09 -51.76
C ALA E 583 16.60 -23.53 -51.45
N ARG E 584 16.91 -22.32 -51.93
CA ARG E 584 18.26 -21.70 -51.85
C ARG E 584 18.51 -21.20 -50.40
N VAL E 585 17.48 -20.73 -49.71
CA VAL E 585 17.64 -20.25 -48.30
C VAL E 585 17.98 -21.46 -47.43
N LEU E 586 17.29 -22.57 -47.65
CA LEU E 586 17.48 -23.83 -46.92
C LEU E 586 18.73 -24.58 -47.42
N HIS E 587 19.39 -24.12 -48.48
CA HIS E 587 20.52 -24.81 -49.18
C HIS E 587 20.22 -26.30 -49.40
N GLN E 588 19.01 -26.66 -49.86
CA GLN E 588 18.62 -28.05 -50.28
C GLN E 588 19.43 -28.49 -51.52
N PRO F 12 -11.54 58.41 -3.82
CA PRO F 12 -11.92 57.00 -4.08
C PRO F 12 -12.09 56.16 -2.79
N ASP F 13 -13.03 55.20 -2.81
CA ASP F 13 -13.23 54.20 -1.72
C ASP F 13 -11.96 53.39 -1.46
N ILE F 14 -11.32 52.83 -2.50
CA ILE F 14 -10.04 52.07 -2.38
C ILE F 14 -8.93 52.69 -3.25
N ARG F 15 -7.71 52.70 -2.74
CA ARG F 15 -6.49 53.03 -3.56
C ARG F 15 -5.51 51.85 -3.49
N VAL F 16 -5.17 51.32 -4.66
CA VAL F 16 -4.28 50.13 -4.80
C VAL F 16 -3.45 50.34 -6.06
N PRO F 17 -2.17 49.88 -6.13
CA PRO F 17 -1.39 50.00 -7.36
C PRO F 17 -2.02 49.37 -8.61
N VAL F 18 -2.55 48.15 -8.50
CA VAL F 18 -3.07 47.46 -9.72
C VAL F 18 -4.45 46.91 -9.39
N LEU F 19 -5.40 47.19 -10.27
CA LEU F 19 -6.74 46.56 -10.24
C LEU F 19 -6.78 45.55 -11.39
N ILE F 20 -7.19 44.32 -11.08
CA ILE F 20 -7.34 43.25 -12.10
C ILE F 20 -8.82 42.95 -12.19
N VAL F 21 -9.37 43.06 -13.39
CA VAL F 21 -10.78 42.75 -13.66
C VAL F 21 -10.84 41.39 -14.37
N GLY F 22 -11.26 40.36 -13.63
CA GLY F 22 -11.46 38.98 -14.12
C GLY F 22 -10.54 38.03 -13.38
N GLY F 23 -11.10 36.96 -12.82
CA GLY F 23 -10.37 35.92 -12.08
C GLY F 23 -10.40 34.61 -12.83
N GLY F 24 -10.30 34.65 -14.16
CA GLY F 24 -9.98 33.50 -15.02
C GLY F 24 -8.48 33.17 -15.00
N PRO F 25 -8.00 32.26 -15.86
CA PRO F 25 -6.57 31.92 -15.88
C PRO F 25 -5.67 33.15 -16.04
N ALA F 26 -6.00 34.06 -16.96
CA ALA F 26 -5.16 35.27 -17.20
C ALA F 26 -5.10 36.16 -15.96
N GLY F 27 -6.25 36.48 -15.37
CA GLY F 27 -6.26 37.37 -14.20
C GLY F 27 -5.60 36.71 -13.01
N LEU F 28 -5.82 35.41 -12.80
CA LEU F 28 -5.22 34.75 -11.60
C LEU F 28 -3.71 34.64 -11.81
N THR F 29 -3.26 34.42 -13.05
CA THR F 29 -1.80 34.40 -13.35
C THR F 29 -1.23 35.78 -13.00
N ALA F 30 -1.94 36.85 -13.39
CA ALA F 30 -1.46 38.23 -13.07
C ALA F 30 -1.38 38.42 -11.56
N ALA F 31 -2.44 38.08 -10.82
CA ALA F 31 -2.40 38.17 -9.33
C ALA F 31 -1.23 37.39 -8.77
N LEU F 32 -0.99 36.18 -9.26
CA LEU F 32 0.10 35.33 -8.70
C LEU F 32 1.48 35.94 -8.98
N ALA F 33 1.74 36.39 -10.21
CA ALA F 33 3.01 37.09 -10.56
C ALA F 33 3.17 38.34 -9.69
N LEU F 34 2.17 39.23 -9.68
CA LEU F 34 2.28 40.46 -8.84
C LEU F 34 2.48 40.02 -7.39
N SER F 35 1.81 38.95 -6.90
CA SER F 35 2.07 38.43 -5.53
C SER F 35 3.55 38.06 -5.36
N ARG F 36 4.13 37.30 -6.29
CA ARG F 36 5.56 36.90 -6.15
C ARG F 36 6.45 38.14 -6.18
N TYR F 37 6.07 39.17 -6.94
CA TYR F 37 6.91 40.39 -7.05
C TYR F 37 6.64 41.38 -5.89
N GLY F 38 5.78 41.06 -4.93
CA GLY F 38 5.55 41.93 -3.76
C GLY F 38 4.70 43.17 -4.03
N VAL F 39 3.91 43.22 -5.11
CA VAL F 39 3.08 44.38 -5.57
C VAL F 39 1.64 44.21 -5.09
N PRO F 40 1.16 45.03 -4.12
CA PRO F 40 -0.23 45.00 -3.72
C PRO F 40 -1.17 45.24 -4.91
N HIS F 41 -2.31 44.56 -4.89
CA HIS F 41 -3.27 44.58 -6.01
C HIS F 41 -4.63 44.14 -5.51
N LEU F 42 -5.62 44.35 -6.35
CA LEU F 42 -6.96 43.88 -6.01
C LEU F 42 -7.49 43.25 -7.28
N LEU F 43 -8.10 42.10 -7.10
CA LEU F 43 -8.75 41.38 -8.21
C LEU F 43 -10.25 41.30 -7.88
N VAL F 44 -11.08 41.55 -8.87
CA VAL F 44 -12.54 41.44 -8.73
C VAL F 44 -12.98 40.48 -9.82
N ASN F 45 -13.90 39.58 -9.49
CA ASN F 45 -14.42 38.57 -10.45
C ASN F 45 -15.93 38.56 -10.30
N ARG F 46 -16.65 38.62 -11.42
CA ARG F 46 -18.10 38.86 -11.37
C ARG F 46 -18.78 37.60 -10.84
N HIS F 47 -18.34 36.40 -11.22
CA HIS F 47 -18.92 35.14 -10.70
C HIS F 47 -18.48 34.92 -9.24
N HIS F 48 -19.34 34.31 -8.42
CA HIS F 48 -19.03 34.00 -7.01
C HIS F 48 -17.98 32.87 -6.90
N GLY F 49 -17.89 31.96 -7.86
CA GLY F 49 -16.94 30.83 -7.80
C GLY F 49 -15.97 30.83 -8.99
N THR F 50 -15.01 29.92 -8.96
CA THR F 50 -14.09 29.57 -10.09
C THR F 50 -14.90 28.77 -11.11
N ALA F 51 -14.37 28.60 -12.31
CA ALA F 51 -14.97 27.78 -13.40
C ALA F 51 -15.62 26.53 -12.81
N HIS F 52 -16.82 26.22 -13.29
CA HIS F 52 -17.54 25.03 -12.78
C HIS F 52 -17.46 23.91 -13.81
N THR F 53 -16.93 24.17 -15.02
CA THR F 53 -16.75 23.12 -16.06
C THR F 53 -15.30 23.10 -16.55
N PRO F 54 -14.84 21.97 -17.17
CA PRO F 54 -13.43 21.84 -17.58
C PRO F 54 -12.90 22.95 -18.48
N ARG F 55 -13.66 23.34 -19.52
CA ARG F 55 -13.27 24.36 -20.53
C ARG F 55 -11.91 23.97 -21.13
N ALA F 56 -10.90 24.87 -21.10
CA ALA F 56 -9.54 24.59 -21.63
C ALA F 56 -8.73 23.72 -20.67
N HIS F 57 -7.84 22.88 -21.23
CA HIS F 57 -7.22 21.80 -20.43
C HIS F 57 -5.76 21.53 -20.85
N LEU F 58 -5.37 21.71 -22.10
CA LEU F 58 -3.95 21.38 -22.49
C LEU F 58 -2.97 22.46 -21.99
N LEU F 59 -2.04 22.08 -21.13
CA LEU F 59 -0.93 22.96 -20.70
C LEU F 59 0.33 22.60 -21.52
N ASN F 60 0.83 23.53 -22.33
CA ASN F 60 2.03 23.27 -23.17
C ASN F 60 3.30 23.52 -22.36
N GLN F 61 4.44 23.29 -22.99
CA GLN F 61 5.72 23.36 -22.22
C GLN F 61 5.98 24.79 -21.75
N ARG F 62 5.60 25.80 -22.52
CA ARG F 62 5.87 27.20 -22.11
C ARG F 62 5.08 27.54 -20.86
N THR F 63 3.82 27.13 -20.78
CA THR F 63 3.02 27.36 -19.56
C THR F 63 3.71 26.64 -18.39
N GLY F 64 4.17 25.40 -18.61
CA GLY F 64 4.95 24.63 -17.61
C GLY F 64 6.12 25.42 -17.05
N GLU F 65 6.88 26.07 -17.91
CA GLU F 65 8.08 26.85 -17.48
C GLU F 65 7.62 28.06 -16.63
N ILE F 66 6.53 28.69 -17.05
CA ILE F 66 5.97 29.88 -16.35
C ILE F 66 5.50 29.43 -14.96
N PHE F 67 4.86 28.24 -14.87
CA PHE F 67 4.38 27.74 -13.55
C PHE F 67 5.57 27.34 -12.71
N ARG F 68 6.71 26.94 -13.27
CA ARG F 68 7.95 26.72 -12.46
C ARG F 68 8.43 28.07 -11.94
N ASP F 69 8.50 29.10 -12.78
CA ASP F 69 8.94 30.45 -12.32
C ASP F 69 8.02 30.91 -11.16
N LEU F 70 6.71 30.76 -11.32
CA LEU F 70 5.72 31.22 -10.32
C LEU F 70 5.58 30.23 -9.14
N GLY F 71 6.35 29.13 -9.12
CA GLY F 71 6.44 28.20 -7.98
C GLY F 71 5.18 27.37 -7.78
N ILE F 72 4.40 27.09 -8.81
CA ILE F 72 3.23 26.18 -8.63
C ILE F 72 3.32 24.94 -9.49
N ALA F 73 4.43 24.67 -10.19
CA ALA F 73 4.46 23.58 -11.20
C ALA F 73 4.19 22.22 -10.55
N ASP F 74 4.76 21.95 -9.37
CA ASP F 74 4.55 20.64 -8.67
C ASP F 74 3.09 20.43 -8.29
N ARG F 75 2.43 21.44 -7.75
CA ARG F 75 0.96 21.33 -7.45
C ARG F 75 0.20 21.00 -8.73
N VAL F 76 0.51 21.66 -9.84
CA VAL F 76 -0.20 21.41 -11.13
C VAL F 76 0.11 20.00 -11.60
N GLU F 77 1.38 19.60 -11.60
CA GLU F 77 1.79 18.26 -12.07
C GLU F 77 1.08 17.15 -11.26
N ALA F 78 0.89 17.30 -9.95
CA ALA F 78 0.33 16.25 -9.07
C ALA F 78 -1.11 15.89 -9.49
N HIS F 79 -1.82 16.81 -10.14
CA HIS F 79 -3.26 16.66 -10.51
C HIS F 79 -3.41 16.40 -12.02
N ALA F 80 -2.46 16.79 -12.86
CA ALA F 80 -2.63 16.81 -14.33
C ALA F 80 -2.44 15.41 -14.94
N THR F 81 -3.02 15.15 -16.11
CA THR F 81 -2.73 13.93 -16.90
C THR F 81 -1.33 14.10 -17.45
N PRO F 82 -0.41 13.12 -17.27
CA PRO F 82 0.92 13.26 -17.86
C PRO F 82 0.89 13.10 -19.38
N GLY F 83 1.90 13.69 -20.06
CA GLY F 83 2.10 13.68 -21.52
C GLY F 83 2.05 12.31 -22.16
N HIS F 84 2.55 11.23 -21.56
CA HIS F 84 2.61 9.91 -22.25
C HIS F 84 1.20 9.29 -22.43
N LEU F 85 0.20 9.78 -21.70
CA LEU F 85 -1.21 9.34 -21.87
C LEU F 85 -1.92 10.26 -22.87
N MET F 86 -1.19 11.22 -23.45
CA MET F 86 -1.69 12.06 -24.60
C MET F 86 -0.82 11.75 -25.85
N ALA F 87 -0.51 10.48 -26.08
CA ALA F 87 0.56 10.02 -26.98
C ALA F 87 0.15 10.12 -28.44
N ASN F 88 -1.16 10.06 -28.74
CA ASN F 88 -1.70 9.97 -30.12
C ASN F 88 -2.82 11.00 -30.32
N HIS F 89 -3.09 11.31 -31.57
CA HIS F 89 -4.31 11.98 -32.07
C HIS F 89 -4.98 10.98 -33.03
N VAL F 90 -6.20 10.57 -32.72
CA VAL F 90 -6.89 9.45 -33.41
C VAL F 90 -8.06 9.98 -34.25
N PHE F 91 -8.21 9.48 -35.46
CA PHE F 91 -9.41 9.63 -36.32
C PHE F 91 -10.06 8.26 -36.44
N MET F 92 -11.35 8.17 -36.11
CA MET F 92 -12.04 6.87 -36.16
C MET F 92 -13.44 7.00 -36.76
N SER F 93 -14.14 5.88 -36.83
CA SER F 93 -15.60 5.78 -37.06
C SER F 93 -16.31 6.00 -35.74
N THR F 94 -16.97 4.98 -35.21
CA THR F 94 -17.45 5.05 -33.82
C THR F 94 -16.24 4.77 -32.92
N PHE F 95 -16.34 5.02 -31.63
CA PHE F 95 -15.26 4.67 -30.67
C PHE F 95 -15.05 3.15 -30.69
N ALA F 96 -16.13 2.37 -30.78
CA ALA F 96 -16.07 0.88 -30.76
C ALA F 96 -15.74 0.33 -32.14
N GLY F 97 -15.81 1.14 -33.20
CA GLY F 97 -15.65 0.62 -34.56
C GLY F 97 -14.23 0.77 -35.09
N PRO F 98 -14.06 0.57 -36.41
CA PRO F 98 -12.78 0.70 -37.06
C PRO F 98 -12.21 2.11 -37.00
N GLU F 99 -10.87 2.13 -36.92
CA GLU F 99 -10.10 3.39 -36.84
C GLU F 99 -9.86 3.87 -38.27
N VAL F 100 -9.62 5.15 -38.43
CA VAL F 100 -9.38 5.76 -39.76
C VAL F 100 -7.90 6.13 -39.87
N ALA F 101 -7.35 6.83 -38.90
CA ALA F 101 -5.97 7.36 -39.00
C ALA F 101 -5.43 7.68 -37.61
N ARG F 102 -4.11 7.85 -37.49
CA ARG F 102 -3.44 8.10 -36.19
C ARG F 102 -2.09 8.76 -36.44
N ILE F 103 -1.78 9.78 -35.64
CA ILE F 103 -0.44 10.40 -35.58
C ILE F 103 0.00 10.46 -34.12
N GLY F 104 1.30 10.50 -33.91
CA GLY F 104 1.86 10.87 -32.59
C GLY F 104 1.46 12.28 -32.27
N ALA F 105 1.24 12.57 -30.98
CA ALA F 105 0.81 13.89 -30.52
C ALA F 105 1.70 14.35 -29.39
N TYR F 106 1.74 15.66 -29.24
CA TYR F 106 2.41 16.38 -28.13
C TYR F 106 3.82 15.81 -27.91
N GLY F 107 4.55 15.51 -28.98
CA GLY F 107 5.98 15.18 -28.93
C GLY F 107 6.24 13.75 -28.48
N ASN F 108 5.22 12.90 -28.50
CA ASN F 108 5.33 11.51 -28.00
C ASN F 108 5.86 10.63 -29.13
N GLY F 109 5.71 11.08 -30.38
CA GLY F 109 6.10 10.24 -31.54
C GLY F 109 7.61 10.17 -31.60
N PRO F 110 8.20 9.02 -31.96
CA PRO F 110 9.65 8.88 -32.03
C PRO F 110 10.30 9.99 -32.86
N ASP F 111 9.64 10.45 -33.90
CA ASP F 111 10.33 11.43 -34.75
C ASP F 111 10.35 12.80 -34.06
N ARG F 112 9.62 13.04 -32.95
CA ARG F 112 9.56 14.41 -32.35
C ARG F 112 10.03 14.41 -30.88
N ILE F 113 10.12 13.25 -30.25
CA ILE F 113 10.33 13.16 -28.78
C ILE F 113 11.67 13.76 -28.39
N GLY F 114 12.71 13.54 -29.19
CA GLY F 114 14.04 14.11 -28.89
C GLY F 114 13.99 15.62 -28.80
N GLU F 115 13.40 16.28 -29.81
CA GLU F 115 13.26 17.76 -29.84
C GLU F 115 12.38 18.25 -28.69
N TYR F 116 11.30 17.54 -28.34
CA TYR F 116 10.41 18.01 -27.23
C TYR F 116 11.18 17.93 -25.91
N ARG F 117 11.95 16.85 -25.69
CA ARG F 117 12.72 16.72 -24.42
C ARG F 117 13.87 17.71 -24.35
N ALA F 118 14.58 17.97 -25.45
CA ALA F 118 15.68 18.96 -25.45
C ALA F 118 15.17 20.40 -25.23
N ALA F 119 13.93 20.70 -25.60
CA ALA F 119 13.46 22.11 -25.73
C ALA F 119 13.14 22.77 -24.38
N SER F 120 12.79 22.04 -23.31
CA SER F 120 12.19 22.64 -22.10
C SER F 120 12.44 21.71 -20.91
N PRO F 121 12.58 22.24 -19.68
CA PRO F 121 12.59 21.37 -18.52
C PRO F 121 11.18 20.82 -18.26
N SER F 122 10.14 21.36 -18.92
CA SER F 122 8.74 20.96 -18.65
C SER F 122 8.23 20.05 -19.78
N GLY F 123 7.33 19.13 -19.44
CA GLY F 123 6.46 18.40 -20.37
C GLY F 123 5.15 19.14 -20.61
N LEU F 124 4.33 18.62 -21.52
CA LEU F 124 2.92 19.03 -21.65
C LEU F 124 2.10 18.18 -20.68
N CYS F 125 0.96 18.67 -20.23
CA CYS F 125 0.02 17.92 -19.36
C CYS F 125 -1.40 18.47 -19.55
N ASN F 126 -2.39 17.79 -18.99
CA ASN F 126 -3.82 18.13 -19.13
C ASN F 126 -4.41 18.36 -17.74
N LEU F 127 -4.74 19.60 -17.41
CA LEU F 127 -5.45 19.97 -16.16
C LEU F 127 -6.57 20.93 -16.52
N PRO F 128 -7.86 20.53 -16.42
CA PRO F 128 -8.97 21.41 -16.81
C PRO F 128 -9.11 22.60 -15.84
N GLN F 129 -9.78 23.65 -16.28
CA GLN F 129 -9.84 24.97 -15.60
C GLN F 129 -10.53 24.86 -14.23
N HIS F 130 -11.51 23.96 -14.07
CA HIS F 130 -12.23 23.80 -12.78
C HIS F 130 -11.25 23.30 -11.69
N LEU F 131 -10.13 22.66 -12.06
CA LEU F 131 -9.08 22.17 -11.10
C LEU F 131 -7.90 23.15 -11.06
N LEU F 132 -7.51 23.75 -12.19
CA LEU F 132 -6.41 24.74 -12.24
C LEU F 132 -6.77 26.04 -11.50
N GLU F 133 -7.97 26.58 -11.69
CA GLU F 133 -8.25 27.93 -11.12
C GLU F 133 -8.12 27.90 -9.61
N PRO F 134 -8.66 26.88 -8.89
CA PRO F 134 -8.51 26.81 -7.45
C PRO F 134 -7.07 26.72 -6.97
N LEU F 135 -6.19 26.10 -7.75
CA LEU F 135 -4.77 26.03 -7.36
C LEU F 135 -4.23 27.45 -7.43
N LEU F 136 -4.55 28.21 -8.47
CA LEU F 136 -4.00 29.58 -8.59
C LEU F 136 -4.53 30.43 -7.40
N VAL F 137 -5.83 30.31 -7.09
CA VAL F 137 -6.49 31.07 -6.00
C VAL F 137 -5.77 30.74 -4.71
N GLU F 138 -5.54 29.47 -4.44
CA GLU F 138 -4.87 29.08 -3.18
C GLU F 138 -3.47 29.70 -3.11
N ALA F 139 -2.71 29.71 -4.20
CA ALA F 139 -1.34 30.26 -4.19
C ALA F 139 -1.44 31.76 -3.89
N VAL F 140 -2.39 32.45 -4.51
CA VAL F 140 -2.58 33.91 -4.26
C VAL F 140 -3.05 34.12 -2.81
N GLN F 141 -3.95 33.29 -2.27
CA GLN F 141 -4.38 33.47 -0.84
C GLN F 141 -3.21 33.24 0.12
N GLU F 142 -2.37 32.23 -0.09
CA GLU F 142 -1.19 31.93 0.77
C GLU F 142 -0.16 33.06 0.74
N ALA F 143 0.02 33.72 -0.39
CA ALA F 143 1.03 34.81 -0.45
C ALA F 143 0.52 36.03 0.36
N CYS F 144 -0.78 36.31 0.34
CA CYS F 144 -1.41 37.45 1.09
C CYS F 144 -0.71 38.79 0.75
N VAL F 145 -0.56 39.12 -0.52
CA VAL F 145 0.02 40.39 -1.05
C VAL F 145 -1.10 41.18 -1.72
N GLY F 146 -1.98 40.49 -2.41
CA GLY F 146 -3.18 41.05 -3.05
C GLY F 146 -4.44 40.52 -2.39
N GLN F 147 -5.57 41.03 -2.83
CA GLN F 147 -6.90 40.63 -2.30
C GLN F 147 -7.73 40.17 -3.48
N LEU F 148 -8.38 39.02 -3.33
CA LEU F 148 -9.35 38.49 -4.31
C LEU F 148 -10.76 38.89 -3.83
N ARG F 149 -11.61 39.33 -4.74
CA ARG F 149 -13.04 39.64 -4.48
C ARG F 149 -13.89 39.00 -5.56
N PHE F 150 -14.37 37.79 -5.28
CA PHE F 150 -15.36 37.07 -6.12
C PHE F 150 -16.77 37.61 -5.79
N GLY F 151 -17.66 37.59 -6.78
CA GLY F 151 -19.01 38.19 -6.68
C GLY F 151 -18.99 39.71 -6.84
N HIS F 152 -17.92 40.27 -7.41
CA HIS F 152 -17.77 41.75 -7.56
C HIS F 152 -17.52 42.09 -9.01
N GLU F 153 -18.38 42.94 -9.55
CA GLU F 153 -18.57 43.19 -10.99
C GLU F 153 -18.05 44.59 -11.33
N PHE F 154 -17.09 44.66 -12.25
CA PHE F 154 -16.60 45.92 -12.83
C PHE F 154 -17.71 46.46 -13.74
N VAL F 155 -18.01 47.75 -13.58
CA VAL F 155 -19.10 48.40 -14.38
C VAL F 155 -18.47 49.31 -15.43
N SER F 156 -17.57 50.21 -15.04
CA SER F 156 -17.01 51.19 -15.99
C SER F 156 -15.73 51.79 -15.42
N LEU F 157 -14.95 52.46 -16.26
CA LEU F 157 -13.73 53.16 -15.77
C LEU F 157 -13.57 54.54 -16.42
N GLU F 158 -12.79 55.40 -15.78
CA GLU F 158 -12.22 56.64 -16.36
C GLU F 158 -10.71 56.62 -16.07
N GLN F 159 -9.89 56.98 -17.05
CA GLN F 159 -8.44 57.14 -16.82
C GLN F 159 -8.01 58.57 -17.20
N ASP F 160 -6.94 59.02 -16.55
CA ASP F 160 -6.26 60.33 -16.70
C ASP F 160 -4.75 60.07 -16.72
N GLU F 161 -3.94 61.12 -16.75
CA GLU F 161 -2.45 61.03 -16.83
C GLU F 161 -1.87 60.34 -15.60
N HIS F 162 -2.61 60.22 -14.49
CA HIS F 162 -2.03 59.72 -13.21
C HIS F 162 -2.65 58.40 -12.73
N GLY F 163 -3.73 57.93 -13.36
CA GLY F 163 -4.36 56.72 -12.84
C GLY F 163 -5.62 56.33 -13.55
N VAL F 164 -6.29 55.38 -12.92
CA VAL F 164 -7.56 54.80 -13.39
C VAL F 164 -8.52 54.83 -12.20
N THR F 165 -9.77 55.12 -12.51
CA THR F 165 -10.88 55.22 -11.54
C THR F 165 -11.95 54.27 -12.05
N SER F 166 -12.29 53.25 -11.28
CA SER F 166 -13.17 52.16 -11.77
C SER F 166 -14.41 52.10 -10.88
N ARG F 167 -15.56 51.82 -11.49
CA ARG F 167 -16.80 51.63 -10.70
C ARG F 167 -17.13 50.13 -10.65
N ILE F 168 -17.24 49.64 -9.40
CA ILE F 168 -17.49 48.21 -9.02
C ILE F 168 -18.80 48.12 -8.25
N THR F 169 -19.54 47.04 -8.50
CA THR F 169 -20.76 46.63 -7.77
C THR F 169 -20.54 45.28 -7.08
N ASP F 170 -20.64 45.26 -5.76
CA ASP F 170 -20.80 44.03 -4.94
C ASP F 170 -22.17 43.46 -5.25
N ARG F 171 -22.23 42.32 -5.93
CA ARG F 171 -23.50 41.78 -6.46
C ARG F 171 -24.45 41.32 -5.35
N ARG F 172 -23.95 40.97 -4.16
CA ARG F 172 -24.81 40.35 -3.11
C ARG F 172 -25.57 41.47 -2.39
N THR F 173 -24.87 42.57 -2.09
CA THR F 173 -25.40 43.77 -1.41
C THR F 173 -25.92 44.83 -2.40
N GLY F 174 -25.55 44.75 -3.68
CA GLY F 174 -25.85 45.80 -4.68
C GLY F 174 -25.17 47.12 -4.33
N ARG F 175 -24.22 47.12 -3.38
CA ARG F 175 -23.44 48.32 -3.02
C ARG F 175 -22.44 48.64 -4.13
N ASP F 176 -22.32 49.93 -4.45
CA ASP F 176 -21.34 50.44 -5.43
C ASP F 176 -20.21 51.13 -4.67
N TYR F 177 -19.01 51.07 -5.27
CA TYR F 177 -17.79 51.68 -4.75
C TYR F 177 -16.84 51.94 -5.93
N THR F 178 -15.87 52.80 -5.69
CA THR F 178 -14.89 53.23 -6.70
C THR F 178 -13.53 52.73 -6.25
N VAL F 179 -12.74 52.30 -7.22
CA VAL F 179 -11.32 51.94 -6.99
C VAL F 179 -10.45 52.86 -7.84
N ARG F 180 -9.44 53.44 -7.20
CA ARG F 180 -8.46 54.27 -7.93
C ARG F 180 -7.17 53.47 -7.95
N SER F 181 -6.60 53.23 -9.12
CA SER F 181 -5.35 52.47 -9.27
C SER F 181 -4.43 53.21 -10.23
N ASP F 182 -3.12 52.97 -10.13
CA ASP F 182 -2.10 53.36 -11.14
C ASP F 182 -2.30 52.66 -12.47
N TYR F 183 -2.65 51.37 -12.43
CA TYR F 183 -2.85 50.55 -13.67
C TYR F 183 -4.04 49.63 -13.49
N LEU F 184 -4.63 49.25 -14.61
CA LEU F 184 -5.70 48.26 -14.64
C LEU F 184 -5.37 47.19 -15.67
N ILE F 185 -5.64 45.96 -15.29
CA ILE F 185 -5.47 44.77 -16.17
C ILE F 185 -6.86 44.27 -16.53
N GLY F 186 -7.22 44.35 -17.81
CA GLY F 186 -8.46 43.80 -18.36
C GLY F 186 -8.33 42.31 -18.63
N ALA F 187 -8.72 41.46 -17.68
CA ALA F 187 -8.63 39.97 -17.76
C ALA F 187 -10.03 39.34 -17.66
N ASP F 188 -11.01 39.89 -18.38
CA ASP F 188 -12.45 39.68 -18.12
C ASP F 188 -13.05 38.87 -19.27
N GLY F 189 -12.19 38.24 -20.09
CA GLY F 189 -12.62 37.17 -21.00
C GLY F 189 -13.28 37.72 -22.26
N ALA F 190 -13.94 36.85 -23.02
CA ALA F 190 -14.58 37.25 -24.29
C ALA F 190 -15.62 38.35 -24.00
N ARG F 191 -15.88 39.22 -24.97
CA ARG F 191 -16.93 40.27 -24.85
C ARG F 191 -16.54 41.13 -23.64
N SER F 192 -15.24 41.37 -23.48
CA SER F 192 -14.59 42.13 -22.40
C SER F 192 -15.26 43.50 -22.26
N ARG F 193 -15.81 43.78 -21.08
CA ARG F 193 -16.37 45.11 -20.73
C ARG F 193 -15.23 46.13 -20.74
N VAL F 194 -14.05 45.74 -20.27
CA VAL F 194 -12.91 46.68 -20.17
C VAL F 194 -12.50 47.14 -21.56
N LEU F 195 -12.34 46.21 -22.50
CA LEU F 195 -11.77 46.58 -23.81
C LEU F 195 -12.78 47.46 -24.56
N ALA F 196 -14.07 47.19 -24.36
CA ALA F 196 -15.21 47.96 -24.91
C ALA F 196 -15.09 49.42 -24.47
N GLN F 197 -14.80 49.63 -23.17
CA GLN F 197 -14.66 50.96 -22.49
C GLN F 197 -13.49 51.73 -23.09
N LEU F 198 -12.45 51.04 -23.55
CA LEU F 198 -11.26 51.68 -24.15
C LEU F 198 -11.58 52.03 -25.60
N GLY F 199 -12.73 51.57 -26.11
CA GLY F 199 -13.20 51.81 -27.50
C GLY F 199 -12.47 50.94 -28.51
N ILE F 200 -11.88 49.80 -28.09
CA ILE F 200 -11.16 48.87 -29.00
C ILE F 200 -12.11 47.74 -29.36
N ALA F 201 -12.29 47.54 -30.66
CA ALA F 201 -13.13 46.48 -31.26
C ALA F 201 -12.19 45.40 -31.82
N LEU F 202 -12.46 44.15 -31.51
CA LEU F 202 -11.73 42.98 -32.07
C LEU F 202 -11.88 42.98 -33.59
N ASP F 203 -10.85 42.53 -34.31
CA ASP F 203 -10.94 42.25 -35.76
C ASP F 203 -11.17 40.76 -35.98
N GLY F 204 -12.14 40.42 -36.83
CA GLY F 204 -12.41 39.07 -37.34
C GLY F 204 -13.82 38.63 -36.97
N ALA F 205 -14.24 37.47 -37.47
CA ALA F 205 -15.64 37.01 -37.47
C ALA F 205 -16.10 36.64 -36.05
N THR F 206 -17.42 36.67 -35.81
CA THR F 206 -18.12 36.29 -34.55
C THR F 206 -19.17 35.21 -34.83
N GLY F 207 -19.43 34.33 -33.85
CA GLY F 207 -20.32 33.15 -33.99
C GLY F 207 -20.00 32.39 -35.26
N ILE F 208 -18.72 32.15 -35.55
CA ILE F 208 -18.26 31.40 -36.75
C ILE F 208 -18.61 29.91 -36.57
N ALA F 209 -19.10 29.54 -35.37
CA ALA F 209 -19.75 28.24 -35.13
C ALA F 209 -20.23 28.17 -33.69
N ARG F 210 -21.00 27.13 -33.40
CA ARG F 210 -21.36 26.71 -32.02
C ARG F 210 -20.70 25.34 -31.77
N ALA F 211 -20.12 25.19 -30.59
CA ALA F 211 -19.68 23.90 -30.02
C ALA F 211 -20.62 23.57 -28.87
N VAL F 212 -21.10 22.34 -28.81
CA VAL F 212 -21.84 21.80 -27.63
C VAL F 212 -20.91 20.79 -26.95
N THR F 213 -20.50 21.11 -25.71
CA THR F 213 -19.48 20.37 -24.93
C THR F 213 -20.23 19.67 -23.80
N THR F 214 -20.27 18.36 -23.85
CA THR F 214 -20.85 17.55 -22.77
C THR F 214 -19.72 16.97 -21.93
N TRP F 215 -19.79 17.20 -20.64
CA TRP F 215 -18.85 16.63 -19.64
C TRP F 215 -19.48 15.34 -19.13
N PHE F 216 -18.84 14.19 -19.28
CA PHE F 216 -19.54 12.92 -18.97
C PHE F 216 -18.57 11.88 -18.42
N GLU F 217 -19.15 10.85 -17.79
CA GLU F 217 -18.42 9.69 -17.24
C GLU F 217 -18.89 8.46 -17.98
N ALA F 218 -17.93 7.65 -18.40
CA ALA F 218 -18.14 6.36 -19.06
C ALA F 218 -16.79 5.65 -19.07
N ASP F 219 -16.75 4.38 -18.66
CA ASP F 219 -15.56 3.53 -18.83
C ASP F 219 -15.35 3.17 -20.31
N LEU F 220 -14.47 3.89 -20.98
CA LEU F 220 -14.14 3.60 -22.39
C LEU F 220 -12.71 3.05 -22.52
N SER F 221 -12.15 2.51 -21.43
CA SER F 221 -10.73 2.06 -21.47
C SER F 221 -10.59 0.99 -22.55
N ARG F 222 -11.62 0.20 -22.77
CA ARG F 222 -11.53 -0.89 -23.76
C ARG F 222 -11.28 -0.33 -25.15
N TYR F 223 -11.70 0.89 -25.43
CA TYR F 223 -11.59 1.47 -26.80
C TYR F 223 -10.44 2.49 -26.84
N SER F 224 -9.76 2.74 -25.73
CA SER F 224 -8.86 3.89 -25.63
C SER F 224 -7.47 3.49 -25.12
N ALA F 225 -7.35 2.54 -24.17
CA ALA F 225 -6.09 2.35 -23.45
C ALA F 225 -5.00 1.86 -24.41
N HIS F 226 -5.36 1.12 -25.44
CA HIS F 226 -4.37 0.57 -26.40
C HIS F 226 -3.87 1.63 -27.40
N ARG F 227 -4.45 2.82 -27.40
CA ARG F 227 -4.12 3.94 -28.32
C ARG F 227 -4.34 5.23 -27.54
N PRO F 228 -3.55 5.48 -26.47
CA PRO F 228 -3.82 6.62 -25.60
C PRO F 228 -3.76 7.91 -26.39
N ALA F 229 -4.78 8.76 -26.21
CA ALA F 229 -4.85 10.09 -26.84
C ALA F 229 -5.54 11.09 -25.94
N LEU F 230 -5.24 12.37 -26.12
CA LEU F 230 -6.13 13.41 -25.59
C LEU F 230 -7.40 13.44 -26.45
N LEU F 231 -7.25 13.40 -27.77
CA LEU F 231 -8.35 13.62 -28.74
C LEU F 231 -8.63 12.38 -29.59
N TYR F 232 -9.89 11.96 -29.61
CA TYR F 232 -10.40 10.92 -30.51
C TYR F 232 -11.50 11.55 -31.38
N MET F 233 -11.27 11.64 -32.67
CA MET F 233 -12.20 12.33 -33.58
C MET F 233 -12.93 11.29 -34.43
N GLY F 234 -14.22 11.16 -34.15
CA GLY F 234 -15.08 10.10 -34.69
C GLY F 234 -16.02 10.63 -35.75
N ALA F 235 -16.53 9.72 -36.58
CA ALA F 235 -17.57 10.01 -37.59
C ALA F 235 -18.58 8.85 -37.57
N VAL F 236 -19.81 9.09 -37.13
CA VAL F 236 -20.86 8.03 -37.14
C VAL F 236 -21.19 7.75 -38.61
N PRO F 237 -20.91 6.55 -39.15
CA PRO F 237 -21.22 6.26 -40.55
C PRO F 237 -22.69 6.60 -40.85
N GLY F 238 -22.86 7.24 -42.00
CA GLY F 238 -24.16 7.70 -42.49
C GLY F 238 -24.36 9.18 -42.21
N SER F 239 -23.37 9.87 -41.63
CA SER F 239 -23.47 11.35 -41.42
C SER F 239 -22.55 12.12 -42.37
N PRO F 240 -22.83 13.43 -42.54
CA PRO F 240 -22.01 14.26 -43.41
C PRO F 240 -20.66 14.50 -42.75
N PRO F 241 -19.61 14.82 -43.54
CA PRO F 241 -18.31 15.20 -42.99
C PRO F 241 -18.31 16.21 -41.82
N ALA F 242 -19.12 17.27 -41.87
CA ALA F 242 -19.17 18.36 -40.86
C ALA F 242 -19.59 17.83 -39.49
N ASP F 243 -20.26 16.68 -39.44
CA ASP F 243 -20.88 16.14 -38.20
C ASP F 243 -19.86 15.28 -37.42
N GLY F 244 -18.66 15.79 -37.22
CA GLY F 244 -17.60 15.20 -36.40
C GLY F 244 -18.00 15.11 -34.94
N ARG F 245 -17.60 14.02 -34.29
CA ARG F 245 -17.76 13.84 -32.83
C ARG F 245 -16.36 13.84 -32.21
N VAL F 246 -16.07 14.79 -31.33
CA VAL F 246 -14.75 14.88 -30.68
C VAL F 246 -14.86 14.42 -29.24
N PHE F 247 -14.19 13.32 -28.91
CA PHE F 247 -13.95 12.91 -27.50
C PHE F 247 -12.64 13.48 -27.00
N VAL F 248 -12.68 14.04 -25.79
CA VAL F 248 -11.50 14.59 -25.07
C VAL F 248 -11.34 13.81 -23.76
N SER F 249 -10.18 13.14 -23.60
CA SER F 249 -9.83 12.42 -22.35
C SER F 249 -9.54 13.43 -21.24
N LEU F 250 -10.27 13.42 -20.12
CA LEU F 250 -9.91 14.25 -18.93
C LEU F 250 -9.30 13.43 -17.78
N ARG F 251 -9.86 12.27 -17.45
CA ARG F 251 -9.24 11.32 -16.50
C ARG F 251 -9.25 9.96 -17.19
N PRO F 252 -8.11 9.54 -17.79
CA PRO F 252 -8.02 8.25 -18.48
C PRO F 252 -8.55 7.11 -17.63
N TRP F 253 -9.53 6.31 -18.09
CA TRP F 253 -10.27 6.47 -19.33
C TRP F 253 -11.77 6.56 -19.00
N THR F 254 -12.13 7.28 -17.93
CA THR F 254 -13.48 7.24 -17.31
C THR F 254 -14.14 8.61 -17.34
N GLU F 255 -13.37 9.67 -17.51
CA GLU F 255 -13.96 11.05 -17.53
C GLU F 255 -13.56 11.71 -18.84
N TRP F 256 -14.57 12.33 -19.49
CA TRP F 256 -14.55 12.73 -20.93
C TRP F 256 -15.28 14.05 -21.18
N LEU F 257 -14.88 14.78 -22.23
CA LEU F 257 -15.78 15.71 -22.95
C LEU F 257 -16.17 15.07 -24.27
N HIS F 258 -17.31 15.47 -24.77
CA HIS F 258 -17.82 15.11 -26.12
C HIS F 258 -18.23 16.41 -26.79
N LEU F 259 -17.61 16.77 -27.91
CA LEU F 259 -17.94 18.02 -28.65
C LEU F 259 -18.66 17.67 -29.94
N THR F 260 -19.80 18.34 -30.21
CA THR F 260 -20.38 18.46 -31.58
C THR F 260 -20.38 19.93 -32.03
N PHE F 261 -20.51 20.15 -33.34
CA PHE F 261 -20.68 21.49 -33.97
C PHE F 261 -21.98 21.43 -34.76
N PRO F 262 -23.13 21.66 -34.09
CA PRO F 262 -24.42 21.64 -34.78
C PRO F 262 -24.40 22.66 -35.92
N PRO F 263 -25.09 22.37 -37.05
CA PRO F 263 -25.39 23.41 -38.05
C PRO F 263 -26.14 24.59 -37.43
N PRO F 264 -26.05 25.82 -37.99
CA PRO F 264 -26.54 27.02 -37.30
C PRO F 264 -28.09 27.01 -37.20
N THR F 265 -28.73 26.23 -38.08
CA THR F 265 -30.20 26.05 -38.24
C THR F 265 -30.73 25.06 -37.20
N ALA F 266 -29.88 24.17 -36.67
CA ALA F 266 -30.22 23.19 -35.61
C ALA F 266 -30.49 23.94 -34.30
N ASP F 267 -31.41 23.44 -33.47
CA ASP F 267 -31.79 24.12 -32.20
C ASP F 267 -31.26 23.27 -31.03
N VAL F 268 -30.44 23.89 -30.19
CA VAL F 268 -29.62 23.22 -29.15
C VAL F 268 -30.31 23.46 -27.80
N ASP F 269 -30.87 22.42 -27.20
CA ASP F 269 -31.36 22.47 -25.81
C ASP F 269 -30.31 21.85 -24.89
N VAL F 270 -29.49 22.69 -24.27
CA VAL F 270 -28.51 22.32 -23.22
C VAL F 270 -29.17 21.42 -22.14
N GLU F 271 -30.44 21.66 -21.78
CA GLU F 271 -31.11 20.88 -20.70
C GLU F 271 -31.70 19.56 -21.23
N ASP F 272 -31.63 19.26 -22.53
CA ASP F 272 -32.16 17.97 -23.03
C ASP F 272 -31.09 16.86 -22.87
N HIS F 273 -30.78 16.49 -21.63
CA HIS F 273 -29.78 15.46 -21.27
C HIS F 273 -30.11 14.15 -21.98
N GLU F 274 -31.39 13.78 -22.08
CA GLU F 274 -31.73 12.45 -22.64
C GLU F 274 -31.26 12.37 -24.09
N ALA F 275 -31.23 13.51 -24.79
CA ALA F 275 -30.90 13.59 -26.23
C ALA F 275 -29.38 13.66 -26.43
N VAL F 276 -28.68 14.44 -25.60
CA VAL F 276 -27.19 14.53 -25.57
C VAL F 276 -26.63 13.12 -25.33
N ARG F 277 -27.13 12.43 -24.32
CA ARG F 277 -26.80 11.04 -23.92
C ARG F 277 -26.99 10.09 -25.12
N ALA F 278 -28.10 10.22 -25.84
CA ALA F 278 -28.43 9.37 -27.00
C ALA F 278 -27.40 9.61 -28.11
N GLY F 279 -27.01 10.86 -28.34
CA GLY F 279 -25.98 11.16 -29.35
C GLY F 279 -24.61 10.57 -28.96
N ILE F 280 -24.27 10.64 -27.68
CA ILE F 280 -22.95 10.17 -27.16
C ILE F 280 -22.90 8.65 -27.35
N ARG F 281 -23.95 7.93 -26.92
CA ARG F 281 -24.06 6.46 -27.12
C ARG F 281 -23.92 6.12 -28.60
N GLU F 282 -24.46 6.95 -29.49
CA GLU F 282 -24.32 6.79 -30.96
C GLU F 282 -22.86 7.01 -31.38
N SER F 283 -22.22 8.04 -30.84
CA SER F 283 -20.79 8.33 -31.15
C SER F 283 -19.94 7.14 -30.69
N ILE F 284 -20.27 6.56 -29.52
CA ILE F 284 -19.51 5.42 -28.94
C ILE F 284 -19.70 4.17 -29.81
N GLY F 285 -20.93 3.86 -30.23
CA GLY F 285 -21.22 2.71 -31.12
C GLY F 285 -21.25 1.39 -30.37
N ASP F 286 -21.52 1.45 -29.06
CA ASP F 286 -21.62 0.28 -28.15
C ASP F 286 -22.65 0.63 -27.08
N PRO F 287 -23.96 0.36 -27.35
CA PRO F 287 -25.04 0.69 -26.42
C PRO F 287 -25.00 0.03 -25.03
N THR F 288 -23.95 -0.72 -24.68
CA THR F 288 -23.79 -1.37 -23.34
C THR F 288 -22.82 -0.58 -22.44
N VAL F 289 -22.21 0.48 -22.96
CA VAL F 289 -21.41 1.44 -22.14
C VAL F 289 -22.36 2.43 -21.46
N ASP F 290 -22.19 2.61 -20.16
CA ASP F 290 -23.07 3.44 -19.31
C ASP F 290 -22.55 4.89 -19.29
N VAL F 291 -23.36 5.84 -19.76
CA VAL F 291 -23.03 7.30 -19.82
C VAL F 291 -23.75 8.08 -18.73
N THR F 292 -23.02 8.87 -17.94
CA THR F 292 -23.55 9.82 -16.92
C THR F 292 -23.17 11.26 -17.30
N ILE F 293 -24.17 12.09 -17.63
CA ILE F 293 -23.94 13.53 -17.96
C ILE F 293 -23.62 14.28 -16.68
N LYS F 294 -22.50 15.01 -16.63
CA LYS F 294 -22.22 15.95 -15.50
C LYS F 294 -22.62 17.36 -15.93
N ASN F 295 -22.56 17.68 -17.22
CA ASN F 295 -22.78 19.08 -17.66
C ASN F 295 -22.91 19.13 -19.18
N VAL F 296 -23.80 19.99 -19.70
CA VAL F 296 -23.87 20.29 -21.15
C VAL F 296 -23.74 21.80 -21.32
N SER F 297 -22.79 22.23 -22.14
CA SER F 297 -22.57 23.67 -22.45
C SER F 297 -22.63 23.88 -23.95
N ALA F 298 -23.22 24.99 -24.35
CA ALA F 298 -23.16 25.49 -25.74
C ALA F 298 -22.23 26.69 -25.72
N TRP F 299 -21.24 26.69 -26.61
CA TRP F 299 -20.16 27.68 -26.63
C TRP F 299 -20.17 28.30 -28.03
N GLU F 300 -20.29 29.62 -28.10
CA GLU F 300 -20.23 30.39 -29.37
C GLU F 300 -18.75 30.58 -29.71
N VAL F 301 -18.27 29.94 -30.78
CA VAL F 301 -16.86 29.93 -31.23
C VAL F 301 -16.61 31.13 -32.15
N ASN F 302 -15.55 31.89 -31.88
CA ASN F 302 -15.11 33.03 -32.72
C ASN F 302 -13.66 32.81 -33.16
N SER F 303 -13.22 33.55 -34.17
CA SER F 303 -11.77 33.82 -34.42
C SER F 303 -11.57 35.33 -34.60
N ALA F 304 -10.91 35.96 -33.62
CA ALA F 304 -10.80 37.42 -33.50
C ALA F 304 -9.60 37.75 -32.63
N VAL F 305 -8.93 38.84 -32.96
CA VAL F 305 -7.80 39.40 -32.18
C VAL F 305 -8.02 40.92 -32.09
N ALA F 306 -7.67 41.51 -30.95
CA ALA F 306 -7.69 42.97 -30.77
C ALA F 306 -6.55 43.56 -31.62
N PRO F 307 -6.80 44.66 -32.38
CA PRO F 307 -5.75 45.29 -33.17
C PRO F 307 -4.88 46.06 -32.18
N ARG F 308 -5.42 46.36 -31.00
CA ARG F 308 -4.66 46.97 -29.90
C ARG F 308 -4.99 46.30 -28.58
N TYR F 309 -3.97 46.08 -27.74
CA TYR F 309 -4.01 45.30 -26.47
C TYR F 309 -4.09 46.24 -25.27
N ALA F 310 -3.71 47.51 -25.44
CA ALA F 310 -3.59 48.46 -24.30
C ALA F 310 -3.97 49.87 -24.72
N SER F 311 -4.39 50.68 -23.76
CA SER F 311 -4.70 52.11 -24.01
C SER F 311 -4.49 52.88 -22.73
N GLY F 312 -3.49 53.77 -22.75
CA GLY F 312 -3.04 54.53 -21.57
C GLY F 312 -2.51 53.61 -20.50
N ARG F 313 -3.24 53.44 -19.40
CA ARG F 313 -2.73 52.71 -18.21
C ARG F 313 -3.54 51.43 -17.99
N VAL F 314 -4.33 51.05 -18.98
CA VAL F 314 -5.23 49.87 -19.00
C VAL F 314 -4.62 48.89 -20.02
N PHE F 315 -4.37 47.65 -19.59
CA PHE F 315 -3.78 46.55 -20.38
C PHE F 315 -4.72 45.36 -20.33
N CYS F 316 -5.07 44.84 -21.50
CA CYS F 316 -5.98 43.68 -21.62
C CYS F 316 -5.17 42.43 -21.97
N VAL F 317 -5.56 41.31 -21.35
CA VAL F 317 -4.87 39.99 -21.44
C VAL F 317 -5.88 38.89 -21.84
N GLY F 318 -5.39 37.86 -22.52
CA GLY F 318 -6.10 36.57 -22.62
C GLY F 318 -7.29 36.68 -23.56
N ASP F 319 -8.42 36.11 -23.13
CA ASP F 319 -9.62 35.99 -24.00
C ASP F 319 -10.22 37.39 -24.25
N ALA F 320 -9.87 38.39 -23.45
CA ALA F 320 -10.30 39.79 -23.70
C ALA F 320 -9.74 40.26 -25.05
N VAL F 321 -8.53 39.81 -25.44
CA VAL F 321 -7.85 40.32 -26.66
C VAL F 321 -7.69 39.26 -27.76
N HIS F 322 -8.00 37.97 -27.53
CA HIS F 322 -7.98 36.93 -28.61
C HIS F 322 -8.97 35.82 -28.28
N GLN F 323 -9.67 35.32 -29.29
CA GLN F 323 -10.63 34.20 -29.14
C GLN F 323 -10.44 33.33 -30.36
N ASN F 324 -10.48 32.01 -30.19
CA ASN F 324 -10.27 31.14 -31.36
C ASN F 324 -10.96 29.81 -31.08
N PRO F 325 -11.05 28.93 -32.08
CA PRO F 325 -11.57 27.62 -31.77
C PRO F 325 -10.61 26.92 -30.80
N PRO F 326 -11.09 25.86 -30.13
CA PRO F 326 -10.25 25.12 -29.19
C PRO F 326 -9.06 24.34 -29.82
N THR F 327 -9.05 24.11 -31.13
CA THR F 327 -7.94 23.48 -31.92
C THR F 327 -6.61 24.17 -31.58
N ASN F 328 -5.56 23.37 -31.28
CA ASN F 328 -4.20 23.80 -30.85
C ASN F 328 -4.11 24.06 -29.33
N GLY F 329 -5.24 24.30 -28.64
CA GLY F 329 -5.27 24.56 -27.18
C GLY F 329 -4.41 25.76 -26.80
N LEU F 330 -4.31 26.74 -27.69
CA LEU F 330 -3.37 27.89 -27.52
C LEU F 330 -3.97 28.96 -26.60
N GLY F 331 -5.30 29.05 -26.51
CA GLY F 331 -6.02 30.13 -25.78
C GLY F 331 -5.55 30.30 -24.35
N LEU F 332 -5.67 29.25 -23.53
CA LEU F 332 -5.22 29.29 -22.11
C LEU F 332 -3.70 29.49 -21.98
N ASN F 333 -2.89 28.83 -22.79
CA ASN F 333 -1.41 28.98 -22.70
C ASN F 333 -1.04 30.45 -23.01
N SER F 334 -1.71 31.05 -24.00
CA SER F 334 -1.49 32.46 -24.44
C SER F 334 -1.89 33.44 -23.34
N ALA F 335 -3.03 33.19 -22.70
CA ALA F 335 -3.51 34.00 -21.57
C ALA F 335 -2.44 34.03 -20.47
N VAL F 336 -1.87 32.88 -20.08
CA VAL F 336 -0.84 32.80 -19.02
C VAL F 336 0.37 33.63 -19.46
N ALA F 337 0.82 33.48 -20.69
CA ALA F 337 2.06 34.14 -21.17
C ALA F 337 1.79 35.65 -21.41
N ASP F 338 0.55 36.05 -21.75
CA ASP F 338 0.16 37.49 -21.79
C ASP F 338 0.40 38.09 -20.40
N SER F 339 -0.18 37.53 -19.33
CA SER F 339 0.00 38.08 -17.97
C SER F 339 1.48 38.08 -17.55
N PHE F 340 2.21 37.04 -17.91
CA PHE F 340 3.60 36.89 -17.44
C PHE F 340 4.49 37.90 -18.21
N ASN F 341 4.15 38.24 -19.45
CA ASN F 341 4.84 39.31 -20.21
C ASN F 341 4.65 40.68 -19.49
N LEU F 342 3.42 41.00 -19.12
CA LEU F 342 3.03 42.31 -18.55
C LEU F 342 3.54 42.51 -17.12
N CYS F 343 3.39 41.56 -16.19
CA CYS F 343 3.49 41.90 -14.74
C CYS F 343 4.87 42.37 -14.33
N TRP F 344 5.96 41.82 -14.85
CA TRP F 344 7.30 42.31 -14.40
C TRP F 344 7.52 43.77 -14.84
N LYS F 345 6.91 44.15 -15.98
CA LYS F 345 7.00 45.51 -16.57
C LYS F 345 6.27 46.50 -15.65
N LEU F 346 5.05 46.13 -15.24
CA LEU F 346 4.28 46.94 -14.27
C LEU F 346 5.08 47.12 -12.99
N LYS F 347 5.75 46.08 -12.51
CA LYS F 347 6.49 46.19 -11.22
C LYS F 347 7.57 47.28 -11.38
N LEU F 348 8.25 47.33 -12.52
CA LEU F 348 9.32 48.33 -12.72
C LEU F 348 8.70 49.74 -12.84
N ALA F 349 7.60 49.91 -13.58
CA ALA F 349 6.90 51.20 -13.76
C ALA F 349 6.52 51.74 -12.38
N LEU F 350 5.87 50.91 -11.56
CA LEU F 350 5.43 51.27 -10.18
C LEU F 350 6.62 51.68 -9.30
N GLU F 351 7.77 51.03 -9.38
CA GLU F 351 9.00 51.43 -8.63
C GLU F 351 9.63 52.71 -9.24
N GLY F 352 9.12 53.20 -10.38
CA GLY F 352 9.62 54.43 -11.04
C GLY F 352 10.87 54.18 -11.86
N LEU F 353 11.12 52.92 -12.26
CA LEU F 353 12.39 52.54 -12.94
C LEU F 353 12.14 52.31 -14.42
N ALA F 354 10.92 52.56 -14.89
CA ALA F 354 10.52 52.41 -16.28
C ALA F 354 9.22 53.19 -16.47
N GLY F 355 8.88 53.51 -17.70
CA GLY F 355 7.67 54.29 -17.93
C GLY F 355 6.80 53.66 -19.01
N PRO F 356 5.96 54.49 -19.64
CA PRO F 356 5.00 54.03 -20.64
C PRO F 356 5.69 53.32 -21.81
N GLY F 357 6.97 53.67 -22.04
CA GLY F 357 7.82 53.08 -23.09
C GLY F 357 8.02 51.59 -22.85
N LEU F 358 8.39 51.17 -21.64
CA LEU F 358 8.44 49.71 -21.29
C LEU F 358 7.03 49.10 -21.39
N LEU F 359 6.03 49.75 -20.82
CA LEU F 359 4.64 49.21 -20.82
C LEU F 359 4.08 49.10 -22.23
N ASP F 360 4.55 49.93 -23.16
CA ASP F 360 4.06 49.81 -24.56
C ASP F 360 4.58 48.48 -25.15
N THR F 361 5.67 47.91 -24.63
CA THR F 361 6.22 46.67 -25.26
C THR F 361 5.31 45.47 -24.98
N TYR F 362 4.36 45.58 -24.05
CA TYR F 362 3.35 44.51 -23.78
C TYR F 362 2.61 44.31 -25.08
N HIS F 363 1.95 45.36 -25.58
CA HIS F 363 1.28 45.33 -26.91
C HIS F 363 2.27 44.90 -28.00
N ASP F 364 3.48 45.47 -28.06
CA ASP F 364 4.37 45.22 -29.24
C ASP F 364 4.80 43.75 -29.31
N GLU F 365 5.03 43.11 -28.17
CA GLU F 365 5.41 41.66 -28.07
C GLU F 365 4.20 40.71 -28.16
N ARG F 366 3.08 40.96 -27.45
CA ARG F 366 2.00 39.95 -27.28
C ARG F 366 0.96 40.04 -28.40
N GLN F 367 0.76 41.22 -29.01
CA GLN F 367 -0.28 41.36 -30.06
C GLN F 367 0.06 40.49 -31.27
N PRO F 368 1.31 40.43 -31.81
CA PRO F 368 1.61 39.55 -32.95
C PRO F 368 1.46 38.06 -32.62
N VAL F 369 1.69 37.67 -31.36
CA VAL F 369 1.42 36.26 -30.89
C VAL F 369 -0.09 36.00 -30.95
N GLY F 370 -0.89 36.96 -30.50
CA GLY F 370 -2.35 36.89 -30.65
C GLY F 370 -2.75 36.64 -32.10
N ARG F 371 -2.17 37.37 -33.04
CA ARG F 371 -2.52 37.22 -34.48
C ARG F 371 -2.17 35.77 -34.88
N GLN F 372 -0.95 35.34 -34.54
CA GLN F 372 -0.42 33.98 -34.87
C GLN F 372 -1.37 32.89 -34.35
N ILE F 373 -1.76 32.93 -33.07
CA ILE F 373 -2.51 31.75 -32.49
C ILE F 373 -3.93 31.70 -33.08
N VAL F 374 -4.53 32.86 -33.35
CA VAL F 374 -5.89 32.93 -33.95
C VAL F 374 -5.82 32.34 -35.37
N ASP F 375 -4.82 32.72 -36.17
CA ASP F 375 -4.65 32.18 -37.55
C ASP F 375 -4.50 30.65 -37.50
N ARG F 376 -3.66 30.15 -36.61
CA ARG F 376 -3.26 28.71 -36.52
C ARG F 376 -4.46 27.91 -36.00
N ALA F 377 -5.14 28.38 -34.95
CA ALA F 377 -6.31 27.66 -34.42
C ALA F 377 -7.35 27.55 -35.51
N PHE F 378 -7.52 28.61 -36.33
CA PHE F 378 -8.56 28.62 -37.39
C PHE F 378 -8.21 27.58 -38.46
N ARG F 379 -7.00 27.58 -38.98
CA ARG F 379 -6.58 26.62 -40.05
C ARG F 379 -6.69 25.21 -39.50
N SER F 380 -6.36 25.00 -38.21
CA SER F 380 -6.44 23.67 -37.56
C SER F 380 -7.90 23.21 -37.47
N MET F 381 -8.84 24.13 -37.21
CA MET F 381 -10.28 23.78 -37.26
C MET F 381 -10.71 23.35 -38.68
N VAL F 382 -10.29 24.07 -39.71
CA VAL F 382 -10.69 23.77 -41.11
C VAL F 382 -10.07 22.43 -41.53
N ASP F 383 -8.86 22.12 -41.05
CA ASP F 383 -8.17 20.84 -41.36
C ASP F 383 -9.00 19.61 -40.97
N LEU F 384 -9.85 19.68 -39.94
CA LEU F 384 -10.49 18.45 -39.41
C LEU F 384 -11.33 17.77 -40.49
N ILE F 385 -12.03 18.54 -41.30
CA ILE F 385 -13.02 17.99 -42.28
C ILE F 385 -12.29 17.31 -43.43
N GLY F 386 -11.01 17.56 -43.65
CA GLY F 386 -10.24 16.90 -44.72
C GLY F 386 -10.17 15.41 -44.53
N ILE F 387 -10.21 14.94 -43.28
CA ILE F 387 -10.12 13.48 -43.02
C ILE F 387 -11.31 12.79 -43.67
N PRO F 388 -12.56 13.02 -43.19
CA PRO F 388 -13.72 12.32 -43.75
C PRO F 388 -13.98 12.67 -45.23
N GLN F 389 -13.52 13.82 -45.71
CA GLN F 389 -13.59 14.13 -47.17
C GLN F 389 -12.66 13.22 -47.94
N ALA F 390 -11.42 13.06 -47.48
CA ALA F 390 -10.45 12.13 -48.08
C ALA F 390 -11.08 10.73 -48.19
N LEU F 391 -11.91 10.33 -47.24
CA LEU F 391 -12.51 8.96 -47.28
C LEU F 391 -13.56 8.85 -48.39
N GLY F 392 -14.05 9.96 -48.95
CA GLY F 392 -15.14 9.98 -49.95
C GLY F 392 -16.50 10.11 -49.28
N PHE F 393 -16.53 10.60 -48.04
CA PHE F 393 -17.79 10.83 -47.30
C PHE F 393 -18.39 12.13 -47.84
N THR F 394 -19.72 12.19 -47.97
CA THR F 394 -20.52 13.40 -48.31
C THR F 394 -21.86 13.30 -47.59
N GLU F 395 -22.69 14.35 -47.71
CA GLU F 395 -24.13 14.34 -47.34
C GLU F 395 -24.87 13.25 -48.14
N GLY F 396 -26.06 12.85 -47.68
CA GLY F 396 -26.95 11.93 -48.42
C GLY F 396 -26.24 10.64 -48.79
N GLN F 397 -25.49 10.08 -47.83
CA GLN F 397 -24.98 8.68 -47.86
C GLN F 397 -25.61 7.90 -46.71
N SER F 398 -26.02 6.67 -46.98
CA SER F 398 -26.55 5.77 -45.91
C SER F 398 -25.38 5.31 -45.03
N PRO F 399 -25.63 4.86 -43.79
CA PRO F 399 -24.58 4.17 -43.02
C PRO F 399 -23.87 3.17 -43.91
N GLU F 400 -24.63 2.28 -44.56
CA GLU F 400 -24.06 1.17 -45.39
C GLU F 400 -23.09 1.71 -46.45
N GLU F 401 -23.35 2.86 -47.05
CA GLU F 401 -22.46 3.40 -48.11
C GLU F 401 -21.12 3.86 -47.52
N GLN F 402 -21.13 4.51 -46.36
CA GLN F 402 -19.89 4.97 -45.65
C GLN F 402 -19.11 3.75 -45.09
N TRP F 403 -19.78 2.75 -44.48
CA TRP F 403 -19.13 1.46 -44.12
C TRP F 403 -18.43 0.88 -45.35
N ARG F 404 -19.05 1.00 -46.52
CA ARG F 404 -18.50 0.41 -47.76
C ARG F 404 -17.22 1.17 -48.12
N LEU F 405 -17.26 2.51 -48.09
CA LEU F 405 -16.06 3.36 -48.37
C LEU F 405 -14.91 3.07 -47.40
N LEU F 406 -15.20 2.84 -46.10
CA LEU F 406 -14.15 2.45 -45.10
C LEU F 406 -13.55 1.09 -45.46
N ASP F 407 -14.41 0.09 -45.69
CA ASP F 407 -13.97 -1.30 -45.98
C ASP F 407 -13.23 -1.42 -47.33
N THR F 408 -13.49 -0.57 -48.33
CA THR F 408 -12.82 -0.65 -49.65
C THR F 408 -11.65 0.33 -49.74
N LEU F 409 -11.31 1.00 -48.62
CA LEU F 409 -10.18 1.97 -48.59
C LEU F 409 -8.89 1.23 -48.94
N HIS F 410 -8.77 -0.04 -48.51
CA HIS F 410 -7.54 -0.87 -48.59
C HIS F 410 -7.54 -1.79 -49.81
N GLU F 411 -8.49 -1.64 -50.73
CA GLU F 411 -8.51 -2.48 -51.96
C GLU F 411 -7.34 -2.13 -52.86
N ASP F 412 -7.00 -3.07 -53.75
CA ASP F 412 -5.94 -2.92 -54.78
C ASP F 412 -6.56 -2.28 -56.04
N THR F 413 -7.14 -1.09 -55.93
CA THR F 413 -7.79 -0.40 -57.08
C THR F 413 -7.15 0.97 -57.21
N GLU F 414 -7.38 1.62 -58.35
CA GLU F 414 -6.92 3.01 -58.63
C GLU F 414 -7.54 3.95 -57.62
N GLU F 415 -8.87 3.90 -57.58
CA GLU F 415 -9.86 4.53 -56.65
C GLU F 415 -9.33 4.55 -55.21
N ALA F 416 -8.99 3.37 -54.68
CA ALA F 416 -8.58 3.10 -53.27
C ALA F 416 -7.16 3.63 -53.03
N ARG F 417 -6.19 3.38 -53.91
CA ARG F 417 -4.84 4.02 -53.85
C ARG F 417 -5.00 5.55 -53.74
N GLN F 418 -5.87 6.18 -54.53
CA GLN F 418 -5.98 7.66 -54.53
C GLN F 418 -6.59 8.16 -53.22
N ARG F 419 -7.66 7.54 -52.71
CA ARG F 419 -8.25 8.00 -51.42
C ARG F 419 -7.19 7.82 -50.30
N ARG F 420 -6.43 6.72 -50.36
CA ARG F 420 -5.32 6.34 -49.44
C ARG F 420 -4.34 7.52 -49.33
N ALA F 421 -3.97 8.08 -50.48
CA ALA F 421 -3.04 9.21 -50.64
C ALA F 421 -3.72 10.50 -50.17
N ALA F 422 -4.98 10.76 -50.50
CA ALA F 422 -5.66 11.96 -49.98
C ALA F 422 -5.79 11.88 -48.44
N LEU F 423 -5.95 10.69 -47.88
CA LEU F 423 -6.10 10.52 -46.40
C LEU F 423 -4.75 10.84 -45.73
N ALA F 424 -3.66 10.29 -46.26
CA ALA F 424 -2.27 10.53 -45.80
C ALA F 424 -1.95 12.04 -45.81
N ALA F 425 -2.42 12.80 -46.81
CA ALA F 425 -2.21 14.27 -46.90
C ALA F 425 -3.07 15.04 -45.88
N ALA F 426 -4.35 14.71 -45.73
CA ALA F 426 -5.27 15.29 -44.72
C ALA F 426 -4.74 15.01 -43.29
N THR F 427 -4.16 13.82 -43.06
CA THR F 427 -3.65 13.36 -41.74
C THR F 427 -2.38 14.16 -41.42
N ALA F 428 -1.48 14.30 -42.41
CA ALA F 428 -0.21 15.04 -42.27
C ALA F 428 -0.48 16.46 -41.77
N ALA F 429 -1.57 17.07 -42.21
CA ALA F 429 -1.88 18.47 -41.88
C ALA F 429 -2.22 18.58 -40.39
N ILE F 430 -2.68 17.48 -39.78
CA ILE F 430 -3.11 17.51 -38.35
C ILE F 430 -1.86 17.69 -37.46
N HIS F 431 -0.66 17.51 -38.01
CA HIS F 431 0.60 17.86 -37.29
C HIS F 431 0.59 19.33 -36.86
N GLY F 432 -0.09 20.19 -37.62
CA GLY F 432 -0.24 21.62 -37.29
C GLY F 432 -1.00 21.88 -35.98
N GLN F 433 -1.77 20.92 -35.46
CA GLN F 433 -2.42 21.06 -34.14
C GLN F 433 -1.83 20.06 -33.11
N ALA F 434 -1.36 18.89 -33.53
CA ALA F 434 -0.85 17.84 -32.59
C ALA F 434 0.62 18.05 -32.22
N ASN F 435 1.45 18.62 -33.09
CA ASN F 435 2.92 18.73 -32.88
C ASN F 435 3.41 20.09 -33.35
N ALA F 436 2.70 21.15 -32.98
CA ALA F 436 3.01 22.53 -33.45
C ALA F 436 4.09 23.13 -32.57
N HIS F 437 5.27 22.53 -32.54
CA HIS F 437 6.26 22.90 -31.49
C HIS F 437 6.76 24.36 -31.69
N GLY F 438 6.89 24.76 -32.95
CA GLY F 438 7.31 26.12 -33.32
C GLY F 438 6.32 27.19 -32.87
N VAL F 439 5.02 26.95 -33.00
CA VAL F 439 3.97 27.89 -32.50
C VAL F 439 4.02 27.92 -30.96
N GLU F 440 4.11 26.76 -30.32
CA GLU F 440 4.01 26.66 -28.83
C GLU F 440 5.19 27.33 -28.13
N LEU F 441 6.39 27.19 -28.67
CA LEU F 441 7.62 27.53 -27.91
C LEU F 441 8.53 28.48 -28.69
N GLY F 442 8.36 28.56 -30.01
CA GLY F 442 9.40 29.10 -30.90
C GLY F 442 9.10 30.53 -31.28
N TYR F 443 8.10 31.17 -30.67
CA TYR F 443 7.75 32.57 -31.01
C TYR F 443 8.87 33.46 -30.48
N ARG F 444 9.17 34.53 -31.22
CA ARG F 444 10.29 35.46 -30.91
C ARG F 444 9.74 36.89 -31.02
N TYR F 445 9.98 37.69 -30.00
CA TYR F 445 9.60 39.12 -29.93
C TYR F 445 10.61 39.86 -30.82
N ARG F 446 10.19 40.51 -31.89
CA ARG F 446 11.14 41.21 -32.81
C ARG F 446 11.19 42.69 -32.47
N THR F 447 10.17 43.26 -31.83
CA THR F 447 10.27 44.62 -31.26
C THR F 447 9.75 44.59 -29.84
N GLY F 448 10.51 45.15 -28.90
CA GLY F 448 10.01 45.39 -27.54
C GLY F 448 11.15 45.69 -26.61
N ALA F 449 11.12 45.09 -25.42
CA ALA F 449 12.11 45.28 -24.34
C ALA F 449 13.34 44.40 -24.65
N LEU F 450 13.99 44.68 -25.78
CA LEU F 450 15.14 43.91 -26.28
C LEU F 450 15.96 44.85 -27.16
N VAL F 451 17.27 44.60 -27.25
CA VAL F 451 18.20 45.32 -28.16
C VAL F 451 18.74 44.37 -29.21
N PRO F 452 18.41 44.57 -30.51
CA PRO F 452 18.99 43.73 -31.55
C PRO F 452 20.52 43.73 -31.46
N ASP F 453 21.16 42.64 -31.88
CA ASP F 453 22.63 42.55 -31.84
C ASP F 453 23.22 42.70 -33.26
N GLY F 454 22.37 42.93 -34.27
CA GLY F 454 22.81 43.08 -35.67
C GLY F 454 22.97 41.75 -36.40
N THR F 455 22.93 40.60 -35.72
CA THR F 455 23.03 39.27 -36.41
C THR F 455 21.70 39.03 -37.11
N PRO F 456 21.63 38.23 -38.20
CA PRO F 456 20.36 37.92 -38.83
C PRO F 456 19.64 36.88 -37.95
N GLU F 457 18.32 36.90 -37.96
CA GLU F 457 17.52 35.91 -37.19
C GLU F 457 17.80 34.51 -37.76
N PRO F 458 18.11 33.48 -36.93
CA PRO F 458 18.26 32.12 -37.42
C PRO F 458 17.00 31.65 -38.18
N ALA F 459 17.19 30.99 -39.31
CA ALA F 459 16.10 30.49 -40.19
C ALA F 459 16.58 29.20 -40.87
N ASP F 460 15.66 28.36 -41.34
CA ASP F 460 16.00 27.14 -42.10
C ASP F 460 14.80 26.79 -42.96
N GLU F 461 14.85 25.66 -43.68
CA GLU F 461 13.79 25.25 -44.63
C GLU F 461 12.69 24.41 -43.94
N ARG F 462 12.84 24.02 -42.68
CA ARG F 462 11.78 23.25 -41.98
C ARG F 462 10.61 24.19 -41.72
N ASP F 463 9.40 23.65 -41.64
CA ASP F 463 8.16 24.45 -41.37
C ASP F 463 8.26 25.03 -39.96
N PRO F 464 8.36 26.38 -39.78
CA PRO F 464 8.58 26.94 -38.45
C PRO F 464 7.37 26.88 -37.53
N GLU F 465 6.21 26.42 -37.99
CA GLU F 465 5.08 26.17 -37.08
C GLU F 465 5.30 24.82 -36.38
N LEU F 466 5.83 23.85 -37.12
CA LEU F 466 6.02 22.47 -36.65
C LEU F 466 7.30 22.36 -35.82
N TYR F 467 8.37 23.04 -36.24
CA TYR F 467 9.70 22.87 -35.61
C TYR F 467 10.15 24.08 -34.78
N TYR F 468 10.68 23.80 -33.57
CA TYR F 468 11.31 24.77 -32.65
C TYR F 468 12.80 24.71 -32.88
N ARG F 469 13.44 25.87 -32.80
CA ARG F 469 14.91 26.01 -33.02
C ARG F 469 15.43 26.93 -31.92
N ALA F 470 16.13 26.36 -30.96
CA ALA F 470 16.63 27.08 -29.78
C ALA F 470 17.64 28.15 -30.21
N THR F 471 17.53 29.36 -29.70
CA THR F 471 18.45 30.46 -30.06
C THR F 471 18.50 31.47 -28.91
N THR F 472 19.65 32.12 -28.73
CA THR F 472 19.73 33.33 -27.87
C THR F 472 19.53 34.61 -28.70
N TRP F 473 19.06 34.53 -29.94
CA TRP F 473 18.77 35.76 -30.73
C TRP F 473 17.80 36.63 -29.94
N PRO F 474 18.17 37.89 -29.59
CA PRO F 474 17.32 38.73 -28.75
C PRO F 474 15.84 38.74 -29.15
N GLY F 475 14.99 38.53 -28.14
CA GLY F 475 13.53 38.40 -28.30
C GLY F 475 13.08 36.94 -28.17
N ALA F 476 13.98 35.97 -28.43
CA ALA F 476 13.68 34.53 -28.29
C ALA F 476 13.57 34.15 -26.81
N ARG F 477 12.88 33.06 -26.52
CA ARG F 477 12.86 32.48 -25.14
C ARG F 477 14.23 31.84 -24.91
N LEU F 478 14.87 32.11 -23.77
CA LEU F 478 16.17 31.52 -23.44
C LEU F 478 16.13 30.02 -23.69
N PRO F 479 17.13 29.45 -24.41
CA PRO F 479 17.17 27.99 -24.57
C PRO F 479 17.31 27.27 -23.22
N HIS F 480 16.60 26.16 -23.09
CA HIS F 480 16.79 25.17 -22.00
C HIS F 480 18.08 24.37 -22.19
N ALA F 481 18.84 24.27 -21.12
CA ALA F 481 19.91 23.27 -20.93
C ALA F 481 19.88 22.86 -19.47
N TRP F 482 20.19 21.60 -19.18
CA TRP F 482 20.37 21.10 -17.79
C TRP F 482 21.72 21.51 -17.25
N LEU F 483 21.68 22.29 -16.19
CA LEU F 483 22.85 22.66 -15.38
C LEU F 483 22.84 21.85 -14.08
N GLU F 484 23.90 21.99 -13.33
CA GLU F 484 24.00 21.39 -11.98
C GLU F 484 24.67 22.41 -11.07
N ASN F 485 23.94 22.83 -10.04
CA ASN F 485 24.44 23.76 -8.99
C ASN F 485 24.80 22.96 -7.74
N GLY F 486 26.07 22.62 -7.60
CA GLY F 486 26.50 21.60 -6.62
C GLY F 486 25.95 20.25 -7.06
N ARG F 487 25.02 19.63 -6.34
CA ARG F 487 24.39 18.38 -6.81
C ARG F 487 22.91 18.62 -7.09
N HIS F 488 22.52 19.87 -7.22
CA HIS F 488 21.15 20.28 -7.57
C HIS F 488 21.01 20.45 -9.09
N ARG F 489 20.18 19.63 -9.71
CA ARG F 489 19.81 19.69 -11.16
C ARG F 489 18.86 20.88 -11.42
N CYS F 490 19.14 21.73 -12.41
CA CYS F 490 18.32 22.93 -12.69
C CYS F 490 18.47 23.37 -14.14
N SER F 491 17.42 23.94 -14.70
CA SER F 491 17.40 24.48 -16.08
C SER F 491 18.09 25.83 -16.06
N THR F 492 18.65 26.22 -17.22
CA THR F 492 18.92 27.64 -17.54
C THR F 492 17.70 28.49 -17.21
N LEU F 493 16.51 27.97 -17.42
CA LEU F 493 15.27 28.72 -17.10
C LEU F 493 15.03 28.85 -15.59
N ASP F 494 15.54 27.94 -14.77
CA ASP F 494 15.28 27.92 -13.30
C ASP F 494 16.27 28.85 -12.59
N VAL F 495 17.45 29.11 -13.14
CA VAL F 495 18.44 29.98 -12.45
C VAL F 495 18.32 31.40 -12.99
N THR F 496 17.38 31.70 -13.91
CA THR F 496 17.08 33.04 -14.43
C THR F 496 15.63 33.39 -14.05
N GLY F 497 15.14 34.54 -14.50
CA GLY F 497 13.73 34.91 -14.30
C GLY F 497 13.50 35.22 -12.83
N ARG F 498 12.38 34.80 -12.27
CA ARG F 498 12.08 35.04 -10.83
C ARG F 498 12.23 36.55 -10.52
N GLY F 499 11.63 37.41 -11.32
CA GLY F 499 11.50 38.84 -11.02
C GLY F 499 12.80 39.63 -11.22
N ARG F 500 13.87 39.09 -11.79
CA ARG F 500 15.15 39.84 -11.94
C ARG F 500 15.76 39.60 -13.32
N PHE F 501 16.62 40.55 -13.74
CA PHE F 501 17.48 40.44 -14.94
C PHE F 501 18.68 39.61 -14.55
N THR F 502 19.13 38.74 -15.46
CA THR F 502 20.32 37.91 -15.21
C THR F 502 21.20 37.96 -16.44
N LEU F 503 22.51 37.97 -16.20
CA LEU F 503 23.51 37.95 -17.27
C LEU F 503 24.32 36.66 -17.13
N LEU F 504 24.12 35.73 -18.07
CA LEU F 504 24.84 34.44 -18.09
C LEU F 504 26.17 34.64 -18.81
N THR F 505 27.27 34.24 -18.18
CA THR F 505 28.62 34.31 -18.78
C THR F 505 29.36 32.99 -18.57
N GLY F 506 30.66 32.96 -18.89
CA GLY F 506 31.53 31.79 -18.73
C GLY F 506 32.98 32.19 -18.47
N PRO F 507 33.96 31.30 -18.76
CA PRO F 507 35.38 31.64 -18.64
C PRO F 507 35.76 32.91 -19.43
N GLY F 508 36.57 33.77 -18.81
CA GLY F 508 36.96 35.10 -19.34
C GLY F 508 35.87 36.14 -19.18
N GLY F 509 34.76 35.85 -18.48
CA GLY F 509 33.62 36.79 -18.38
C GLY F 509 33.67 37.77 -17.22
N GLU F 510 34.75 37.85 -16.45
CA GLU F 510 34.89 38.80 -15.31
C GLU F 510 34.52 40.25 -15.68
N PRO F 511 34.88 40.79 -16.87
CA PRO F 511 34.57 42.19 -17.15
C PRO F 511 33.06 42.49 -17.12
N TRP F 512 32.21 41.45 -17.12
CA TRP F 512 30.74 41.67 -17.10
C TRP F 512 30.29 42.14 -15.71
N ARG F 513 31.09 41.88 -14.68
CA ARG F 513 30.72 42.25 -13.30
C ARG F 513 30.70 43.79 -13.17
N ASP F 514 31.76 44.48 -13.58
CA ASP F 514 31.82 45.97 -13.44
C ASP F 514 30.75 46.59 -14.34
N ALA F 515 30.55 46.02 -15.53
CA ALA F 515 29.54 46.48 -16.50
C ALA F 515 28.13 46.35 -15.88
N ALA F 516 27.90 45.29 -15.09
CA ALA F 516 26.61 45.05 -14.39
C ALA F 516 26.45 46.06 -13.25
N ARG F 517 27.49 46.28 -12.44
CA ARG F 517 27.50 47.39 -11.44
C ARG F 517 27.11 48.72 -12.11
N ASP F 518 27.81 49.11 -13.17
CA ASP F 518 27.58 50.39 -13.88
C ASP F 518 26.14 50.45 -14.42
N ALA F 519 25.62 49.36 -15.01
CA ALA F 519 24.21 49.34 -15.46
C ALA F 519 23.30 49.56 -14.23
N ALA F 520 23.64 48.99 -13.08
CA ALA F 520 22.77 49.06 -11.88
C ALA F 520 22.71 50.52 -11.40
N LEU F 521 23.88 51.16 -11.30
CA LEU F 521 24.03 52.59 -10.90
C LEU F 521 23.23 53.48 -11.86
N ASP F 522 23.35 53.27 -13.17
CA ASP F 522 22.75 54.16 -14.19
C ASP F 522 21.22 54.00 -14.25
N THR F 523 20.69 52.77 -14.13
CA THR F 523 19.25 52.43 -14.40
C THR F 523 18.46 52.30 -13.07
N GLY F 524 19.13 52.03 -11.96
CA GLY F 524 18.49 51.63 -10.69
C GLY F 524 17.99 50.18 -10.72
N VAL F 525 18.38 49.38 -11.71
CA VAL F 525 17.87 47.98 -11.90
C VAL F 525 19.05 47.03 -11.79
N GLU F 526 19.01 46.08 -10.88
CA GLU F 526 20.13 45.11 -10.68
C GLU F 526 20.18 44.16 -11.87
N VAL F 527 21.40 43.81 -12.24
CA VAL F 527 21.71 42.75 -13.23
C VAL F 527 22.58 41.76 -12.49
N ALA F 528 22.02 40.60 -12.14
CA ALA F 528 22.78 39.54 -11.47
C ALA F 528 23.64 38.84 -12.52
N VAL F 529 24.93 38.71 -12.26
CA VAL F 529 25.90 38.04 -13.15
C VAL F 529 25.98 36.60 -12.69
N LEU F 530 25.75 35.67 -13.61
CA LEU F 530 25.80 34.24 -13.25
C LEU F 530 26.81 33.54 -14.15
N PRO F 531 28.00 33.20 -13.66
CA PRO F 531 28.96 32.47 -14.49
C PRO F 531 28.60 30.97 -14.54
N ILE F 532 28.67 30.37 -15.73
CA ILE F 532 28.46 28.91 -15.92
C ILE F 532 29.76 28.26 -16.38
N GLY F 533 30.21 27.21 -15.69
CA GLY F 533 31.47 26.52 -16.00
C GLY F 533 32.66 27.36 -15.61
N ALA F 534 32.46 28.28 -14.67
CA ALA F 534 33.50 29.21 -14.19
C ALA F 534 33.06 29.84 -12.87
N GLY F 535 34.05 30.35 -12.13
CA GLY F 535 33.85 31.21 -10.95
C GLY F 535 33.06 30.52 -9.84
N GLY F 536 33.05 29.17 -9.81
CA GLY F 536 32.35 28.37 -8.79
C GLY F 536 30.84 28.36 -9.01
N GLY F 537 30.37 28.80 -10.18
CA GLY F 537 28.95 28.83 -10.51
C GLY F 537 28.41 27.44 -10.86
N PRO F 538 27.16 27.39 -11.36
CA PRO F 538 26.58 26.18 -11.95
C PRO F 538 27.46 25.56 -13.06
N ARG F 539 27.53 24.24 -13.12
CA ARG F 539 28.21 23.50 -14.18
C ARG F 539 27.23 23.25 -15.33
N ASP F 540 27.77 22.95 -16.50
CA ASP F 540 27.08 22.54 -17.74
C ASP F 540 27.47 21.08 -18.02
N PRO F 541 26.94 20.08 -17.29
CA PRO F 541 27.55 18.76 -17.24
C PRO F 541 27.70 18.06 -18.61
N TYR F 542 26.80 18.32 -19.56
CA TYR F 542 26.80 17.70 -20.92
C TYR F 542 27.49 18.61 -21.95
N GLY F 543 27.79 19.88 -21.64
CA GLY F 543 28.27 20.86 -22.65
C GLY F 543 27.14 21.41 -23.53
N THR F 544 25.88 21.14 -23.17
CA THR F 544 24.70 21.55 -23.97
C THR F 544 24.59 23.08 -24.02
N TRP F 545 24.77 23.75 -22.88
CA TRP F 545 24.61 25.22 -22.80
C TRP F 545 25.65 25.89 -23.73
N ALA F 546 26.91 25.46 -23.64
CA ALA F 546 28.02 25.92 -24.51
C ALA F 546 27.59 25.79 -25.98
N GLU F 547 26.99 24.68 -26.35
CA GLU F 547 26.48 24.46 -27.74
C GLU F 547 25.32 25.41 -28.07
N LEU F 548 24.45 25.78 -27.16
CA LEU F 548 23.21 26.56 -27.49
C LEU F 548 23.40 28.09 -27.32
N ARG F 549 24.37 28.56 -26.52
CA ARG F 549 24.37 29.99 -26.11
C ARG F 549 24.74 30.91 -27.30
N GLU F 550 25.42 30.41 -28.33
CA GLU F 550 25.75 31.15 -29.61
C GLU F 550 26.52 32.45 -29.27
N VAL F 551 27.35 32.42 -28.25
CA VAL F 551 28.32 33.48 -27.89
C VAL F 551 29.59 32.74 -27.47
N GLU F 552 30.72 33.42 -27.34
CA GLU F 552 31.97 32.78 -26.84
C GLU F 552 31.85 32.62 -25.33
N GLU F 553 32.71 31.78 -24.76
CA GLU F 553 32.89 31.59 -23.31
C GLU F 553 32.81 32.93 -22.62
N SER F 554 33.40 33.98 -23.21
CA SER F 554 33.61 35.26 -22.49
C SER F 554 32.43 36.22 -22.74
N GLY F 555 31.49 35.83 -23.60
CA GLY F 555 30.31 36.61 -24.00
C GLY F 555 29.21 36.60 -22.93
N ALA F 556 28.04 37.09 -23.29
CA ALA F 556 26.95 37.33 -22.34
C ALA F 556 25.62 37.10 -23.01
N VAL F 557 24.69 36.56 -22.21
CA VAL F 557 23.26 36.48 -22.57
C VAL F 557 22.49 37.15 -21.45
N LEU F 558 21.75 38.22 -21.78
CA LEU F 558 20.98 39.03 -20.80
C LEU F 558 19.54 38.55 -20.85
N VAL F 559 19.04 38.08 -19.72
CA VAL F 559 17.72 37.39 -19.63
C VAL F 559 16.78 38.24 -18.78
N ARG F 560 15.60 38.48 -19.32
CA ARG F 560 14.52 39.24 -18.64
C ARG F 560 13.89 38.44 -17.50
N PRO F 561 13.18 39.12 -16.58
CA PRO F 561 12.36 38.43 -15.61
C PRO F 561 11.44 37.34 -16.19
N ASP F 562 11.04 37.41 -17.47
CA ASP F 562 10.13 36.44 -18.10
C ASP F 562 10.87 35.35 -18.90
N GLY F 563 12.18 35.28 -18.79
CA GLY F 563 13.01 34.25 -19.44
C GLY F 563 13.26 34.46 -20.92
N HIS F 564 12.79 35.54 -21.53
CA HIS F 564 13.15 35.87 -22.94
C HIS F 564 14.48 36.62 -22.93
N VAL F 565 15.21 36.60 -24.04
CA VAL F 565 16.55 37.22 -24.10
C VAL F 565 16.38 38.71 -24.43
N ALA F 566 16.95 39.63 -23.64
CA ALA F 566 16.92 41.08 -23.91
C ALA F 566 18.05 41.44 -24.89
N TRP F 567 19.20 40.80 -24.76
CA TRP F 567 20.42 41.12 -25.56
C TRP F 567 21.44 39.99 -25.44
N ARG F 568 22.39 39.93 -26.35
CA ARG F 568 23.56 39.05 -26.17
C ARG F 568 24.80 39.74 -26.76
N ALA F 569 25.97 39.31 -26.32
CA ALA F 569 27.26 39.80 -26.83
C ALA F 569 28.22 38.62 -26.99
N ARG F 570 28.86 38.56 -28.15
CA ARG F 570 29.76 37.46 -28.56
C ARG F 570 30.92 37.27 -27.57
N ASP F 571 31.51 38.32 -26.99
CA ASP F 571 32.71 38.16 -26.15
C ASP F 571 32.84 39.34 -25.19
N HIS F 572 33.83 39.29 -24.27
CA HIS F 572 33.99 40.26 -23.16
C HIS F 572 34.36 41.66 -23.69
N GLY F 573 34.66 41.80 -24.99
CA GLY F 573 34.97 43.12 -25.59
C GLY F 573 33.76 44.05 -25.59
N HIS F 574 32.55 43.52 -25.52
CA HIS F 574 31.30 44.31 -25.61
C HIS F 574 30.81 44.78 -24.22
N ALA F 575 31.56 44.55 -23.15
CA ALA F 575 31.04 44.67 -21.77
C ALA F 575 30.53 46.10 -21.54
N LYS F 576 31.24 47.11 -22.05
CA LYS F 576 30.89 48.53 -21.79
C LYS F 576 29.59 48.90 -22.49
N GLU F 577 29.12 48.10 -23.45
CA GLU F 577 27.79 48.32 -24.07
C GLU F 577 26.66 48.11 -23.04
N LEU F 578 26.86 47.35 -21.95
CA LEU F 578 25.74 46.86 -21.09
C LEU F 578 24.92 48.00 -20.47
N PRO F 579 25.52 49.04 -19.84
CA PRO F 579 24.72 50.12 -19.21
C PRO F 579 23.69 50.78 -20.15
N GLU F 580 24.13 51.15 -21.35
CA GLU F 580 23.31 51.69 -22.46
C GLU F 580 22.26 50.67 -22.90
N VAL F 581 22.63 49.40 -23.06
CA VAL F 581 21.65 48.36 -23.49
C VAL F 581 20.50 48.32 -22.47
N MET F 582 20.83 48.31 -21.19
CA MET F 582 19.81 48.20 -20.12
C MET F 582 18.87 49.40 -20.24
N ALA F 583 19.41 50.63 -20.39
CA ALA F 583 18.55 51.83 -20.49
C ALA F 583 17.60 51.71 -21.68
N ARG F 584 18.02 51.15 -22.80
CA ARG F 584 17.11 50.97 -23.97
C ARG F 584 16.11 49.82 -23.72
N VAL F 585 16.54 48.76 -23.03
CA VAL F 585 15.64 47.61 -22.73
C VAL F 585 14.49 48.14 -21.87
N LEU F 586 14.81 48.96 -20.86
CA LEU F 586 13.83 49.57 -19.92
C LEU F 586 13.07 50.72 -20.56
N HIS F 587 13.39 51.07 -21.81
CA HIS F 587 12.89 52.26 -22.54
C HIS F 587 12.92 53.49 -21.61
N GLN F 588 14.01 53.68 -20.86
CA GLN F 588 14.14 54.79 -19.87
C GLN F 588 14.40 56.12 -20.57
N PRO F 589 13.86 57.23 -20.01
CA PRO F 589 13.89 58.52 -20.70
C PRO F 589 15.29 59.12 -20.93
N ASP F 590 15.38 59.84 -22.05
CA ASP F 590 16.54 60.64 -22.53
C ASP F 590 16.33 62.12 -22.15
PA FAD G . 28.88 24.68 13.74
O1A FAD G . 27.79 23.60 13.57
O2A FAD G . 29.94 24.14 14.69
O5B FAD G . 29.38 25.09 12.25
C5B FAD G . 30.46 25.96 11.97
C4B FAD G . 31.05 25.57 10.62
O4B FAD G . 32.12 26.45 10.29
C3B FAD G . 31.66 24.17 10.61
O3B FAD G . 31.13 23.52 9.47
C2B FAD G . 33.17 24.32 10.48
O2B FAD G . 33.79 23.47 9.46
C1B FAD G . 33.26 25.70 9.89
N9A FAD G . 34.55 26.41 10.18
C8A FAD G . 35.36 26.42 11.28
N7A FAD G . 36.42 27.25 11.00
C5A FAD G . 36.26 27.77 9.73
C6A FAD G . 36.99 28.69 8.80
N6A FAD G . 38.15 29.26 9.21
N1A FAD G . 36.47 28.87 7.53
C2A FAD G . 35.29 28.29 7.18
N3A FAD G . 34.56 27.47 8.00
C4A FAD G . 35.02 27.17 9.21
N1 FAD G . 24.39 20.66 20.66
C2 FAD G . 23.30 20.10 21.29
O2 FAD G . 22.33 20.83 21.64
N3 FAD G . 23.22 18.76 21.50
C4 FAD G . 24.22 17.93 21.15
O4 FAD G . 24.09 16.73 21.39
C4X FAD G . 25.46 18.45 20.47
N5 FAD G . 26.49 17.66 20.04
C5X FAD G . 27.60 18.26 19.52
C6 FAD G . 28.71 17.49 19.19
C7 FAD G . 29.87 18.07 18.65
C7M FAD G . 31.06 17.20 18.30
C8 FAD G . 29.91 19.55 18.45
C8M FAD G . 31.12 20.25 17.89
C9 FAD G . 28.81 20.34 18.78
C9A FAD G . 27.66 19.75 19.30
N10 FAD G . 26.54 20.55 19.62
C10 FAD G . 25.45 19.93 20.26
C1' FAD G . 26.43 22.00 19.36
C2' FAD G . 25.73 22.20 18.03
O2' FAD G . 26.29 21.38 16.97
C3' FAD G . 25.77 23.66 17.69
O3' FAD G . 25.12 24.37 18.76
C4' FAD G . 25.04 23.85 16.38
O4' FAD G . 25.65 23.02 15.38
C5' FAD G . 25.01 25.30 15.85
O5' FAD G . 26.34 25.66 15.58
P FAD G . 26.80 26.71 14.45
O1P FAD G . 26.13 26.77 13.09
O2P FAD G . 26.92 28.04 15.12
O3P FAD G . 28.33 26.09 14.34
C1 PGE H . 25.79 31.57 -8.03
O1 PGE H . 26.73 30.45 -8.01
C2 PGE H . 26.02 32.60 -6.92
O2 PGE H . 26.25 33.91 -7.44
C3 PGE H . 26.90 34.83 -6.55
C4 PGE H . 28.17 34.24 -5.97
O4 PGE H . 32.57 34.39 -7.00
C6 PGE H . 31.19 34.78 -7.04
C5 PGE H . 30.51 34.69 -5.69
O3 PGE H . 29.17 35.24 -5.74
C1 PGE I . 21.73 10.15 35.76
O1 PGE I . 20.68 9.52 36.48
C2 PGE I . 21.58 11.66 35.63
O2 PGE I . 22.83 12.26 35.27
C3 PGE I . 23.54 12.78 36.40
C4 PGE I . 24.98 13.05 36.06
O4 PGE I . 27.07 15.78 33.94
C6 PGE I . 25.82 15.41 33.36
C5 PGE I . 25.23 14.15 33.95
O3 PGE I . 25.10 14.29 35.36
OH2 1PE J . -2.10 18.61 15.84
C12 1PE J . -0.84 18.13 16.31
C22 1PE J . 0.02 19.34 16.73
OH3 1PE J . 0.51 20.07 15.60
C13 1PE J . 1.67 21.99 14.73
C23 1PE J . 0.74 21.46 15.84
OH4 1PE J . 2.56 20.98 14.17
C14 1PE J . 4.43 20.88 12.56
C24 1PE J . 3.00 21.34 12.84
OH5 1PE J . 5.39 21.52 13.41
C15 1PE J . 7.27 20.17 12.49
C25 1PE J . 6.52 20.70 13.73
OH6 1PE J . 7.66 21.20 11.61
C16 1PE J . 9.51 22.72 11.17
C26 1PE J . 8.53 22.16 12.20
OH7 1PE J . 10.78 22.95 11.83
CL CL K . 7.30 25.75 4.19
CL CL L . 36.63 17.83 5.78
C1 GOL M . 21.18 15.52 25.08
O1 GOL M . 21.22 16.22 23.83
C2 GOL M . 21.09 16.47 26.27
O2 GOL M . 19.90 17.27 26.15
C3 GOL M . 21.15 15.74 27.62
O3 GOL M . 22.33 16.00 28.39
C1 GOL N . 7.99 35.87 38.61
O1 GOL N . 6.65 36.11 38.17
C2 GOL N . 8.00 34.93 39.79
O2 GOL N . 9.05 33.96 39.60
C3 GOL N . 8.11 35.64 41.12
O3 GOL N . 9.46 35.69 41.61
PA FAD O . -34.53 3.38 20.85
O1A FAD O . -33.33 3.68 19.89
O2A FAD O . -35.82 4.10 20.53
O5B FAD O . -34.76 1.76 20.73
C5B FAD O . -35.75 1.04 21.44
C4B FAD O . -36.24 -0.15 20.59
O4B FAD O . -37.36 -0.79 21.22
C3B FAD O . -36.69 0.14 19.14
O3B FAD O . -35.78 -0.57 18.29
C2B FAD O . -38.11 -0.41 19.01
O2B FAD O . -38.33 -1.31 17.92
C1B FAD O . -38.22 -1.33 20.20
N9A FAD O . -39.58 -1.45 20.73
C8A FAD O . -40.50 -0.46 20.93
N7A FAD O . -41.62 -0.99 21.51
C5A FAD O . -41.46 -2.33 21.68
C6A FAD O . -42.19 -3.51 22.23
N6A FAD O . -43.47 -3.34 22.69
N1A FAD O . -41.58 -4.77 22.18
C2A FAD O . -40.34 -4.92 21.69
N3A FAD O . -39.61 -3.82 21.28
C4A FAD O . -40.07 -2.60 21.18
N1 FAD O . -30.83 11.62 19.08
C2 FAD O . -29.77 12.49 18.85
O2 FAD O . -29.03 12.81 19.83
N3 FAD O . -29.50 13.00 17.61
C4 FAD O . -30.27 12.66 16.54
O4 FAD O . -30.00 13.14 15.43
C4X FAD O . -31.44 11.73 16.68
N5 FAD O . -32.24 11.33 15.63
C5X FAD O . -33.34 10.54 15.86
C6 FAD O . -34.24 10.25 14.82
C7 FAD O . -35.38 9.45 15.04
C7M FAD O . -36.33 9.16 13.89
C8 FAD O . -35.63 8.90 16.43
C8M FAD O . -36.81 8.03 16.79
C9 FAD O . -34.74 9.18 17.45
C9A FAD O . -33.61 9.96 17.23
N10 FAD O . -32.72 10.27 18.31
C10 FAD O . -31.66 11.20 18.08
C1' FAD O . -32.88 9.70 19.65
C2' FAD O . -31.86 8.59 19.82
O2' FAD O . -31.98 7.63 18.78
C3' FAD O . -32.04 7.86 21.16
O3' FAD O . -31.75 8.82 22.20
C4' FAD O . -31.16 6.63 21.19
O4' FAD O . -31.65 5.76 20.16
C5' FAD O . -31.17 5.85 22.51
O5' FAD O . -32.42 5.18 22.53
P FAD O . -32.87 3.86 23.31
O1P FAD O . -32.12 2.49 23.17
O2P FAD O . -33.34 4.24 24.70
O3P FAD O . -34.25 3.67 22.45
C1 PGE P . -34.43 -19.07 26.66
O1 PGE P . -35.30 -19.49 25.62
C2 PGE P . -33.67 -17.80 26.37
O2 PGE P . -32.46 -17.74 27.16
C3 PGE P . -31.29 -17.48 26.39
C4 PGE P . -30.07 -18.18 26.95
O4 PGE P . -29.17 -18.50 22.75
C6 PGE P . -28.26 -18.35 23.82
C5 PGE P . -28.75 -18.97 25.10
O3 PGE P . -28.95 -17.95 26.07
C1 PGE Q . -32.76 26.99 14.57
O1 PGE Q . -33.81 27.36 15.45
C2 PGE Q . -31.95 28.19 14.16
O2 PGE Q . -30.61 27.80 13.84
C3 PGE Q . -29.66 28.85 13.96
C4 PGE Q . -28.57 28.64 12.96
O4 PGE Q . -25.50 31.42 11.28
C6 PGE Q . -26.51 30.43 11.13
C5 PGE Q . -27.68 30.67 12.04
O3 PGE Q . -28.65 29.62 11.92
OH2 1PE R . -4.17 11.95 20.20
C12 1PE R . -4.67 11.45 21.47
C22 1PE R . -6.12 11.89 21.66
OH3 1PE R . -6.94 10.83 22.19
C13 1PE R . -7.41 9.35 24.11
C23 1PE R . -6.80 10.66 23.62
OH4 1PE R . -7.67 8.39 23.06
C14 1PE R . -9.45 7.15 21.91
C24 1PE R . -8.79 8.53 22.16
OH5 1PE R . -10.86 7.07 22.26
C15 1PE R . -12.31 6.40 20.43
C25 1PE R . -11.73 7.55 21.24
OH6 1PE R . -13.67 6.11 20.85
C16 1PE R . -14.73 4.22 21.90
C26 1PE R . -13.70 5.34 22.04
OH7 1PE R . -16.02 4.84 22.20
CL CL S . -11.86 -2.69 23.91
C1 GOL T . -10.18 25.54 17.48
O1 GOL T . -9.58 26.03 18.69
C2 GOL T . -9.99 24.05 17.29
O2 GOL T . -11.17 23.54 16.68
C3 GOL T . -8.79 23.67 16.43
O3 GOL T . -8.13 22.49 16.87
C1 GOL U . -28.75 18.90 15.79
O1 GOL U . -28.94 20.04 16.64
C2 GOL U . -27.49 18.11 16.12
O2 GOL U . -27.43 17.77 17.50
C3 GOL U . -27.21 16.89 15.21
O3 GOL U . -28.11 15.78 15.31
C1 GOL V . -4.85 21.55 33.13
O1 GOL V . -4.93 22.34 31.94
C2 GOL V . -5.23 20.10 32.90
O2 GOL V . -4.16 19.27 33.33
C3 GOL V . -6.48 19.67 33.66
O3 GOL V . -6.18 19.12 34.94
C1 GOL W . 8.26 -7.01 32.64
O1 GOL W . 8.37 -5.98 33.63
C2 GOL W . 8.44 -8.41 33.22
O2 GOL W . 7.38 -8.67 34.14
C3 GOL W . 8.50 -9.51 32.17
O3 GOL W . 9.41 -9.21 31.12
PA FAD X . 10.22 -23.48 30.87
O1A FAD X . 10.07 -22.87 29.50
O2A FAD X . 11.64 -24.10 31.17
O5B FAD X . 10.05 -22.29 31.91
C5B FAD X . 10.13 -22.48 33.34
C4B FAD X . 10.61 -21.15 33.90
O4B FAD X . 10.75 -21.25 35.32
C3B FAD X . 11.94 -20.59 33.32
O3B FAD X . 11.65 -19.31 32.85
C2B FAD X . 12.87 -20.52 34.52
O2B FAD X . 13.74 -19.39 34.60
C1B FAD X . 11.88 -20.46 35.69
N9A FAD X . 12.44 -21.02 36.94
C8A FAD X . 13.24 -22.12 37.09
N7A FAD X . 13.51 -22.30 38.45
C5A FAD X . 12.91 -21.32 39.12
C6A FAD X . 12.80 -20.94 40.54
N6A FAD X . 13.48 -21.71 41.43
N1A FAD X . 12.09 -19.80 40.87
C2A FAD X . 11.46 -19.09 39.87
N3A FAD X . 11.51 -19.47 38.53
C4A FAD X . 12.17 -20.50 38.14
N1 FAD X . 11.12 -28.01 22.75
C2 FAD X . 10.86 -28.16 21.40
O2 FAD X . 9.83 -28.74 20.97
N3 FAD X . 11.71 -27.70 20.45
C4 FAD X . 12.85 -27.06 20.79
O4 FAD X . 13.59 -26.64 19.88
C4X FAD X . 13.22 -26.82 22.20
N5 FAD X . 14.36 -26.14 22.59
C5X FAD X . 14.69 -26.02 23.92
C6 FAD X . 15.89 -25.41 24.33
C7 FAD X . 16.20 -25.30 25.70
C7M FAD X . 17.51 -24.66 26.10
C8 FAD X . 15.25 -25.83 26.75
C8M FAD X . 15.46 -25.78 28.26
C9 FAD X . 14.05 -26.42 26.34
C9A FAD X . 13.73 -26.54 24.98
N10 FAD X . 12.51 -27.17 24.61
C10 FAD X . 12.23 -27.36 23.21
C1' FAD X . 11.48 -27.47 25.65
C2' FAD X . 10.46 -26.32 25.64
O2' FAD X . 11.10 -25.04 25.63
C3' FAD X . 9.47 -26.52 26.76
O3' FAD X . 8.73 -27.73 26.43
C4' FAD X . 8.50 -25.33 26.91
O4' FAD X . 9.17 -24.10 27.29
C5' FAD X . 7.47 -25.66 28.00
O5' FAD X . 8.15 -25.45 29.23
P FAD X . 7.55 -24.92 30.68
O1P FAD X . 6.85 -23.57 30.69
O2P FAD X . 6.94 -26.07 31.36
O3P FAD X . 9.08 -24.62 31.25
C1 PGE Y . -1.76 -6.24 41.32
O1 PGE Y . -0.51 -6.22 40.66
C2 PGE Y . -2.60 -7.40 40.93
O2 PGE Y . -2.22 -8.54 41.69
C3 PGE Y . -2.93 -8.69 42.92
C4 PGE Y . -2.53 -9.95 43.61
O4 PGE Y . 1.03 -9.48 46.57
C6 PGE Y . 0.68 -10.20 45.40
C5 PGE Y . -0.79 -10.27 45.20
O3 PGE Y . -1.13 -9.94 43.87
C1 PGE Z . 18.65 -36.97 5.80
O1 PGE Z . 17.85 -37.26 4.65
C2 PGE Z . 18.33 -37.82 7.02
O2 PGE Z . 18.93 -37.22 8.16
C3 PGE Z . 18.19 -37.35 9.38
C4 PGE Z . 18.85 -38.36 10.26
O4 PGE Z . 19.20 -37.66 14.63
C6 PGE Z . 19.04 -38.90 13.89
C5 PGE Z . 19.59 -38.86 12.46
O3 PGE Z . 18.88 -37.94 11.63
OH2 1PE AA . -8.81 -21.80 5.52
C12 1PE AA . -7.40 -22.05 5.69
C22 1PE AA . -7.12 -23.39 6.42
OH3 1PE AA . -7.99 -23.72 7.53
C13 1PE AA . -8.28 -23.39 9.90
C23 1PE AA . -7.82 -22.79 8.59
OH4 1PE AA . -8.46 -22.29 10.81
C14 1PE AA . -7.44 -20.68 12.33
C24 1PE AA . -7.32 -21.42 10.97
OH5 1PE AA . -6.17 -20.32 12.90
C15 1PE AA . -3.88 -20.62 13.81
C25 1PE AA . -5.31 -21.23 13.58
OH6 1PE AA . -3.72 -19.69 14.92
C16 1PE AA . -3.64 -19.72 17.49
C26 1PE AA . -4.18 -20.31 16.14
OH7 1PE AA . -2.76 -20.63 18.25
CL CL BA . -9.09 -14.74 20.54
CL CL CA . 18.40 -13.95 34.36
C1 GOL DA . 13.14 -29.29 16.17
O1 GOL DA . 12.10 -28.51 16.77
C2 GOL DA . 12.81 -30.73 15.77
O2 GOL DA . 11.49 -31.13 16.11
C3 GOL DA . 13.81 -31.74 16.33
O3 GOL DA . 14.10 -32.87 15.51
C1 GOL EA . -8.14 -38.83 -2.41
O1 GOL EA . -7.10 -39.29 -3.26
C2 GOL EA . -7.66 -38.55 -0.99
O2 GOL EA . -7.68 -37.16 -0.73
C3 GOL EA . -8.47 -39.25 0.08
O3 GOL EA . -9.35 -38.36 0.78
PA FAD FA . -22.45 -19.15 -27.77
O1A FAD FA . -21.89 -18.48 -26.47
O2A FAD FA . -23.95 -18.99 -27.89
O5B FAD FA . -21.70 -18.51 -29.03
C5B FAD FA . -22.14 -18.70 -30.36
C4B FAD FA . -21.66 -17.50 -31.16
O4B FAD FA . -21.95 -17.77 -32.51
C3B FAD FA . -22.37 -16.22 -30.77
O3B FAD FA . -21.44 -15.15 -30.55
C2B FAD FA . -23.22 -15.86 -31.98
O2B FAD FA . -23.19 -14.45 -32.30
C1B FAD FA . -22.49 -16.59 -33.07
N9A FAD FA . -23.34 -16.96 -34.23
C8A FAD FA . -24.59 -17.51 -34.27
N7A FAD FA . -24.99 -17.70 -35.57
C5A FAD FA . -23.98 -17.27 -36.34
C6A FAD FA . -23.73 -17.14 -37.76
N6A FAD FA . -24.69 -17.56 -38.65
N1A FAD FA . -22.52 -16.59 -38.11
C2A FAD FA . -21.57 -16.21 -37.21
N3A FAD FA . -21.76 -16.29 -35.88
C4A FAD FA . -22.89 -16.80 -35.43
N1 FAD FA . -25.26 -20.92 -18.98
C2 FAD FA . -25.12 -21.10 -17.63
O2 FAD FA . -24.56 -22.14 -17.21
N3 FAD FA . -25.56 -20.18 -16.76
C4 FAD FA . -26.18 -19.06 -17.11
O4 FAD FA . -26.60 -18.28 -16.25
C4X FAD FA . -26.35 -18.75 -18.55
N5 FAD FA . -26.98 -17.61 -19.00
C5X FAD FA . -27.24 -17.48 -20.35
C6 FAD FA . -27.97 -16.40 -20.80
C7 FAD FA . -28.24 -16.20 -22.15
C7M FAD FA . -29.04 -14.97 -22.50
C8 FAD FA . -27.73 -17.20 -23.15
C8M FAD FA . -27.94 -17.14 -24.66
C9 FAD FA . -26.99 -18.29 -22.71
C9A FAD FA . -26.71 -18.47 -21.34
N10 FAD FA . -25.96 -19.61 -20.89
C10 FAD FA . -25.83 -19.80 -19.49
C1' FAD FA . -25.46 -20.65 -21.80
C2' FAD FA . -23.99 -20.37 -22.05
O2' FAD FA . -23.85 -18.99 -22.37
C3' FAD FA . -23.41 -21.24 -23.13
O3' FAD FA . -23.66 -22.57 -22.62
C4' FAD FA . -21.91 -20.90 -23.35
O4' FAD FA . -21.77 -19.55 -23.87
C5' FAD FA . -21.17 -21.83 -24.32
O5' FAD FA . -21.72 -21.56 -25.61
P FAD FA . -20.95 -21.62 -27.04
O1P FAD FA . -19.68 -20.82 -27.38
O2P FAD FA . -21.19 -22.96 -27.61
O3P FAD FA . -22.14 -20.77 -27.83
C1 PGE GA . -3.41 -13.14 -39.67
O1 PGE GA . -4.40 -12.13 -39.42
C2 PGE GA . -3.96 -14.55 -39.68
O2 PGE GA . -3.86 -15.09 -40.98
C3 PGE GA . -4.55 -16.34 -41.12
C4 PGE GA . -5.19 -16.41 -42.45
O4 PGE GA . -7.63 -14.54 -45.19
C6 PGE GA . -8.08 -15.07 -43.97
C5 PGE GA . -7.28 -16.25 -43.53
O3 PGE GA . -6.53 -15.96 -42.36
C1 PGE HA . -37.06 -24.14 -10.86
O1 PGE HA . -35.94 -23.74 -11.61
C2 PGE HA . -37.13 -23.42 -9.53
O2 PGE HA . -37.55 -24.34 -8.51
C3 PGE HA . -38.08 -23.72 -7.34
C4 PGE HA . -37.15 -23.92 -6.17
O4 PGE HA . -36.43 -22.32 -2.68
C6 PGE HA . -35.76 -21.83 -3.86
C5 PGE HA . -35.43 -22.91 -4.88
O3 PGE HA . -36.26 -22.81 -6.03
OH2 1PE IA . -3.75 -23.49 -1.44
C12 1PE IA . -5.12 -23.84 -1.73
C22 1PE IA . -5.64 -23.40 -3.10
OH3 1PE IA . -5.93 -24.57 -3.89
C13 1PE IA . -5.71 -25.38 -6.07
C23 1PE IA . -6.45 -24.39 -5.18
OH4 1PE IA . -4.90 -24.72 -7.07
C14 1PE IA . -5.09 -23.23 -9.05
C24 1PE IA . -5.51 -23.52 -7.61
OH5 1PE IA . -6.03 -22.28 -9.57
C15 1PE IA . -7.96 -21.52 -10.78
C25 1PE IA . -7.32 -22.70 -10.01
OH6 1PE IA . -8.02 -21.88 -12.20
C16 1PE IA . -8.31 -21.33 -14.55
C26 1PE IA . -8.18 -20.78 -13.10
OH7 1PE IA . -9.69 -21.66 -14.92
CL CL JA . -1.00 -20.41 -17.89
CL CL KA . -24.14 -7.16 -32.79
C1 GOL LA . -29.05 -22.71 -11.16
O1 GOL LA . -30.22 -21.96 -11.51
C2 GOL LA . -27.74 -21.93 -11.29
O2 GOL LA . -26.65 -22.80 -11.60
C3 GOL LA . -27.84 -20.82 -12.31
O3 GOL LA . -26.74 -19.92 -12.25
C1 GOL MA . -13.99 -8.43 -30.91
O1 GOL MA . -14.17 -7.72 -29.69
C2 GOL MA . -12.87 -7.86 -31.77
O2 GOL MA . -12.44 -8.87 -32.67
C3 GOL MA . -13.26 -6.63 -32.57
O3 GOL MA . -12.13 -6.07 -33.24
C1 GOL NA . -18.50 -25.94 5.07
O1 GOL NA . -18.91 -27.29 4.86
C2 GOL NA . -17.46 -25.50 4.06
O2 GOL NA . -18.18 -25.06 2.92
C3 GOL NA . -16.54 -24.39 4.54
O3 GOL NA . -15.24 -24.48 3.98
C1 GOL OA . 20.03 -26.76 -10.67
O1 GOL OA . 19.64 -26.98 -12.02
C2 GOL OA . 20.89 -25.51 -10.61
O2 GOL OA . 20.17 -24.52 -11.34
C3 GOL OA . 21.26 -24.94 -9.24
O3 GOL OA . 21.95 -25.85 -8.37
PA FAD PA . 29.93 -18.83 -19.68
O1A FAD PA . 29.04 -17.79 -18.95
O2A FAD PA . 31.39 -18.85 -19.18
O5B FAD PA . 29.29 -20.28 -19.48
C5B FAD PA . 29.92 -21.47 -19.91
C4B FAD PA . 29.46 -22.60 -19.03
O4B FAD PA . 30.03 -23.81 -19.46
C3B FAD PA . 29.90 -22.41 -17.57
O3B FAD PA . 28.71 -22.60 -16.81
C2B FAD PA . 30.94 -23.50 -17.33
O2B FAD PA . 30.79 -24.15 -16.07
C1B FAD PA . 30.58 -24.52 -18.35
N9A FAD PA . 31.71 -25.41 -18.75
C8A FAD PA . 33.05 -25.09 -18.93
N7A FAD PA . 33.72 -26.22 -19.32
C5A FAD PA . 32.86 -27.27 -19.37
C6A FAD PA . 32.88 -28.71 -19.66
N6A FAD PA . 34.04 -29.31 -19.99
N1A FAD PA . 31.69 -29.40 -19.59
C2A FAD PA . 30.50 -28.82 -19.27
N3A FAD PA . 30.44 -27.51 -18.99
C4A FAD PA . 31.51 -26.73 -18.98
N1 FAD PA . 31.19 -9.66 -19.24
C2 FAD PA . 30.76 -8.37 -19.09
O2 FAD PA . 30.24 -7.77 -20.08
N3 FAD PA . 30.93 -7.69 -17.91
C4 FAD PA . 31.51 -8.24 -16.87
O4 FAD PA . 31.62 -7.60 -15.85
C4X FAD PA . 31.94 -9.67 -16.88
N5 FAD PA . 32.50 -10.30 -15.81
C5X FAD PA . 33.01 -11.56 -15.96
C6 FAD PA . 33.68 -12.15 -14.88
C7 FAD PA . 34.21 -13.45 -15.01
C7M FAD PA . 34.94 -14.05 -13.84
C8 FAD PA . 34.04 -14.20 -16.29
C8M FAD PA . 34.55 -15.61 -16.52
C9 FAD PA . 33.34 -13.61 -17.35
C9A FAD PA . 32.80 -12.31 -17.23
N10 FAD PA . 32.11 -11.70 -18.31
C10 FAD PA . 31.74 -10.36 -18.19
C1' FAD PA . 31.69 -12.42 -19.52
C2' FAD PA . 30.25 -12.93 -19.46
O2' FAD PA . 30.00 -13.54 -18.18
C3' FAD PA . 30.07 -13.93 -20.58
O3' FAD PA . 30.42 -13.22 -21.80
C4' FAD PA . 28.63 -14.45 -20.61
O4' FAD PA . 28.46 -15.26 -19.42
C5' FAD PA . 28.25 -15.30 -21.87
O5' FAD PA . 29.09 -16.47 -21.90
P FAD PA . 28.77 -18.04 -22.29
O1P FAD PA . 27.42 -18.56 -21.94
O2P FAD PA . 29.19 -18.15 -23.73
O3P FAD PA . 29.88 -18.66 -21.27
C1 PGE QA . 13.34 -34.19 -20.63
O1 PGE QA . 13.43 -34.55 -19.19
C2 PGE QA . 13.56 -35.35 -21.60
O2 PGE QA . 14.43 -35.01 -22.68
C3 PGE QA . 15.33 -36.04 -23.12
C4 PGE QA . 16.71 -35.86 -22.59
O4 PGE QA . 17.95 -39.93 -20.77
C6 PGE QA . 18.45 -39.00 -21.72
C5 PGE QA . 17.97 -37.62 -21.53
O3 PGE QA . 17.51 -37.03 -22.76
C1 PGE RA . 38.54 9.45 -14.63
O1 PGE RA . 37.36 10.22 -14.90
C2 PGE RA . 38.79 8.36 -15.65
O2 PGE RA . 39.18 7.16 -15.00
C3 PGE RA . 38.53 5.96 -15.48
C4 PGE RA . 39.21 5.31 -16.70
O4 PGE RA . 41.60 1.94 -17.98
C6 PGE RA . 41.65 2.97 -16.97
C5 PGE RA . 41.27 4.32 -17.49
O3 PGE RA . 40.62 5.09 -16.49
OH2 1PE SA . 7.04 5.18 -22.07
C12 1PE SA . 7.89 4.21 -22.71
C22 1PE SA . 9.18 3.95 -21.91
OH3 1PE SA . 10.30 3.70 -22.84
C13 1PE SA . 9.86 1.61 -23.90
C23 1PE SA . 10.79 2.36 -22.96
OH4 1PE SA . 10.56 0.53 -24.53
C14 1PE SA . 10.38 -1.37 -22.90
C24 1PE SA . 9.96 -0.75 -24.26
OH5 1PE SA . 10.61 -2.82 -23.00
C15 1PE SA . 12.80 -3.91 -22.14
C25 1PE SA . 11.41 -3.32 -21.91
OH6 1PE SA . 13.00 -5.14 -21.32
C16 1PE SA . 13.70 -7.62 -21.56
C26 1PE SA . 13.46 -6.22 -22.17
OH7 1PE SA . 15.05 -8.09 -21.90
CL CL TA . 7.40 -12.52 -23.10
CL CL UA . 30.88 -26.31 -8.97
C1 GOL VA . 33.82 -2.30 -17.47
O1 GOL VA . 34.68 -1.30 -18.03
C2 GOL VA . 32.33 -2.06 -17.70
O2 GOL VA . 31.95 -2.41 -19.03
C3 GOL VA . 31.42 -2.74 -16.67
O3 GOL VA . 31.19 -4.16 -16.82
C1 GOL WA . 21.12 13.30 -20.67
O1 GOL WA . 21.29 13.82 -21.98
C2 GOL WA . 19.98 12.31 -20.53
O2 GOL WA . 20.57 11.05 -20.23
C3 GOL WA . 18.94 12.65 -19.48
O3 GOL WA . 17.67 12.07 -19.76
C1 GOL XA . 17.29 18.54 -30.55
O1 GOL XA . 18.47 19.34 -30.69
C2 GOL XA . 17.60 17.06 -30.65
O2 GOL XA . 17.64 16.53 -29.34
C3 GOL XA . 16.59 16.26 -31.45
O3 GOL XA . 17.17 15.12 -32.08
C1 GOL YA . 14.02 10.49 -35.57
O1 GOL YA . 14.91 11.00 -34.58
C2 GOL YA . 13.93 8.99 -35.49
O2 GOL YA . 12.69 8.61 -34.92
C3 GOL YA . 14.04 8.28 -36.82
O3 GOL YA . 13.79 6.89 -36.63
PA FAD ZA . -11.95 33.75 -18.75
O1A FAD ZA . -11.76 32.27 -18.43
O2A FAD ZA . -13.08 33.98 -19.74
O5B FAD ZA . -12.24 34.51 -17.38
C5B FAD ZA . -12.49 35.90 -17.30
C4B FAD ZA . -13.20 36.11 -15.97
O4B FAD ZA . -13.61 37.49 -15.87
C3B FAD ZA . -14.42 35.21 -15.76
O3B FAD ZA . -14.32 34.58 -14.47
C2B FAD ZA . -15.60 36.20 -15.88
O2B FAD ZA . -16.75 35.92 -15.06
C1B FAD ZA . -14.95 37.48 -15.39
N9A FAD ZA . -15.66 38.75 -15.77
C8A FAD ZA . -16.32 39.06 -16.92
N7A FAD ZA . -16.79 40.32 -16.83
C5A FAD ZA . -16.41 40.83 -15.61
C6A FAD ZA . -16.61 42.10 -14.85
N6A FAD ZA . -17.31 43.11 -15.46
N1A FAD ZA . -16.09 42.21 -13.57
C2A FAD ZA . -15.41 41.16 -13.05
N3A FAD ZA . -15.20 39.98 -13.70
C4A FAD ZA . -15.67 39.79 -14.92
N1 FAD ZA . -10.72 26.75 -24.70
C2 FAD ZA . -10.22 25.56 -25.15
O2 FAD ZA . -9.02 25.50 -25.61
N3 FAD ZA . -10.97 24.43 -25.12
C4 FAD ZA . -12.22 24.39 -24.65
O4 FAD ZA . -12.82 23.31 -24.67
C4X FAD ZA . -12.88 25.62 -24.12
N5 FAD ZA . -14.16 25.68 -23.60
C5X FAD ZA . -14.72 26.89 -23.36
C6 FAD ZA . -16.09 27.00 -23.11
C7 FAD ZA . -16.68 28.27 -22.90
C7M FAD ZA . -18.16 28.33 -22.61
C8 FAD ZA . -15.85 29.53 -22.98
C8M FAD ZA . -16.39 30.95 -22.77
C9 FAD ZA . -14.50 29.40 -23.25
C9A FAD ZA . -13.89 28.15 -23.44
N10 FAD ZA . -12.48 28.05 -23.72
C10 FAD ZA . -11.99 26.83 -24.20
C1' FAD ZA . -11.58 29.21 -23.87
C2' FAD ZA . -10.84 29.28 -22.57
O2' FAD ZA . -11.77 29.09 -21.51
C3' FAD ZA . -10.10 30.58 -22.40
O3' FAD ZA . -9.12 30.69 -23.45
C4' FAD ZA . -9.39 30.61 -21.07
O4' FAD ZA . -10.34 30.52 -19.98
C5' FAD ZA . -8.58 31.90 -20.91
O5' FAD ZA . -9.48 32.91 -20.46
P FAD ZA . -9.14 34.27 -19.64
O1P FAD ZA . -8.49 34.14 -18.26
O2P FAD ZA . -8.61 35.27 -20.61
O3P FAD ZA . -10.75 34.60 -19.45
C1 PGE AB . -4.69 40.82 1.51
O1 PGE AB . -6.03 40.96 1.99
C2 PGE AB . -3.95 42.13 1.34
O2 PGE AB . -4.54 42.93 0.31
C3 PGE AB . -3.77 44.09 0.00
C4 PGE AB . -4.33 44.76 -1.21
O4 PGE AB . -8.00 46.75 -0.23
C6 PGE AB . -7.46 46.60 -1.54
C5 PGE AB . -6.57 45.41 -1.67
O3 PGE AB . -5.43 45.54 -0.82
C1 PGE BB . -15.06 19.29 -38.47
O1 PGE BB . -15.67 20.08 -37.45
C2 PGE BB . -15.75 17.95 -38.67
O2 PGE BB . -14.80 16.91 -38.93
C3 PGE BB . -14.39 16.20 -37.75
C4 PGE BB . -13.45 15.07 -38.12
O4 PGE BB . -12.99 10.45 -38.73
C6 PGE BB . -12.76 11.83 -38.36
C5 PGE BB . -13.98 12.73 -38.46
O3 PGE BB . -13.89 13.83 -37.54
OH2 1PE CB . 11.41 10.92 -17.97
C12 1PE CB . 10.23 10.43 -18.64
C22 1PE CB . 9.17 11.52 -18.93
OH3 1PE CB . 9.69 12.75 -19.49
C13 1PE CB . 9.67 15.25 -19.27
C23 1PE CB . 9.10 13.90 -18.84
OH4 1PE CB . 9.58 16.18 -18.19
C14 1PE CB . 8.28 17.42 -16.53
C24 1PE CB . 8.25 16.40 -17.67
OH5 1PE CB . 6.97 17.73 -15.97
C15 1PE CB . 4.58 18.30 -16.52
C25 1PE CB . 6.07 18.47 -16.80
OH6 1PE CB . 4.14 19.16 -15.44
C16 1PE CB . 3.20 21.50 -14.93
C26 1PE CB . 4.00 20.55 -15.87
OH7 1PE CB . 2.67 22.63 -15.72
CL CL DB . 7.26 24.53 -8.53
C1 GOL EB . -12.68 21.09 -31.70
O1 GOL EB . -12.97 22.38 -32.26
C2 GOL EB . -11.27 21.00 -31.13
O2 GOL EB . -10.59 19.92 -31.74
C3 GOL EB . -11.20 20.78 -29.62
O3 GOL EB . -9.86 20.84 -29.16
#